data_6LKF
#
_entry.id   6LKF
#
_entity_poly.entity_id   1
_entity_poly.type   'polypeptide(L)'
_entity_poly.pdbx_seq_one_letter_code
;MAYGKSRYNSYRKRSFNRSNKQRREYAQEMDRLEKAFENLDGWYLSSMKDSAYKDFGKYEIRLSNHSADNKYHDLENGRL
IVNIKASKLNFVDIIENKLDKIIEKIDKLDLDKYRFINATNLEHDIKCYYKGFKTKKEVI
;
_entity_poly.pdbx_strand_id   A
#
# COMPACT_ATOMS: atom_id res chain seq x y z
N MET A 1 -5.75 -24.83 8.70
CA MET A 1 -5.04 -24.51 9.96
C MET A 1 -3.94 -25.55 10.21
N ALA A 2 -3.70 -26.38 9.20
CA ALA A 2 -2.69 -27.42 9.32
C ALA A 2 -1.30 -26.80 9.52
N TYR A 3 -1.03 -25.72 8.80
CA TYR A 3 0.26 -25.04 8.92
C TYR A 3 0.14 -23.55 8.57
N GLY A 4 1.12 -22.77 9.00
CA GLY A 4 1.13 -21.34 8.72
C GLY A 4 0.44 -20.57 9.85
N LYS A 5 -0.23 -21.29 10.73
CA LYS A 5 -0.92 -20.65 11.85
C LYS A 5 -0.31 -21.11 13.18
N SER A 6 0.38 -22.25 13.13
CA SER A 6 1.03 -22.83 14.32
C SER A 6 0.54 -22.14 15.59
N ARG A 7 1.39 -21.30 16.17
CA ARG A 7 1.06 -20.59 17.39
C ARG A 7 -0.14 -19.68 17.19
N TYR A 8 -0.19 -19.01 16.05
CA TYR A 8 -1.30 -18.10 15.75
C TYR A 8 -2.42 -18.85 15.06
N ASN A 9 -3.32 -19.43 15.86
CA ASN A 9 -4.44 -20.17 15.31
C ASN A 9 -5.35 -19.26 14.50
N SER A 10 -5.54 -18.03 15.01
CA SER A 10 -6.38 -17.05 14.33
C SER A 10 -5.87 -15.65 14.61
N TYR A 11 -6.10 -14.74 13.67
CA TYR A 11 -5.65 -13.37 13.84
C TYR A 11 -6.49 -12.65 14.89
N ARG A 12 -5.96 -12.60 16.12
CA ARG A 12 -6.66 -11.96 17.23
C ARG A 12 -6.86 -10.47 16.96
N LYS A 13 -5.83 -9.82 16.41
CA LYS A 13 -5.90 -8.40 16.12
C LYS A 13 -6.78 -8.13 14.90
N ARG A 14 -8.07 -8.40 15.04
CA ARG A 14 -9.01 -8.17 13.94
C ARG A 14 -10.24 -7.41 14.44
N SER A 15 -10.78 -6.56 13.58
CA SER A 15 -11.95 -5.76 13.95
C SER A 15 -13.19 -6.65 14.05
N PHE A 16 -13.15 -7.81 13.42
CA PHE A 16 -14.27 -8.75 13.45
C PHE A 16 -15.53 -8.07 12.93
N ASN A 17 -15.36 -7.07 12.06
CA ASN A 17 -16.51 -6.36 11.51
C ASN A 17 -17.09 -7.11 10.31
N ARG A 18 -18.16 -6.56 9.75
CA ARG A 18 -18.81 -7.19 8.60
C ARG A 18 -19.14 -6.15 7.54
N SER A 19 -19.11 -6.58 6.27
CA SER A 19 -19.41 -5.67 5.16
C SER A 19 -20.87 -5.22 5.23
N ASN A 20 -21.10 -3.94 4.95
CA ASN A 20 -22.46 -3.40 4.98
C ASN A 20 -22.77 -2.65 3.68
N LYS A 21 -22.12 -3.05 2.60
CA LYS A 21 -22.34 -2.40 1.31
C LYS A 21 -22.66 -3.42 0.23
N GLN A 22 -23.48 -3.02 -0.74
CA GLN A 22 -23.86 -3.90 -1.83
C GLN A 22 -22.71 -4.04 -2.83
N ARG A 23 -22.70 -5.15 -3.57
CA ARG A 23 -21.66 -5.38 -4.55
C ARG A 23 -21.71 -4.34 -5.66
N ARG A 24 -22.89 -3.76 -5.86
CA ARG A 24 -23.06 -2.75 -6.91
C ARG A 24 -22.14 -1.56 -6.66
N GLU A 25 -22.08 -1.10 -5.43
CA GLU A 25 -21.24 0.04 -5.07
C GLU A 25 -19.77 -0.29 -5.36
N TYR A 26 -19.35 -1.50 -4.97
CA TYR A 26 -17.97 -1.90 -5.19
C TYR A 26 -17.67 -2.00 -6.68
N ALA A 27 -18.63 -2.52 -7.44
CA ALA A 27 -18.45 -2.65 -8.89
C ALA A 27 -18.26 -1.27 -9.53
N GLN A 28 -19.05 -0.31 -9.08
CA GLN A 28 -18.96 1.04 -9.61
C GLN A 28 -17.60 1.65 -9.29
N GLU A 29 -17.14 1.40 -8.06
CA GLU A 29 -15.85 1.91 -7.63
C GLU A 29 -14.72 1.31 -8.46
N MET A 30 -14.85 0.02 -8.78
CA MET A 30 -13.85 -0.67 -9.56
C MET A 30 -13.69 -0.02 -10.93
N ASP A 31 -14.80 0.27 -11.58
CA ASP A 31 -14.75 0.90 -12.90
C ASP A 31 -14.07 2.26 -12.81
N ARG A 32 -14.40 3.01 -11.77
CA ARG A 32 -13.80 4.33 -11.56
C ARG A 32 -12.30 4.19 -11.35
N LEU A 33 -11.92 3.20 -10.54
CA LEU A 33 -10.52 2.95 -10.25
C LEU A 33 -9.74 2.62 -11.53
N GLU A 34 -10.34 1.76 -12.35
CA GLU A 34 -9.69 1.35 -13.60
C GLU A 34 -9.47 2.57 -14.50
N LYS A 35 -10.48 3.44 -14.57
CA LYS A 35 -10.37 4.63 -15.39
C LYS A 35 -9.21 5.51 -14.93
N ALA A 36 -9.08 5.67 -13.63
CA ALA A 36 -8.01 6.49 -13.07
C ALA A 36 -6.65 5.92 -13.45
N PHE A 37 -6.53 4.59 -13.41
CA PHE A 37 -5.27 3.94 -13.75
C PHE A 37 -4.94 4.15 -15.23
N GLU A 38 -5.96 4.14 -16.06
CA GLU A 38 -5.77 4.32 -17.51
C GLU A 38 -5.13 5.67 -17.79
N ASN A 39 -5.58 6.70 -17.07
CA ASN A 39 -5.04 8.04 -17.26
C ASN A 39 -3.96 8.33 -16.23
N LEU A 40 -3.58 7.32 -15.46
CA LEU A 40 -2.55 7.49 -14.44
C LEU A 40 -1.19 7.05 -14.98
N ASP A 41 -0.39 8.02 -15.38
CA ASP A 41 0.94 7.75 -15.91
C ASP A 41 1.85 7.19 -14.82
N GLY A 42 2.55 6.10 -15.14
CA GLY A 42 3.46 5.48 -14.17
C GLY A 42 2.73 4.49 -13.28
N TRP A 43 1.48 4.19 -13.60
CA TRP A 43 0.69 3.24 -12.81
C TRP A 43 0.31 2.04 -13.65
N TYR A 44 0.39 0.85 -13.05
CA TYR A 44 0.08 -0.37 -13.78
C TYR A 44 -0.81 -1.29 -12.94
N LEU A 45 -1.67 -2.04 -13.60
CA LEU A 45 -2.57 -2.97 -12.91
C LEU A 45 -2.33 -4.40 -13.39
N SER A 46 -2.36 -5.34 -12.45
CA SER A 46 -2.15 -6.74 -12.79
C SER A 46 -3.38 -7.57 -12.39
N SER A 47 -3.88 -8.35 -13.33
CA SER A 47 -5.05 -9.18 -13.08
C SER A 47 -4.71 -10.28 -12.07
N MET A 48 -3.50 -10.80 -12.14
CA MET A 48 -3.06 -11.85 -11.23
C MET A 48 -3.09 -11.37 -9.79
N LYS A 49 -2.57 -10.17 -9.56
CA LYS A 49 -2.54 -9.60 -8.22
C LYS A 49 -3.39 -8.33 -8.15
N ASP A 50 -4.54 -8.34 -8.83
CA ASP A 50 -5.44 -7.20 -8.86
C ASP A 50 -4.92 -6.07 -7.96
N SER A 51 -3.89 -5.38 -8.41
CA SER A 51 -3.31 -4.30 -7.63
C SER A 51 -2.64 -3.28 -8.55
N ALA A 52 -2.37 -2.10 -8.01
CA ALA A 52 -1.74 -1.04 -8.78
C ALA A 52 -0.48 -0.53 -8.09
N TYR A 53 0.49 -0.08 -8.87
CA TYR A 53 1.74 0.42 -8.32
C TYR A 53 2.34 1.49 -9.22
N LYS A 54 3.23 2.31 -8.67
CA LYS A 54 3.86 3.36 -9.44
C LYS A 54 5.37 3.36 -9.20
N ASP A 55 6.14 3.36 -10.28
CA ASP A 55 7.60 3.35 -10.16
C ASP A 55 8.18 4.72 -10.49
N PHE A 56 9.17 5.14 -9.70
CA PHE A 56 9.82 6.43 -9.92
C PHE A 56 11.17 6.22 -10.59
N GLY A 57 11.51 4.96 -10.85
CA GLY A 57 12.77 4.64 -11.49
C GLY A 57 13.87 4.41 -10.45
N LYS A 58 13.56 4.74 -9.20
CA LYS A 58 14.52 4.57 -8.11
C LYS A 58 14.01 3.53 -7.13
N TYR A 59 12.69 3.40 -7.03
CA TYR A 59 12.08 2.44 -6.12
C TYR A 59 10.69 2.05 -6.60
N GLU A 60 10.19 0.93 -6.10
CA GLU A 60 8.86 0.46 -6.50
C GLU A 60 7.88 0.54 -5.34
N ILE A 61 6.73 1.16 -5.60
CA ILE A 61 5.69 1.29 -4.58
C ILE A 61 4.35 0.82 -5.14
N ARG A 62 3.59 0.10 -4.33
CA ARG A 62 2.30 -0.41 -4.79
C ARG A 62 1.22 -0.17 -3.74
N LEU A 63 -0.02 -0.07 -4.20
CA LEU A 63 -1.15 0.16 -3.32
C LEU A 63 -2.08 -1.04 -3.36
N SER A 64 -2.80 -1.26 -2.26
CA SER A 64 -3.70 -2.40 -2.18
C SER A 64 -4.97 -2.03 -1.40
N ASN A 65 -6.01 -2.83 -1.57
CA ASN A 65 -7.28 -2.58 -0.89
C ASN A 65 -7.11 -2.64 0.62
N HIS A 66 -8.22 -2.76 1.33
CA HIS A 66 -8.19 -2.83 2.79
C HIS A 66 -7.38 -4.04 3.25
N SER A 67 -7.30 -5.06 2.39
CA SER A 67 -6.55 -6.25 2.73
C SER A 67 -5.09 -6.10 2.32
N ALA A 68 -4.19 -6.38 3.25
CA ALA A 68 -2.76 -6.25 2.98
C ALA A 68 -2.07 -7.61 3.04
N ASP A 69 -2.87 -8.68 2.94
CA ASP A 69 -2.32 -10.03 3.00
C ASP A 69 -1.52 -10.35 1.74
N ASN A 70 -1.66 -9.50 0.73
CA ASN A 70 -0.93 -9.70 -0.53
C ASN A 70 0.22 -8.71 -0.65
N LYS A 71 0.40 -7.88 0.37
CA LYS A 71 1.47 -6.89 0.35
C LYS A 71 2.84 -7.56 0.32
N TYR A 72 2.89 -8.80 0.81
CA TYR A 72 4.15 -9.53 0.83
C TYR A 72 4.40 -10.22 -0.50
N HIS A 73 5.67 -10.20 -0.94
CA HIS A 73 6.03 -10.84 -2.20
C HIS A 73 7.41 -11.50 -2.08
N ASP A 74 7.67 -12.46 -2.96
CA ASP A 74 8.95 -13.16 -2.95
C ASP A 74 9.87 -12.63 -4.05
N LEU A 75 9.48 -11.52 -4.67
CA LEU A 75 10.28 -10.93 -5.73
C LEU A 75 10.85 -9.59 -5.29
N GLU A 76 12.16 -9.42 -5.48
CA GLU A 76 12.82 -8.17 -5.11
C GLU A 76 13.47 -7.52 -6.32
N ASN A 77 13.33 -6.20 -6.42
CA ASN A 77 13.90 -5.47 -7.55
C ASN A 77 15.24 -4.84 -7.16
N GLY A 78 15.68 -5.11 -5.94
CA GLY A 78 16.95 -4.56 -5.46
C GLY A 78 16.77 -3.13 -4.99
N ARG A 79 15.53 -2.64 -5.04
CA ARG A 79 15.23 -1.27 -4.63
C ARG A 79 14.27 -1.27 -3.44
N LEU A 80 14.23 -0.15 -2.72
CA LEU A 80 13.35 -0.03 -1.57
C LEU A 80 11.90 -0.30 -1.99
N ILE A 81 11.10 -0.80 -1.06
CA ILE A 81 9.71 -1.10 -1.35
C ILE A 81 8.80 -0.40 -0.37
N VAL A 82 7.67 0.10 -0.88
CA VAL A 82 6.71 0.80 -0.03
C VAL A 82 5.35 0.10 -0.09
N ASN A 83 4.82 -0.24 1.08
CA ASN A 83 3.52 -0.88 1.14
C ASN A 83 2.45 0.15 1.50
N ILE A 84 1.51 0.37 0.59
CA ILE A 84 0.46 1.36 0.83
C ILE A 84 -0.91 0.69 0.85
N LYS A 85 -1.66 0.95 1.92
CA LYS A 85 -3.00 0.38 2.05
C LYS A 85 -4.04 1.48 1.96
N ALA A 86 -5.03 1.29 1.10
CA ALA A 86 -6.10 2.28 0.94
C ALA A 86 -7.33 1.66 0.29
N SER A 87 -8.49 2.23 0.58
CA SER A 87 -9.74 1.74 0.02
C SER A 87 -9.81 2.08 -1.47
N LYS A 88 -10.49 1.24 -2.24
CA LYS A 88 -10.63 1.48 -3.67
C LYS A 88 -11.37 2.78 -3.93
N LEU A 89 -12.40 3.02 -3.13
CA LEU A 89 -13.20 4.24 -3.27
C LEU A 89 -12.33 5.48 -3.02
N ASN A 90 -11.48 5.39 -2.01
CA ASN A 90 -10.60 6.50 -1.66
C ASN A 90 -9.20 6.26 -2.21
N PHE A 91 -9.08 5.33 -3.15
CA PHE A 91 -7.79 5.01 -3.74
C PHE A 91 -7.19 6.25 -4.40
N VAL A 92 -7.98 6.94 -5.19
CA VAL A 92 -7.50 8.15 -5.87
C VAL A 92 -7.09 9.20 -4.84
N ASP A 93 -7.90 9.35 -3.81
CA ASP A 93 -7.63 10.32 -2.75
C ASP A 93 -6.32 9.99 -2.03
N ILE A 94 -6.09 8.71 -1.77
CA ILE A 94 -4.88 8.29 -1.05
C ILE A 94 -3.61 8.60 -1.83
N ILE A 95 -3.66 8.47 -3.16
CA ILE A 95 -2.47 8.73 -3.97
C ILE A 95 -2.22 10.22 -4.11
N GLU A 96 -3.29 11.00 -4.07
CA GLU A 96 -3.15 12.45 -4.21
C GLU A 96 -2.33 13.02 -3.06
N ASN A 97 -2.61 12.56 -1.85
CA ASN A 97 -1.89 13.05 -0.68
C ASN A 97 -0.67 12.18 -0.39
N LYS A 98 -0.81 10.88 -0.66
CA LYS A 98 0.29 9.95 -0.42
C LYS A 98 1.46 10.28 -1.34
N LEU A 99 1.15 10.55 -2.60
CA LEU A 99 2.19 10.89 -3.56
C LEU A 99 2.90 12.16 -3.12
N ASP A 100 2.12 13.13 -2.64
CA ASP A 100 2.67 14.39 -2.18
C ASP A 100 3.61 14.16 -1.00
N LYS A 101 3.22 13.25 -0.12
CA LYS A 101 4.03 12.94 1.06
C LYS A 101 5.37 12.36 0.67
N ILE A 102 5.36 11.52 -0.35
CA ILE A 102 6.60 10.88 -0.81
C ILE A 102 7.48 11.89 -1.54
N ILE A 103 6.85 12.72 -2.36
CA ILE A 103 7.59 13.73 -3.11
C ILE A 103 8.29 14.71 -2.16
N GLU A 104 7.55 15.18 -1.17
CA GLU A 104 8.11 16.11 -0.20
C GLU A 104 9.21 15.45 0.61
N LYS A 105 8.95 14.22 1.04
CA LYS A 105 9.91 13.47 1.84
C LYS A 105 11.19 13.21 1.05
N ILE A 106 11.04 12.88 -0.23
CA ILE A 106 12.19 12.60 -1.07
C ILE A 106 13.01 13.86 -1.30
N ASP A 107 12.34 15.01 -1.31
CA ASP A 107 13.03 16.28 -1.54
C ASP A 107 14.04 16.55 -0.42
N LYS A 108 13.60 16.37 0.82
CA LYS A 108 14.49 16.60 1.96
C LYS A 108 15.52 15.48 2.07
N LEU A 109 15.06 14.27 1.80
CA LEU A 109 15.94 13.10 1.86
C LEU A 109 15.38 11.96 1.01
N ASP A 110 16.26 11.23 0.35
CA ASP A 110 15.84 10.12 -0.49
C ASP A 110 15.15 9.04 0.35
N LEU A 111 14.13 8.42 -0.22
CA LEU A 111 13.39 7.38 0.48
C LEU A 111 14.19 6.07 0.46
N ASP A 112 15.24 6.05 -0.36
CA ASP A 112 16.08 4.87 -0.47
C ASP A 112 16.94 4.69 0.79
N LYS A 113 16.98 5.74 1.61
CA LYS A 113 17.76 5.69 2.84
C LYS A 113 17.18 4.65 3.79
N TYR A 114 15.86 4.57 3.83
CA TYR A 114 15.19 3.61 4.70
C TYR A 114 15.10 2.24 4.01
N ARG A 115 15.58 1.21 4.69
CA ARG A 115 15.53 -0.13 4.12
C ARG A 115 14.09 -0.56 3.90
N PHE A 116 13.24 -0.32 4.89
CA PHE A 116 11.83 -0.67 4.79
C PHE A 116 10.93 0.50 5.15
N ILE A 117 10.02 0.84 4.25
CA ILE A 117 9.09 1.93 4.50
C ILE A 117 7.67 1.46 4.22
N ASN A 118 6.71 2.04 4.93
CA ASN A 118 5.33 1.63 4.76
C ASN A 118 4.37 2.79 4.99
N ALA A 119 3.36 2.88 4.13
CA ALA A 119 2.35 3.94 4.24
C ALA A 119 1.02 3.37 4.67
N THR A 120 0.23 4.18 5.39
CA THR A 120 -1.07 3.75 5.86
C THR A 120 -2.16 4.75 5.44
N ASN A 121 -3.41 4.31 5.48
CA ASN A 121 -4.52 5.16 5.08
C ASN A 121 -4.35 6.56 5.65
N LEU A 122 -4.90 7.55 4.95
CA LEU A 122 -4.79 8.94 5.40
C LEU A 122 -5.10 9.07 6.87
N GLU A 123 -6.13 8.36 7.33
CA GLU A 123 -6.50 8.41 8.74
C GLU A 123 -5.39 7.80 9.60
N HIS A 124 -4.78 6.75 9.06
CA HIS A 124 -3.69 6.06 9.75
C HIS A 124 -2.40 6.87 9.65
N ASP A 125 -1.43 6.55 10.48
CA ASP A 125 -0.15 7.26 10.47
C ASP A 125 0.87 6.49 9.65
N ILE A 126 1.81 7.21 9.05
CA ILE A 126 2.84 6.60 8.23
C ILE A 126 4.22 6.79 8.85
N LYS A 127 5.06 5.76 8.75
CA LYS A 127 6.40 5.84 9.32
C LYS A 127 7.36 4.96 8.52
N CYS A 128 8.64 5.32 8.57
CA CYS A 128 9.68 4.57 7.86
C CYS A 128 10.84 4.23 8.80
N TYR A 129 11.52 3.14 8.50
CA TYR A 129 12.66 2.72 9.32
C TYR A 129 13.94 2.73 8.49
N TYR A 130 15.02 3.24 9.08
CA TYR A 130 16.30 3.29 8.36
C TYR A 130 16.81 1.89 8.05
N LYS A 131 16.65 0.97 9.00
CA LYS A 131 17.10 -0.41 8.80
C LYS A 131 15.91 -1.36 8.85
N GLY A 132 14.72 -0.79 8.91
CA GLY A 132 13.50 -1.59 8.98
C GLY A 132 13.11 -1.84 10.43
N PHE A 133 14.05 -1.54 11.32
CA PHE A 133 13.82 -1.71 12.75
C PHE A 133 14.85 -0.92 13.53
N LYS A 134 14.40 0.08 14.28
CA LYS A 134 15.32 0.91 15.07
C LYS A 134 14.56 2.06 15.70
N THR A 135 15.18 2.70 16.69
CA THR A 135 14.55 3.82 17.37
C THR A 135 14.45 5.03 16.44
N LYS A 136 15.23 5.02 15.37
CA LYS A 136 15.22 6.12 14.41
C LYS A 136 14.26 5.82 13.25
N LYS A 137 13.24 6.65 13.13
CA LYS A 137 12.26 6.48 12.06
C LYS A 137 11.67 7.83 11.67
N GLU A 138 11.11 7.91 10.47
CA GLU A 138 10.51 9.15 9.99
C GLU A 138 9.00 9.00 9.84
N VAL A 139 8.27 10.05 10.18
CA VAL A 139 6.81 10.03 10.09
C VAL A 139 6.29 11.34 9.53
N ILE A 140 5.26 11.25 8.68
CA ILE A 140 4.67 12.44 8.08
C ILE A 140 3.16 12.35 8.08
N MET A 1 -9.32 -32.79 14.67
CA MET A 1 -9.93 -32.06 15.82
C MET A 1 -10.78 -33.02 16.65
N ALA A 2 -11.02 -32.67 17.91
CA ALA A 2 -11.81 -33.52 18.78
C ALA A 2 -13.23 -33.67 18.24
N TYR A 3 -13.79 -32.59 17.72
CA TYR A 3 -15.14 -32.63 17.16
C TYR A 3 -15.10 -32.47 15.65
N GLY A 4 -13.99 -31.93 15.14
CA GLY A 4 -13.83 -31.74 13.70
C GLY A 4 -14.53 -30.47 13.26
N LYS A 5 -15.13 -29.75 14.20
CA LYS A 5 -15.84 -28.52 13.88
C LYS A 5 -15.27 -27.35 14.67
N SER A 6 -14.52 -27.66 15.73
CA SER A 6 -13.92 -26.63 16.56
C SER A 6 -12.88 -25.83 15.78
N ARG A 7 -12.80 -24.54 16.04
CA ARG A 7 -11.83 -23.68 15.36
C ARG A 7 -12.23 -23.45 13.91
N TYR A 8 -12.88 -24.44 13.31
CA TYR A 8 -13.30 -24.33 11.92
C TYR A 8 -14.77 -23.99 11.84
N ASN A 9 -15.34 -23.61 12.98
CA ASN A 9 -16.75 -23.26 13.03
C ASN A 9 -17.05 -22.07 12.11
N SER A 10 -18.19 -22.12 11.44
CA SER A 10 -18.58 -21.06 10.52
C SER A 10 -18.75 -19.73 11.26
N TYR A 11 -18.97 -19.82 12.57
CA TYR A 11 -19.15 -18.62 13.38
C TYR A 11 -17.88 -17.78 13.38
N ARG A 12 -16.73 -18.43 13.43
CA ARG A 12 -15.45 -17.72 13.44
C ARG A 12 -15.46 -16.65 14.53
N LYS A 13 -14.28 -16.09 14.81
CA LYS A 13 -14.16 -15.05 15.82
C LYS A 13 -14.75 -13.74 15.30
N ARG A 14 -15.32 -12.95 16.21
CA ARG A 14 -15.91 -11.68 15.83
C ARG A 14 -14.83 -10.70 15.37
N SER A 15 -15.16 -9.90 14.36
CA SER A 15 -14.22 -8.92 13.83
C SER A 15 -14.96 -7.69 13.30
N PHE A 16 -14.32 -6.52 13.45
CA PHE A 16 -14.94 -5.28 12.99
C PHE A 16 -14.35 -4.85 11.65
N ASN A 17 -14.45 -5.73 10.66
CA ASN A 17 -13.92 -5.43 9.33
C ASN A 17 -14.63 -4.22 8.73
N ARG A 18 -15.94 -4.16 8.94
CA ARG A 18 -16.73 -3.05 8.42
C ARG A 18 -16.37 -2.74 6.97
N SER A 19 -16.28 -3.78 6.15
CA SER A 19 -15.93 -3.61 4.74
C SER A 19 -17.15 -3.86 3.85
N ASN A 20 -17.53 -2.86 3.08
CA ASN A 20 -18.68 -2.98 2.18
C ASN A 20 -19.83 -3.69 2.89
N LYS A 21 -20.29 -4.81 2.34
CA LYS A 21 -21.39 -5.55 2.94
C LYS A 21 -21.86 -6.66 2.00
N GLN A 22 -21.65 -6.47 0.70
CA GLN A 22 -22.06 -7.45 -0.29
C GLN A 22 -20.93 -7.74 -1.28
N ARG A 23 -20.93 -8.94 -1.83
CA ARG A 23 -19.91 -9.33 -2.80
C ARG A 23 -19.96 -8.40 -4.01
N ARG A 24 -21.17 -8.07 -4.43
CA ARG A 24 -21.35 -7.19 -5.59
C ARG A 24 -20.69 -5.84 -5.33
N GLU A 25 -20.83 -5.36 -4.10
CA GLU A 25 -20.25 -4.07 -3.72
C GLU A 25 -18.74 -4.09 -3.92
N TYR A 26 -18.10 -5.17 -3.52
CA TYR A 26 -16.64 -5.29 -3.67
C TYR A 26 -16.26 -5.24 -5.14
N ALA A 27 -17.05 -5.92 -5.97
CA ALA A 27 -16.78 -5.93 -7.41
C ALA A 27 -16.89 -4.52 -7.99
N GLN A 28 -17.88 -3.77 -7.53
CA GLN A 28 -18.10 -2.42 -8.00
C GLN A 28 -16.89 -1.54 -7.66
N GLU A 29 -16.37 -1.72 -6.46
CA GLU A 29 -15.21 -0.95 -6.01
C GLU A 29 -14.00 -1.24 -6.89
N MET A 30 -13.84 -2.50 -7.28
CA MET A 30 -12.71 -2.89 -8.11
C MET A 30 -12.78 -2.18 -9.46
N ASP A 31 -13.99 -2.09 -10.02
CA ASP A 31 -14.15 -1.41 -11.30
C ASP A 31 -13.75 0.05 -11.18
N ARG A 32 -14.16 0.67 -10.07
CA ARG A 32 -13.83 2.07 -9.82
C ARG A 32 -12.32 2.24 -9.70
N LEU A 33 -11.69 1.32 -9.00
CA LEU A 33 -10.25 1.37 -8.79
C LEU A 33 -9.52 1.30 -10.13
N GLU A 34 -9.97 0.40 -11.00
CA GLU A 34 -9.36 0.24 -12.32
C GLU A 34 -9.50 1.53 -13.12
N LYS A 35 -10.68 2.16 -13.02
CA LYS A 35 -10.95 3.39 -13.74
C LYS A 35 -9.96 4.48 -13.32
N ALA A 36 -9.69 4.57 -12.02
CA ALA A 36 -8.77 5.58 -11.51
C ALA A 36 -7.39 5.40 -12.12
N PHE A 37 -6.95 4.15 -12.25
CA PHE A 37 -5.64 3.86 -12.82
C PHE A 37 -5.62 4.21 -14.31
N GLU A 38 -6.74 4.01 -14.98
CA GLU A 38 -6.84 4.30 -16.40
C GLU A 38 -6.56 5.78 -16.66
N ASN A 39 -7.09 6.63 -15.78
CA ASN A 39 -6.88 8.07 -15.91
C ASN A 39 -5.70 8.52 -15.08
N LEU A 40 -5.03 7.55 -14.45
CA LEU A 40 -3.86 7.85 -13.62
C LEU A 40 -2.57 7.51 -14.34
N ASP A 41 -1.99 8.50 -15.01
CA ASP A 41 -0.75 8.27 -15.74
C ASP A 41 0.36 7.91 -14.77
N GLY A 42 1.21 6.96 -15.16
CA GLY A 42 2.32 6.54 -14.31
C GLY A 42 1.85 5.54 -13.26
N TRP A 43 0.59 5.13 -13.34
CA TRP A 43 0.04 4.17 -12.38
C TRP A 43 -0.41 2.90 -13.12
N TYR A 44 0.10 1.75 -12.67
CA TYR A 44 -0.26 0.49 -13.31
C TYR A 44 -0.50 -0.62 -12.29
N LEU A 45 -1.40 -1.55 -12.64
CA LEU A 45 -1.69 -2.67 -11.75
C LEU A 45 -1.57 -3.98 -12.52
N SER A 46 -1.24 -5.06 -11.81
CA SER A 46 -1.10 -6.36 -12.45
C SER A 46 -2.08 -7.36 -11.84
N SER A 47 -2.80 -8.07 -12.71
CA SER A 47 -3.77 -9.06 -12.26
C SER A 47 -3.08 -10.20 -11.52
N MET A 48 -1.95 -10.66 -12.07
CA MET A 48 -1.20 -11.75 -11.47
C MET A 48 -0.73 -11.41 -10.06
N LYS A 49 -0.18 -10.21 -9.90
CA LYS A 49 0.30 -9.79 -8.59
C LYS A 49 -0.54 -8.63 -8.04
N ASP A 50 -1.85 -8.70 -8.28
CA ASP A 50 -2.77 -7.67 -7.80
C ASP A 50 -2.04 -6.60 -6.99
N SER A 51 -1.27 -5.76 -7.69
CA SER A 51 -0.52 -4.70 -7.04
C SER A 51 -0.38 -3.50 -7.96
N ALA A 52 -0.32 -2.31 -7.37
CA ALA A 52 -0.19 -1.09 -8.16
C ALA A 52 1.21 -0.49 -7.99
N TYR A 53 1.75 0.05 -9.08
CA TYR A 53 3.07 0.66 -9.05
C TYR A 53 3.14 1.83 -10.01
N LYS A 54 4.12 2.71 -9.80
CA LYS A 54 4.27 3.88 -10.66
C LYS A 54 5.75 4.23 -10.83
N ASP A 55 6.07 4.80 -11.99
CA ASP A 55 7.46 5.18 -12.27
C ASP A 55 7.59 6.69 -12.42
N PHE A 56 8.27 7.32 -11.45
CA PHE A 56 8.47 8.77 -11.49
C PHE A 56 9.76 9.09 -12.22
N GLY A 57 10.53 8.06 -12.54
CA GLY A 57 11.80 8.24 -13.25
C GLY A 57 12.96 8.42 -12.27
N LYS A 58 12.64 8.59 -10.99
CA LYS A 58 13.66 8.78 -9.98
C LYS A 58 13.65 7.61 -9.00
N TYR A 59 12.46 7.10 -8.70
CA TYR A 59 12.32 5.98 -7.78
C TYR A 59 11.00 5.24 -8.04
N GLU A 60 10.91 4.01 -7.56
CA GLU A 60 9.70 3.22 -7.76
C GLU A 60 8.93 3.06 -6.45
N ILE A 61 7.64 3.36 -6.51
CA ILE A 61 6.76 3.24 -5.34
C ILE A 61 5.57 2.36 -5.67
N ARG A 62 5.19 1.50 -4.73
CA ARG A 62 4.05 0.61 -4.95
C ARG A 62 3.00 0.81 -3.87
N LEU A 63 1.75 0.53 -4.23
CA LEU A 63 0.64 0.67 -3.29
C LEU A 63 0.10 -0.71 -2.91
N SER A 64 -0.07 -0.93 -1.61
CA SER A 64 -0.57 -2.21 -1.14
C SER A 64 -1.42 -2.03 0.12
N ASN A 65 -2.36 -2.95 0.32
CA ASN A 65 -3.24 -2.88 1.47
C ASN A 65 -2.44 -2.83 2.77
N HIS A 66 -2.96 -3.47 3.82
CA HIS A 66 -2.28 -3.47 5.11
C HIS A 66 -0.87 -4.06 4.98
N SER A 67 -0.69 -4.95 4.02
CA SER A 67 0.61 -5.57 3.79
C SER A 67 0.96 -5.56 2.31
N ALA A 68 2.24 -5.43 2.00
CA ALA A 68 2.68 -5.41 0.61
C ALA A 68 3.56 -6.62 0.30
N ASP A 69 4.35 -7.04 1.29
CA ASP A 69 5.23 -8.18 1.10
C ASP A 69 4.45 -9.45 0.79
N ASN A 70 3.34 -9.66 1.50
CA ASN A 70 2.54 -10.86 1.26
C ASN A 70 1.99 -10.88 -0.16
N LYS A 71 1.48 -9.74 -0.61
CA LYS A 71 0.94 -9.64 -1.96
C LYS A 71 2.05 -9.69 -3.00
N TYR A 72 3.16 -9.03 -2.68
CA TYR A 72 4.28 -8.97 -3.59
C TYR A 72 5.60 -9.11 -2.83
N HIS A 73 6.46 -10.02 -3.31
CA HIS A 73 7.74 -10.24 -2.65
C HIS A 73 8.67 -9.04 -2.87
N ASP A 74 9.45 -8.70 -1.85
CA ASP A 74 10.36 -7.57 -1.95
C ASP A 74 11.41 -7.81 -3.03
N LEU A 75 11.65 -6.80 -3.85
CA LEU A 75 12.64 -6.91 -4.91
C LEU A 75 13.52 -5.66 -4.95
N GLU A 76 14.79 -5.85 -5.33
CA GLU A 76 15.71 -4.73 -5.40
C GLU A 76 15.85 -4.25 -6.84
N ASN A 77 15.38 -3.03 -7.10
CA ASN A 77 15.45 -2.46 -8.45
C ASN A 77 16.61 -1.50 -8.56
N GLY A 78 17.44 -1.43 -7.53
CA GLY A 78 18.58 -0.54 -7.53
C GLY A 78 18.14 0.88 -7.18
N ARG A 79 16.86 1.03 -6.89
CA ARG A 79 16.30 2.34 -6.55
C ARG A 79 15.49 2.23 -5.26
N LEU A 80 15.30 3.37 -4.60
CA LEU A 80 14.54 3.39 -3.35
C LEU A 80 13.14 2.84 -3.56
N ILE A 81 12.65 2.09 -2.58
CA ILE A 81 11.32 1.49 -2.66
C ILE A 81 10.42 2.04 -1.58
N VAL A 82 9.28 2.60 -2.00
CA VAL A 82 8.32 3.16 -1.05
C VAL A 82 6.96 2.48 -1.23
N ASN A 83 6.40 1.98 -0.13
CA ASN A 83 5.11 1.31 -0.18
C ASN A 83 4.06 2.10 0.59
N ILE A 84 2.81 1.96 0.19
CA ILE A 84 1.71 2.67 0.85
C ILE A 84 0.64 1.69 1.33
N LYS A 85 0.28 1.80 2.61
CA LYS A 85 -0.73 0.92 3.16
C LYS A 85 -2.07 1.65 3.27
N ALA A 86 -3.09 1.11 2.59
CA ALA A 86 -4.41 1.72 2.61
C ALA A 86 -5.47 0.70 2.23
N SER A 87 -6.71 0.95 2.67
CA SER A 87 -7.81 0.05 2.37
C SER A 87 -8.20 0.15 0.89
N LYS A 88 -8.91 -0.86 0.39
CA LYS A 88 -9.32 -0.86 -1.01
C LYS A 88 -10.22 0.35 -1.30
N LEU A 89 -11.15 0.62 -0.38
CA LEU A 89 -12.07 1.74 -0.55
C LEU A 89 -11.29 3.06 -0.57
N ASN A 90 -10.32 3.17 0.32
CA ASN A 90 -9.50 4.37 0.40
C ASN A 90 -8.15 4.15 -0.27
N PHE A 91 -8.08 3.10 -1.09
CA PHE A 91 -6.84 2.77 -1.78
C PHE A 91 -6.39 3.93 -2.65
N VAL A 92 -7.31 4.46 -3.45
CA VAL A 92 -6.97 5.59 -4.32
C VAL A 92 -6.77 6.85 -3.49
N ASP A 93 -7.51 6.95 -2.40
CA ASP A 93 -7.41 8.10 -1.51
C ASP A 93 -6.01 8.20 -0.91
N ILE A 94 -5.47 7.05 -0.51
CA ILE A 94 -4.14 7.02 0.09
C ILE A 94 -3.12 7.55 -0.91
N ILE A 95 -3.40 7.37 -2.19
CA ILE A 95 -2.49 7.82 -3.23
C ILE A 95 -2.30 9.33 -3.18
N GLU A 96 -3.38 10.07 -3.05
CA GLU A 96 -3.30 11.52 -3.00
C GLU A 96 -2.52 12.00 -1.77
N ASN A 97 -2.84 11.44 -0.61
CA ASN A 97 -2.17 11.84 0.63
C ASN A 97 -0.72 11.37 0.69
N LYS A 98 -0.48 10.14 0.26
CA LYS A 98 0.88 9.60 0.28
C LYS A 98 1.75 10.21 -0.80
N LEU A 99 1.17 10.39 -1.99
CA LEU A 99 1.93 10.97 -3.09
C LEU A 99 2.36 12.39 -2.74
N ASP A 100 1.45 13.14 -2.13
CA ASP A 100 1.75 14.50 -1.72
C ASP A 100 2.85 14.52 -0.68
N LYS A 101 2.81 13.55 0.23
CA LYS A 101 3.80 13.46 1.30
C LYS A 101 5.18 13.18 0.72
N ILE A 102 5.22 12.32 -0.29
CA ILE A 102 6.49 11.97 -0.92
C ILE A 102 7.00 13.11 -1.78
N ILE A 103 6.09 13.84 -2.42
CA ILE A 103 6.49 14.97 -3.26
C ILE A 103 7.17 16.04 -2.40
N GLU A 104 6.58 16.32 -1.25
CA GLU A 104 7.14 17.32 -0.35
C GLU A 104 8.52 16.88 0.14
N LYS A 105 8.64 15.60 0.46
CA LYS A 105 9.92 15.06 0.93
C LYS A 105 10.99 15.24 -0.14
N ILE A 106 10.64 14.93 -1.38
CA ILE A 106 11.57 15.07 -2.50
C ILE A 106 11.99 16.51 -2.69
N ASP A 107 11.03 17.42 -2.62
CA ASP A 107 11.33 18.82 -2.82
C ASP A 107 12.32 19.34 -1.78
N LYS A 108 12.17 18.90 -0.54
CA LYS A 108 13.08 19.33 0.52
C LYS A 108 14.33 18.47 0.52
N LEU A 109 14.15 17.20 0.18
CA LEU A 109 15.25 16.26 0.13
C LEU A 109 14.91 15.09 -0.79
N ASP A 110 15.88 14.66 -1.60
CA ASP A 110 15.65 13.55 -2.52
C ASP A 110 15.33 12.26 -1.77
N LEU A 111 14.39 11.49 -2.30
CA LEU A 111 14.00 10.24 -1.67
C LEU A 111 15.12 9.21 -1.82
N ASP A 112 15.98 9.44 -2.82
CA ASP A 112 17.09 8.54 -3.08
C ASP A 112 18.04 8.50 -1.88
N LYS A 113 17.98 9.54 -1.06
CA LYS A 113 18.83 9.62 0.13
C LYS A 113 18.45 8.50 1.10
N TYR A 114 17.16 8.25 1.20
CA TYR A 114 16.65 7.21 2.09
C TYR A 114 16.86 5.84 1.45
N ARG A 115 16.99 4.81 2.27
CA ARG A 115 17.19 3.46 1.75
C ARG A 115 15.92 2.64 1.92
N PHE A 116 15.10 3.00 2.91
CA PHE A 116 13.85 2.27 3.15
C PHE A 116 12.75 3.20 3.61
N ILE A 117 11.61 3.14 2.92
CA ILE A 117 10.48 3.98 3.27
C ILE A 117 9.21 3.14 3.36
N ASN A 118 8.43 3.38 4.40
CA ASN A 118 7.22 2.62 4.60
C ASN A 118 6.06 3.55 5.00
N ALA A 119 5.10 3.70 4.08
CA ALA A 119 3.94 4.55 4.33
C ALA A 119 2.88 3.79 5.10
N THR A 120 2.12 4.51 5.92
CA THR A 120 1.06 3.89 6.71
C THR A 120 -0.26 4.63 6.52
N ASN A 121 -1.36 3.97 6.86
CA ASN A 121 -2.68 4.57 6.72
C ASN A 121 -2.65 6.03 7.18
N LEU A 122 -3.76 6.73 7.00
CA LEU A 122 -3.85 8.13 7.39
C LEU A 122 -3.64 8.29 8.88
N GLU A 123 -4.21 7.38 9.67
CA GLU A 123 -4.06 7.43 11.11
C GLU A 123 -2.60 7.19 11.49
N HIS A 124 -1.94 6.31 10.72
CA HIS A 124 -0.55 5.99 10.97
C HIS A 124 0.37 6.96 10.22
N ASP A 125 1.58 7.14 10.74
CA ASP A 125 2.55 8.04 10.13
C ASP A 125 3.55 7.28 9.27
N ILE A 126 4.27 8.01 8.42
CA ILE A 126 5.26 7.39 7.54
C ILE A 126 6.66 7.79 8.00
N LYS A 127 7.59 6.85 7.94
CA LYS A 127 8.95 7.12 8.36
C LYS A 127 9.97 6.70 7.30
N CYS A 128 11.12 7.38 7.30
CA CYS A 128 12.17 7.07 6.34
C CYS A 128 13.48 6.74 7.06
N TYR A 129 14.27 5.87 6.48
CA TYR A 129 15.55 5.49 7.09
C TYR A 129 16.71 5.90 6.18
N TYR A 130 17.74 6.49 6.78
CA TYR A 130 18.90 6.94 5.99
C TYR A 130 19.61 5.75 5.35
N LYS A 131 19.75 4.66 6.11
CA LYS A 131 20.43 3.47 5.60
C LYS A 131 19.42 2.33 5.43
N GLY A 132 18.16 2.64 5.67
CA GLY A 132 17.11 1.64 5.57
C GLY A 132 16.88 1.00 6.93
N PHE A 133 17.84 1.23 7.82
CA PHE A 133 17.77 0.71 9.18
C PHE A 133 18.75 1.50 10.04
N LYS A 134 18.23 2.24 11.01
CA LYS A 134 19.08 3.02 11.89
C LYS A 134 18.24 3.88 12.83
N THR A 135 18.88 4.41 13.86
CA THR A 135 18.19 5.25 14.83
C THR A 135 17.74 6.54 14.16
N LYS A 136 18.61 7.11 13.31
CA LYS A 136 18.28 8.35 12.62
C LYS A 136 17.29 8.11 11.49
N LYS A 137 16.12 8.76 11.61
CA LYS A 137 15.08 8.63 10.60
C LYS A 137 14.23 9.90 10.57
N GLU A 138 13.55 10.12 9.45
CA GLU A 138 12.71 11.31 9.31
C GLU A 138 11.26 10.90 9.05
N VAL A 139 10.34 11.49 9.81
CA VAL A 139 8.92 11.18 9.64
C VAL A 139 8.09 12.46 9.55
N ILE A 140 7.10 12.44 8.68
CA ILE A 140 6.22 13.60 8.50
C ILE A 140 4.95 13.46 9.31
N MET A 1 -14.85 -8.14 19.16
CA MET A 1 -15.51 -6.94 19.73
C MET A 1 -16.14 -7.29 21.08
N ALA A 2 -17.24 -8.03 21.03
CA ALA A 2 -17.93 -8.42 22.26
C ALA A 2 -18.62 -9.76 22.07
N TYR A 3 -18.80 -10.50 23.17
CA TYR A 3 -19.45 -11.80 23.11
C TYR A 3 -18.69 -12.76 22.21
N GLY A 4 -17.53 -12.33 21.73
CA GLY A 4 -16.71 -13.18 20.88
C GLY A 4 -16.29 -14.44 21.63
N LYS A 5 -15.91 -14.27 22.88
CA LYS A 5 -15.49 -15.40 23.70
C LYS A 5 -16.66 -16.36 23.93
N SER A 6 -17.84 -15.79 24.13
CA SER A 6 -19.04 -16.60 24.37
C SER A 6 -18.90 -17.38 25.67
N ARG A 7 -19.63 -18.48 25.77
CA ARG A 7 -19.58 -19.31 26.97
C ARG A 7 -18.19 -19.88 27.16
N TYR A 8 -17.57 -20.29 26.05
CA TYR A 8 -16.22 -20.84 26.10
C TYR A 8 -15.65 -20.94 24.69
N ASN A 9 -15.47 -19.78 24.06
CA ASN A 9 -14.93 -19.74 22.70
C ASN A 9 -15.73 -20.66 21.78
N SER A 10 -17.06 -20.61 21.91
CA SER A 10 -17.93 -21.43 21.08
C SER A 10 -18.25 -20.71 19.77
N TYR A 11 -17.88 -19.44 19.71
CA TYR A 11 -18.12 -18.63 18.52
C TYR A 11 -16.84 -17.93 18.09
N ARG A 12 -16.71 -17.68 16.79
CA ARG A 12 -15.52 -17.01 16.27
C ARG A 12 -14.38 -17.99 16.15
N LYS A 13 -14.70 -19.22 15.75
CA LYS A 13 -13.68 -20.26 15.59
C LYS A 13 -13.35 -20.47 14.11
N ARG A 14 -13.83 -19.57 13.26
CA ARG A 14 -13.56 -19.68 11.83
C ARG A 14 -12.92 -18.40 11.30
N SER A 15 -11.94 -18.55 10.42
CA SER A 15 -11.25 -17.41 9.83
C SER A 15 -11.83 -17.06 8.47
N PHE A 16 -12.83 -17.84 8.05
CA PHE A 16 -13.46 -17.61 6.74
C PHE A 16 -12.52 -18.00 5.61
N ASN A 17 -13.00 -17.89 4.38
CA ASN A 17 -12.18 -18.23 3.22
C ASN A 17 -12.68 -17.54 1.96
N ARG A 18 -11.78 -17.35 0.99
CA ARG A 18 -12.14 -16.71 -0.26
C ARG A 18 -12.41 -15.22 -0.04
N SER A 19 -13.46 -14.70 -0.68
CA SER A 19 -13.80 -13.29 -0.53
C SER A 19 -14.34 -13.00 0.87
N ASN A 20 -14.25 -11.74 1.27
CA ASN A 20 -14.74 -11.34 2.59
C ASN A 20 -15.90 -10.35 2.46
N LYS A 21 -16.15 -9.90 1.25
CA LYS A 21 -17.22 -8.94 1.02
C LYS A 21 -18.14 -9.41 -0.10
N GLN A 22 -19.38 -8.90 -0.10
CA GLN A 22 -20.35 -9.27 -1.11
C GLN A 22 -19.78 -9.07 -2.51
N ARG A 23 -20.13 -9.98 -3.42
CA ARG A 23 -19.63 -9.90 -4.78
C ARG A 23 -20.06 -8.60 -5.46
N ARG A 24 -21.30 -8.18 -5.19
CA ARG A 24 -21.81 -6.95 -5.79
C ARG A 24 -20.93 -5.77 -5.36
N GLU A 25 -20.64 -5.71 -4.06
CA GLU A 25 -19.80 -4.64 -3.53
C GLU A 25 -18.39 -4.74 -4.11
N TYR A 26 -17.89 -5.97 -4.20
CA TYR A 26 -16.55 -6.22 -4.73
C TYR A 26 -16.45 -5.72 -6.15
N ALA A 27 -17.43 -6.09 -6.99
CA ALA A 27 -17.43 -5.67 -8.37
C ALA A 27 -17.51 -4.15 -8.48
N GLN A 28 -18.31 -3.53 -7.62
CA GLN A 28 -18.46 -2.09 -7.62
C GLN A 28 -17.13 -1.42 -7.30
N GLU A 29 -16.41 -1.97 -6.33
CA GLU A 29 -15.12 -1.43 -5.94
C GLU A 29 -14.14 -1.47 -7.10
N MET A 30 -14.15 -2.57 -7.83
CA MET A 30 -13.24 -2.74 -8.97
C MET A 30 -13.52 -1.66 -10.02
N ASP A 31 -14.79 -1.42 -10.30
CA ASP A 31 -15.18 -0.41 -11.28
C ASP A 31 -14.69 0.97 -10.85
N ARG A 32 -14.77 1.23 -9.56
CA ARG A 32 -14.34 2.51 -9.01
C ARG A 32 -12.86 2.75 -9.31
N LEU A 33 -12.06 1.70 -9.26
CA LEU A 33 -10.63 1.80 -9.49
C LEU A 33 -10.35 2.35 -10.90
N GLU A 34 -11.12 1.92 -11.89
CA GLU A 34 -10.91 2.40 -13.25
C GLU A 34 -11.12 3.91 -13.32
N LYS A 35 -12.12 4.39 -12.60
CA LYS A 35 -12.42 5.82 -12.58
C LYS A 35 -11.23 6.59 -12.02
N ALA A 36 -10.66 6.08 -10.93
CA ALA A 36 -9.51 6.71 -10.30
C ALA A 36 -8.33 6.78 -11.26
N PHE A 37 -8.15 5.70 -12.03
CA PHE A 37 -7.06 5.63 -13.00
C PHE A 37 -7.11 6.77 -14.01
N GLU A 38 -8.29 7.01 -14.56
CA GLU A 38 -8.46 8.07 -15.54
C GLU A 38 -8.06 9.43 -14.95
N ASN A 39 -8.41 9.65 -13.69
CA ASN A 39 -8.09 10.92 -13.04
C ASN A 39 -6.79 10.80 -12.24
N LEU A 40 -6.08 9.68 -12.40
CA LEU A 40 -4.81 9.50 -11.68
C LEU A 40 -3.64 9.47 -12.64
N ASP A 41 -3.10 10.64 -12.96
CA ASP A 41 -1.97 10.72 -13.87
C ASP A 41 -0.73 10.13 -13.21
N GLY A 42 0.07 9.41 -14.00
CA GLY A 42 1.28 8.80 -13.47
C GLY A 42 0.98 7.48 -12.75
N TRP A 43 -0.26 7.02 -12.84
CA TRP A 43 -0.66 5.77 -12.19
C TRP A 43 -1.14 4.75 -13.22
N TYR A 44 -0.77 3.48 -13.01
CA TYR A 44 -1.16 2.43 -13.94
C TYR A 44 -1.62 1.18 -13.19
N LEU A 45 -2.57 0.47 -13.77
CA LEU A 45 -3.10 -0.74 -13.17
C LEU A 45 -2.80 -1.96 -14.04
N SER A 46 -2.48 -3.09 -13.41
CA SER A 46 -2.18 -4.30 -14.16
C SER A 46 -3.22 -5.38 -13.84
N SER A 47 -3.80 -5.96 -14.89
CA SER A 47 -4.82 -7.00 -14.74
C SER A 47 -4.22 -8.26 -14.12
N MET A 48 -3.03 -8.65 -14.57
CA MET A 48 -2.39 -9.86 -14.05
C MET A 48 -2.12 -9.72 -12.57
N LYS A 49 -1.90 -8.50 -12.13
CA LYS A 49 -1.65 -8.23 -10.71
C LYS A 49 -2.36 -6.97 -10.26
N ASP A 50 -3.68 -6.91 -10.50
CA ASP A 50 -4.47 -5.74 -10.12
C ASP A 50 -3.71 -4.90 -9.10
N SER A 51 -2.87 -4.01 -9.61
CA SER A 51 -2.08 -3.16 -8.73
C SER A 51 -1.82 -1.80 -9.38
N ALA A 52 -1.75 -0.76 -8.55
CA ALA A 52 -1.50 0.58 -9.04
C ALA A 52 -0.12 1.07 -8.59
N TYR A 53 0.55 1.83 -9.44
CA TYR A 53 1.87 2.34 -9.09
C TYR A 53 2.12 3.69 -9.77
N LYS A 54 3.08 4.43 -9.23
CA LYS A 54 3.41 5.74 -9.75
C LYS A 54 4.92 5.88 -9.96
N ASP A 55 5.31 6.41 -11.11
CA ASP A 55 6.73 6.57 -11.41
C ASP A 55 7.15 8.03 -11.36
N PHE A 56 8.22 8.32 -10.61
CA PHE A 56 8.73 9.67 -10.50
C PHE A 56 10.01 9.84 -11.33
N GLY A 57 10.58 8.70 -11.74
CA GLY A 57 11.81 8.73 -12.54
C GLY A 57 13.03 8.65 -11.64
N LYS A 58 12.81 8.79 -10.33
CA LYS A 58 13.91 8.73 -9.37
C LYS A 58 13.75 7.52 -8.46
N TYR A 59 12.49 7.16 -8.20
CA TYR A 59 12.19 6.01 -7.35
C TYR A 59 10.84 5.40 -7.73
N GLU A 60 10.64 4.15 -7.35
CA GLU A 60 9.39 3.46 -7.68
C GLU A 60 8.46 3.39 -6.48
N ILE A 61 7.21 3.81 -6.68
CA ILE A 61 6.22 3.78 -5.63
C ILE A 61 4.98 3.04 -6.11
N ARG A 62 4.43 2.16 -5.29
CA ARG A 62 3.24 1.40 -5.68
C ARG A 62 2.29 1.21 -4.50
N LEU A 63 1.02 0.97 -4.82
CA LEU A 63 0.01 0.74 -3.80
C LEU A 63 -0.61 -0.63 -3.99
N SER A 64 -0.94 -1.28 -2.88
CA SER A 64 -1.53 -2.62 -2.93
C SER A 64 -2.50 -2.83 -1.78
N ASN A 65 -3.33 -3.86 -1.91
CA ASN A 65 -4.32 -4.18 -0.88
C ASN A 65 -3.64 -4.42 0.46
N HIS A 66 -4.36 -5.07 1.37
CA HIS A 66 -3.81 -5.37 2.68
C HIS A 66 -2.60 -6.27 2.58
N SER A 67 -2.48 -6.96 1.44
CA SER A 67 -1.36 -7.87 1.23
C SER A 67 -0.23 -7.15 0.50
N ALA A 68 0.96 -7.17 1.08
CA ALA A 68 2.12 -6.52 0.49
C ALA A 68 3.17 -7.55 0.08
N ASP A 69 2.74 -8.78 -0.15
CA ASP A 69 3.66 -9.84 -0.54
C ASP A 69 4.20 -9.59 -1.95
N ASN A 70 3.61 -8.62 -2.65
CA ASN A 70 4.05 -8.31 -4.00
C ASN A 70 5.10 -7.20 -3.98
N LYS A 71 5.41 -6.73 -2.78
CA LYS A 71 6.41 -5.67 -2.62
C LYS A 71 7.79 -6.14 -3.09
N TYR A 72 7.96 -7.47 -3.11
CA TYR A 72 9.23 -8.04 -3.52
C TYR A 72 9.40 -7.94 -5.03
N HIS A 73 10.65 -7.81 -5.47
CA HIS A 73 10.95 -7.70 -6.90
C HIS A 73 12.04 -8.68 -7.29
N ASP A 74 11.97 -9.16 -8.53
CA ASP A 74 12.97 -10.11 -9.02
C ASP A 74 14.36 -9.50 -9.00
N LEU A 75 14.45 -8.23 -9.37
CA LEU A 75 15.74 -7.54 -9.38
C LEU A 75 15.57 -6.07 -8.99
N GLU A 76 16.68 -5.44 -8.61
CA GLU A 76 16.64 -4.03 -8.21
C GLU A 76 16.47 -3.14 -9.44
N ASN A 77 15.75 -2.03 -9.25
CA ASN A 77 15.52 -1.10 -10.36
C ASN A 77 16.57 0.01 -10.35
N GLY A 78 17.50 -0.06 -9.41
CA GLY A 78 18.55 0.94 -9.31
C GLY A 78 18.05 2.18 -8.59
N ARG A 79 16.80 2.13 -8.15
CA ARG A 79 16.19 3.26 -7.45
C ARG A 79 15.44 2.77 -6.22
N LEU A 80 15.18 3.68 -5.29
CA LEU A 80 14.47 3.34 -4.06
C LEU A 80 13.10 2.77 -4.38
N ILE A 81 12.66 1.79 -3.57
CA ILE A 81 11.37 1.17 -3.77
C ILE A 81 10.47 1.42 -2.57
N VAL A 82 9.28 1.95 -2.82
CA VAL A 82 8.34 2.22 -1.74
C VAL A 82 7.05 1.41 -1.92
N ASN A 83 6.71 0.65 -0.89
CA ASN A 83 5.49 -0.16 -0.93
C ASN A 83 4.41 0.44 -0.03
N ILE A 84 3.35 0.92 -0.65
CA ILE A 84 2.26 1.53 0.12
C ILE A 84 1.05 0.60 0.15
N LYS A 85 0.58 0.30 1.36
CA LYS A 85 -0.57 -0.57 1.52
C LYS A 85 -1.82 0.24 1.85
N ALA A 86 -2.91 -0.02 1.14
CA ALA A 86 -4.15 0.71 1.37
C ALA A 86 -5.35 -0.13 0.94
N SER A 87 -6.50 0.14 1.56
CA SER A 87 -7.72 -0.60 1.23
C SER A 87 -8.20 -0.23 -0.17
N LYS A 88 -8.85 -1.17 -0.84
CA LYS A 88 -9.35 -0.92 -2.19
C LYS A 88 -10.37 0.21 -2.18
N LEU A 89 -11.22 0.22 -1.16
CA LEU A 89 -12.24 1.25 -1.05
C LEU A 89 -11.59 2.63 -0.85
N ASN A 90 -10.56 2.65 -0.01
CA ASN A 90 -9.83 3.88 0.27
C ASN A 90 -8.50 3.90 -0.47
N PHE A 91 -8.38 3.05 -1.48
CA PHE A 91 -7.16 2.95 -2.26
C PHE A 91 -6.79 4.29 -2.88
N VAL A 92 -7.76 4.93 -3.53
CA VAL A 92 -7.51 6.23 -4.16
C VAL A 92 -7.24 7.28 -3.09
N ASP A 93 -7.96 7.18 -1.97
CA ASP A 93 -7.80 8.13 -0.88
C ASP A 93 -6.39 8.06 -0.31
N ILE A 94 -5.85 6.85 -0.21
CA ILE A 94 -4.50 6.66 0.33
C ILE A 94 -3.48 7.35 -0.56
N ILE A 95 -3.78 7.43 -1.85
CA ILE A 95 -2.86 8.06 -2.80
C ILE A 95 -2.61 9.52 -2.48
N GLU A 96 -3.67 10.26 -2.15
CA GLU A 96 -3.51 11.68 -1.85
C GLU A 96 -2.58 11.90 -0.66
N ASN A 97 -2.81 11.15 0.42
CA ASN A 97 -1.99 11.28 1.62
C ASN A 97 -0.62 10.64 1.44
N LYS A 98 -0.58 9.47 0.81
CA LYS A 98 0.67 8.75 0.60
C LYS A 98 1.59 9.53 -0.32
N LEU A 99 1.02 10.11 -1.38
CA LEU A 99 1.81 10.87 -2.31
C LEU A 99 2.41 12.09 -1.62
N ASP A 100 1.62 12.72 -0.76
CA ASP A 100 2.07 13.90 -0.03
C ASP A 100 3.25 13.55 0.88
N LYS A 101 3.17 12.37 1.50
CA LYS A 101 4.21 11.92 2.41
C LYS A 101 5.53 11.73 1.67
N ILE A 102 5.46 11.19 0.46
CA ILE A 102 6.67 10.95 -0.31
C ILE A 102 7.19 12.25 -0.92
N ILE A 103 6.28 13.06 -1.46
CA ILE A 103 6.66 14.32 -2.07
C ILE A 103 7.33 15.24 -1.05
N GLU A 104 6.72 15.35 0.13
CA GLU A 104 7.26 16.20 1.19
C GLU A 104 8.62 15.68 1.64
N LYS A 105 8.70 14.37 1.82
CA LYS A 105 9.94 13.74 2.27
C LYS A 105 11.05 13.94 1.25
N ILE A 106 10.72 13.83 -0.03
CA ILE A 106 11.71 14.00 -1.08
C ILE A 106 12.14 15.46 -1.19
N ASP A 107 11.22 16.36 -0.86
CA ASP A 107 11.52 17.79 -0.93
C ASP A 107 12.65 18.16 0.02
N LYS A 108 12.65 17.56 1.21
CA LYS A 108 13.69 17.84 2.19
C LYS A 108 14.99 17.18 1.76
N LEU A 109 14.87 15.99 1.20
CA LEU A 109 16.03 15.24 0.75
C LEU A 109 15.63 14.22 -0.32
N ASP A 110 16.56 13.94 -1.23
CA ASP A 110 16.29 12.98 -2.30
C ASP A 110 16.11 11.58 -1.75
N LEU A 111 15.29 10.78 -2.43
CA LEU A 111 15.04 9.40 -2.01
C LEU A 111 16.29 8.56 -2.20
N ASP A 112 17.29 9.14 -2.82
CA ASP A 112 18.56 8.45 -3.08
C ASP A 112 19.20 8.03 -1.75
N LYS A 113 19.06 8.88 -0.74
CA LYS A 113 19.64 8.60 0.56
C LYS A 113 19.00 7.37 1.17
N TYR A 114 17.69 7.23 0.97
CA TYR A 114 16.96 6.10 1.50
C TYR A 114 17.24 4.85 0.67
N ARG A 115 17.26 3.70 1.34
CA ARG A 115 17.51 2.44 0.65
C ARG A 115 16.27 1.55 0.69
N PHE A 116 15.52 1.63 1.79
CA PHE A 116 14.32 0.82 1.92
C PHE A 116 13.18 1.63 2.55
N ILE A 117 12.05 1.65 1.87
CA ILE A 117 10.89 2.37 2.36
C ILE A 117 9.68 1.46 2.42
N ASN A 118 8.92 1.57 3.51
CA ASN A 118 7.75 0.74 3.68
C ASN A 118 6.59 1.56 4.25
N ALA A 119 5.57 1.76 3.43
CA ALA A 119 4.40 2.53 3.84
C ALA A 119 3.30 1.60 4.34
N THR A 120 2.54 2.07 5.33
CA THR A 120 1.46 1.28 5.88
C THR A 120 0.17 2.09 5.88
N ASN A 121 -0.96 1.40 5.97
CA ASN A 121 -2.26 2.07 5.97
C ASN A 121 -2.20 3.38 6.76
N LEU A 122 -3.03 4.33 6.36
CA LEU A 122 -3.07 5.63 7.03
C LEU A 122 -3.10 5.47 8.54
N GLU A 123 -3.65 4.35 9.00
CA GLU A 123 -3.72 4.08 10.43
C GLU A 123 -2.31 3.90 10.99
N HIS A 124 -1.45 3.32 10.16
CA HIS A 124 -0.07 3.09 10.55
C HIS A 124 0.85 4.15 9.95
N ASP A 125 2.07 4.24 10.46
CA ASP A 125 3.03 5.23 9.97
C ASP A 125 4.00 4.58 9.00
N ILE A 126 4.80 5.40 8.33
CA ILE A 126 5.76 4.90 7.36
C ILE A 126 7.18 5.01 7.90
N LYS A 127 7.96 3.95 7.72
CA LYS A 127 9.34 3.94 8.21
C LYS A 127 10.29 3.62 7.06
N CYS A 128 11.50 4.19 7.13
CA CYS A 128 12.49 3.95 6.10
C CYS A 128 13.86 3.69 6.71
N TYR A 129 14.77 3.16 5.89
CA TYR A 129 16.12 2.87 6.35
C TYR A 129 17.12 3.70 5.58
N TYR A 130 18.12 4.23 6.29
CA TYR A 130 19.14 5.05 5.65
C TYR A 130 19.88 4.26 4.57
N LYS A 131 20.33 3.05 4.91
CA LYS A 131 21.03 2.20 3.94
C LYS A 131 20.23 0.94 3.66
N GLY A 132 18.99 0.91 4.14
CA GLY A 132 18.13 -0.25 3.95
C GLY A 132 18.24 -1.18 5.15
N PHE A 133 19.28 -0.95 5.94
CA PHE A 133 19.51 -1.73 7.15
C PHE A 133 20.48 -0.98 8.05
N LYS A 134 20.00 -0.57 9.23
CA LYS A 134 20.84 0.16 10.17
C LYS A 134 20.01 0.65 11.34
N THR A 135 20.69 1.03 12.42
CA THR A 135 20.01 1.53 13.61
C THR A 135 19.34 2.87 13.30
N LYS A 136 19.85 3.55 12.27
CA LYS A 136 19.30 4.85 11.88
C LYS A 136 18.07 4.66 11.00
N LYS A 137 16.98 5.33 11.37
CA LYS A 137 15.74 5.23 10.60
C LYS A 137 14.93 6.51 10.72
N GLU A 138 14.04 6.74 9.75
CA GLU A 138 13.20 7.94 9.78
C GLU A 138 11.73 7.56 9.65
N VAL A 139 10.91 8.09 10.56
CA VAL A 139 9.48 7.80 10.53
C VAL A 139 8.68 9.05 10.83
N ILE A 140 7.55 9.20 10.13
CA ILE A 140 6.70 10.36 10.32
C ILE A 140 5.77 10.16 11.52
N MET A 1 -12.29 -30.23 -6.73
CA MET A 1 -11.90 -28.99 -6.01
C MET A 1 -12.31 -29.10 -4.54
N ALA A 2 -13.34 -29.91 -4.29
CA ALA A 2 -13.82 -30.10 -2.92
C ALA A 2 -12.72 -30.68 -2.04
N TYR A 3 -11.96 -31.63 -2.59
CA TYR A 3 -10.88 -32.25 -1.84
C TYR A 3 -9.86 -31.22 -1.40
N GLY A 4 -9.74 -30.14 -2.18
CA GLY A 4 -8.79 -29.08 -1.86
C GLY A 4 -9.10 -28.46 -0.50
N LYS A 5 -10.38 -28.26 -0.22
CA LYS A 5 -10.80 -27.67 1.05
C LYS A 5 -11.02 -28.76 2.10
N SER A 6 -10.88 -30.02 1.68
CA SER A 6 -11.07 -31.13 2.60
C SER A 6 -12.51 -31.17 3.09
N ARG A 7 -12.70 -31.67 4.32
CA ARG A 7 -14.03 -31.76 4.89
C ARG A 7 -14.36 -30.50 5.68
N TYR A 8 -14.55 -29.39 4.95
CA TYR A 8 -14.87 -28.12 5.59
C TYR A 8 -13.78 -27.74 6.60
N ASN A 9 -12.56 -28.15 6.31
CA ASN A 9 -11.43 -27.85 7.19
C ASN A 9 -11.73 -28.35 8.61
N SER A 10 -12.36 -29.51 8.70
CA SER A 10 -12.70 -30.09 10.00
C SER A 10 -13.29 -29.03 10.92
N TYR A 11 -13.19 -29.27 12.23
CA TYR A 11 -13.71 -28.34 13.22
C TYR A 11 -12.87 -27.06 13.25
N ARG A 12 -11.67 -27.12 12.66
CA ARG A 12 -10.79 -25.97 12.65
C ARG A 12 -11.43 -24.79 11.91
N LYS A 13 -11.47 -23.65 12.57
CA LYS A 13 -12.06 -22.45 11.98
C LYS A 13 -11.51 -21.18 12.63
N ARG A 14 -11.05 -20.24 11.81
CA ARG A 14 -10.51 -18.99 12.32
C ARG A 14 -10.97 -17.81 11.48
N SER A 15 -11.07 -16.64 12.12
CA SER A 15 -11.49 -15.43 11.44
C SER A 15 -13.00 -15.42 11.24
N PHE A 16 -13.52 -14.31 10.72
CA PHE A 16 -14.95 -14.18 10.48
C PHE A 16 -15.22 -13.69 9.07
N ASN A 17 -16.36 -14.08 8.50
CA ASN A 17 -16.72 -13.67 7.16
C ASN A 17 -16.85 -12.15 7.08
N ARG A 18 -17.43 -11.55 8.11
CA ARG A 18 -17.60 -10.10 8.14
C ARG A 18 -18.62 -9.67 7.08
N SER A 19 -18.57 -8.39 6.70
CA SER A 19 -19.50 -7.87 5.70
C SER A 19 -20.93 -8.10 6.14
N ASN A 20 -21.19 -7.96 7.43
CA ASN A 20 -22.53 -8.15 7.98
C ASN A 20 -23.50 -7.14 7.39
N LYS A 21 -23.04 -5.91 7.21
CA LYS A 21 -23.89 -4.86 6.67
C LYS A 21 -23.09 -3.98 5.70
N GLN A 22 -23.75 -3.48 4.66
CA GLN A 22 -23.09 -2.64 3.67
C GLN A 22 -22.03 -3.44 2.91
N ARG A 23 -22.30 -4.73 2.71
CA ARG A 23 -21.37 -5.60 1.99
C ARG A 23 -21.18 -5.11 0.56
N ARG A 24 -22.27 -4.71 -0.08
CA ARG A 24 -22.22 -4.24 -1.46
C ARG A 24 -21.31 -3.02 -1.60
N GLU A 25 -21.16 -2.28 -0.51
CA GLU A 25 -20.30 -1.09 -0.54
C GLU A 25 -18.86 -1.48 -0.84
N TYR A 26 -18.42 -2.59 -0.26
CA TYR A 26 -17.05 -3.05 -0.47
C TYR A 26 -16.86 -3.46 -1.93
N ALA A 27 -17.87 -4.08 -2.52
CA ALA A 27 -17.80 -4.51 -3.91
C ALA A 27 -17.59 -3.32 -4.82
N GLN A 28 -18.29 -2.22 -4.53
CA GLN A 28 -18.17 -1.01 -5.33
C GLN A 28 -16.76 -0.46 -5.25
N GLU A 29 -16.18 -0.51 -4.06
CA GLU A 29 -14.83 -0.02 -3.85
C GLU A 29 -13.83 -0.82 -4.69
N MET A 30 -14.06 -2.13 -4.77
CA MET A 30 -13.17 -2.99 -5.53
C MET A 30 -13.19 -2.61 -7.01
N ASP A 31 -14.37 -2.29 -7.53
CA ASP A 31 -14.49 -1.91 -8.93
C ASP A 31 -13.69 -0.65 -9.20
N ARG A 32 -13.74 0.30 -8.27
CA ARG A 32 -13.02 1.55 -8.42
C ARG A 32 -11.51 1.28 -8.45
N LEU A 33 -11.07 0.39 -7.57
CA LEU A 33 -9.65 0.04 -7.49
C LEU A 33 -9.17 -0.54 -8.82
N GLU A 34 -9.99 -1.42 -9.40
CA GLU A 34 -9.63 -2.04 -10.67
C GLU A 34 -9.49 -0.98 -11.75
N LYS A 35 -10.39 -0.01 -11.74
CA LYS A 35 -10.36 1.07 -12.71
C LYS A 35 -9.07 1.88 -12.56
N ALA A 36 -8.67 2.10 -11.31
CA ALA A 36 -7.46 2.86 -11.02
C ALA A 36 -6.24 2.16 -11.62
N PHE A 37 -6.22 0.83 -11.53
CA PHE A 37 -5.10 0.05 -12.05
C PHE A 37 -4.89 0.31 -13.54
N GLU A 38 -5.97 0.28 -14.30
CA GLU A 38 -5.88 0.50 -15.74
C GLU A 38 -5.32 1.90 -16.03
N ASN A 39 -5.72 2.88 -15.23
CA ASN A 39 -5.25 4.24 -15.43
C ASN A 39 -4.06 4.56 -14.52
N LEU A 40 -3.45 3.52 -13.94
CA LEU A 40 -2.30 3.73 -13.06
C LEU A 40 -1.06 3.05 -13.63
N ASP A 41 -0.33 3.78 -14.47
CA ASP A 41 0.89 3.24 -15.07
C ASP A 41 1.98 3.03 -14.02
N GLY A 42 2.59 1.84 -14.04
CA GLY A 42 3.66 1.53 -13.10
C GLY A 42 3.12 0.99 -11.78
N TRP A 43 1.82 0.71 -11.73
CA TRP A 43 1.21 0.20 -10.51
C TRP A 43 0.61 -1.19 -10.75
N TYR A 44 0.81 -2.09 -9.79
CA TYR A 44 0.29 -3.44 -9.91
C TYR A 44 -0.31 -3.90 -8.58
N LEU A 45 -1.37 -4.70 -8.66
CA LEU A 45 -2.02 -5.22 -7.46
C LEU A 45 -1.99 -6.74 -7.45
N SER A 46 -1.80 -7.31 -6.26
CA SER A 46 -1.77 -8.77 -6.14
C SER A 46 -2.87 -9.25 -5.19
N SER A 47 -3.64 -10.22 -5.64
CA SER A 47 -4.72 -10.77 -4.83
C SER A 47 -4.16 -11.45 -3.58
N MET A 48 -2.96 -12.01 -3.70
CA MET A 48 -2.32 -12.69 -2.57
C MET A 48 -2.07 -11.72 -1.44
N LYS A 49 -1.64 -10.51 -1.78
CA LYS A 49 -1.37 -9.49 -0.77
C LYS A 49 -2.21 -8.24 -1.02
N ASP A 50 -3.46 -8.45 -1.42
CA ASP A 50 -4.39 -7.35 -1.69
C ASP A 50 -3.72 -5.99 -1.47
N SER A 51 -2.78 -5.65 -2.35
CA SER A 51 -2.07 -4.39 -2.24
C SER A 51 -1.54 -3.95 -3.60
N ALA A 52 -1.17 -2.67 -3.69
CA ALA A 52 -0.64 -2.13 -4.95
C ALA A 52 0.76 -1.58 -4.73
N TYR A 53 1.58 -1.60 -5.78
CA TYR A 53 2.93 -1.10 -5.68
C TYR A 53 3.39 -0.45 -6.98
N LYS A 54 4.41 0.39 -6.87
CA LYS A 54 4.96 1.09 -8.03
C LYS A 54 6.48 0.99 -8.03
N ASP A 55 7.04 0.61 -9.18
CA ASP A 55 8.48 0.47 -9.30
C ASP A 55 9.09 1.56 -10.18
N PHE A 56 9.76 2.52 -9.55
CA PHE A 56 10.42 3.60 -10.30
C PHE A 56 11.72 3.11 -10.91
N GLY A 57 12.19 1.95 -10.44
CA GLY A 57 13.44 1.38 -10.93
C GLY A 57 14.61 1.82 -10.06
N LYS A 58 14.36 2.77 -9.17
CA LYS A 58 15.39 3.26 -8.27
C LYS A 58 15.07 2.89 -6.83
N TYR A 59 13.77 2.81 -6.54
CA TYR A 59 13.30 2.45 -5.20
C TYR A 59 11.92 1.80 -5.27
N GLU A 60 11.58 1.04 -4.23
CA GLU A 60 10.29 0.36 -4.20
C GLU A 60 9.28 1.12 -3.35
N ILE A 61 8.09 1.34 -3.91
CA ILE A 61 7.02 2.04 -3.22
C ILE A 61 5.72 1.25 -3.31
N ARG A 62 4.99 1.18 -2.21
CA ARG A 62 3.73 0.44 -2.21
C ARG A 62 2.66 1.16 -1.43
N LEU A 63 1.41 0.85 -1.74
CA LEU A 63 0.27 1.46 -1.07
C LEU A 63 -0.48 0.43 -0.25
N SER A 64 -1.06 0.86 0.87
CA SER A 64 -1.80 -0.04 1.73
C SER A 64 -2.99 0.66 2.38
N ASN A 65 -3.92 -0.12 2.89
CA ASN A 65 -5.11 0.41 3.54
C ASN A 65 -4.74 1.08 4.85
N HIS A 66 -5.76 1.54 5.58
CA HIS A 66 -5.52 2.20 6.87
C HIS A 66 -4.79 1.24 7.80
N SER A 67 -5.27 0.00 7.85
CA SER A 67 -4.63 -1.00 8.71
C SER A 67 -3.23 -1.30 8.18
N ALA A 68 -2.29 -1.50 9.10
CA ALA A 68 -0.92 -1.78 8.71
C ALA A 68 -0.62 -3.28 8.79
N ASP A 69 -1.67 -4.09 8.83
CA ASP A 69 -1.49 -5.53 8.91
C ASP A 69 -0.73 -6.05 7.68
N ASN A 70 -1.05 -5.49 6.51
CA ASN A 70 -0.39 -5.89 5.28
C ASN A 70 0.62 -4.83 4.84
N LYS A 71 0.78 -3.80 5.65
CA LYS A 71 1.71 -2.73 5.33
C LYS A 71 3.14 -3.23 5.21
N TYR A 72 3.55 -4.08 6.15
CA TYR A 72 4.90 -4.63 6.13
C TYR A 72 5.04 -5.69 5.04
N HIS A 73 6.18 -5.66 4.35
CA HIS A 73 6.44 -6.62 3.29
C HIS A 73 7.89 -7.09 3.35
N ASP A 74 8.13 -8.33 2.92
CA ASP A 74 9.48 -8.89 2.93
C ASP A 74 10.19 -8.57 1.63
N LEU A 75 11.08 -7.58 1.66
CA LEU A 75 11.83 -7.19 0.47
C LEU A 75 13.31 -7.51 0.64
N GLU A 76 13.84 -8.32 -0.27
CA GLU A 76 15.25 -8.70 -0.21
C GLU A 76 16.09 -7.74 -1.07
N ASN A 77 15.41 -6.82 -1.75
CA ASN A 77 16.10 -5.86 -2.60
C ASN A 77 17.01 -4.97 -1.77
N GLY A 78 16.59 -4.64 -0.56
CA GLY A 78 17.37 -3.78 0.32
C GLY A 78 17.20 -2.33 -0.10
N ARG A 79 16.39 -2.13 -1.14
CA ARG A 79 16.12 -0.81 -1.66
C ARG A 79 15.15 -0.05 -0.75
N LEU A 80 15.14 1.27 -0.86
CA LEU A 80 14.26 2.09 -0.04
C LEU A 80 12.80 1.72 -0.30
N ILE A 81 12.05 1.48 0.76
CA ILE A 81 10.64 1.13 0.64
C ILE A 81 9.76 2.20 1.25
N VAL A 82 8.83 2.71 0.45
CA VAL A 82 7.90 3.74 0.93
C VAL A 82 6.47 3.24 0.86
N ASN A 83 5.78 3.28 1.99
CA ASN A 83 4.40 2.82 2.05
C ASN A 83 3.44 4.00 2.15
N ILE A 84 2.37 3.96 1.36
CA ILE A 84 1.38 5.03 1.37
C ILE A 84 0.01 4.48 1.76
N LYS A 85 -0.60 5.07 2.79
CA LYS A 85 -1.91 4.62 3.24
C LYS A 85 -3.01 5.50 2.67
N ALA A 86 -4.04 4.88 2.11
CA ALA A 86 -5.15 5.64 1.53
C ALA A 86 -6.38 4.77 1.39
N SER A 87 -7.55 5.42 1.42
CA SER A 87 -8.82 4.70 1.29
C SER A 87 -8.95 4.13 -0.12
N LYS A 88 -9.62 2.98 -0.23
CA LYS A 88 -9.80 2.35 -1.53
C LYS A 88 -10.57 3.26 -2.46
N LEU A 89 -11.58 3.94 -1.92
CA LEU A 89 -12.38 4.86 -2.70
C LEU A 89 -11.51 6.02 -3.21
N ASN A 90 -10.62 6.48 -2.33
CA ASN A 90 -9.72 7.57 -2.67
C ASN A 90 -8.32 7.04 -2.95
N PHE A 91 -8.24 5.74 -3.24
CA PHE A 91 -6.95 5.10 -3.52
C PHE A 91 -6.25 5.78 -4.69
N VAL A 92 -6.99 5.98 -5.79
CA VAL A 92 -6.41 6.62 -6.96
C VAL A 92 -6.08 8.08 -6.66
N ASP A 93 -6.95 8.72 -5.89
CA ASP A 93 -6.75 10.12 -5.53
C ASP A 93 -5.47 10.30 -4.71
N ILE A 94 -5.21 9.35 -3.81
CA ILE A 94 -4.03 9.42 -2.95
C ILE A 94 -2.75 9.39 -3.79
N ILE A 95 -2.81 8.72 -4.93
CA ILE A 95 -1.63 8.63 -5.80
C ILE A 95 -1.33 9.97 -6.44
N GLU A 96 -2.36 10.78 -6.66
CA GLU A 96 -2.17 12.09 -7.27
C GLU A 96 -1.34 13.00 -6.39
N ASN A 97 -1.64 12.99 -5.09
CA ASN A 97 -0.92 13.83 -4.14
C ASN A 97 0.35 13.14 -3.62
N LYS A 98 0.21 11.87 -3.23
CA LYS A 98 1.35 11.12 -2.71
C LYS A 98 2.43 10.94 -3.76
N LEU A 99 2.01 10.64 -4.98
CA LEU A 99 2.96 10.43 -6.06
C LEU A 99 3.69 11.73 -6.37
N ASP A 100 2.95 12.82 -6.36
CA ASP A 100 3.53 14.14 -6.62
C ASP A 100 4.53 14.52 -5.55
N LYS A 101 4.19 14.19 -4.31
CA LYS A 101 5.06 14.50 -3.18
C LYS A 101 6.38 13.77 -3.28
N ILE A 102 6.32 12.52 -3.72
CA ILE A 102 7.53 11.72 -3.87
C ILE A 102 8.35 12.19 -5.05
N ILE A 103 7.67 12.65 -6.10
CA ILE A 103 8.36 13.14 -7.28
C ILE A 103 9.25 14.34 -6.94
N GLU A 104 8.69 15.28 -6.18
CA GLU A 104 9.44 16.47 -5.79
C GLU A 104 10.61 16.07 -4.90
N LYS A 105 10.36 15.16 -3.98
CA LYS A 105 11.39 14.71 -3.06
C LYS A 105 12.53 14.03 -3.83
N ILE A 106 12.18 13.25 -4.84
CA ILE A 106 13.18 12.56 -5.64
C ILE A 106 14.07 13.56 -6.38
N ASP A 107 13.47 14.64 -6.84
CA ASP A 107 14.21 15.65 -7.57
C ASP A 107 15.32 16.27 -6.71
N LYS A 108 15.01 16.53 -5.44
CA LYS A 108 15.99 17.10 -4.54
C LYS A 108 17.03 16.06 -4.17
N LEU A 109 16.57 14.83 -4.00
CA LEU A 109 17.46 13.74 -3.65
C LEU A 109 16.87 12.40 -4.06
N ASP A 110 17.61 11.32 -3.82
CA ASP A 110 17.15 9.99 -4.17
C ASP A 110 16.68 9.25 -2.92
N LEU A 111 15.62 8.45 -3.09
CA LEU A 111 15.08 7.68 -1.98
C LEU A 111 16.11 6.68 -1.48
N ASP A 112 17.15 6.49 -2.26
CA ASP A 112 18.21 5.55 -1.90
C ASP A 112 18.85 5.95 -0.58
N LYS A 113 19.06 7.24 -0.39
CA LYS A 113 19.66 7.74 0.85
C LYS A 113 18.75 7.46 2.03
N TYR A 114 17.46 7.63 1.81
CA TYR A 114 16.48 7.39 2.87
C TYR A 114 16.34 5.91 3.16
N ARG A 115 16.24 5.57 4.44
CA ARG A 115 16.10 4.17 4.84
C ARG A 115 14.64 3.73 4.82
N PHE A 116 13.76 4.58 5.36
CA PHE A 116 12.34 4.24 5.41
C PHE A 116 11.46 5.48 5.37
N ILE A 117 10.47 5.46 4.49
CA ILE A 117 9.53 6.57 4.38
C ILE A 117 8.12 6.03 4.47
N ASN A 118 7.27 6.74 5.19
CA ASN A 118 5.89 6.29 5.36
C ASN A 118 4.92 7.45 5.17
N ALA A 119 4.11 7.36 4.11
CA ALA A 119 3.13 8.40 3.82
C ALA A 119 1.87 8.19 4.64
N THR A 120 1.16 9.28 4.91
CA THR A 120 -0.07 9.21 5.69
C THR A 120 -1.21 9.89 4.94
N ASN A 121 -2.44 9.57 5.34
CA ASN A 121 -3.62 10.16 4.69
C ASN A 121 -3.38 11.62 4.36
N LEU A 122 -4.31 12.22 3.61
CA LEU A 122 -4.18 13.61 3.22
C LEU A 122 -4.15 14.51 4.46
N GLU A 123 -4.99 14.18 5.44
CA GLU A 123 -5.01 14.96 6.67
C GLU A 123 -3.70 14.80 7.42
N HIS A 124 -3.13 13.60 7.32
CA HIS A 124 -1.86 13.30 7.98
C HIS A 124 -0.69 13.77 7.12
N ASP A 125 0.45 13.98 7.76
CA ASP A 125 1.65 14.43 7.05
C ASP A 125 2.57 13.25 6.77
N ILE A 126 3.57 13.46 5.93
CA ILE A 126 4.51 12.39 5.59
C ILE A 126 5.85 12.65 6.25
N LYS A 127 6.40 11.60 6.85
CA LYS A 127 7.68 11.71 7.54
C LYS A 127 8.71 10.77 6.91
N CYS A 128 9.94 11.26 6.79
CA CYS A 128 11.01 10.48 6.20
C CYS A 128 12.16 10.32 7.20
N TYR A 129 12.76 9.14 7.22
CA TYR A 129 13.88 8.89 8.13
C TYR A 129 15.15 8.64 7.35
N TYR A 130 16.23 9.31 7.76
CA TYR A 130 17.51 9.16 7.07
C TYR A 130 17.98 7.70 7.14
N LYS A 131 17.95 7.12 8.33
CA LYS A 131 18.36 5.73 8.51
C LYS A 131 17.17 4.88 8.96
N GLY A 132 15.99 5.47 8.92
CA GLY A 132 14.77 4.77 9.34
C GLY A 132 14.50 5.06 10.80
N PHE A 133 15.51 5.60 11.48
CA PHE A 133 15.41 5.95 12.88
C PHE A 133 16.54 6.91 13.24
N LYS A 134 16.20 8.13 13.61
CA LYS A 134 17.21 9.12 13.96
C LYS A 134 16.57 10.48 14.23
N THR A 135 17.33 11.37 14.86
CA THR A 135 16.82 12.70 15.17
C THR A 135 16.62 13.51 13.89
N LYS A 136 17.32 13.12 12.83
CA LYS A 136 17.22 13.83 11.56
C LYS A 136 16.17 13.18 10.66
N LYS A 137 15.17 13.96 10.28
CA LYS A 137 14.09 13.48 9.42
C LYS A 137 13.54 14.61 8.58
N GLU A 138 12.88 14.27 7.47
CA GLU A 138 12.31 15.29 6.60
C GLU A 138 10.80 15.12 6.51
N VAL A 139 10.09 16.24 6.38
CA VAL A 139 8.63 16.21 6.28
C VAL A 139 8.15 17.23 5.25
N ILE A 140 7.10 16.85 4.51
CA ILE A 140 6.55 17.74 3.49
C ILE A 140 5.05 17.53 3.38
N MET A 1 -21.89 -36.05 21.65
CA MET A 1 -20.83 -36.05 20.60
C MET A 1 -20.47 -34.61 20.25
N ALA A 2 -19.19 -34.27 20.41
CA ALA A 2 -18.72 -32.94 20.11
C ALA A 2 -18.90 -32.63 18.62
N TYR A 3 -19.28 -31.39 18.32
CA TYR A 3 -19.47 -30.98 16.94
C TYR A 3 -19.08 -29.52 16.76
N GLY A 4 -18.02 -29.29 15.97
CA GLY A 4 -17.55 -27.93 15.74
C GLY A 4 -16.74 -27.46 16.94
N LYS A 5 -16.64 -28.33 17.93
CA LYS A 5 -15.89 -28.02 19.14
C LYS A 5 -15.49 -29.30 19.87
N SER A 6 -14.49 -29.19 20.73
CA SER A 6 -14.02 -30.34 21.49
C SER A 6 -13.45 -29.89 22.83
N ARG A 7 -14.10 -28.92 23.46
CA ARG A 7 -13.62 -28.40 24.74
C ARG A 7 -12.22 -27.82 24.58
N TYR A 8 -12.01 -27.08 23.49
CA TYR A 8 -10.71 -26.47 23.21
C TYR A 8 -9.90 -27.38 22.31
N ASN A 9 -10.39 -27.59 21.10
CA ASN A 9 -9.70 -28.44 20.14
C ASN A 9 -8.32 -27.89 19.80
N SER A 10 -7.32 -28.77 19.77
CA SER A 10 -5.95 -28.35 19.48
C SER A 10 -5.88 -27.72 18.09
N TYR A 11 -6.54 -28.33 17.12
CA TYR A 11 -6.53 -27.83 15.75
C TYR A 11 -7.91 -27.28 15.39
N ARG A 12 -7.92 -26.10 14.78
CA ARG A 12 -9.19 -25.47 14.38
C ARG A 12 -9.05 -24.82 13.01
N LYS A 13 -10.07 -24.97 12.18
CA LYS A 13 -10.05 -24.38 10.85
C LYS A 13 -9.87 -22.87 10.93
N ARG A 14 -8.92 -22.36 10.15
CA ARG A 14 -8.64 -20.92 10.16
C ARG A 14 -9.35 -20.24 8.99
N SER A 15 -10.15 -19.23 9.30
CA SER A 15 -10.88 -18.51 8.27
C SER A 15 -11.07 -17.04 8.67
N PHE A 16 -11.09 -16.16 7.67
CA PHE A 16 -11.27 -14.73 7.94
C PHE A 16 -12.56 -14.23 7.30
N ASN A 17 -13.25 -13.33 8.00
CA ASN A 17 -14.50 -12.78 7.49
C ASN A 17 -14.21 -11.59 6.58
N ARG A 18 -13.89 -11.88 5.33
CA ARG A 18 -13.59 -10.83 4.36
C ARG A 18 -14.57 -10.85 3.20
N SER A 19 -15.11 -9.68 2.88
CA SER A 19 -16.07 -9.58 1.78
C SER A 19 -17.38 -10.26 2.15
N ASN A 20 -18.01 -10.90 1.16
CA ASN A 20 -19.27 -11.59 1.38
C ASN A 20 -20.35 -10.60 1.81
N LYS A 21 -20.12 -9.33 1.55
CA LYS A 21 -21.08 -8.30 1.92
C LYS A 21 -20.76 -6.99 1.20
N GLN A 22 -21.81 -6.31 0.74
CA GLN A 22 -21.61 -5.04 0.01
C GLN A 22 -20.68 -5.25 -1.17
N ARG A 23 -20.87 -6.36 -1.88
CA ARG A 23 -20.05 -6.69 -3.03
C ARG A 23 -20.17 -5.63 -4.12
N ARG A 24 -21.38 -5.13 -4.32
CA ARG A 24 -21.63 -4.12 -5.35
C ARG A 24 -20.81 -2.87 -5.10
N GLU A 25 -20.69 -2.49 -3.83
CA GLU A 25 -19.91 -1.29 -3.48
C GLU A 25 -18.45 -1.47 -3.88
N TYR A 26 -17.92 -2.66 -3.67
CA TYR A 26 -16.53 -2.94 -4.02
C TYR A 26 -16.34 -2.84 -5.53
N ALA A 27 -17.32 -3.31 -6.29
CA ALA A 27 -17.25 -3.26 -7.74
C ALA A 27 -17.15 -1.83 -8.22
N GLN A 28 -17.90 -0.93 -7.59
CA GLN A 28 -17.88 0.47 -7.96
C GLN A 28 -16.50 1.07 -7.74
N GLU A 29 -15.87 0.67 -6.64
CA GLU A 29 -14.54 1.17 -6.31
C GLU A 29 -13.53 0.74 -7.37
N MET A 30 -13.68 -0.50 -7.84
CA MET A 30 -12.77 -1.02 -8.86
C MET A 30 -12.87 -0.19 -10.14
N ASP A 31 -14.09 0.18 -10.51
CA ASP A 31 -14.30 0.97 -11.71
C ASP A 31 -13.59 2.32 -11.59
N ARG A 32 -13.67 2.91 -10.41
CA ARG A 32 -13.03 4.20 -10.16
C ARG A 32 -11.53 4.08 -10.33
N LEU A 33 -10.96 3.00 -9.79
CA LEU A 33 -9.52 2.77 -9.88
C LEU A 33 -9.09 2.67 -11.34
N GLU A 34 -9.86 1.93 -12.14
CA GLU A 34 -9.54 1.75 -13.55
C GLU A 34 -9.57 3.09 -14.27
N LYS A 35 -10.55 3.92 -13.92
CA LYS A 35 -10.68 5.24 -14.55
C LYS A 35 -9.44 6.08 -14.28
N ALA A 36 -8.99 6.05 -13.03
CA ALA A 36 -7.80 6.81 -12.64
C ALA A 36 -6.58 6.32 -13.42
N PHE A 37 -6.49 5.02 -13.61
CA PHE A 37 -5.37 4.42 -14.34
C PHE A 37 -5.25 5.00 -15.74
N GLU A 38 -6.37 5.08 -16.45
CA GLU A 38 -6.37 5.60 -17.80
C GLU A 38 -5.83 7.02 -17.85
N ASN A 39 -6.21 7.83 -16.84
CA ASN A 39 -5.76 9.21 -16.78
C ASN A 39 -4.58 9.35 -15.81
N LEU A 40 -4.03 8.22 -15.39
CA LEU A 40 -2.91 8.23 -14.45
C LEU A 40 -1.60 7.89 -15.17
N ASP A 41 -0.90 8.91 -15.64
CA ASP A 41 0.36 8.71 -16.33
C ASP A 41 1.43 8.19 -15.38
N GLY A 42 2.13 7.14 -15.79
CA GLY A 42 3.18 6.56 -14.97
C GLY A 42 2.60 5.69 -13.85
N TRP A 43 1.37 5.22 -14.05
CA TRP A 43 0.72 4.38 -13.05
C TRP A 43 0.42 3.00 -13.62
N TYR A 44 0.71 1.97 -12.83
CA TYR A 44 0.47 0.60 -13.28
C TYR A 44 -0.12 -0.25 -12.15
N LEU A 45 -0.99 -1.19 -12.51
CA LEU A 45 -1.62 -2.05 -11.51
C LEU A 45 -1.37 -3.52 -11.84
N SER A 46 -1.20 -4.34 -10.82
CA SER A 46 -0.96 -5.76 -11.02
C SER A 46 -2.06 -6.59 -10.35
N SER A 47 -2.65 -7.51 -11.12
CA SER A 47 -3.71 -8.36 -10.59
C SER A 47 -3.18 -9.26 -9.48
N MET A 48 -1.99 -9.80 -9.68
CA MET A 48 -1.39 -10.69 -8.69
C MET A 48 -1.13 -9.94 -7.39
N LYS A 49 -0.69 -8.70 -7.51
CA LYS A 49 -0.41 -7.88 -6.34
C LYS A 49 -1.36 -6.69 -6.30
N ASP A 50 -2.62 -6.93 -6.67
CA ASP A 50 -3.64 -5.89 -6.68
C ASP A 50 -3.15 -4.62 -6.00
N SER A 51 -2.34 -3.85 -6.72
CA SER A 51 -1.79 -2.61 -6.16
C SER A 51 -1.44 -1.63 -7.28
N ALA A 52 -1.24 -0.37 -6.91
CA ALA A 52 -0.89 0.65 -7.89
C ALA A 52 0.50 1.20 -7.61
N TYR A 53 1.26 1.44 -8.66
CA TYR A 53 2.63 1.95 -8.52
C TYR A 53 3.03 2.78 -9.74
N LYS A 54 4.08 3.57 -9.60
CA LYS A 54 4.54 4.40 -10.71
C LYS A 54 6.07 4.34 -10.82
N ASP A 55 6.57 4.61 -12.02
CA ASP A 55 8.01 4.60 -12.25
C ASP A 55 8.57 6.01 -12.42
N PHE A 56 9.21 6.53 -11.38
CA PHE A 56 9.80 7.86 -11.44
C PHE A 56 11.16 7.80 -12.14
N GLY A 57 11.71 6.59 -12.24
CA GLY A 57 13.01 6.40 -12.86
C GLY A 57 14.11 6.44 -11.82
N LYS A 58 13.77 6.87 -10.63
CA LYS A 58 14.74 6.94 -9.53
C LYS A 58 14.34 5.98 -8.41
N TYR A 59 13.03 5.82 -8.23
CA TYR A 59 12.50 4.93 -7.21
C TYR A 59 11.08 4.49 -7.57
N GLU A 60 10.63 3.40 -6.96
CA GLU A 60 9.30 2.88 -7.24
C GLU A 60 8.39 3.02 -6.01
N ILE A 61 7.20 3.57 -6.22
CA ILE A 61 6.24 3.75 -5.13
C ILE A 61 4.91 3.07 -5.47
N ARG A 62 4.33 2.40 -4.49
CA ARG A 62 3.07 1.70 -4.70
C ARG A 62 2.14 1.86 -3.50
N LEU A 63 0.85 1.70 -3.75
CA LEU A 63 -0.15 1.83 -2.69
C LEU A 63 -0.75 0.46 -2.38
N SER A 64 -1.14 0.26 -1.12
CA SER A 64 -1.72 -1.02 -0.71
C SER A 64 -2.75 -0.79 0.39
N ASN A 65 -3.48 -1.85 0.72
CA ASN A 65 -4.50 -1.78 1.76
C ASN A 65 -3.85 -1.81 3.14
N HIS A 66 -4.65 -1.98 4.17
CA HIS A 66 -4.12 -2.01 5.54
C HIS A 66 -3.11 -3.14 5.67
N SER A 67 -3.42 -4.28 5.07
CA SER A 67 -2.52 -5.43 5.12
C SER A 67 -1.75 -5.55 3.80
N ALA A 68 -0.56 -4.97 3.76
CA ALA A 68 0.27 -5.02 2.56
C ALA A 68 1.39 -6.03 2.74
N ASP A 69 1.32 -6.81 3.82
CA ASP A 69 2.34 -7.82 4.09
C ASP A 69 2.36 -8.86 2.98
N ASN A 70 1.17 -9.22 2.50
CA ASN A 70 1.05 -10.21 1.46
C ASN A 70 1.24 -9.58 0.08
N LYS A 71 1.45 -8.27 0.06
CA LYS A 71 1.66 -7.56 -1.21
C LYS A 71 2.77 -6.52 -1.08
N TYR A 72 3.72 -6.78 -0.18
CA TYR A 72 4.81 -5.84 0.04
C TYR A 72 6.12 -6.59 0.28
N HIS A 73 7.20 -6.05 -0.27
CA HIS A 73 8.52 -6.67 -0.12
C HIS A 73 9.60 -5.61 0.09
N ASP A 74 10.77 -6.04 0.56
CA ASP A 74 11.86 -5.11 0.81
C ASP A 74 12.27 -4.35 -0.45
N LEU A 75 12.42 -5.08 -1.56
CA LEU A 75 12.81 -4.44 -2.81
C LEU A 75 13.22 -5.48 -3.85
N GLU A 76 12.30 -5.80 -4.75
CA GLU A 76 12.57 -6.77 -5.80
C GLU A 76 12.68 -6.08 -7.16
N ASN A 77 12.33 -4.80 -7.18
CA ASN A 77 12.38 -4.03 -8.42
C ASN A 77 13.72 -3.31 -8.58
N GLY A 78 14.58 -3.43 -7.57
CA GLY A 78 15.89 -2.78 -7.63
C GLY A 78 15.78 -1.31 -7.27
N ARG A 79 14.56 -0.89 -6.95
CA ARG A 79 14.30 0.50 -6.58
C ARG A 79 13.58 0.58 -5.25
N LEU A 80 13.62 1.75 -4.62
CA LEU A 80 12.95 1.93 -3.34
C LEU A 80 11.46 1.66 -3.45
N ILE A 81 10.89 1.08 -2.41
CA ILE A 81 9.47 0.78 -2.40
C ILE A 81 8.79 1.51 -1.24
N VAL A 82 7.73 2.25 -1.56
CA VAL A 82 6.98 2.97 -0.54
C VAL A 82 5.60 2.36 -0.40
N ASN A 83 5.29 1.86 0.79
CA ASN A 83 3.99 1.26 1.05
C ASN A 83 3.03 2.27 1.66
N ILE A 84 2.07 2.73 0.88
CA ILE A 84 1.10 3.70 1.37
C ILE A 84 -0.27 3.05 1.53
N LYS A 85 -0.77 3.03 2.77
CA LYS A 85 -2.06 2.42 3.03
C LYS A 85 -3.18 3.43 2.77
N ALA A 86 -4.19 3.01 2.00
CA ALA A 86 -5.31 3.88 1.68
C ALA A 86 -6.51 3.06 1.23
N SER A 87 -7.71 3.62 1.39
CA SER A 87 -8.92 2.95 0.98
C SER A 87 -8.99 2.83 -0.54
N LYS A 88 -9.63 1.76 -1.02
CA LYS A 88 -9.77 1.54 -2.46
C LYS A 88 -10.52 2.69 -3.11
N LEU A 89 -11.58 3.14 -2.45
CA LEU A 89 -12.39 4.24 -2.98
C LEU A 89 -11.65 5.57 -2.80
N ASN A 90 -10.69 5.58 -1.89
CA ASN A 90 -9.90 6.80 -1.64
C ASN A 90 -8.54 6.71 -2.31
N PHE A 91 -8.37 5.73 -3.18
CA PHE A 91 -7.10 5.55 -3.89
C PHE A 91 -6.75 6.80 -4.69
N VAL A 92 -7.71 7.29 -5.47
CA VAL A 92 -7.48 8.48 -6.28
C VAL A 92 -7.18 9.68 -5.40
N ASP A 93 -7.97 9.84 -4.34
CA ASP A 93 -7.79 10.96 -3.41
C ASP A 93 -6.41 10.91 -2.77
N ILE A 94 -5.98 9.72 -2.36
CA ILE A 94 -4.68 9.56 -1.72
C ILE A 94 -3.57 9.97 -2.68
N ILE A 95 -3.82 9.82 -3.97
CA ILE A 95 -2.82 10.16 -4.97
C ILE A 95 -2.43 11.63 -4.89
N GLU A 96 -3.41 12.51 -4.77
CA GLU A 96 -3.12 13.93 -4.72
C GLU A 96 -2.28 14.28 -3.48
N ASN A 97 -2.64 13.71 -2.33
CA ASN A 97 -1.90 13.98 -1.11
C ASN A 97 -0.53 13.30 -1.10
N LYS A 98 -0.52 12.01 -1.44
CA LYS A 98 0.72 11.24 -1.46
C LYS A 98 1.68 11.76 -2.53
N LEU A 99 1.15 12.07 -3.71
CA LEU A 99 1.99 12.58 -4.78
C LEU A 99 2.68 13.86 -4.33
N ASP A 100 1.91 14.71 -3.66
CA ASP A 100 2.44 15.97 -3.16
C ASP A 100 3.50 15.73 -2.10
N LYS A 101 3.27 14.73 -1.25
CA LYS A 101 4.20 14.40 -0.19
C LYS A 101 5.54 13.93 -0.75
N ILE A 102 5.47 13.16 -1.82
CA ILE A 102 6.67 12.64 -2.45
C ILE A 102 7.41 13.75 -3.20
N ILE A 103 6.66 14.62 -3.87
CA ILE A 103 7.26 15.72 -4.61
C ILE A 103 8.01 16.65 -3.67
N GLU A 104 7.35 17.02 -2.57
CA GLU A 104 7.97 17.91 -1.60
C GLU A 104 9.18 17.25 -0.97
N LYS A 105 9.05 15.97 -0.62
CA LYS A 105 10.14 15.23 -0.01
C LYS A 105 11.34 15.15 -0.95
N ILE A 106 11.07 14.89 -2.21
CA ILE A 106 12.14 14.78 -3.21
C ILE A 106 12.91 16.07 -3.38
N ASP A 107 12.19 17.19 -3.42
CA ASP A 107 12.84 18.47 -3.61
C ASP A 107 13.84 18.76 -2.49
N LYS A 108 13.48 18.45 -1.25
CA LYS A 108 14.37 18.69 -0.13
C LYS A 108 15.23 17.45 0.14
N LEU A 109 14.71 16.29 -0.22
CA LEU A 109 15.43 15.04 -0.02
C LEU A 109 14.91 13.97 -0.98
N ASP A 110 15.78 13.52 -1.88
CA ASP A 110 15.40 12.50 -2.85
C ASP A 110 15.02 11.20 -2.16
N LEU A 111 13.98 10.55 -2.65
CA LEU A 111 13.52 9.29 -2.08
C LEU A 111 14.61 8.23 -2.19
N ASP A 112 15.33 8.26 -3.32
CA ASP A 112 16.41 7.30 -3.55
C ASP A 112 17.35 7.27 -2.36
N LYS A 113 17.35 8.37 -1.61
CA LYS A 113 18.20 8.49 -0.43
C LYS A 113 17.79 7.49 0.64
N TYR A 114 16.48 7.30 0.77
CA TYR A 114 15.95 6.39 1.78
C TYR A 114 15.90 4.95 1.27
N ARG A 115 16.59 4.06 1.96
CA ARG A 115 16.59 2.66 1.56
C ARG A 115 15.19 2.07 1.69
N PHE A 116 14.51 2.41 2.78
CA PHE A 116 13.16 1.90 3.02
C PHE A 116 12.20 3.04 3.37
N ILE A 117 11.08 3.11 2.63
CA ILE A 117 10.09 4.15 2.89
C ILE A 117 8.70 3.55 2.96
N ASN A 118 7.88 4.06 3.86
CA ASN A 118 6.56 3.52 4.02
C ASN A 118 5.57 4.58 4.46
N ALA A 119 4.64 4.93 3.56
CA ALA A 119 3.63 5.94 3.86
C ALA A 119 2.46 5.31 4.61
N THR A 120 1.74 6.14 5.37
CA THR A 120 0.60 5.66 6.14
C THR A 120 -0.64 6.49 5.82
N ASN A 121 -1.81 5.95 6.15
CA ASN A 121 -3.06 6.66 5.89
C ASN A 121 -2.91 8.14 6.21
N LEU A 122 -3.93 8.92 5.85
CA LEU A 122 -3.89 10.36 6.09
C LEU A 122 -3.76 10.66 7.58
N GLU A 123 -4.47 9.89 8.40
CA GLU A 123 -4.41 10.07 9.84
C GLU A 123 -3.02 9.71 10.35
N HIS A 124 -2.41 8.70 9.72
CA HIS A 124 -1.07 8.27 10.11
C HIS A 124 -0.01 9.13 9.43
N ASP A 125 1.20 9.11 10.00
CA ASP A 125 2.29 9.91 9.44
C ASP A 125 3.20 9.01 8.58
N ILE A 126 4.13 9.63 7.87
CA ILE A 126 5.03 8.88 7.01
C ILE A 126 6.43 8.86 7.60
N LYS A 127 7.03 7.67 7.65
CA LYS A 127 8.36 7.52 8.21
C LYS A 127 9.33 6.95 7.18
N CYS A 128 10.55 7.49 7.16
CA CYS A 128 11.55 7.03 6.21
C CYS A 128 12.84 6.67 6.95
N TYR A 129 13.57 5.68 6.44
CA TYR A 129 14.83 5.27 7.05
C TYR A 129 15.98 5.51 6.08
N TYR A 130 17.07 6.07 6.60
CA TYR A 130 18.23 6.36 5.76
C TYR A 130 18.77 5.08 5.14
N LYS A 131 18.96 4.05 5.96
CA LYS A 131 19.48 2.77 5.48
C LYS A 131 18.46 1.66 5.72
N GLY A 132 17.24 2.06 6.03
CA GLY A 132 16.16 1.11 6.31
C GLY A 132 16.11 0.79 7.78
N PHE A 133 17.16 1.20 8.49
CA PHE A 133 17.24 1.00 9.93
C PHE A 133 18.28 1.93 10.52
N LYS A 134 17.85 2.84 11.39
CA LYS A 134 18.76 3.79 12.01
C LYS A 134 17.99 4.80 12.84
N THR A 135 18.68 5.46 13.76
CA THR A 135 18.05 6.46 14.62
C THR A 135 17.67 7.68 13.79
N LYS A 136 18.29 7.81 12.61
CA LYS A 136 18.01 8.93 11.73
C LYS A 136 16.89 8.60 10.76
N LYS A 137 15.81 9.38 10.83
CA LYS A 137 14.67 9.17 9.95
C LYS A 137 13.96 10.49 9.69
N GLU A 138 13.19 10.54 8.61
CA GLU A 138 12.46 11.75 8.27
C GLU A 138 10.96 11.47 8.22
N VAL A 139 10.18 12.35 8.85
CA VAL A 139 8.73 12.19 8.87
C VAL A 139 8.05 13.45 8.38
N ILE A 140 7.12 13.29 7.43
CA ILE A 140 6.40 14.43 6.87
C ILE A 140 4.92 14.35 7.23
N MET A 1 -15.54 -28.65 2.07
CA MET A 1 -15.40 -30.14 1.96
C MET A 1 -15.17 -30.72 3.36
N ALA A 2 -14.19 -30.17 4.06
CA ALA A 2 -13.87 -30.65 5.40
C ALA A 2 -15.05 -30.45 6.34
N TYR A 3 -15.72 -29.31 6.21
CA TYR A 3 -16.88 -28.99 7.06
C TYR A 3 -16.49 -29.03 8.53
N GLY A 4 -16.25 -30.23 9.05
CA GLY A 4 -15.87 -30.39 10.45
C GLY A 4 -16.94 -29.81 11.38
N LYS A 5 -16.51 -28.98 12.33
CA LYS A 5 -17.44 -28.38 13.28
C LYS A 5 -18.47 -27.52 12.55
N SER A 6 -18.13 -27.09 11.34
CA SER A 6 -19.03 -26.26 10.55
C SER A 6 -19.34 -24.95 11.28
N ARG A 7 -18.30 -24.18 11.57
CA ARG A 7 -18.48 -22.92 12.27
C ARG A 7 -19.17 -23.13 13.61
N TYR A 8 -18.74 -24.16 14.33
CA TYR A 8 -19.33 -24.47 15.63
C TYR A 8 -20.81 -24.81 15.49
N ASN A 9 -21.18 -25.34 14.33
CA ASN A 9 -22.57 -25.71 14.08
C ASN A 9 -23.50 -24.53 14.36
N SER A 10 -23.11 -23.36 13.88
CA SER A 10 -23.92 -22.16 14.08
C SER A 10 -23.65 -21.14 12.97
N TYR A 11 -24.56 -20.19 12.83
CA TYR A 11 -24.41 -19.17 11.80
C TYR A 11 -23.15 -18.35 12.03
N ARG A 12 -22.31 -18.25 11.00
CA ARG A 12 -21.06 -17.49 11.10
C ARG A 12 -20.69 -16.90 9.75
N LYS A 13 -21.53 -17.12 8.74
CA LYS A 13 -21.25 -16.60 7.41
C LYS A 13 -19.80 -16.90 7.02
N ARG A 14 -19.30 -16.19 6.01
CA ARG A 14 -17.93 -16.38 5.56
C ARG A 14 -17.17 -15.05 5.57
N SER A 15 -16.44 -14.81 6.66
CA SER A 15 -15.67 -13.58 6.79
C SER A 15 -14.24 -13.89 7.20
N PHE A 16 -13.30 -13.06 6.78
CA PHE A 16 -11.90 -13.25 7.12
C PHE A 16 -11.41 -12.13 8.04
N ASN A 17 -10.72 -12.52 9.11
CA ASN A 17 -10.20 -11.54 10.07
C ASN A 17 -11.27 -10.50 10.38
N ARG A 18 -10.87 -9.23 10.40
CA ARG A 18 -11.81 -8.15 10.69
C ARG A 18 -12.93 -8.12 9.66
N SER A 19 -12.55 -8.27 8.39
CA SER A 19 -13.53 -8.24 7.31
C SER A 19 -14.34 -6.95 7.35
N ASN A 20 -15.25 -6.79 6.40
CA ASN A 20 -16.08 -5.59 6.34
C ASN A 20 -17.54 -5.95 6.08
N LYS A 21 -18.45 -5.15 6.63
CA LYS A 21 -19.87 -5.38 6.45
C LYS A 21 -20.27 -5.03 5.01
N GLN A 22 -21.30 -5.69 4.50
CA GLN A 22 -21.74 -5.43 3.13
C GLN A 22 -20.61 -5.73 2.16
N ARG A 23 -20.20 -6.99 2.11
CA ARG A 23 -19.11 -7.41 1.23
C ARG A 23 -19.38 -6.98 -0.20
N ARG A 24 -20.65 -6.76 -0.54
CA ARG A 24 -21.00 -6.33 -1.89
C ARG A 24 -20.31 -5.00 -2.20
N GLU A 25 -20.38 -4.08 -1.26
CA GLU A 25 -19.74 -2.78 -1.42
C GLU A 25 -18.23 -2.94 -1.49
N TYR A 26 -17.71 -3.84 -0.65
CA TYR A 26 -16.27 -4.09 -0.61
C TYR A 26 -15.78 -4.60 -1.97
N ALA A 27 -16.50 -5.57 -2.53
CA ALA A 27 -16.12 -6.12 -3.83
C ALA A 27 -16.17 -5.04 -4.90
N GLN A 28 -17.18 -4.18 -4.82
CA GLN A 28 -17.33 -3.10 -5.79
C GLN A 28 -16.14 -2.14 -5.70
N GLU A 29 -15.69 -1.88 -4.48
CA GLU A 29 -14.56 -0.99 -4.28
C GLU A 29 -13.30 -1.55 -4.93
N MET A 30 -13.13 -2.87 -4.82
CA MET A 30 -11.97 -3.51 -5.41
C MET A 30 -11.94 -3.31 -6.92
N ASP A 31 -13.10 -3.50 -7.56
CA ASP A 31 -13.20 -3.32 -9.00
C ASP A 31 -12.87 -1.89 -9.38
N ARG A 32 -13.34 -0.94 -8.57
CA ARG A 32 -13.09 0.48 -8.82
C ARG A 32 -11.59 0.76 -8.79
N LEU A 33 -10.91 0.17 -7.81
CA LEU A 33 -9.47 0.36 -7.66
C LEU A 33 -8.73 -0.11 -8.91
N GLU A 34 -9.09 -1.29 -9.42
CA GLU A 34 -8.44 -1.83 -10.60
C GLU A 34 -8.61 -0.90 -11.80
N LYS A 35 -9.82 -0.36 -11.94
CA LYS A 35 -10.10 0.56 -13.04
C LYS A 35 -9.21 1.79 -12.95
N ALA A 36 -8.96 2.26 -11.74
CA ALA A 36 -8.12 3.44 -11.55
C ALA A 36 -6.72 3.19 -12.09
N PHE A 37 -6.20 1.99 -11.88
CA PHE A 37 -4.87 1.64 -12.36
C PHE A 37 -4.83 1.67 -13.89
N GLU A 38 -5.91 1.21 -14.50
CA GLU A 38 -5.99 1.18 -15.96
C GLU A 38 -5.88 2.59 -16.52
N ASN A 39 -6.49 3.56 -15.84
CA ASN A 39 -6.44 4.94 -16.28
C ASN A 39 -5.37 5.72 -15.52
N LEU A 40 -4.57 5.00 -14.75
CA LEU A 40 -3.50 5.64 -13.98
C LEU A 40 -2.13 5.36 -14.61
N ASP A 41 -1.53 6.39 -15.19
CA ASP A 41 -0.22 6.25 -15.82
C ASP A 41 0.85 5.95 -14.77
N GLY A 42 1.62 4.89 -15.01
CA GLY A 42 2.70 4.53 -14.10
C GLY A 42 2.17 3.71 -12.92
N TRP A 43 0.94 3.22 -13.03
CA TRP A 43 0.35 2.42 -11.96
C TRP A 43 0.03 1.01 -12.44
N TYR A 44 0.50 0.01 -11.70
CA TYR A 44 0.26 -1.38 -12.05
C TYR A 44 -0.03 -2.21 -10.80
N LEU A 45 -0.81 -3.27 -10.97
CA LEU A 45 -1.15 -4.14 -9.84
C LEU A 45 -0.65 -5.56 -10.08
N SER A 46 -0.15 -6.20 -9.03
CA SER A 46 0.34 -7.57 -9.14
C SER A 46 -0.52 -8.51 -8.30
N SER A 47 -1.00 -9.58 -8.93
CA SER A 47 -1.83 -10.56 -8.24
C SER A 47 -1.06 -11.30 -7.15
N MET A 48 0.17 -11.72 -7.47
CA MET A 48 0.99 -12.44 -6.50
C MET A 48 1.22 -11.60 -5.27
N LYS A 49 1.56 -10.34 -5.48
CA LYS A 49 1.80 -9.42 -4.38
C LYS A 49 0.87 -8.22 -4.48
N ASP A 50 -0.44 -8.49 -4.44
CA ASP A 50 -1.44 -7.43 -4.54
C ASP A 50 -0.83 -6.11 -4.09
N SER A 51 -0.25 -5.38 -5.03
CA SER A 51 0.37 -4.09 -4.72
C SER A 51 0.34 -3.18 -5.94
N ALA A 52 0.60 -1.89 -5.71
CA ALA A 52 0.60 -0.92 -6.79
C ALA A 52 2.03 -0.46 -7.09
N TYR A 53 2.33 -0.33 -8.37
CA TYR A 53 3.66 0.11 -8.80
C TYR A 53 3.62 1.53 -9.34
N LYS A 54 4.61 2.33 -8.96
CA LYS A 54 4.68 3.70 -9.42
C LYS A 54 6.11 4.04 -9.85
N ASP A 55 6.37 3.93 -11.15
CA ASP A 55 7.70 4.23 -11.68
C ASP A 55 7.77 5.64 -12.25
N PHE A 56 8.44 6.54 -11.52
CA PHE A 56 8.60 7.91 -11.99
C PHE A 56 9.88 8.05 -12.80
N GLY A 57 10.68 6.99 -12.81
CA GLY A 57 11.93 7.00 -13.56
C GLY A 57 13.08 7.50 -12.68
N LYS A 58 12.75 8.05 -11.52
CA LYS A 58 13.76 8.55 -10.60
C LYS A 58 13.76 7.75 -9.31
N TYR A 59 12.60 7.20 -8.96
CA TYR A 59 12.46 6.40 -7.75
C TYR A 59 11.29 5.44 -7.87
N GLU A 60 11.27 4.42 -7.02
CA GLU A 60 10.20 3.43 -7.04
C GLU A 60 9.36 3.51 -5.77
N ILE A 61 8.06 3.71 -5.94
CA ILE A 61 7.16 3.79 -4.81
C ILE A 61 5.93 2.90 -5.04
N ARG A 62 5.52 2.18 -3.99
CA ARG A 62 4.36 1.30 -4.12
C ARG A 62 3.51 1.36 -2.85
N LEU A 63 2.25 0.95 -2.99
CA LEU A 63 1.34 0.95 -1.86
C LEU A 63 1.10 -0.47 -1.37
N SER A 64 0.77 -0.60 -0.09
CA SER A 64 0.52 -1.91 0.50
C SER A 64 -0.52 -1.82 1.61
N ASN A 65 -1.07 -2.97 1.98
CA ASN A 65 -2.08 -3.04 3.02
C ASN A 65 -1.49 -2.63 4.37
N HIS A 66 -2.35 -2.51 5.37
CA HIS A 66 -1.90 -2.15 6.70
C HIS A 66 -0.93 -3.21 7.21
N SER A 67 -1.25 -4.47 6.90
CA SER A 67 -0.39 -5.58 7.30
C SER A 67 0.97 -5.47 6.63
N ALA A 68 1.99 -5.97 7.31
CA ALA A 68 3.35 -5.91 6.79
C ALA A 68 3.62 -7.07 5.84
N ASP A 69 2.57 -7.78 5.44
CA ASP A 69 2.73 -8.92 4.54
C ASP A 69 3.37 -8.48 3.23
N ASN A 70 2.95 -7.33 2.72
CA ASN A 70 3.49 -6.80 1.47
C ASN A 70 4.66 -5.87 1.76
N LYS A 71 5.01 -5.72 3.04
CA LYS A 71 6.10 -4.86 3.44
C LYS A 71 7.42 -5.32 2.82
N TYR A 72 7.64 -6.63 2.82
CA TYR A 72 8.87 -7.19 2.26
C TYR A 72 8.94 -6.97 0.76
N HIS A 73 10.16 -6.72 0.27
CA HIS A 73 10.36 -6.49 -1.16
C HIS A 73 10.92 -7.76 -1.80
N ASP A 74 10.13 -8.39 -2.66
CA ASP A 74 10.54 -9.64 -3.31
C ASP A 74 11.80 -9.46 -4.16
N LEU A 75 11.79 -8.44 -5.02
CA LEU A 75 12.94 -8.19 -5.89
C LEU A 75 13.18 -6.69 -6.06
N GLU A 76 14.40 -6.26 -5.74
CA GLU A 76 14.74 -4.85 -5.87
C GLU A 76 14.77 -4.45 -7.34
N ASN A 77 14.28 -3.25 -7.63
CA ASN A 77 14.24 -2.76 -9.00
C ASN A 77 15.39 -1.79 -9.26
N GLY A 78 16.32 -1.72 -8.31
CA GLY A 78 17.47 -0.83 -8.45
C GLY A 78 17.11 0.59 -8.04
N ARG A 79 15.86 0.78 -7.61
CA ARG A 79 15.40 2.10 -7.19
C ARG A 79 14.82 2.04 -5.78
N LEU A 80 14.76 3.19 -5.13
CA LEU A 80 14.23 3.27 -3.77
C LEU A 80 12.82 2.71 -3.70
N ILE A 81 12.48 2.09 -2.57
CA ILE A 81 11.16 1.51 -2.37
C ILE A 81 10.42 2.21 -1.23
N VAL A 82 9.21 2.67 -1.51
CA VAL A 82 8.41 3.36 -0.50
C VAL A 82 7.15 2.54 -0.20
N ASN A 83 6.98 2.16 1.06
CA ASN A 83 5.82 1.38 1.46
C ASN A 83 4.73 2.29 2.04
N ILE A 84 3.65 2.47 1.29
CA ILE A 84 2.55 3.31 1.75
C ILE A 84 1.35 2.45 2.13
N LYS A 85 0.94 2.53 3.39
CA LYS A 85 -0.21 1.75 3.86
C LYS A 85 -1.52 2.50 3.62
N ALA A 86 -2.48 1.82 3.01
CA ALA A 86 -3.78 2.43 2.74
C ALA A 86 -4.82 1.35 2.45
N SER A 87 -6.05 1.60 2.87
CA SER A 87 -7.13 0.64 2.63
C SER A 87 -7.53 0.65 1.17
N LYS A 88 -8.17 -0.44 0.72
CA LYS A 88 -8.60 -0.52 -0.67
C LYS A 88 -9.63 0.55 -0.97
N LEU A 89 -10.54 0.79 -0.03
CA LEU A 89 -11.58 1.79 -0.20
C LEU A 89 -10.96 3.19 -0.31
N ASN A 90 -9.99 3.46 0.54
CA ASN A 90 -9.33 4.76 0.54
C ASN A 90 -8.00 4.69 -0.20
N PHE A 91 -7.78 3.59 -0.91
CA PHE A 91 -6.55 3.40 -1.66
C PHE A 91 -6.37 4.52 -2.68
N VAL A 92 -7.41 4.79 -3.44
CA VAL A 92 -7.36 5.84 -4.45
C VAL A 92 -7.11 7.20 -3.79
N ASP A 93 -7.83 7.46 -2.71
CA ASP A 93 -7.70 8.73 -1.99
C ASP A 93 -6.28 8.90 -1.46
N ILE A 94 -5.72 7.83 -0.91
CA ILE A 94 -4.37 7.89 -0.36
C ILE A 94 -3.37 8.24 -1.46
N ILE A 95 -3.70 7.88 -2.69
CA ILE A 95 -2.82 8.14 -3.81
C ILE A 95 -2.58 9.63 -3.99
N GLU A 96 -3.64 10.43 -3.95
CA GLU A 96 -3.50 11.87 -4.13
C GLU A 96 -2.66 12.50 -3.02
N ASN A 97 -2.91 12.10 -1.78
CA ASN A 97 -2.17 12.66 -0.65
C ASN A 97 -0.73 12.13 -0.61
N LYS A 98 -0.59 10.82 -0.78
CA LYS A 98 0.73 10.20 -0.74
C LYS A 98 1.59 10.66 -1.90
N LEU A 99 0.97 10.78 -3.07
CA LEU A 99 1.71 11.23 -4.24
C LEU A 99 2.20 12.65 -4.03
N ASP A 100 1.33 13.49 -3.48
CA ASP A 100 1.68 14.88 -3.22
C ASP A 100 2.82 14.97 -2.20
N LYS A 101 2.77 14.10 -1.20
CA LYS A 101 3.79 14.08 -0.16
C LYS A 101 5.13 13.71 -0.74
N ILE A 102 5.13 12.75 -1.66
CA ILE A 102 6.35 12.30 -2.30
C ILE A 102 6.86 13.33 -3.31
N ILE A 103 5.94 13.92 -4.05
CA ILE A 103 6.31 14.92 -5.05
C ILE A 103 6.99 16.12 -4.39
N GLU A 104 6.40 16.58 -3.29
CA GLU A 104 6.96 17.73 -2.59
C GLU A 104 8.35 17.39 -2.05
N LYS A 105 8.49 16.19 -1.51
CA LYS A 105 9.75 15.74 -0.96
C LYS A 105 10.83 15.69 -2.06
N ILE A 106 10.43 15.18 -3.23
CA ILE A 106 11.36 15.08 -4.34
C ILE A 106 11.85 16.45 -4.78
N ASP A 107 10.91 17.37 -4.90
CA ASP A 107 11.25 18.71 -5.34
C ASP A 107 12.21 19.40 -4.37
N LYS A 108 11.96 19.25 -3.07
CA LYS A 108 12.82 19.86 -2.07
C LYS A 108 14.12 19.10 -1.96
N LEU A 109 14.01 17.78 -2.08
CA LEU A 109 15.16 16.91 -1.99
C LEU A 109 14.86 15.59 -2.68
N ASP A 110 15.88 14.77 -2.91
CA ASP A 110 15.67 13.48 -3.56
C ASP A 110 15.28 12.43 -2.53
N LEU A 111 14.18 11.72 -2.81
CA LEU A 111 13.70 10.69 -1.91
C LEU A 111 14.51 9.42 -2.11
N ASP A 112 15.16 9.30 -3.27
CA ASP A 112 15.96 8.14 -3.59
C ASP A 112 17.22 8.13 -2.71
N LYS A 113 17.49 9.25 -2.06
CA LYS A 113 18.65 9.35 -1.19
C LYS A 113 18.49 8.40 -0.01
N TYR A 114 17.27 8.31 0.50
CA TYR A 114 16.99 7.43 1.62
C TYR A 114 17.01 5.98 1.17
N ARG A 115 17.76 5.14 1.87
CA ARG A 115 17.85 3.74 1.51
C ARG A 115 16.50 3.06 1.65
N PHE A 116 15.76 3.42 2.70
CA PHE A 116 14.44 2.82 2.93
C PHE A 116 13.50 3.82 3.59
N ILE A 117 12.34 4.03 2.95
CA ILE A 117 11.33 4.93 3.49
C ILE A 117 9.99 4.23 3.51
N ASN A 118 9.14 4.60 4.46
CA ASN A 118 7.84 3.95 4.58
C ASN A 118 6.77 4.91 5.08
N ALA A 119 5.80 5.20 4.21
CA ALA A 119 4.71 6.10 4.57
C ALA A 119 3.63 5.33 5.32
N THR A 120 2.88 6.02 6.16
CA THR A 120 1.83 5.37 6.94
C THR A 120 0.48 6.07 6.71
N ASN A 121 -0.60 5.33 6.94
CA ASN A 121 -1.94 5.86 6.73
C ASN A 121 -2.03 7.32 7.17
N LEU A 122 -3.16 7.96 6.82
CA LEU A 122 -3.38 9.36 7.15
C LEU A 122 -3.39 9.59 8.66
N GLU A 123 -4.00 8.67 9.40
CA GLU A 123 -4.05 8.81 10.85
C GLU A 123 -2.65 8.70 11.43
N HIS A 124 -1.84 7.84 10.81
CA HIS A 124 -0.47 7.63 11.24
C HIS A 124 0.45 8.66 10.58
N ASP A 125 1.66 8.79 11.10
CA ASP A 125 2.62 9.75 10.56
C ASP A 125 3.56 9.05 9.58
N ILE A 126 4.38 9.84 8.88
CA ILE A 126 5.31 9.27 7.92
C ILE A 126 6.75 9.40 8.41
N LYS A 127 7.50 8.29 8.30
CA LYS A 127 8.88 8.29 8.74
C LYS A 127 9.80 7.78 7.63
N CYS A 128 10.96 8.42 7.50
CA CYS A 128 11.92 8.02 6.47
C CYS A 128 13.29 7.76 7.10
N TYR A 129 14.02 6.81 6.54
CA TYR A 129 15.35 6.49 7.05
C TYR A 129 16.41 6.76 5.99
N TYR A 130 17.47 7.45 6.38
CA TYR A 130 18.55 7.78 5.44
C TYR A 130 19.17 6.51 4.88
N LYS A 131 19.50 5.58 5.76
CA LYS A 131 20.10 4.31 5.33
C LYS A 131 19.19 3.14 5.71
N GLY A 132 17.97 3.47 6.11
CA GLY A 132 17.02 2.45 6.52
C GLY A 132 17.12 2.21 8.01
N PHE A 133 18.17 2.75 8.60
CA PHE A 133 18.40 2.61 10.03
C PHE A 133 19.42 3.66 10.49
N LYS A 134 18.98 4.58 11.35
CA LYS A 134 19.87 5.62 11.84
C LYS A 134 19.09 6.65 12.65
N THR A 135 19.82 7.48 13.40
CA THR A 135 19.19 8.51 14.21
C THR A 135 18.61 9.60 13.32
N LYS A 136 19.12 9.71 12.10
CA LYS A 136 18.66 10.72 11.16
C LYS A 136 17.47 10.20 10.35
N LYS A 137 16.34 10.87 10.46
CA LYS A 137 15.14 10.47 9.73
C LYS A 137 14.27 11.68 9.42
N GLU A 138 13.41 11.54 8.42
CA GLU A 138 12.52 12.63 8.04
C GLU A 138 11.08 12.29 8.40
N VAL A 139 10.35 13.28 8.92
CA VAL A 139 8.95 13.06 9.31
C VAL A 139 8.09 14.26 8.93
N ILE A 140 6.87 14.00 8.48
CA ILE A 140 5.95 15.05 8.10
C ILE A 140 4.54 14.75 8.58
N MET A 1 -0.26 -25.30 -7.35
CA MET A 1 0.10 -24.25 -6.35
C MET A 1 -0.60 -24.54 -5.02
N ALA A 2 -1.89 -24.85 -5.11
CA ALA A 2 -2.67 -25.15 -3.91
C ALA A 2 -2.14 -26.39 -3.22
N TYR A 3 -1.76 -27.40 -4.01
CA TYR A 3 -1.26 -28.65 -3.45
C TYR A 3 -2.29 -29.27 -2.53
N GLY A 4 -3.57 -29.02 -2.84
CA GLY A 4 -4.65 -29.56 -2.03
C GLY A 4 -4.89 -28.70 -0.80
N LYS A 5 -5.87 -29.09 0.01
CA LYS A 5 -6.19 -28.36 1.22
C LYS A 5 -6.69 -26.95 0.88
N SER A 6 -6.72 -26.63 -0.41
CA SER A 6 -7.20 -25.32 -0.84
C SER A 6 -8.71 -25.22 -0.62
N ARG A 7 -9.35 -26.39 -0.54
CA ARG A 7 -10.78 -26.45 -0.33
C ARG A 7 -11.12 -25.85 1.03
N TYR A 8 -10.30 -26.19 2.02
CA TYR A 8 -10.51 -25.67 3.37
C TYR A 8 -9.25 -24.98 3.86
N ASN A 9 -9.31 -23.65 3.95
CA ASN A 9 -8.17 -22.88 4.41
C ASN A 9 -8.00 -23.02 5.92
N SER A 10 -6.76 -22.96 6.38
CA SER A 10 -6.49 -23.09 7.81
C SER A 10 -7.18 -21.98 8.60
N TYR A 11 -7.13 -20.77 8.07
CA TYR A 11 -7.77 -19.64 8.75
C TYR A 11 -8.62 -18.84 7.76
N ARG A 12 -9.79 -18.41 8.22
CA ARG A 12 -10.68 -17.63 7.38
C ARG A 12 -11.02 -16.29 8.04
N LYS A 13 -10.58 -16.12 9.27
CA LYS A 13 -10.85 -14.89 10.01
C LYS A 13 -9.69 -13.90 9.87
N ARG A 14 -8.65 -14.33 9.16
CA ARG A 14 -7.48 -13.48 8.95
C ARG A 14 -7.84 -12.23 8.15
N SER A 15 -8.95 -12.29 7.41
CA SER A 15 -9.38 -11.16 6.60
C SER A 15 -10.78 -10.71 6.99
N PHE A 16 -11.02 -9.41 6.91
CA PHE A 16 -12.33 -8.85 7.25
C PHE A 16 -12.70 -7.75 6.25
N ASN A 17 -13.93 -7.82 5.75
CA ASN A 17 -14.39 -6.82 4.79
C ASN A 17 -14.84 -5.54 5.50
N ARG A 18 -15.25 -4.55 4.72
CA ARG A 18 -15.71 -3.28 5.29
C ARG A 18 -17.15 -3.38 5.77
N SER A 19 -17.81 -4.48 5.41
CA SER A 19 -19.19 -4.68 5.82
C SER A 19 -20.07 -3.52 5.35
N ASN A 20 -20.04 -3.24 4.05
CA ASN A 20 -20.83 -2.15 3.48
C ASN A 20 -22.32 -2.40 3.70
N LYS A 21 -23.08 -1.32 3.79
CA LYS A 21 -24.52 -1.42 4.02
C LYS A 21 -25.22 -2.17 2.88
N GLN A 22 -24.78 -1.91 1.65
CA GLN A 22 -25.39 -2.58 0.50
C GLN A 22 -24.36 -3.41 -0.27
N ARG A 23 -24.76 -4.62 -0.63
CA ARG A 23 -23.88 -5.51 -1.38
C ARG A 23 -23.52 -4.91 -2.74
N ARG A 24 -24.52 -4.32 -3.39
CA ARG A 24 -24.31 -3.72 -4.71
C ARG A 24 -23.26 -2.61 -4.62
N GLU A 25 -23.36 -1.79 -3.59
CA GLU A 25 -22.41 -0.70 -3.40
C GLU A 25 -20.99 -1.25 -3.25
N TYR A 26 -20.88 -2.34 -2.47
CA TYR A 26 -19.59 -2.98 -2.25
C TYR A 26 -18.99 -3.42 -3.58
N ALA A 27 -19.79 -4.13 -4.37
CA ALA A 27 -19.33 -4.62 -5.67
C ALA A 27 -18.96 -3.45 -6.58
N GLN A 28 -19.77 -2.38 -6.54
CA GLN A 28 -19.52 -1.21 -7.36
C GLN A 28 -18.20 -0.55 -6.97
N GLU A 29 -17.92 -0.51 -5.68
CA GLU A 29 -16.68 0.10 -5.20
C GLU A 29 -15.47 -0.66 -5.75
N MET A 30 -15.55 -1.98 -5.72
CA MET A 30 -14.46 -2.81 -6.22
C MET A 30 -14.25 -2.55 -7.71
N ASP A 31 -15.34 -2.49 -8.46
CA ASP A 31 -15.26 -2.26 -9.91
C ASP A 31 -14.61 -0.92 -10.19
N ARG A 32 -15.08 0.11 -9.51
CA ARG A 32 -14.53 1.45 -9.69
C ARG A 32 -13.07 1.49 -9.28
N LEU A 33 -12.76 0.89 -8.14
CA LEU A 33 -11.40 0.88 -7.62
C LEU A 33 -10.44 0.14 -8.56
N GLU A 34 -10.87 -1.02 -9.05
CA GLU A 34 -10.03 -1.81 -9.94
C GLU A 34 -9.80 -1.07 -11.26
N LYS A 35 -10.76 -0.24 -11.65
CA LYS A 35 -10.63 0.53 -12.89
C LYS A 35 -9.44 1.48 -12.81
N ALA A 36 -9.25 2.09 -11.64
CA ALA A 36 -8.15 3.02 -11.45
C ALA A 36 -6.82 2.31 -11.65
N PHE A 37 -6.71 1.09 -11.14
CA PHE A 37 -5.49 0.31 -11.27
C PHE A 37 -5.23 -0.03 -12.74
N GLU A 38 -6.30 -0.34 -13.47
CA GLU A 38 -6.18 -0.68 -14.87
C GLU A 38 -5.63 0.50 -15.66
N ASN A 39 -6.06 1.70 -15.29
CA ASN A 39 -5.61 2.91 -15.96
C ASN A 39 -4.44 3.54 -15.19
N LEU A 40 -3.96 2.84 -14.17
CA LEU A 40 -2.85 3.33 -13.37
C LEU A 40 -1.56 2.63 -13.76
N ASP A 41 -0.76 3.28 -14.60
CA ASP A 41 0.51 2.71 -15.03
C ASP A 41 1.48 2.63 -13.86
N GLY A 42 2.26 1.55 -13.82
CA GLY A 42 3.23 1.36 -12.75
C GLY A 42 2.59 0.80 -11.49
N TRP A 43 1.29 0.51 -11.55
CA TRP A 43 0.60 -0.03 -10.39
C TRP A 43 0.05 -1.43 -10.71
N TYR A 44 0.24 -2.36 -9.77
CA TYR A 44 -0.23 -3.72 -9.97
C TYR A 44 -0.85 -4.29 -8.69
N LEU A 45 -1.87 -5.13 -8.85
CA LEU A 45 -2.53 -5.74 -7.71
C LEU A 45 -2.56 -7.26 -7.85
N SER A 46 -2.51 -7.95 -6.72
CA SER A 46 -2.54 -9.40 -6.74
C SER A 46 -3.75 -9.93 -5.98
N SER A 47 -4.43 -10.91 -6.58
CA SER A 47 -5.62 -11.50 -5.96
C SER A 47 -5.26 -12.27 -4.70
N MET A 48 -4.15 -13.00 -4.74
CA MET A 48 -3.72 -13.80 -3.59
C MET A 48 -3.43 -12.90 -2.40
N LYS A 49 -2.79 -11.76 -2.67
CA LYS A 49 -2.46 -10.82 -1.62
C LYS A 49 -3.10 -9.46 -1.91
N ASP A 50 -4.40 -9.49 -2.22
CA ASP A 50 -5.13 -8.26 -2.52
C ASP A 50 -4.38 -7.03 -2.03
N SER A 51 -3.44 -6.56 -2.85
CA SER A 51 -2.64 -5.40 -2.48
C SER A 51 -2.16 -4.66 -3.73
N ALA A 52 -1.99 -3.34 -3.60
CA ALA A 52 -1.54 -2.54 -4.72
C ALA A 52 -0.11 -2.07 -4.51
N TYR A 53 0.70 -2.12 -5.56
CA TYR A 53 2.09 -1.70 -5.45
C TYR A 53 2.60 -1.18 -6.80
N LYS A 54 3.68 -0.41 -6.76
CA LYS A 54 4.26 0.14 -7.98
C LYS A 54 5.77 -0.06 -8.00
N ASP A 55 6.27 -0.56 -9.13
CA ASP A 55 7.69 -0.81 -9.28
C ASP A 55 8.37 0.31 -10.08
N PHE A 56 9.12 1.16 -9.37
CA PHE A 56 9.83 2.26 -10.03
C PHE A 56 11.21 1.80 -10.46
N GLY A 57 11.62 0.63 -9.97
CA GLY A 57 12.93 0.09 -10.31
C GLY A 57 13.97 0.55 -9.30
N LYS A 58 13.58 1.50 -8.45
CA LYS A 58 14.47 2.02 -7.44
C LYS A 58 14.02 1.54 -6.06
N TYR A 59 12.71 1.54 -5.85
CA TYR A 59 12.14 1.11 -4.59
C TYR A 59 10.71 0.59 -4.79
N GLU A 60 10.22 -0.18 -3.83
CA GLU A 60 8.88 -0.75 -3.93
C GLU A 60 7.92 -0.05 -2.97
N ILE A 61 6.77 0.37 -3.50
CA ILE A 61 5.75 1.05 -2.70
C ILE A 61 4.40 0.39 -2.91
N ARG A 62 3.65 0.21 -1.82
CA ARG A 62 2.33 -0.42 -1.93
C ARG A 62 1.32 0.26 -1.01
N LEU A 63 0.05 0.11 -1.35
CA LEU A 63 -1.03 0.70 -0.56
C LEU A 63 -1.85 -0.38 0.13
N SER A 64 -2.45 -0.04 1.26
CA SER A 64 -3.25 -1.00 2.01
C SER A 64 -4.41 -0.31 2.73
N ASN A 65 -5.38 -1.09 3.17
CA ASN A 65 -6.54 -0.54 3.87
C ASN A 65 -6.12 0.12 5.17
N HIS A 66 -7.08 0.34 6.06
CA HIS A 66 -6.78 0.99 7.33
C HIS A 66 -5.76 0.16 8.11
N SER A 67 -5.99 -1.15 8.18
CA SER A 67 -5.07 -2.03 8.89
C SER A 67 -4.04 -2.58 7.91
N ALA A 68 -2.86 -1.96 7.89
CA ALA A 68 -1.79 -2.38 7.00
C ALA A 68 -0.87 -3.37 7.69
N ASP A 69 -1.15 -3.67 8.95
CA ASP A 69 -0.32 -4.60 9.72
C ASP A 69 -0.29 -5.98 9.07
N ASN A 70 -1.45 -6.45 8.63
CA ASN A 70 -1.54 -7.76 8.00
C ASN A 70 -1.48 -7.62 6.48
N LYS A 71 -1.27 -6.39 6.00
CA LYS A 71 -1.21 -6.13 4.57
C LYS A 71 0.24 -6.14 4.07
N TYR A 72 1.17 -6.52 4.93
CA TYR A 72 2.58 -6.55 4.54
C TYR A 72 3.28 -7.79 5.12
N HIS A 73 4.44 -8.11 4.56
CA HIS A 73 5.20 -9.26 5.04
C HIS A 73 6.61 -8.83 5.43
N ASP A 74 7.19 -9.52 6.40
CA ASP A 74 8.54 -9.19 6.86
C ASP A 74 9.59 -9.79 5.93
N LEU A 75 9.72 -9.20 4.75
CA LEU A 75 10.71 -9.67 3.78
C LEU A 75 11.37 -8.48 3.08
N GLU A 76 12.70 -8.44 3.13
CA GLU A 76 13.44 -7.36 2.50
C GLU A 76 13.66 -7.66 1.02
N ASN A 77 13.43 -6.66 0.18
CA ASN A 77 13.62 -6.83 -1.26
C ASN A 77 14.96 -6.24 -1.70
N GLY A 78 15.76 -5.83 -0.73
CA GLY A 78 17.06 -5.25 -1.03
C GLY A 78 16.92 -3.78 -1.42
N ARG A 79 15.68 -3.31 -1.40
CA ARG A 79 15.40 -1.92 -1.76
C ARG A 79 14.46 -1.29 -0.74
N LEU A 80 14.50 0.03 -0.64
CA LEU A 80 13.65 0.74 0.31
C LEU A 80 12.18 0.40 0.07
N ILE A 81 11.44 0.19 1.16
CA ILE A 81 10.04 -0.15 1.05
C ILE A 81 9.16 0.90 1.73
N VAL A 82 8.21 1.43 0.98
CA VAL A 82 7.30 2.44 1.51
C VAL A 82 5.86 1.96 1.41
N ASN A 83 5.16 1.95 2.53
CA ASN A 83 3.77 1.51 2.56
C ASN A 83 2.84 2.69 2.78
N ILE A 84 1.75 2.73 2.02
CA ILE A 84 0.80 3.83 2.14
C ILE A 84 -0.57 3.31 2.57
N LYS A 85 -1.12 3.87 3.64
CA LYS A 85 -2.41 3.44 4.15
C LYS A 85 -3.51 4.41 3.71
N ALA A 86 -4.52 3.89 3.03
CA ALA A 86 -5.62 4.72 2.57
C ALA A 86 -6.85 3.86 2.27
N SER A 87 -8.03 4.44 2.42
CA SER A 87 -9.27 3.72 2.14
C SER A 87 -9.44 3.51 0.65
N LYS A 88 -10.27 2.54 0.27
CA LYS A 88 -10.51 2.27 -1.14
C LYS A 88 -11.12 3.48 -1.82
N LEU A 89 -12.06 4.12 -1.14
CA LEU A 89 -12.72 5.30 -1.68
C LEU A 89 -11.71 6.43 -1.87
N ASN A 90 -10.79 6.56 -0.91
CA ASN A 90 -9.78 7.60 -0.98
C ASN A 90 -8.45 7.03 -1.47
N PHE A 91 -8.49 5.82 -2.01
CA PHE A 91 -7.29 5.18 -2.52
C PHE A 91 -6.63 6.03 -3.61
N VAL A 92 -7.43 6.47 -4.57
CA VAL A 92 -6.91 7.30 -5.66
C VAL A 92 -6.36 8.61 -5.12
N ASP A 93 -7.13 9.24 -4.23
CA ASP A 93 -6.75 10.51 -3.65
C ASP A 93 -5.48 10.41 -2.82
N ILE A 94 -5.33 9.31 -2.07
CA ILE A 94 -4.16 9.14 -1.22
C ILE A 94 -2.88 9.03 -2.04
N ILE A 95 -2.97 8.39 -3.20
CA ILE A 95 -1.79 8.24 -4.05
C ILE A 95 -1.50 9.53 -4.81
N GLU A 96 -2.53 10.33 -5.05
CA GLU A 96 -2.34 11.58 -5.78
C GLU A 96 -1.41 12.51 -5.00
N ASN A 97 -1.68 12.65 -3.71
CA ASN A 97 -0.86 13.52 -2.86
C ASN A 97 0.33 12.76 -2.26
N LYS A 98 0.09 11.51 -1.89
CA LYS A 98 1.15 10.69 -1.31
C LYS A 98 2.25 10.45 -2.33
N LEU A 99 1.85 10.15 -3.56
CA LEU A 99 2.82 9.92 -4.62
C LEU A 99 3.65 11.18 -4.85
N ASP A 100 2.97 12.33 -4.80
CA ASP A 100 3.63 13.60 -4.99
C ASP A 100 4.65 13.85 -3.88
N LYS A 101 4.29 13.45 -2.66
CA LYS A 101 5.16 13.64 -1.51
C LYS A 101 6.43 12.82 -1.67
N ILE A 102 6.28 11.60 -2.19
CA ILE A 102 7.42 10.73 -2.39
C ILE A 102 8.25 11.19 -3.58
N ILE A 103 7.58 11.62 -4.63
CA ILE A 103 8.27 12.10 -5.83
C ILE A 103 9.11 13.33 -5.50
N GLU A 104 8.48 14.26 -4.77
CA GLU A 104 9.17 15.48 -4.38
C GLU A 104 10.36 15.18 -3.46
N LYS A 105 10.16 14.26 -2.52
CA LYS A 105 11.22 13.88 -1.61
C LYS A 105 12.42 13.31 -2.36
N ILE A 106 12.12 12.47 -3.35
CA ILE A 106 13.16 11.85 -4.16
C ILE A 106 14.00 12.87 -4.89
N ASP A 107 13.34 13.88 -5.46
CA ASP A 107 14.07 14.89 -6.21
C ASP A 107 15.11 15.58 -5.35
N LYS A 108 14.71 16.02 -4.15
CA LYS A 108 15.66 16.68 -3.25
C LYS A 108 16.58 15.63 -2.65
N LEU A 109 16.01 14.47 -2.36
CA LEU A 109 16.76 13.38 -1.79
C LEU A 109 16.10 12.04 -2.11
N ASP A 110 16.87 11.12 -2.68
CA ASP A 110 16.34 9.81 -3.04
C ASP A 110 15.88 9.05 -1.81
N LEU A 111 14.81 8.27 -1.96
CA LEU A 111 14.28 7.48 -0.85
C LEU A 111 15.30 6.41 -0.44
N ASP A 112 16.32 6.23 -1.29
CA ASP A 112 17.35 5.24 -1.02
C ASP A 112 18.09 5.58 0.27
N LYS A 113 18.12 6.86 0.61
CA LYS A 113 18.79 7.31 1.82
C LYS A 113 18.09 6.74 3.04
N TYR A 114 16.77 6.69 2.98
CA TYR A 114 15.98 6.18 4.07
C TYR A 114 15.94 4.65 4.01
N ARG A 115 15.74 4.02 5.17
CA ARG A 115 15.68 2.56 5.22
C ARG A 115 14.25 2.09 5.47
N PHE A 116 13.47 2.94 6.15
CA PHE A 116 12.08 2.57 6.45
C PHE A 116 11.17 3.80 6.36
N ILE A 117 10.12 3.69 5.55
CA ILE A 117 9.17 4.78 5.40
C ILE A 117 7.75 4.25 5.55
N ASN A 118 6.94 5.00 6.25
CA ASN A 118 5.57 4.58 6.49
C ASN A 118 4.60 5.74 6.25
N ALA A 119 3.80 5.62 5.20
CA ALA A 119 2.83 6.65 4.86
C ALA A 119 1.54 6.44 5.66
N THR A 120 0.87 7.55 5.96
CA THR A 120 -0.37 7.48 6.73
C THR A 120 -1.47 8.28 6.01
N ASN A 121 -2.72 7.93 6.29
CA ASN A 121 -3.85 8.59 5.65
C ASN A 121 -3.58 10.09 5.45
N LEU A 122 -4.15 10.64 4.38
CA LEU A 122 -3.95 12.05 4.05
C LEU A 122 -4.16 12.93 5.27
N GLU A 123 -5.04 12.51 6.18
CA GLU A 123 -5.30 13.28 7.38
C GLU A 123 -4.04 13.29 8.25
N HIS A 124 -3.31 12.18 8.19
CA HIS A 124 -2.07 12.04 8.95
C HIS A 124 -0.87 12.38 8.07
N ASP A 125 0.28 12.59 8.71
CA ASP A 125 1.49 12.92 7.98
C ASP A 125 2.35 11.68 7.76
N ILE A 126 3.39 11.81 6.94
CA ILE A 126 4.27 10.69 6.65
C ILE A 126 5.62 10.90 7.32
N LYS A 127 6.17 9.81 7.85
CA LYS A 127 7.46 9.89 8.53
C LYS A 127 8.48 8.98 7.85
N CYS A 128 9.70 9.47 7.72
CA CYS A 128 10.77 8.70 7.08
C CYS A 128 11.98 8.59 8.00
N TYR A 129 12.66 7.44 7.94
CA TYR A 129 13.85 7.23 8.75
C TYR A 129 15.07 7.02 7.86
N TYR A 130 16.18 7.69 8.19
CA TYR A 130 17.39 7.55 7.40
C TYR A 130 17.92 6.13 7.44
N LYS A 131 17.89 5.51 8.62
CA LYS A 131 18.37 4.14 8.78
C LYS A 131 17.22 3.24 9.21
N GLY A 132 16.02 3.78 9.20
CA GLY A 132 14.83 3.03 9.61
C GLY A 132 14.58 3.25 11.10
N PHE A 133 15.57 3.81 11.77
CA PHE A 133 15.46 4.10 13.19
C PHE A 133 16.53 5.11 13.58
N LYS A 134 16.10 6.29 14.02
CA LYS A 134 17.04 7.33 14.41
C LYS A 134 16.31 8.62 14.74
N THR A 135 16.98 9.51 15.47
CA THR A 135 16.39 10.79 15.83
C THR A 135 16.22 11.66 14.59
N LYS A 136 16.88 11.26 13.51
CA LYS A 136 16.79 12.01 12.26
C LYS A 136 15.74 11.40 11.34
N LYS A 137 14.71 12.19 11.03
CA LYS A 137 13.64 11.73 10.15
C LYS A 137 13.03 12.90 9.39
N GLU A 138 12.37 12.60 8.27
CA GLU A 138 11.74 13.64 7.46
C GLU A 138 10.25 13.39 7.36
N VAL A 139 9.45 14.42 7.64
CA VAL A 139 7.99 14.30 7.56
C VAL A 139 7.39 15.51 6.87
N ILE A 140 6.36 15.26 6.06
CA ILE A 140 5.70 16.34 5.34
C ILE A 140 4.18 16.16 5.41
N MET A 1 0.07 -20.32 17.51
CA MET A 1 1.21 -19.90 16.63
C MET A 1 1.55 -18.44 16.92
N ALA A 2 2.63 -18.22 17.66
CA ALA A 2 3.07 -16.87 18.00
C ALA A 2 4.57 -16.82 18.16
N TYR A 3 5.15 -15.64 17.91
CA TYR A 3 6.59 -15.46 18.03
C TYR A 3 6.92 -14.40 19.06
N GLY A 4 7.78 -14.76 20.01
CA GLY A 4 8.16 -13.82 21.06
C GLY A 4 7.12 -13.78 22.18
N LYS A 5 6.10 -14.61 22.06
CA LYS A 5 5.04 -14.66 23.07
C LYS A 5 4.43 -13.29 23.27
N SER A 6 4.18 -12.58 22.16
CA SER A 6 3.60 -11.25 22.24
C SER A 6 2.26 -11.30 22.95
N ARG A 7 2.31 -11.27 24.28
CA ARG A 7 1.09 -11.31 25.08
C ARG A 7 0.19 -12.45 24.62
N TYR A 8 -0.59 -12.20 23.57
CA TYR A 8 -1.48 -13.23 23.03
C TYR A 8 -0.96 -13.75 21.70
N ASN A 9 -1.01 -12.91 20.67
CA ASN A 9 -0.54 -13.31 19.35
C ASN A 9 -0.16 -12.09 18.50
N SER A 10 1.13 -11.92 18.28
CA SER A 10 1.64 -10.80 17.49
C SER A 10 1.13 -10.87 16.05
N TYR A 11 1.11 -12.07 15.48
CA TYR A 11 0.67 -12.25 14.11
C TYR A 11 -0.84 -12.11 13.99
N ARG A 12 -1.52 -11.97 15.12
CA ARG A 12 -2.97 -11.83 15.11
C ARG A 12 -3.39 -10.76 14.11
N LYS A 13 -4.57 -10.93 13.52
CA LYS A 13 -5.07 -9.97 12.54
C LYS A 13 -6.60 -9.95 12.53
N ARG A 14 -7.17 -8.87 11.99
CA ARG A 14 -8.62 -8.74 11.92
C ARG A 14 -9.05 -8.31 10.51
N SER A 15 -10.24 -8.73 10.11
CA SER A 15 -10.75 -8.39 8.79
C SER A 15 -12.14 -7.74 8.90
N PHE A 16 -12.45 -6.83 7.98
CA PHE A 16 -13.73 -6.15 7.99
C PHE A 16 -14.40 -6.22 6.62
N ASN A 17 -15.73 -6.26 6.63
CA ASN A 17 -16.49 -6.33 5.38
C ASN A 17 -16.02 -7.51 4.53
N ARG A 18 -15.70 -7.22 3.27
CA ARG A 18 -15.23 -8.27 2.35
C ARG A 18 -16.41 -8.96 1.68
N SER A 19 -17.62 -8.64 2.14
CA SER A 19 -18.83 -9.25 1.59
C SER A 19 -19.34 -8.43 0.41
N ASN A 20 -18.67 -7.33 0.11
CA ASN A 20 -19.07 -6.47 -0.99
C ASN A 20 -20.48 -5.92 -0.76
N LYS A 21 -21.29 -5.93 -1.81
CA LYS A 21 -22.65 -5.42 -1.71
C LYS A 21 -23.41 -5.69 -3.01
N GLN A 22 -23.13 -4.87 -4.03
CA GLN A 22 -23.79 -5.03 -5.32
C GLN A 22 -22.74 -5.05 -6.44
N ARG A 23 -22.97 -5.87 -7.44
CA ARG A 23 -22.03 -5.98 -8.56
C ARG A 23 -21.90 -4.64 -9.27
N ARG A 24 -23.03 -3.99 -9.54
CA ARG A 24 -23.02 -2.70 -10.22
C ARG A 24 -22.42 -1.62 -9.33
N GLU A 25 -22.59 -1.78 -8.01
CA GLU A 25 -22.06 -0.79 -7.07
C GLU A 25 -20.54 -0.70 -7.18
N TYR A 26 -19.88 -1.86 -7.21
CA TYR A 26 -18.44 -1.89 -7.31
C TYR A 26 -17.99 -1.69 -8.75
N ALA A 27 -18.85 -2.09 -9.70
CA ALA A 27 -18.52 -1.95 -11.11
C ALA A 27 -18.32 -0.47 -11.47
N GLN A 28 -19.19 0.38 -10.95
CA GLN A 28 -19.09 1.81 -11.23
C GLN A 28 -17.88 2.40 -10.52
N GLU A 29 -17.54 1.82 -9.37
CA GLU A 29 -16.40 2.28 -8.60
C GLU A 29 -15.10 2.10 -9.38
N MET A 30 -15.02 0.98 -10.10
CA MET A 30 -13.82 0.69 -10.89
C MET A 30 -13.61 1.77 -11.96
N ASP A 31 -14.69 2.23 -12.56
CA ASP A 31 -14.59 3.27 -13.59
C ASP A 31 -13.94 4.52 -13.02
N ARG A 32 -14.32 4.89 -11.80
CA ARG A 32 -13.75 6.08 -11.16
C ARG A 32 -12.25 5.89 -10.93
N LEU A 33 -11.87 4.70 -10.48
CA LEU A 33 -10.46 4.42 -10.21
C LEU A 33 -9.63 4.47 -11.49
N GLU A 34 -10.14 3.86 -12.55
CA GLU A 34 -9.43 3.85 -13.82
C GLU A 34 -9.33 5.26 -14.40
N LYS A 35 -10.33 6.08 -14.08
CA LYS A 35 -10.34 7.46 -14.57
C LYS A 35 -9.11 8.21 -14.04
N ALA A 36 -8.85 8.05 -12.75
CA ALA A 36 -7.71 8.71 -12.12
C ALA A 36 -6.40 8.21 -12.72
N PHE A 37 -6.34 6.90 -12.98
CA PHE A 37 -5.14 6.30 -13.55
C PHE A 37 -4.88 6.84 -14.95
N GLU A 38 -5.95 7.08 -15.70
CA GLU A 38 -5.82 7.59 -17.05
C GLU A 38 -5.11 8.94 -17.04
N ASN A 39 -5.45 9.77 -16.05
CA ASN A 39 -4.83 11.09 -15.93
C ASN A 39 -3.68 11.05 -14.93
N LEU A 40 -3.34 9.84 -14.47
CA LEU A 40 -2.26 9.68 -13.51
C LEU A 40 -1.01 9.13 -14.19
N ASP A 41 -0.11 10.02 -14.61
CA ASP A 41 1.11 9.59 -15.27
C ASP A 41 1.97 8.78 -14.29
N GLY A 42 2.59 7.73 -14.79
CA GLY A 42 3.44 6.90 -13.94
C GLY A 42 2.62 5.89 -13.13
N TRP A 43 1.32 5.80 -13.44
CA TRP A 43 0.44 4.89 -12.73
C TRP A 43 -0.13 3.84 -13.67
N TYR A 44 -0.10 2.58 -13.26
CA TYR A 44 -0.61 1.50 -14.10
C TYR A 44 -1.38 0.47 -13.28
N LEU A 45 -2.37 -0.14 -13.91
CA LEU A 45 -3.19 -1.16 -13.25
C LEU A 45 -3.14 -2.47 -14.04
N SER A 46 -3.13 -3.60 -13.34
CA SER A 46 -3.10 -4.89 -14.01
C SER A 46 -4.32 -5.73 -13.63
N SER A 47 -4.90 -6.39 -14.62
CA SER A 47 -6.07 -7.23 -14.39
C SER A 47 -5.71 -8.48 -13.60
N MET A 48 -4.51 -9.01 -13.87
CA MET A 48 -4.05 -10.22 -13.19
C MET A 48 -3.98 -10.01 -11.68
N LYS A 49 -3.39 -8.90 -11.26
CA LYS A 49 -3.26 -8.62 -9.84
C LYS A 49 -4.02 -7.34 -9.47
N ASP A 50 -5.19 -7.16 -10.07
CA ASP A 50 -6.03 -5.99 -9.82
C ASP A 50 -5.36 -5.06 -8.81
N SER A 51 -4.28 -4.41 -9.23
CA SER A 51 -3.54 -3.51 -8.37
C SER A 51 -2.88 -2.40 -9.19
N ALA A 52 -2.68 -1.24 -8.56
CA ALA A 52 -2.06 -0.12 -9.26
C ALA A 52 -0.65 0.11 -8.73
N TYR A 53 0.25 0.51 -9.61
CA TYR A 53 1.64 0.75 -9.23
C TYR A 53 2.23 1.87 -10.08
N LYS A 54 3.32 2.46 -9.59
CA LYS A 54 3.96 3.56 -10.33
C LYS A 54 5.48 3.47 -10.18
N ASP A 55 6.18 3.92 -11.20
CA ASP A 55 7.64 3.90 -11.17
C ASP A 55 8.20 5.32 -11.17
N PHE A 56 9.05 5.61 -10.19
CA PHE A 56 9.65 6.93 -10.09
C PHE A 56 11.11 6.87 -10.53
N GLY A 57 11.58 5.67 -10.81
CA GLY A 57 12.96 5.47 -11.24
C GLY A 57 13.89 5.30 -10.05
N LYS A 58 13.35 5.54 -8.85
CA LYS A 58 14.13 5.42 -7.63
C LYS A 58 13.60 4.26 -6.78
N TYR A 59 12.28 4.15 -6.70
CA TYR A 59 11.65 3.09 -5.91
C TYR A 59 10.29 2.72 -6.51
N GLU A 60 9.81 1.53 -6.15
CA GLU A 60 8.52 1.07 -6.66
C GLU A 60 7.47 1.04 -5.56
N ILE A 61 6.31 1.62 -5.85
CA ILE A 61 5.21 1.68 -4.89
C ILE A 61 3.93 1.15 -5.53
N ARG A 62 3.16 0.37 -4.77
CA ARG A 62 1.93 -0.19 -5.29
C ARG A 62 0.78 0.00 -4.30
N LEU A 63 -0.44 -0.01 -4.82
CA LEU A 63 -1.62 0.17 -3.98
C LEU A 63 -2.50 -1.07 -4.02
N SER A 64 -3.20 -1.33 -2.92
CA SER A 64 -4.08 -2.49 -2.82
C SER A 64 -5.26 -2.19 -1.92
N ASN A 65 -6.29 -3.03 -2.01
CA ASN A 65 -7.49 -2.86 -1.19
C ASN A 65 -7.20 -3.25 0.25
N HIS A 66 -8.26 -3.48 1.01
CA HIS A 66 -8.11 -3.86 2.42
C HIS A 66 -7.28 -5.13 2.52
N SER A 67 -7.63 -6.13 1.71
CA SER A 67 -6.89 -7.38 1.72
C SER A 67 -5.80 -7.35 0.67
N ALA A 68 -4.56 -7.29 1.12
CA ALA A 68 -3.41 -7.23 0.22
C ALA A 68 -2.75 -8.60 0.11
N ASP A 69 -3.37 -9.61 0.69
CA ASP A 69 -2.81 -10.96 0.65
C ASP A 69 -2.66 -11.43 -0.79
N ASN A 70 -3.70 -11.21 -1.60
CA ASN A 70 -3.66 -11.60 -3.00
C ASN A 70 -3.00 -10.51 -3.84
N LYS A 71 -2.94 -9.31 -3.28
CA LYS A 71 -2.34 -8.18 -3.99
C LYS A 71 -0.87 -8.04 -3.62
N TYR A 72 -0.42 -8.86 -2.68
CA TYR A 72 0.97 -8.79 -2.24
C TYR A 72 1.84 -9.75 -3.04
N HIS A 73 2.88 -9.21 -3.68
CA HIS A 73 3.78 -10.02 -4.48
C HIS A 73 5.22 -9.54 -4.31
N ASP A 74 6.15 -10.48 -4.20
CA ASP A 74 7.55 -10.15 -4.03
C ASP A 74 8.19 -9.85 -5.38
N LEU A 75 8.46 -8.56 -5.63
CA LEU A 75 9.07 -8.15 -6.89
C LEU A 75 10.55 -8.51 -6.91
N GLU A 76 11.06 -8.84 -8.10
CA GLU A 76 12.47 -9.21 -8.24
C GLU A 76 13.32 -7.96 -8.46
N ASN A 77 12.68 -6.80 -8.51
CA ASN A 77 13.40 -5.55 -8.71
C ASN A 77 14.37 -5.28 -7.57
N GLY A 78 13.97 -5.69 -6.36
CA GLY A 78 14.82 -5.50 -5.19
C GLY A 78 14.67 -4.08 -4.66
N ARG A 79 13.82 -3.30 -5.32
CA ARG A 79 13.59 -1.92 -4.91
C ARG A 79 12.58 -1.86 -3.78
N LEU A 80 12.60 -0.78 -3.01
CA LEU A 80 11.67 -0.62 -1.90
C LEU A 80 10.23 -0.67 -2.41
N ILE A 81 9.42 -1.51 -1.78
CA ILE A 81 8.03 -1.67 -2.17
C ILE A 81 7.11 -1.23 -1.05
N VAL A 82 6.17 -0.33 -1.36
CA VAL A 82 5.23 0.16 -0.36
C VAL A 82 3.82 -0.33 -0.67
N ASN A 83 3.23 -1.07 0.27
CA ASN A 83 1.89 -1.59 0.09
C ASN A 83 0.88 -0.68 0.78
N ILE A 84 0.09 0.04 -0.01
CA ILE A 84 -0.89 0.96 0.55
C ILE A 84 -2.28 0.33 0.53
N LYS A 85 -2.90 0.24 1.70
CA LYS A 85 -4.24 -0.33 1.81
C LYS A 85 -5.29 0.76 1.99
N ALA A 86 -6.23 0.84 1.04
CA ALA A 86 -7.28 1.84 1.12
C ALA A 86 -8.47 1.43 0.26
N SER A 87 -9.65 1.91 0.63
CA SER A 87 -10.86 1.58 -0.12
C SER A 87 -10.85 2.26 -1.48
N LYS A 88 -11.44 1.60 -2.47
CA LYS A 88 -11.48 2.15 -3.82
C LYS A 88 -12.20 3.50 -3.83
N LEU A 89 -13.13 3.67 -2.90
CA LEU A 89 -13.87 4.91 -2.80
C LEU A 89 -12.94 6.08 -2.47
N ASN A 90 -12.02 5.84 -1.55
CA ASN A 90 -11.07 6.87 -1.13
C ASN A 90 -9.69 6.58 -1.72
N PHE A 91 -9.65 5.79 -2.78
CA PHE A 91 -8.38 5.44 -3.42
C PHE A 91 -7.65 6.71 -3.87
N VAL A 92 -8.36 7.60 -4.55
CA VAL A 92 -7.75 8.83 -5.03
C VAL A 92 -7.25 9.66 -3.86
N ASP A 93 -8.08 9.78 -2.84
CA ASP A 93 -7.73 10.55 -1.65
C ASP A 93 -6.51 9.98 -0.97
N ILE A 94 -6.42 8.64 -0.92
CA ILE A 94 -5.28 7.99 -0.29
C ILE A 94 -3.99 8.37 -1.00
N ILE A 95 -4.10 8.66 -2.28
CA ILE A 95 -2.93 9.01 -3.08
C ILE A 95 -2.27 10.27 -2.52
N GLU A 96 -3.07 11.29 -2.24
CA GLU A 96 -2.52 12.53 -1.71
C GLU A 96 -1.93 12.35 -0.31
N ASN A 97 -2.63 11.62 0.54
CA ASN A 97 -2.18 11.39 1.90
C ASN A 97 -0.96 10.46 1.97
N LYS A 98 -0.95 9.44 1.14
CA LYS A 98 0.15 8.48 1.14
C LYS A 98 1.33 8.99 0.33
N LEU A 99 1.04 9.42 -0.89
CA LEU A 99 2.08 9.91 -1.78
C LEU A 99 2.80 11.10 -1.16
N ASP A 100 2.04 11.97 -0.50
CA ASP A 100 2.63 13.14 0.15
C ASP A 100 3.60 12.72 1.24
N LYS A 101 3.25 11.66 1.97
CA LYS A 101 4.10 11.19 3.06
C LYS A 101 5.44 10.69 2.53
N ILE A 102 5.40 10.00 1.39
CA ILE A 102 6.62 9.49 0.78
C ILE A 102 7.45 10.61 0.17
N ILE A 103 6.77 11.61 -0.38
CA ILE A 103 7.46 12.74 -0.98
C ILE A 103 8.29 13.47 0.06
N GLU A 104 7.68 13.69 1.23
CA GLU A 104 8.38 14.38 2.32
C GLU A 104 9.57 13.56 2.77
N LYS A 105 9.37 12.24 2.86
CA LYS A 105 10.43 11.34 3.28
C LYS A 105 11.59 11.39 2.28
N ILE A 106 11.25 11.46 1.00
CA ILE A 106 12.27 11.52 -0.05
C ILE A 106 13.12 12.77 0.09
N ASP A 107 12.47 13.90 0.29
CA ASP A 107 13.18 15.16 0.40
C ASP A 107 14.12 15.19 1.60
N LYS A 108 13.65 14.70 2.75
CA LYS A 108 14.48 14.68 3.96
C LYS A 108 15.38 13.46 3.96
N LEU A 109 14.91 12.39 3.35
CA LEU A 109 15.67 11.15 3.28
C LEU A 109 15.31 10.40 2.00
N ASP A 110 15.98 9.28 1.77
CA ASP A 110 15.70 8.49 0.56
C ASP A 110 14.83 7.28 0.87
N LEU A 111 13.80 7.10 0.07
CA LEU A 111 12.88 5.97 0.25
C LEU A 111 13.62 4.65 0.03
N ASP A 112 14.56 4.67 -0.90
CA ASP A 112 15.34 3.48 -1.23
C ASP A 112 16.10 2.99 0.00
N LYS A 113 16.26 3.86 0.99
CA LYS A 113 16.96 3.49 2.21
C LYS A 113 16.21 2.40 2.93
N TYR A 114 14.89 2.51 2.93
CA TYR A 114 14.05 1.53 3.57
C TYR A 114 13.91 0.29 2.70
N ARG A 115 13.79 -0.88 3.33
CA ARG A 115 13.64 -2.11 2.58
C ARG A 115 12.20 -2.60 2.62
N PHE A 116 11.44 -2.16 3.62
CA PHE A 116 10.04 -2.57 3.74
C PHE A 116 9.18 -1.46 4.32
N ILE A 117 8.13 -1.13 3.58
CA ILE A 117 7.20 -0.11 4.01
C ILE A 117 5.77 -0.60 3.85
N ASN A 118 4.93 -0.28 4.81
CA ASN A 118 3.56 -0.72 4.78
C ASN A 118 2.61 0.43 5.11
N ALA A 119 1.84 0.85 4.12
CA ALA A 119 0.89 1.94 4.32
C ALA A 119 -0.39 1.42 4.95
N THR A 120 -1.00 2.24 5.79
CA THR A 120 -2.22 1.86 6.48
C THR A 120 -3.31 2.90 6.25
N ASN A 121 -4.56 2.51 6.49
CA ASN A 121 -5.68 3.41 6.30
C ASN A 121 -5.41 4.75 6.96
N LEU A 122 -6.30 5.71 6.75
CA LEU A 122 -6.13 7.05 7.32
C LEU A 122 -6.08 6.97 8.84
N GLU A 123 -6.91 6.11 9.41
CA GLU A 123 -6.95 5.96 10.86
C GLU A 123 -5.63 5.37 11.37
N HIS A 124 -5.04 4.48 10.57
CA HIS A 124 -3.77 3.85 10.95
C HIS A 124 -2.61 4.52 10.23
N ASP A 125 -1.44 4.49 10.86
CA ASP A 125 -0.24 5.09 10.29
C ASP A 125 0.64 4.03 9.63
N ILE A 126 1.63 4.46 8.88
CA ILE A 126 2.53 3.53 8.20
C ILE A 126 3.91 3.56 8.86
N LYS A 127 4.74 2.59 8.52
CA LYS A 127 6.07 2.50 9.10
C LYS A 127 7.10 2.02 8.08
N CYS A 128 8.35 2.39 8.28
CA CYS A 128 9.41 2.00 7.36
C CYS A 128 10.49 1.21 8.11
N TYR A 129 11.11 0.26 7.40
CA TYR A 129 12.17 -0.54 7.99
C TYR A 129 13.49 -0.28 7.27
N TYR A 130 14.56 -0.10 8.05
CA TYR A 130 15.87 0.18 7.49
C TYR A 130 16.31 -0.97 6.56
N LYS A 131 16.19 -2.20 7.06
CA LYS A 131 16.57 -3.37 6.27
C LYS A 131 15.36 -4.26 6.02
N GLY A 132 14.18 -3.73 6.33
CA GLY A 132 12.95 -4.48 6.15
C GLY A 132 12.61 -5.25 7.42
N PHE A 133 13.58 -5.32 8.32
CA PHE A 133 13.39 -6.02 9.59
C PHE A 133 14.46 -5.57 10.58
N LYS A 134 14.02 -4.93 11.67
CA LYS A 134 14.96 -4.46 12.68
C LYS A 134 14.25 -3.59 13.71
N THR A 135 14.91 -3.35 14.84
CA THR A 135 14.33 -2.53 15.89
C THR A 135 14.26 -1.08 15.45
N LYS A 136 15.06 -0.71 14.45
CA LYS A 136 15.06 0.66 13.96
C LYS A 136 14.07 0.82 12.80
N LYS A 137 13.08 1.69 13.02
CA LYS A 137 12.07 1.94 12.00
C LYS A 137 11.54 3.37 12.12
N GLU A 138 10.95 3.87 11.04
CA GLU A 138 10.40 5.22 11.04
C GLU A 138 8.88 5.18 10.92
N VAL A 139 8.20 6.11 11.57
CA VAL A 139 6.74 6.15 11.52
C VAL A 139 6.25 7.59 11.34
N ILE A 140 5.21 7.75 10.54
CA ILE A 140 4.65 9.07 10.28
C ILE A 140 3.32 9.24 11.01
N MET A 1 -7.14 -29.06 -6.78
CA MET A 1 -6.01 -29.80 -6.14
C MET A 1 -4.70 -29.07 -6.44
N ALA A 2 -4.82 -27.81 -6.87
CA ALA A 2 -3.64 -27.02 -7.18
C ALA A 2 -2.76 -26.85 -5.94
N TYR A 3 -3.40 -26.65 -4.79
CA TYR A 3 -2.66 -26.47 -3.55
C TYR A 3 -2.68 -27.77 -2.73
N GLY A 4 -3.25 -28.81 -3.31
CA GLY A 4 -3.32 -30.10 -2.62
C GLY A 4 -4.50 -30.14 -1.66
N LYS A 5 -5.28 -29.05 -1.64
CA LYS A 5 -6.44 -28.98 -0.76
C LYS A 5 -6.03 -29.24 0.70
N SER A 6 -4.89 -28.66 1.10
CA SER A 6 -4.39 -28.83 2.45
C SER A 6 -5.34 -28.17 3.45
N ARG A 7 -5.46 -28.78 4.63
CA ARG A 7 -6.33 -28.24 5.67
C ARG A 7 -7.49 -27.45 5.05
N TYR A 8 -7.44 -26.13 5.15
CA TYR A 8 -8.48 -25.29 4.59
C TYR A 8 -7.97 -24.50 3.39
N ASN A 9 -6.75 -24.81 2.96
CA ASN A 9 -6.16 -24.12 1.83
C ASN A 9 -5.87 -22.67 2.18
N SER A 10 -6.92 -21.86 2.21
CA SER A 10 -6.78 -20.44 2.53
C SER A 10 -6.22 -20.29 3.94
N TYR A 11 -5.33 -19.31 4.12
CA TYR A 11 -4.73 -19.07 5.42
C TYR A 11 -5.80 -18.76 6.47
N ARG A 12 -5.72 -19.45 7.60
CA ARG A 12 -6.69 -19.25 8.67
C ARG A 12 -6.25 -18.12 9.59
N LYS A 13 -7.14 -17.16 9.83
CA LYS A 13 -6.83 -16.03 10.69
C LYS A 13 -8.09 -15.50 11.35
N ARG A 14 -7.91 -14.76 12.45
CA ARG A 14 -9.05 -14.20 13.16
C ARG A 14 -9.69 -13.08 12.35
N SER A 15 -11.02 -12.96 12.45
CA SER A 15 -11.73 -11.92 11.72
C SER A 15 -12.14 -10.79 12.65
N PHE A 16 -11.73 -9.58 12.32
CA PHE A 16 -12.06 -8.41 13.14
C PHE A 16 -12.67 -7.31 12.29
N ASN A 17 -12.66 -7.50 10.97
CA ASN A 17 -13.21 -6.53 10.06
C ASN A 17 -14.69 -6.83 9.78
N ARG A 18 -15.57 -6.01 10.35
CA ARG A 18 -17.00 -6.20 10.16
C ARG A 18 -17.55 -5.19 9.17
N SER A 19 -18.17 -5.69 8.11
CA SER A 19 -18.75 -4.81 7.08
C SER A 19 -19.99 -4.10 7.63
N ASN A 20 -20.18 -2.84 7.22
CA ASN A 20 -21.33 -2.08 7.68
C ASN A 20 -21.74 -1.06 6.62
N LYS A 21 -21.98 -1.54 5.40
CA LYS A 21 -22.38 -0.66 4.30
C LYS A 21 -23.10 -1.46 3.21
N GLN A 22 -23.77 -0.75 2.31
CA GLN A 22 -24.49 -1.41 1.23
C GLN A 22 -23.53 -2.23 0.36
N ARG A 23 -23.94 -3.45 0.03
CA ARG A 23 -23.11 -4.32 -0.78
C ARG A 23 -22.98 -3.79 -2.21
N ARG A 24 -24.01 -3.10 -2.69
CA ARG A 24 -23.98 -2.56 -4.04
C ARG A 24 -22.83 -1.57 -4.19
N GLU A 25 -22.72 -0.64 -3.25
CA GLU A 25 -21.65 0.36 -3.29
C GLU A 25 -20.30 -0.32 -3.08
N TYR A 26 -20.26 -1.28 -2.17
CA TYR A 26 -19.03 -1.99 -1.87
C TYR A 26 -18.53 -2.74 -3.10
N ALA A 27 -19.42 -3.46 -3.77
CA ALA A 27 -19.07 -4.20 -4.97
C ALA A 27 -18.59 -3.27 -6.06
N GLN A 28 -19.25 -2.13 -6.21
CA GLN A 28 -18.87 -1.16 -7.23
C GLN A 28 -17.47 -0.63 -6.99
N GLU A 29 -17.14 -0.41 -5.71
CA GLU A 29 -15.82 0.10 -5.35
C GLU A 29 -14.73 -0.90 -5.73
N MET A 30 -15.00 -2.19 -5.54
CA MET A 30 -14.03 -3.22 -5.85
C MET A 30 -13.67 -3.19 -7.34
N ASP A 31 -14.68 -3.13 -8.19
CA ASP A 31 -14.45 -3.09 -9.63
C ASP A 31 -13.84 -1.74 -10.03
N ARG A 32 -14.26 -0.69 -9.35
CA ARG A 32 -13.74 0.64 -9.65
C ARG A 32 -12.23 0.71 -9.43
N LEU A 33 -11.78 0.17 -8.31
CA LEU A 33 -10.35 0.17 -8.00
C LEU A 33 -9.55 -0.65 -9.01
N GLU A 34 -10.04 -1.83 -9.36
CA GLU A 34 -9.34 -2.69 -10.30
C GLU A 34 -9.26 -2.03 -11.68
N LYS A 35 -10.30 -1.30 -12.05
CA LYS A 35 -10.30 -0.61 -13.34
C LYS A 35 -9.21 0.45 -13.38
N ALA A 36 -9.04 1.15 -12.27
CA ALA A 36 -8.02 2.20 -12.18
C ALA A 36 -6.62 1.61 -12.35
N PHE A 37 -6.40 0.46 -11.75
CA PHE A 37 -5.09 -0.20 -11.83
C PHE A 37 -4.80 -0.62 -13.27
N GLU A 38 -5.83 -1.07 -13.96
CA GLU A 38 -5.66 -1.50 -15.35
C GLU A 38 -5.19 -0.34 -16.21
N ASN A 39 -5.77 0.84 -15.97
CA ASN A 39 -5.40 2.02 -16.73
C ASN A 39 -4.30 2.80 -16.00
N LEU A 40 -3.74 2.19 -14.97
CA LEU A 40 -2.67 2.82 -14.21
C LEU A 40 -1.31 2.25 -14.59
N ASP A 41 -0.63 2.92 -15.51
CA ASP A 41 0.68 2.47 -15.95
C ASP A 41 1.69 2.51 -14.80
N GLY A 42 2.54 1.50 -14.74
CA GLY A 42 3.56 1.43 -13.69
C GLY A 42 2.98 0.87 -12.40
N TRP A 43 1.71 0.49 -12.43
CA TRP A 43 1.06 -0.07 -11.24
C TRP A 43 0.59 -1.50 -11.50
N TYR A 44 0.76 -2.35 -10.49
CA TYR A 44 0.36 -3.75 -10.61
C TYR A 44 -0.33 -4.23 -9.33
N LEU A 45 -1.26 -5.17 -9.49
CA LEU A 45 -1.98 -5.72 -8.34
C LEU A 45 -1.60 -7.18 -8.12
N SER A 46 -1.48 -7.57 -6.86
CA SER A 46 -1.12 -8.95 -6.53
C SER A 46 -2.28 -9.63 -5.80
N SER A 47 -2.66 -10.80 -6.31
CA SER A 47 -3.76 -11.56 -5.71
C SER A 47 -3.39 -12.04 -4.30
N MET A 48 -2.14 -12.48 -4.12
CA MET A 48 -1.69 -12.95 -2.82
C MET A 48 -1.83 -11.85 -1.78
N LYS A 49 -1.39 -10.65 -2.15
CA LYS A 49 -1.49 -9.51 -1.25
C LYS A 49 -2.29 -8.40 -1.93
N ASP A 50 -3.55 -8.71 -2.22
CA ASP A 50 -4.42 -7.73 -2.88
C ASP A 50 -3.95 -6.30 -2.61
N SER A 51 -3.01 -5.84 -3.42
CA SER A 51 -2.48 -4.48 -3.26
C SER A 51 -1.85 -4.00 -4.56
N ALA A 52 -1.63 -2.70 -4.66
CA ALA A 52 -1.03 -2.12 -5.85
C ALA A 52 0.31 -1.47 -5.52
N TYR A 53 1.25 -1.55 -6.45
CA TYR A 53 2.57 -0.96 -6.22
C TYR A 53 3.18 -0.49 -7.54
N LYS A 54 4.16 0.41 -7.45
CA LYS A 54 4.81 0.93 -8.64
C LYS A 54 6.29 0.53 -8.63
N ASP A 55 6.74 -0.02 -9.75
CA ASP A 55 8.13 -0.47 -9.86
C ASP A 55 9.01 0.65 -10.42
N PHE A 56 9.72 1.35 -9.53
CA PHE A 56 10.61 2.42 -9.94
C PHE A 56 11.97 1.87 -10.34
N GLY A 57 12.25 0.65 -9.88
CA GLY A 57 13.52 0.00 -10.18
C GLY A 57 14.55 0.32 -9.09
N LYS A 58 14.21 1.27 -8.23
CA LYS A 58 15.09 1.64 -7.13
C LYS A 58 14.45 1.30 -5.79
N TYR A 59 13.12 1.36 -5.76
CA TYR A 59 12.37 1.06 -4.55
C TYR A 59 10.95 0.62 -4.92
N GLU A 60 10.27 -0.04 -3.98
CA GLU A 60 8.92 -0.52 -4.22
C GLU A 60 7.92 0.19 -3.31
N ILE A 61 6.87 0.73 -3.92
CA ILE A 61 5.83 1.44 -3.15
C ILE A 61 4.46 0.87 -3.50
N ARG A 62 3.61 0.68 -2.49
CA ARG A 62 2.29 0.14 -2.73
C ARG A 62 1.25 0.84 -1.86
N LEU A 63 0.00 0.77 -2.29
CA LEU A 63 -1.10 1.40 -1.56
C LEU A 63 -2.01 0.32 -0.95
N SER A 64 -2.62 0.64 0.18
CA SER A 64 -3.49 -0.31 0.86
C SER A 64 -4.63 0.42 1.56
N ASN A 65 -5.67 -0.33 1.91
CA ASN A 65 -6.83 0.25 2.60
C ASN A 65 -6.40 0.95 3.89
N HIS A 66 -7.36 1.21 4.76
CA HIS A 66 -7.08 1.89 6.02
C HIS A 66 -6.14 1.05 6.90
N SER A 67 -6.08 -0.25 6.62
CA SER A 67 -5.21 -1.13 7.40
C SER A 67 -4.21 -1.85 6.51
N ALA A 68 -3.03 -1.27 6.37
CA ALA A 68 -1.98 -1.88 5.55
C ALA A 68 -1.21 -2.93 6.34
N ASP A 69 -1.29 -2.84 7.67
CA ASP A 69 -0.58 -3.79 8.53
C ASP A 69 -1.38 -5.09 8.66
N ASN A 70 -2.59 -5.10 8.12
CA ASN A 70 -3.45 -6.28 8.19
C ASN A 70 -2.79 -7.46 7.47
N LYS A 71 -2.17 -7.18 6.33
CA LYS A 71 -1.51 -8.22 5.54
C LYS A 71 -0.06 -7.86 5.28
N TYR A 72 0.63 -7.38 6.30
CA TYR A 72 2.03 -7.00 6.14
C TYR A 72 2.88 -8.24 5.85
N HIS A 73 3.89 -8.06 4.99
CA HIS A 73 4.78 -9.16 4.63
C HIS A 73 6.24 -8.74 4.76
N ASP A 74 7.11 -9.71 4.97
CA ASP A 74 8.54 -9.44 5.11
C ASP A 74 9.09 -8.84 3.82
N LEU A 75 10.07 -7.96 3.95
CA LEU A 75 10.68 -7.32 2.79
C LEU A 75 11.95 -8.04 2.37
N GLU A 76 11.84 -8.90 1.36
CA GLU A 76 13.00 -9.64 0.85
C GLU A 76 13.64 -8.90 -0.32
N ASN A 77 12.97 -7.86 -0.79
CA ASN A 77 13.47 -7.08 -1.92
C ASN A 77 14.76 -6.36 -1.56
N GLY A 78 14.89 -5.97 -0.30
CA GLY A 78 16.08 -5.26 0.15
C GLY A 78 16.06 -3.81 -0.33
N ARG A 79 14.86 -3.33 -0.65
CA ARG A 79 14.71 -1.96 -1.12
C ARG A 79 13.67 -1.22 -0.28
N LEU A 80 13.76 0.11 -0.27
CA LEU A 80 12.83 0.92 0.51
C LEU A 80 11.40 0.64 0.09
N ILE A 81 10.56 0.34 1.07
CA ILE A 81 9.16 0.07 0.80
C ILE A 81 8.27 1.09 1.52
N VAL A 82 7.41 1.75 0.75
CA VAL A 82 6.51 2.74 1.32
C VAL A 82 5.05 2.33 1.11
N ASN A 83 4.31 2.25 2.20
CA ASN A 83 2.90 1.87 2.13
C ASN A 83 2.01 3.05 2.46
N ILE A 84 0.97 3.25 1.67
CA ILE A 84 0.05 4.36 1.90
C ILE A 84 -1.37 3.86 2.16
N LYS A 85 -1.95 4.29 3.27
CA LYS A 85 -3.31 3.88 3.61
C LYS A 85 -4.31 4.96 3.22
N ALA A 86 -5.34 4.57 2.48
CA ALA A 86 -6.37 5.52 2.05
C ALA A 86 -7.65 4.79 1.68
N SER A 87 -8.77 5.50 1.79
CA SER A 87 -10.07 4.91 1.45
C SER A 87 -10.11 4.55 -0.03
N LYS A 88 -10.74 3.41 -0.34
CA LYS A 88 -10.84 2.96 -1.72
C LYS A 88 -11.54 4.01 -2.58
N LEU A 89 -12.43 4.77 -1.96
CA LEU A 89 -13.15 5.82 -2.68
C LEU A 89 -12.18 6.89 -3.17
N ASN A 90 -11.20 7.21 -2.32
CA ASN A 90 -10.21 8.23 -2.65
C ASN A 90 -8.87 7.57 -2.99
N PHE A 91 -8.92 6.29 -3.35
CA PHE A 91 -7.71 5.56 -3.69
C PHE A 91 -6.98 6.23 -4.86
N VAL A 92 -7.72 6.53 -5.91
CA VAL A 92 -7.12 7.18 -7.08
C VAL A 92 -6.58 8.55 -6.70
N ASP A 93 -7.36 9.30 -5.94
CA ASP A 93 -6.97 10.64 -5.52
C ASP A 93 -5.69 10.61 -4.68
N ILE A 94 -5.58 9.62 -3.80
CA ILE A 94 -4.41 9.50 -2.95
C ILE A 94 -3.14 9.39 -3.77
N ILE A 95 -3.23 8.74 -4.94
CA ILE A 95 -2.06 8.56 -5.77
C ILE A 95 -1.51 9.91 -6.23
N GLU A 96 -2.41 10.86 -6.51
CA GLU A 96 -1.97 12.17 -6.95
C GLU A 96 -1.17 12.89 -5.87
N ASN A 97 -1.70 12.87 -4.64
CA ASN A 97 -1.03 13.52 -3.52
C ASN A 97 0.21 12.76 -3.09
N LYS A 98 0.08 11.44 -2.97
CA LYS A 98 1.20 10.60 -2.54
C LYS A 98 2.32 10.64 -3.55
N LEU A 99 1.98 10.55 -4.83
CA LEU A 99 2.99 10.56 -5.86
C LEU A 99 3.82 11.83 -5.75
N ASP A 100 3.15 12.95 -5.50
CA ASP A 100 3.83 14.23 -5.34
C ASP A 100 4.76 14.18 -4.14
N LYS A 101 4.30 13.53 -3.08
CA LYS A 101 5.07 13.43 -1.85
C LYS A 101 6.35 12.65 -2.09
N ILE A 102 6.27 11.61 -2.90
CA ILE A 102 7.45 10.78 -3.18
C ILE A 102 8.37 11.47 -4.18
N ILE A 103 7.78 12.09 -5.20
CA ILE A 103 8.57 12.77 -6.22
C ILE A 103 9.38 13.91 -5.62
N GLU A 104 8.72 14.73 -4.79
CA GLU A 104 9.41 15.85 -4.15
C GLU A 104 10.50 15.37 -3.21
N LYS A 105 10.17 14.35 -2.42
CA LYS A 105 11.11 13.80 -1.45
C LYS A 105 12.31 13.18 -2.15
N ILE A 106 12.07 12.49 -3.25
CA ILE A 106 13.15 11.86 -3.99
C ILE A 106 14.08 12.90 -4.60
N ASP A 107 13.51 14.04 -4.97
CA ASP A 107 14.30 15.12 -5.56
C ASP A 107 15.36 15.63 -4.59
N LYS A 108 14.98 15.75 -3.32
CA LYS A 108 15.91 16.22 -2.31
C LYS A 108 16.92 15.14 -1.98
N LEU A 109 16.44 13.90 -1.91
CA LEU A 109 17.29 12.78 -1.60
C LEU A 109 16.68 11.48 -2.11
N ASP A 110 17.53 10.49 -2.36
CA ASP A 110 17.06 9.19 -2.85
C ASP A 110 16.23 8.49 -1.77
N LEU A 111 15.22 7.75 -2.21
CA LEU A 111 14.36 7.02 -1.28
C LEU A 111 15.16 5.98 -0.50
N ASP A 112 16.08 5.31 -1.20
CA ASP A 112 16.89 4.29 -0.56
C ASP A 112 17.56 4.83 0.70
N LYS A 113 17.52 6.14 0.86
CA LYS A 113 18.11 6.79 2.03
C LYS A 113 17.34 6.39 3.28
N TYR A 114 16.03 6.28 3.13
CA TYR A 114 15.17 5.93 4.26
C TYR A 114 14.87 4.43 4.27
N ARG A 115 15.07 3.79 5.41
CA ARG A 115 14.82 2.37 5.54
C ARG A 115 13.34 2.03 5.36
N PHE A 116 12.46 2.82 5.98
CA PHE A 116 11.02 2.55 5.89
C PHE A 116 10.19 3.83 5.99
N ILE A 117 9.23 3.94 5.09
CA ILE A 117 8.33 5.09 5.09
C ILE A 117 6.90 4.61 5.11
N ASN A 118 6.08 5.28 5.90
CA ASN A 118 4.70 4.88 6.03
C ASN A 118 3.78 6.09 5.86
N ALA A 119 3.02 6.10 4.77
CA ALA A 119 2.11 7.19 4.47
C ALA A 119 0.80 7.04 5.23
N THR A 120 0.15 8.17 5.48
CA THR A 120 -1.11 8.17 6.20
C THR A 120 -2.17 8.95 5.42
N ASN A 121 -3.43 8.73 5.76
CA ASN A 121 -4.52 9.42 5.08
C ASN A 121 -4.28 10.92 5.08
N LEU A 122 -4.76 11.61 4.04
CA LEU A 122 -4.58 13.04 3.94
C LEU A 122 -4.90 13.72 5.28
N GLU A 123 -5.81 13.12 6.03
CA GLU A 123 -6.17 13.65 7.34
C GLU A 123 -4.99 13.55 8.29
N HIS A 124 -4.22 12.49 8.14
CA HIS A 124 -3.04 12.27 8.97
C HIS A 124 -1.77 12.63 8.22
N ASP A 125 -0.67 12.77 8.95
CA ASP A 125 0.61 13.12 8.35
C ASP A 125 1.46 11.87 8.11
N ILE A 126 2.51 12.03 7.31
CA ILE A 126 3.40 10.91 7.00
C ILE A 126 4.74 11.08 7.69
N LYS A 127 5.28 9.96 8.18
CA LYS A 127 6.56 10.00 8.88
C LYS A 127 7.60 9.15 8.15
N CYS A 128 8.87 9.51 8.30
CA CYS A 128 9.95 8.78 7.65
C CYS A 128 11.09 8.54 8.63
N TYR A 129 11.53 7.29 8.71
CA TYR A 129 12.63 6.93 9.61
C TYR A 129 13.86 6.52 8.80
N TYR A 130 15.03 7.01 9.21
CA TYR A 130 16.26 6.68 8.51
C TYR A 130 16.51 5.18 8.52
N LYS A 131 16.41 4.57 9.69
CA LYS A 131 16.62 3.12 9.82
C LYS A 131 15.35 2.45 10.32
N GLY A 132 14.24 3.14 10.18
CA GLY A 132 12.94 2.62 10.63
C GLY A 132 12.66 3.11 12.05
N PHE A 133 13.72 3.54 12.72
CA PHE A 133 13.60 4.06 14.07
C PHE A 133 14.87 4.84 14.42
N LYS A 134 14.69 6.06 14.91
CA LYS A 134 15.83 6.90 15.27
C LYS A 134 15.39 8.32 15.57
N THR A 135 16.26 9.10 16.19
CA THR A 135 15.95 10.48 16.50
C THR A 135 15.85 11.31 15.23
N LYS A 136 16.49 10.82 14.17
CA LYS A 136 16.46 11.52 12.89
C LYS A 136 15.34 10.96 12.01
N LYS A 137 14.40 11.82 11.64
CA LYS A 137 13.28 11.41 10.81
C LYS A 137 12.79 12.58 9.96
N GLU A 138 12.11 12.26 8.87
CA GLU A 138 11.58 13.30 7.98
C GLU A 138 10.05 13.30 8.02
N VAL A 139 9.46 14.46 8.23
CA VAL A 139 8.01 14.58 8.30
C VAL A 139 7.51 15.74 7.45
N ILE A 140 6.40 15.53 6.78
CA ILE A 140 5.82 16.57 5.93
C ILE A 140 4.68 17.28 6.65
N MET A 1 -5.64 -23.63 13.95
CA MET A 1 -6.61 -24.26 13.01
C MET A 1 -7.92 -23.49 13.07
N ALA A 2 -8.15 -22.65 12.06
CA ALA A 2 -9.38 -21.87 11.99
C ALA A 2 -9.55 -21.04 13.26
N TYR A 3 -8.48 -20.35 13.67
CA TYR A 3 -8.53 -19.52 14.87
C TYR A 3 -8.58 -20.39 16.11
N GLY A 4 -9.78 -20.56 16.66
CA GLY A 4 -9.94 -21.38 17.86
C GLY A 4 -9.09 -20.86 19.00
N LYS A 5 -8.35 -21.76 19.65
CA LYS A 5 -7.49 -21.37 20.75
C LYS A 5 -6.17 -22.12 20.70
N SER A 6 -5.52 -22.10 19.54
CA SER A 6 -4.25 -22.79 19.37
C SER A 6 -3.19 -22.19 20.30
N ARG A 7 -2.35 -23.05 20.87
CA ARG A 7 -1.30 -22.59 21.77
C ARG A 7 -1.72 -21.28 22.43
N TYR A 8 -1.29 -20.16 21.86
CA TYR A 8 -1.63 -18.86 22.40
C TYR A 8 -2.61 -18.14 21.47
N ASN A 9 -2.58 -18.51 20.20
CA ASN A 9 -3.45 -17.90 19.20
C ASN A 9 -3.32 -16.37 19.23
N SER A 10 -2.09 -15.90 19.41
CA SER A 10 -1.84 -14.46 19.44
C SER A 10 -1.29 -13.98 18.10
N TYR A 11 -0.77 -14.91 17.31
CA TYR A 11 -0.21 -14.55 16.01
C TYR A 11 -0.43 -15.68 15.01
N ARG A 12 -0.94 -15.34 13.83
CA ARG A 12 -1.18 -16.33 12.79
C ARG A 12 -1.93 -15.72 11.61
N LYS A 13 -3.25 -15.82 11.64
CA LYS A 13 -4.07 -15.27 10.55
C LYS A 13 -5.24 -14.48 11.13
N ARG A 14 -5.42 -13.26 10.62
CA ARG A 14 -6.51 -12.41 11.10
C ARG A 14 -7.87 -13.06 10.82
N SER A 15 -8.81 -12.85 11.75
CA SER A 15 -10.14 -13.41 11.59
C SER A 15 -11.13 -12.34 11.11
N PHE A 16 -10.62 -11.16 10.83
CA PHE A 16 -11.46 -10.06 10.37
C PHE A 16 -11.98 -10.34 8.96
N ASN A 17 -13.24 -9.95 8.72
CA ASN A 17 -13.85 -10.15 7.41
C ASN A 17 -13.85 -8.85 6.61
N ARG A 18 -13.76 -8.97 5.29
CA ARG A 18 -13.75 -7.80 4.42
C ARG A 18 -14.37 -8.12 3.07
N SER A 19 -14.74 -7.08 2.34
CA SER A 19 -15.35 -7.26 1.02
C SER A 19 -16.59 -8.15 1.11
N ASN A 20 -17.39 -7.95 2.15
CA ASN A 20 -18.60 -8.74 2.35
C ASN A 20 -19.71 -8.26 1.41
N LYS A 21 -20.41 -9.19 0.79
CA LYS A 21 -21.49 -8.85 -0.12
C LYS A 21 -21.18 -7.56 -0.86
N GLN A 22 -22.22 -6.92 -1.40
CA GLN A 22 -22.04 -5.67 -2.13
C GLN A 22 -21.01 -5.85 -3.24
N ARG A 23 -21.06 -6.99 -3.93
CA ARG A 23 -20.12 -7.26 -5.01
C ARG A 23 -20.29 -6.25 -6.13
N ARG A 24 -21.54 -5.88 -6.42
CA ARG A 24 -21.81 -4.92 -7.48
C ARG A 24 -21.15 -3.59 -7.17
N GLU A 25 -21.22 -3.16 -5.92
CA GLU A 25 -20.63 -1.89 -5.52
C GLU A 25 -19.11 -1.91 -5.74
N TYR A 26 -18.49 -3.05 -5.44
CA TYR A 26 -17.05 -3.18 -5.62
C TYR A 26 -16.68 -3.09 -7.09
N ALA A 27 -17.51 -3.70 -7.94
CA ALA A 27 -17.26 -3.69 -9.38
C ALA A 27 -17.28 -2.26 -9.91
N GLN A 28 -18.24 -1.47 -9.42
CA GLN A 28 -18.35 -0.08 -9.85
C GLN A 28 -17.10 0.70 -9.47
N GLU A 29 -16.59 0.44 -8.27
CA GLU A 29 -15.40 1.13 -7.79
C GLU A 29 -14.20 0.78 -8.67
N MET A 30 -14.12 -0.48 -9.09
CA MET A 30 -13.02 -0.93 -9.93
C MET A 30 -13.00 -0.16 -11.25
N ASP A 31 -14.18 0.02 -11.85
CA ASP A 31 -14.27 0.74 -13.11
C ASP A 31 -13.78 2.17 -12.93
N ARG A 32 -14.25 2.81 -11.87
CA ARG A 32 -13.85 4.18 -11.57
C ARG A 32 -12.35 4.25 -11.33
N LEU A 33 -11.84 3.30 -10.56
CA LEU A 33 -10.41 3.26 -10.26
C LEU A 33 -9.59 3.10 -11.54
N GLU A 34 -10.04 2.20 -12.40
CA GLU A 34 -9.35 1.96 -13.67
C GLU A 34 -9.33 3.22 -14.52
N LYS A 35 -10.46 3.92 -14.54
CA LYS A 35 -10.58 5.15 -15.33
C LYS A 35 -9.55 6.18 -14.88
N ALA A 36 -9.41 6.32 -13.56
CA ALA A 36 -8.45 7.28 -13.01
C ALA A 36 -7.03 6.94 -13.45
N PHE A 37 -6.73 5.64 -13.47
CA PHE A 37 -5.41 5.18 -13.88
C PHE A 37 -5.17 5.43 -15.36
N GLU A 38 -6.23 5.35 -16.15
CA GLU A 38 -6.13 5.58 -17.58
C GLU A 38 -5.61 6.98 -17.86
N ASN A 39 -6.10 7.95 -17.10
CA ASN A 39 -5.68 9.33 -17.27
C ASN A 39 -4.59 9.70 -16.26
N LEU A 40 -4.11 8.70 -15.52
CA LEU A 40 -3.07 8.93 -14.52
C LEU A 40 -1.70 8.52 -15.06
N ASP A 41 -0.94 9.49 -15.54
CA ASP A 41 0.39 9.24 -16.07
C ASP A 41 1.34 8.78 -14.97
N GLY A 42 2.11 7.73 -15.24
CA GLY A 42 3.05 7.22 -14.26
C GLY A 42 2.44 6.11 -13.40
N TRP A 43 1.17 5.80 -13.65
CA TRP A 43 0.48 4.76 -12.89
C TRP A 43 0.04 3.62 -13.80
N TYR A 44 0.23 2.40 -13.33
CA TYR A 44 -0.16 1.23 -14.12
C TYR A 44 -0.83 0.19 -13.22
N LEU A 45 -1.76 -0.57 -13.79
CA LEU A 45 -2.47 -1.59 -13.05
C LEU A 45 -2.21 -2.98 -13.63
N SER A 46 -1.99 -3.96 -12.76
CA SER A 46 -1.75 -5.32 -13.21
C SER A 46 -2.82 -6.26 -12.66
N SER A 47 -3.41 -7.05 -13.56
CA SER A 47 -4.46 -7.99 -13.17
C SER A 47 -3.90 -9.09 -12.27
N MET A 48 -2.69 -9.53 -12.57
CA MET A 48 -2.06 -10.59 -11.78
C MET A 48 -1.90 -10.15 -10.32
N LYS A 49 -1.42 -8.93 -10.14
CA LYS A 49 -1.21 -8.39 -8.81
C LYS A 49 -2.08 -7.15 -8.60
N ASP A 50 -3.31 -7.20 -9.11
CA ASP A 50 -4.25 -6.09 -8.98
C ASP A 50 -3.70 -5.02 -8.04
N SER A 51 -2.77 -4.22 -8.55
CA SER A 51 -2.15 -3.17 -7.74
C SER A 51 -1.66 -2.01 -8.61
N ALA A 52 -1.69 -0.81 -8.05
CA ALA A 52 -1.24 0.38 -8.78
C ALA A 52 0.05 0.90 -8.18
N TYR A 53 0.95 1.37 -9.04
CA TYR A 53 2.22 1.91 -8.57
C TYR A 53 2.75 2.99 -9.50
N LYS A 54 3.66 3.82 -8.98
CA LYS A 54 4.25 4.88 -9.78
C LYS A 54 5.76 4.69 -9.88
N ASP A 55 6.28 4.74 -11.09
CA ASP A 55 7.72 4.56 -11.28
C ASP A 55 8.45 5.89 -11.33
N PHE A 56 9.48 6.02 -10.48
CA PHE A 56 10.28 7.23 -10.43
C PHE A 56 11.66 6.97 -11.02
N GLY A 57 11.99 5.69 -11.18
CA GLY A 57 13.29 5.31 -11.71
C GLY A 57 14.29 5.13 -10.58
N LYS A 58 13.92 5.57 -9.39
CA LYS A 58 14.79 5.46 -8.23
C LYS A 58 14.16 4.53 -7.18
N TYR A 59 12.83 4.52 -7.13
CA TYR A 59 12.11 3.67 -6.19
C TYR A 59 10.73 3.31 -6.73
N GLU A 60 10.13 2.28 -6.15
CA GLU A 60 8.80 1.85 -6.60
C GLU A 60 7.78 1.97 -5.47
N ILE A 61 6.65 2.60 -5.77
CA ILE A 61 5.58 2.77 -4.79
C ILE A 61 4.27 2.25 -5.35
N ARG A 62 3.51 1.53 -4.52
CA ARG A 62 2.24 0.99 -4.96
C ARG A 62 1.18 1.10 -3.86
N LEU A 63 -0.08 1.07 -4.26
CA LEU A 63 -1.19 1.15 -3.32
C LEU A 63 -1.99 -0.14 -3.33
N SER A 64 -2.58 -0.47 -2.19
CA SER A 64 -3.37 -1.69 -2.08
C SER A 64 -4.50 -1.53 -1.07
N ASN A 65 -5.46 -2.44 -1.12
CA ASN A 65 -6.62 -2.40 -0.23
C ASN A 65 -6.18 -2.39 1.23
N HIS A 66 -7.16 -2.30 2.12
CA HIS A 66 -6.90 -2.32 3.55
C HIS A 66 -6.24 -3.64 3.92
N SER A 67 -6.72 -4.72 3.30
CA SER A 67 -6.18 -6.04 3.56
C SER A 67 -4.70 -6.06 3.22
N ALA A 68 -3.91 -6.71 4.06
CA ALA A 68 -2.47 -6.79 3.85
C ALA A 68 -2.08 -8.05 3.09
N ASP A 69 -3.03 -8.61 2.33
CA ASP A 69 -2.75 -9.81 1.56
C ASP A 69 -1.61 -9.55 0.58
N ASN A 70 -1.65 -8.40 -0.07
CA ASN A 70 -0.61 -8.04 -1.03
C ASN A 70 0.45 -7.19 -0.34
N LYS A 71 0.27 -6.96 0.95
CA LYS A 71 1.21 -6.17 1.73
C LYS A 71 2.60 -6.81 1.74
N TYR A 72 2.62 -8.13 1.87
CA TYR A 72 3.89 -8.87 1.90
C TYR A 72 4.60 -8.75 0.56
N HIS A 73 5.92 -8.68 0.60
CA HIS A 73 6.73 -8.56 -0.61
C HIS A 73 7.13 -9.93 -1.14
N ASP A 74 6.55 -10.32 -2.27
CA ASP A 74 6.85 -11.61 -2.86
C ASP A 74 7.86 -11.48 -4.00
N LEU A 75 7.84 -10.34 -4.68
CA LEU A 75 8.76 -10.10 -5.80
C LEU A 75 9.33 -8.69 -5.74
N GLU A 76 10.63 -8.57 -5.99
CA GLU A 76 11.29 -7.27 -5.97
C GLU A 76 11.65 -6.83 -7.37
N ASN A 77 11.52 -5.53 -7.62
CA ASN A 77 11.84 -4.98 -8.94
C ASN A 77 13.22 -4.32 -8.92
N GLY A 78 13.97 -4.56 -7.84
CA GLY A 78 15.29 -3.98 -7.70
C GLY A 78 15.20 -2.55 -7.15
N ARG A 79 13.98 -2.14 -6.83
CA ARG A 79 13.75 -0.80 -6.29
C ARG A 79 12.99 -0.88 -4.97
N LEU A 80 13.11 0.16 -4.15
CA LEU A 80 12.44 0.18 -2.87
C LEU A 80 10.93 -0.03 -3.05
N ILE A 81 10.34 -0.80 -2.14
CA ILE A 81 8.91 -1.07 -2.21
C ILE A 81 8.15 -0.32 -1.13
N VAL A 82 7.11 0.40 -1.56
CA VAL A 82 6.29 1.16 -0.62
C VAL A 82 4.83 0.73 -0.77
N ASN A 83 4.21 0.32 0.35
CA ASN A 83 2.82 -0.11 0.30
C ASN A 83 1.92 0.93 0.97
N ILE A 84 0.89 1.36 0.25
CA ILE A 84 -0.03 2.36 0.77
C ILE A 84 -1.44 1.77 0.85
N LYS A 85 -2.05 1.88 2.03
CA LYS A 85 -3.41 1.34 2.22
C LYS A 85 -4.45 2.44 2.03
N ALA A 86 -5.45 2.16 1.19
CA ALA A 86 -6.50 3.13 0.93
C ALA A 86 -7.74 2.44 0.34
N SER A 87 -8.91 2.98 0.67
CA SER A 87 -10.16 2.42 0.16
C SER A 87 -10.32 2.76 -1.32
N LYS A 88 -11.18 2.03 -2.01
CA LYS A 88 -11.39 2.29 -3.43
C LYS A 88 -11.95 3.69 -3.65
N LEU A 89 -12.89 4.09 -2.79
CA LEU A 89 -13.50 5.42 -2.89
C LEU A 89 -12.48 6.50 -2.61
N ASN A 90 -11.63 6.28 -1.62
CA ASN A 90 -10.61 7.26 -1.25
C ASN A 90 -9.24 6.82 -1.74
N PHE A 91 -9.22 5.83 -2.62
CA PHE A 91 -7.96 5.32 -3.15
C PHE A 91 -7.18 6.42 -3.85
N VAL A 92 -7.84 7.15 -4.73
CA VAL A 92 -7.20 8.23 -5.47
C VAL A 92 -6.90 9.40 -4.53
N ASP A 93 -7.79 9.61 -3.56
CA ASP A 93 -7.61 10.70 -2.60
C ASP A 93 -6.33 10.53 -1.80
N ILE A 94 -6.03 9.30 -1.41
CA ILE A 94 -4.82 9.04 -0.63
C ILE A 94 -3.59 9.34 -1.48
N ILE A 95 -3.73 9.19 -2.78
CA ILE A 95 -2.63 9.44 -3.70
C ILE A 95 -2.17 10.89 -3.62
N GLU A 96 -3.12 11.81 -3.57
CA GLU A 96 -2.79 13.23 -3.53
C GLU A 96 -1.95 13.59 -2.31
N ASN A 97 -2.32 13.08 -1.14
CA ASN A 97 -1.58 13.38 0.09
C ASN A 97 -0.34 12.50 0.23
N LYS A 98 -0.48 11.22 -0.11
CA LYS A 98 0.64 10.28 0.00
C LYS A 98 1.75 10.66 -0.97
N LEU A 99 1.37 11.07 -2.17
CA LEU A 99 2.36 11.45 -3.17
C LEU A 99 3.14 12.66 -2.68
N ASP A 100 2.44 13.60 -2.09
CA ASP A 100 3.07 14.81 -1.55
C ASP A 100 4.04 14.45 -0.43
N LYS A 101 3.61 13.52 0.41
CA LYS A 101 4.42 13.08 1.54
C LYS A 101 5.71 12.43 1.06
N ILE A 102 5.60 11.65 -0.01
CA ILE A 102 6.75 10.95 -0.56
C ILE A 102 7.67 11.94 -1.30
N ILE A 103 7.06 12.89 -2.01
CA ILE A 103 7.83 13.88 -2.75
C ILE A 103 8.68 14.71 -1.79
N GLU A 104 8.08 15.14 -0.70
CA GLU A 104 8.78 15.95 0.29
C GLU A 104 9.93 15.13 0.89
N LYS A 105 9.65 13.87 1.18
CA LYS A 105 10.66 12.99 1.74
C LYS A 105 11.81 12.80 0.77
N ILE A 106 11.48 12.68 -0.51
CA ILE A 106 12.50 12.50 -1.54
C ILE A 106 13.45 13.68 -1.61
N ASP A 107 12.89 14.88 -1.61
CA ASP A 107 13.72 16.08 -1.70
C ASP A 107 14.62 16.21 -0.47
N LYS A 108 14.07 15.92 0.71
CA LYS A 108 14.84 16.03 1.93
C LYS A 108 15.79 14.85 2.04
N LEU A 109 15.32 13.70 1.59
CA LEU A 109 16.12 12.47 1.62
C LEU A 109 15.68 11.54 0.50
N ASP A 110 16.38 10.43 0.34
CA ASP A 110 16.04 9.47 -0.71
C ASP A 110 15.16 8.36 -0.15
N LEU A 111 14.01 8.14 -0.79
CA LEU A 111 13.07 7.10 -0.37
C LEU A 111 13.71 5.73 -0.50
N ASP A 112 14.48 5.53 -1.56
CA ASP A 112 15.13 4.25 -1.82
C ASP A 112 16.08 3.89 -0.68
N LYS A 113 16.39 4.87 0.16
CA LYS A 113 17.27 4.63 1.29
C LYS A 113 16.65 3.65 2.27
N TYR A 114 15.34 3.78 2.46
CA TYR A 114 14.63 2.90 3.36
C TYR A 114 14.47 1.53 2.74
N ARG A 115 14.91 0.49 3.45
CA ARG A 115 14.77 -0.86 2.93
C ARG A 115 13.30 -1.22 2.79
N PHE A 116 12.49 -0.80 3.77
CA PHE A 116 11.07 -1.10 3.74
C PHE A 116 10.26 0.02 4.38
N ILE A 117 9.33 0.58 3.61
CA ILE A 117 8.46 1.64 4.13
C ILE A 117 7.02 1.31 3.79
N ASN A 118 6.09 1.76 4.62
CA ASN A 118 4.69 1.47 4.39
C ASN A 118 3.78 2.59 4.91
N ALA A 119 3.06 3.21 3.98
CA ALA A 119 2.13 4.28 4.33
C ALA A 119 0.80 3.69 4.76
N THR A 120 0.05 4.43 5.56
CA THR A 120 -1.24 3.94 6.05
C THR A 120 -2.34 4.95 5.77
N ASN A 121 -3.59 4.49 5.81
CA ASN A 121 -4.73 5.35 5.57
C ASN A 121 -4.52 6.70 6.23
N LEU A 122 -5.36 7.67 5.89
CA LEU A 122 -5.23 9.00 6.46
C LEU A 122 -5.41 8.94 7.98
N GLU A 123 -6.36 8.14 8.43
CA GLU A 123 -6.60 7.98 9.86
C GLU A 123 -5.42 7.29 10.52
N HIS A 124 -4.80 6.37 9.78
CA HIS A 124 -3.65 5.63 10.29
C HIS A 124 -2.38 6.46 10.17
N ASP A 125 -1.34 6.06 10.90
CA ASP A 125 -0.07 6.77 10.88
C ASP A 125 0.91 6.07 9.93
N ILE A 126 1.87 6.82 9.42
CA ILE A 126 2.84 6.27 8.49
C ILE A 126 4.21 6.15 9.14
N LYS A 127 4.86 5.01 8.93
CA LYS A 127 6.18 4.76 9.50
C LYS A 127 7.18 4.40 8.42
N CYS A 128 8.44 4.75 8.65
CA CYS A 128 9.49 4.47 7.67
C CYS A 128 10.70 3.86 8.36
N TYR A 129 11.14 2.71 7.86
CA TYR A 129 12.31 2.03 8.43
C TYR A 129 13.50 2.14 7.47
N TYR A 130 14.62 2.62 8.00
CA TYR A 130 15.82 2.78 7.18
C TYR A 130 16.26 1.43 6.61
N LYS A 131 16.33 0.42 7.46
CA LYS A 131 16.72 -0.92 7.02
C LYS A 131 15.53 -1.87 7.10
N GLY A 132 14.36 -1.31 7.36
CA GLY A 132 13.13 -2.11 7.49
C GLY A 132 12.92 -2.48 8.95
N PHE A 133 13.97 -2.26 9.74
CA PHE A 133 13.91 -2.56 11.16
C PHE A 133 15.02 -1.80 11.87
N LYS A 134 14.65 -0.87 12.75
CA LYS A 134 15.64 -0.09 13.47
C LYS A 134 14.98 1.05 14.24
N THR A 135 15.73 1.64 15.17
CA THR A 135 15.21 2.74 15.96
C THR A 135 14.96 3.96 15.07
N LYS A 136 15.88 4.21 14.14
CA LYS A 136 15.74 5.34 13.24
C LYS A 136 14.63 5.10 12.22
N LYS A 137 13.61 5.95 12.25
CA LYS A 137 12.49 5.83 11.33
C LYS A 137 11.87 7.19 11.05
N GLU A 138 11.16 7.30 9.94
CA GLU A 138 10.51 8.56 9.58
C GLU A 138 9.00 8.39 9.60
N VAL A 139 8.32 9.24 10.35
CA VAL A 139 6.86 9.17 10.45
C VAL A 139 6.24 10.54 10.29
N ILE A 140 5.08 10.58 9.64
CA ILE A 140 4.38 11.85 9.42
C ILE A 140 2.89 11.69 9.69
N MET A 1 -26.30 -27.02 15.51
CA MET A 1 -26.80 -25.81 16.21
C MET A 1 -26.03 -25.62 17.52
N ALA A 2 -24.88 -24.95 17.43
CA ALA A 2 -24.06 -24.71 18.61
C ALA A 2 -23.30 -23.40 18.46
N TYR A 3 -22.98 -22.78 19.60
CA TYR A 3 -22.24 -21.51 19.58
C TYR A 3 -21.03 -21.60 20.51
N GLY A 4 -19.96 -20.92 20.13
CA GLY A 4 -18.74 -20.92 20.93
C GLY A 4 -19.00 -20.33 22.31
N LYS A 5 -19.80 -19.26 22.35
CA LYS A 5 -20.12 -18.61 23.62
C LYS A 5 -20.86 -19.58 24.55
N SER A 6 -21.48 -20.60 23.96
CA SER A 6 -22.22 -21.58 24.74
C SER A 6 -21.28 -22.33 25.69
N ARG A 7 -20.08 -22.65 25.21
CA ARG A 7 -19.11 -23.38 26.03
C ARG A 7 -18.33 -22.42 26.90
N TYR A 8 -19.03 -21.68 27.76
CA TYR A 8 -18.38 -20.73 28.66
C TYR A 8 -17.47 -19.79 27.87
N ASN A 9 -17.87 -19.48 26.65
CA ASN A 9 -17.09 -18.59 25.80
C ASN A 9 -15.64 -19.09 25.69
N SER A 10 -15.49 -20.40 25.58
CA SER A 10 -14.15 -20.98 25.47
C SER A 10 -13.46 -20.49 24.20
N TYR A 11 -14.22 -20.41 23.12
CA TYR A 11 -13.68 -19.95 21.85
C TYR A 11 -14.56 -18.85 21.26
N ARG A 12 -13.93 -17.85 20.64
CA ARG A 12 -14.67 -16.75 20.04
C ARG A 12 -14.00 -16.29 18.76
N LYS A 13 -13.02 -17.06 18.30
CA LYS A 13 -12.30 -16.71 17.07
C LYS A 13 -12.50 -17.78 16.01
N ARG A 14 -12.92 -17.35 14.82
CA ARG A 14 -13.14 -18.27 13.72
C ARG A 14 -12.43 -17.77 12.46
N SER A 15 -11.97 -18.71 11.63
CA SER A 15 -11.28 -18.34 10.40
C SER A 15 -12.20 -17.57 9.46
N PHE A 16 -11.70 -16.48 8.90
CA PHE A 16 -12.49 -15.66 7.97
C PHE A 16 -11.57 -14.98 6.97
N ASN A 17 -11.79 -15.25 5.68
CA ASN A 17 -10.97 -14.64 4.64
C ASN A 17 -11.75 -14.48 3.34
N ARG A 18 -12.14 -13.24 3.04
CA ARG A 18 -12.88 -12.96 1.81
C ARG A 18 -12.72 -11.50 1.41
N SER A 19 -13.01 -11.18 0.16
CA SER A 19 -12.89 -9.82 -0.31
C SER A 19 -13.85 -8.91 0.44
N ASN A 20 -14.94 -9.49 0.93
CA ASN A 20 -15.94 -8.73 1.68
C ASN A 20 -17.26 -9.48 1.72
N LYS A 21 -18.18 -9.06 0.86
CA LYS A 21 -19.50 -9.69 0.81
C LYS A 21 -20.03 -9.71 -0.63
N GLN A 22 -20.54 -10.86 -1.05
CA GLN A 22 -21.07 -11.01 -2.40
C GLN A 22 -20.04 -10.57 -3.43
N ARG A 23 -19.77 -11.44 -4.41
CA ARG A 23 -18.80 -11.14 -5.46
C ARG A 23 -19.24 -9.92 -6.25
N ARG A 24 -20.55 -9.64 -6.23
CA ARG A 24 -21.09 -8.50 -6.96
C ARG A 24 -20.46 -7.20 -6.46
N GLU A 25 -20.37 -7.07 -5.14
CA GLU A 25 -19.77 -5.88 -4.53
C GLU A 25 -18.32 -5.74 -4.94
N TYR A 26 -17.61 -6.87 -4.96
CA TYR A 26 -16.20 -6.88 -5.33
C TYR A 26 -16.01 -6.33 -6.74
N ALA A 27 -16.81 -6.83 -7.68
CA ALA A 27 -16.71 -6.39 -9.07
C ALA A 27 -16.96 -4.88 -9.17
N GLN A 28 -17.94 -4.39 -8.43
CA GLN A 28 -18.26 -2.97 -8.46
C GLN A 28 -17.09 -2.14 -7.93
N GLU A 29 -16.43 -2.65 -6.89
CA GLU A 29 -15.29 -1.97 -6.31
C GLU A 29 -14.17 -1.82 -7.33
N MET A 30 -13.93 -2.89 -8.09
CA MET A 30 -12.89 -2.88 -9.11
C MET A 30 -13.19 -1.82 -10.17
N ASP A 31 -14.46 -1.72 -10.55
CA ASP A 31 -14.86 -0.73 -11.56
C ASP A 31 -14.55 0.67 -11.08
N ARG A 32 -14.94 0.95 -9.84
CA ARG A 32 -14.70 2.26 -9.24
C ARG A 32 -13.20 2.53 -9.15
N LEU A 33 -12.45 1.51 -8.71
CA LEU A 33 -11.01 1.65 -8.56
C LEU A 33 -10.36 1.93 -9.91
N GLU A 34 -10.79 1.20 -10.94
CA GLU A 34 -10.24 1.38 -12.28
C GLU A 34 -10.52 2.79 -12.79
N LYS A 35 -11.72 3.29 -12.48
CA LYS A 35 -12.10 4.62 -12.92
C LYS A 35 -11.15 5.67 -12.35
N ALA A 36 -10.84 5.55 -11.07
CA ALA A 36 -9.94 6.49 -10.42
C ALA A 36 -8.56 6.47 -11.08
N PHE A 37 -8.09 5.27 -11.41
CA PHE A 37 -6.79 5.13 -12.05
C PHE A 37 -6.79 5.74 -13.45
N GLU A 38 -7.93 5.61 -14.13
CA GLU A 38 -8.05 6.16 -15.48
C GLU A 38 -7.83 7.67 -15.45
N ASN A 39 -8.39 8.33 -14.45
CA ASN A 39 -8.25 9.77 -14.31
C ASN A 39 -7.07 10.11 -13.40
N LEU A 40 -6.29 9.08 -13.06
CA LEU A 40 -5.14 9.27 -12.19
C LEU A 40 -3.84 9.28 -13.00
N ASP A 41 -3.48 10.46 -13.51
CA ASP A 41 -2.27 10.59 -14.30
C ASP A 41 -1.05 10.27 -13.44
N GLY A 42 -0.08 9.56 -14.04
CA GLY A 42 1.13 9.20 -13.33
C GLY A 42 0.98 7.85 -12.63
N TRP A 43 -0.23 7.32 -12.62
CA TRP A 43 -0.48 6.02 -11.98
C TRP A 43 -0.96 5.01 -13.00
N TYR A 44 -0.42 3.80 -12.92
CA TYR A 44 -0.79 2.75 -13.86
C TYR A 44 -0.96 1.42 -13.14
N LEU A 45 -1.85 0.58 -13.65
CA LEU A 45 -2.10 -0.73 -13.05
C LEU A 45 -1.81 -1.85 -14.04
N SER A 46 -1.29 -2.97 -13.53
CA SER A 46 -0.98 -4.10 -14.38
C SER A 46 -1.84 -5.30 -14.01
N SER A 47 -2.48 -5.90 -15.02
CA SER A 47 -3.33 -7.06 -14.79
C SER A 47 -2.52 -8.25 -14.29
N MET A 48 -1.31 -8.40 -14.84
CA MET A 48 -0.45 -9.50 -14.45
C MET A 48 -0.06 -9.38 -12.98
N LYS A 49 0.22 -8.16 -12.54
CA LYS A 49 0.60 -7.92 -11.16
C LYS A 49 -0.43 -7.05 -10.46
N ASP A 50 -1.71 -7.29 -10.76
CA ASP A 50 -2.80 -6.52 -10.17
C ASP A 50 -2.29 -5.57 -9.10
N SER A 51 -1.69 -4.47 -9.55
CA SER A 51 -1.14 -3.48 -8.63
C SER A 51 -1.05 -2.11 -9.30
N ALA A 52 -0.89 -1.07 -8.50
CA ALA A 52 -0.78 0.28 -9.05
C ALA A 52 0.59 0.88 -8.74
N TYR A 53 1.09 1.70 -9.64
CA TYR A 53 2.39 2.32 -9.43
C TYR A 53 2.48 3.69 -10.10
N LYS A 54 3.43 4.49 -9.64
CA LYS A 54 3.62 5.84 -10.18
C LYS A 54 5.11 6.08 -10.45
N ASP A 55 5.40 6.61 -11.64
CA ASP A 55 6.79 6.87 -12.01
C ASP A 55 7.06 8.36 -12.16
N PHE A 56 7.80 8.93 -11.22
CA PHE A 56 8.15 10.36 -11.28
C PHE A 56 9.32 10.57 -12.23
N GLY A 57 9.95 9.47 -12.63
CA GLY A 57 11.09 9.54 -13.53
C GLY A 57 12.39 9.59 -12.75
N LYS A 58 12.28 9.80 -11.43
CA LYS A 58 13.46 9.85 -10.57
C LYS A 58 13.50 8.61 -9.68
N TYR A 59 12.33 8.08 -9.38
CA TYR A 59 12.22 6.90 -8.53
C TYR A 59 10.92 6.16 -8.81
N GLU A 60 10.86 4.90 -8.42
CA GLU A 60 9.66 4.09 -8.65
C GLU A 60 8.87 3.89 -7.36
N ILE A 61 7.57 4.17 -7.42
CA ILE A 61 6.69 4.01 -6.26
C ILE A 61 5.50 3.15 -6.64
N ARG A 62 5.10 2.25 -5.75
CA ARG A 62 3.97 1.37 -6.03
C ARG A 62 3.05 1.25 -4.82
N LEU A 63 1.79 0.91 -5.09
CA LEU A 63 0.80 0.77 -4.03
C LEU A 63 0.35 -0.68 -3.90
N SER A 64 0.17 -1.13 -2.67
CA SER A 64 -0.26 -2.50 -2.41
C SER A 64 -1.10 -2.56 -1.15
N ASN A 65 -2.02 -3.53 -1.09
CA ASN A 65 -2.88 -3.68 0.06
C ASN A 65 -2.07 -3.79 1.35
N HIS A 66 -2.55 -4.60 2.29
CA HIS A 66 -1.86 -4.77 3.56
C HIS A 66 -0.46 -5.34 3.33
N SER A 67 -0.35 -6.28 2.38
CA SER A 67 0.93 -6.88 2.07
C SER A 67 1.34 -6.54 0.64
N ALA A 68 2.58 -6.08 0.48
CA ALA A 68 3.07 -5.72 -0.85
C ALA A 68 4.15 -6.69 -1.30
N ASP A 69 5.09 -6.99 -0.41
CA ASP A 69 6.17 -7.91 -0.74
C ASP A 69 5.63 -9.32 -0.97
N ASN A 70 4.67 -9.72 -0.15
CA ASN A 70 4.08 -11.05 -0.28
C ASN A 70 3.39 -11.20 -1.63
N LYS A 71 2.65 -10.18 -2.03
CA LYS A 71 1.94 -10.20 -3.31
C LYS A 71 2.93 -10.31 -4.46
N TYR A 72 3.98 -9.50 -4.40
CA TYR A 72 4.98 -9.50 -5.47
C TYR A 72 6.36 -9.22 -4.90
N HIS A 73 7.34 -10.05 -5.26
CA HIS A 73 8.69 -9.87 -4.80
C HIS A 73 9.24 -8.53 -5.29
N ASP A 74 9.86 -7.78 -4.39
CA ASP A 74 10.42 -6.48 -4.76
C ASP A 74 11.51 -6.64 -5.82
N LEU A 75 11.52 -5.71 -6.78
CA LEU A 75 12.52 -5.75 -7.85
C LEU A 75 13.45 -4.55 -7.75
N GLU A 76 14.72 -4.77 -8.06
CA GLU A 76 15.69 -3.68 -8.01
C GLU A 76 16.03 -3.20 -9.41
N ASN A 77 15.69 -1.94 -9.70
CA ASN A 77 15.96 -1.36 -11.01
C ASN A 77 17.20 -0.49 -10.98
N GLY A 78 17.94 -0.56 -9.87
CA GLY A 78 19.15 0.24 -9.73
C GLY A 78 18.79 1.69 -9.40
N ARG A 79 17.52 1.89 -9.05
CA ARG A 79 17.03 3.22 -8.71
C ARG A 79 16.30 3.18 -7.38
N LEU A 80 16.17 4.34 -6.74
CA LEU A 80 15.48 4.42 -5.46
C LEU A 80 14.07 3.86 -5.59
N ILE A 81 13.65 3.09 -4.59
CA ILE A 81 12.32 2.50 -4.61
C ILE A 81 11.59 2.77 -3.30
N VAL A 82 10.32 3.16 -3.41
CA VAL A 82 9.51 3.44 -2.23
C VAL A 82 8.27 2.55 -2.24
N ASN A 83 8.07 1.81 -1.16
CA ASN A 83 6.92 0.92 -1.05
C ASN A 83 5.82 1.59 -0.24
N ILE A 84 4.72 1.95 -0.91
CA ILE A 84 3.62 2.61 -0.25
C ILE A 84 2.41 1.68 -0.16
N LYS A 85 1.93 1.44 1.05
CA LYS A 85 0.77 0.58 1.24
C LYS A 85 -0.52 1.38 1.15
N ALA A 86 -1.50 0.82 0.46
CA ALA A 86 -2.79 1.50 0.31
C ALA A 86 -3.92 0.48 0.16
N SER A 87 -5.13 0.90 0.48
CA SER A 87 -6.29 0.01 0.38
C SER A 87 -7.03 0.23 -0.93
N LYS A 88 -7.49 -0.86 -1.54
CA LYS A 88 -8.22 -0.77 -2.79
C LYS A 88 -9.51 0.03 -2.63
N LEU A 89 -10.18 -0.17 -1.50
CA LEU A 89 -11.43 0.53 -1.23
C LEU A 89 -11.20 2.04 -1.16
N ASN A 90 -10.10 2.44 -0.54
CA ASN A 90 -9.78 3.85 -0.39
C ASN A 90 -8.37 4.15 -0.90
N PHE A 91 -8.00 3.48 -2.00
CA PHE A 91 -6.67 3.68 -2.58
C PHE A 91 -6.51 5.08 -3.14
N VAL A 92 -7.62 5.66 -3.63
CA VAL A 92 -7.56 7.00 -4.21
C VAL A 92 -7.36 8.05 -3.11
N ASP A 93 -8.10 7.89 -2.02
CA ASP A 93 -8.00 8.83 -0.91
C ASP A 93 -6.60 8.81 -0.31
N ILE A 94 -6.03 7.62 -0.17
CA ILE A 94 -4.70 7.48 0.41
C ILE A 94 -3.68 8.25 -0.43
N ILE A 95 -3.95 8.37 -1.72
CA ILE A 95 -3.03 9.09 -2.61
C ILE A 95 -2.90 10.55 -2.20
N GLU A 96 -4.03 11.18 -1.89
CA GLU A 96 -4.02 12.59 -1.50
C GLU A 96 -3.22 12.83 -0.22
N ASN A 97 -3.36 11.95 0.76
CA ASN A 97 -2.65 12.13 2.03
C ASN A 97 -1.23 11.58 1.98
N LYS A 98 -1.09 10.34 1.51
CA LYS A 98 0.23 9.73 1.42
C LYS A 98 1.12 10.45 0.44
N LEU A 99 0.56 10.85 -0.69
CA LEU A 99 1.34 11.55 -1.70
C LEU A 99 1.88 12.85 -1.14
N ASP A 100 1.06 13.54 -0.36
CA ASP A 100 1.46 14.78 0.25
C ASP A 100 2.65 14.56 1.18
N LYS A 101 2.62 13.44 1.88
CA LYS A 101 3.69 13.11 2.82
C LYS A 101 5.02 12.96 2.11
N ILE A 102 4.99 12.34 0.94
CA ILE A 102 6.21 12.12 0.17
C ILE A 102 6.65 13.40 -0.52
N ILE A 103 5.68 14.15 -1.04
CA ILE A 103 5.99 15.40 -1.72
C ILE A 103 6.66 16.38 -0.77
N GLU A 104 6.10 16.51 0.43
CA GLU A 104 6.65 17.42 1.42
C GLU A 104 8.04 16.95 1.86
N LYS A 105 8.16 15.64 2.07
CA LYS A 105 9.42 15.06 2.49
C LYS A 105 10.50 15.25 1.44
N ILE A 106 10.13 15.08 0.17
CA ILE A 106 11.08 15.22 -0.92
C ILE A 106 11.55 16.67 -1.04
N ASP A 107 10.70 17.60 -0.62
CA ASP A 107 11.04 19.01 -0.69
C ASP A 107 12.26 19.32 0.18
N LYS A 108 12.31 18.70 1.35
CA LYS A 108 13.42 18.90 2.26
C LYS A 108 14.66 18.19 1.74
N LEU A 109 14.45 17.02 1.15
CA LEU A 109 15.55 16.24 0.61
C LEU A 109 15.08 15.37 -0.55
N ASP A 110 16.04 14.80 -1.28
CA ASP A 110 15.70 13.94 -2.41
C ASP A 110 15.35 12.53 -1.94
N LEU A 111 14.39 11.91 -2.61
CA LEU A 111 13.97 10.56 -2.25
C LEU A 111 15.08 9.57 -2.56
N ASP A 112 15.89 9.88 -3.57
CA ASP A 112 16.98 9.02 -3.99
C ASP A 112 18.00 8.84 -2.87
N LYS A 113 17.97 9.76 -1.90
CA LYS A 113 18.90 9.69 -0.78
C LYS A 113 18.63 8.44 0.05
N TYR A 114 17.37 8.10 0.20
CA TYR A 114 17.00 6.93 0.98
C TYR A 114 17.16 5.67 0.12
N ARG A 115 18.03 4.76 0.54
CA ARG A 115 18.25 3.54 -0.21
C ARG A 115 16.97 2.71 -0.24
N PHE A 116 16.25 2.67 0.88
CA PHE A 116 15.01 1.91 0.95
C PHE A 116 14.04 2.54 1.96
N ILE A 117 12.87 2.91 1.47
CA ILE A 117 11.85 3.50 2.33
C ILE A 117 10.53 2.76 2.13
N ASN A 118 9.72 2.72 3.18
CA ASN A 118 8.45 2.02 3.11
C ASN A 118 7.40 2.67 4.00
N ALA A 119 6.39 3.26 3.36
CA ALA A 119 5.30 3.89 4.09
C ALA A 119 4.19 2.90 4.37
N THR A 120 3.39 3.15 5.40
CA THR A 120 2.30 2.26 5.76
C THR A 120 0.98 3.01 5.78
N ASN A 121 -0.13 2.27 5.72
CA ASN A 121 -1.45 2.87 5.73
C ASN A 121 -1.51 4.03 6.71
N LEU A 122 -2.61 4.78 6.67
CA LEU A 122 -2.77 5.92 7.55
C LEU A 122 -2.72 5.50 9.02
N GLU A 123 -3.34 4.35 9.32
CA GLU A 123 -3.34 3.84 10.69
C GLU A 123 -1.92 3.44 11.09
N HIS A 124 -1.17 2.94 10.11
CA HIS A 124 0.21 2.52 10.35
C HIS A 124 1.14 3.72 10.32
N ASP A 125 2.35 3.54 10.82
CA ASP A 125 3.34 4.62 10.85
C ASP A 125 4.29 4.51 9.66
N ILE A 126 4.96 5.60 9.33
CA ILE A 126 5.88 5.61 8.20
C ILE A 126 7.32 5.70 8.69
N LYS A 127 8.20 4.98 8.01
CA LYS A 127 9.61 4.96 8.37
C LYS A 127 10.50 5.09 7.13
N CYS A 128 11.67 5.69 7.31
CA CYS A 128 12.59 5.88 6.21
C CYS A 128 14.02 5.52 6.61
N TYR A 129 14.66 4.68 5.80
CA TYR A 129 16.03 4.27 6.09
C TYR A 129 16.99 4.87 5.07
N TYR A 130 18.07 5.49 5.56
CA TYR A 130 19.03 6.10 4.67
C TYR A 130 19.66 5.05 3.75
N LYS A 131 20.11 3.95 4.33
CA LYS A 131 20.71 2.87 3.55
C LYS A 131 19.88 1.59 3.68
N GLY A 132 18.76 1.70 4.38
CA GLY A 132 17.88 0.56 4.60
C GLY A 132 18.24 -0.13 5.90
N PHE A 133 19.42 0.20 6.41
CA PHE A 133 19.89 -0.36 7.67
C PHE A 133 21.02 0.50 8.23
N LYS A 134 20.78 1.12 9.37
CA LYS A 134 21.78 1.97 10.02
C LYS A 134 21.18 2.71 11.19
N THR A 135 22.02 3.30 12.03
CA THR A 135 21.55 4.03 13.19
C THR A 135 20.83 5.31 12.75
N LYS A 136 21.07 5.72 11.51
CA LYS A 136 20.44 6.94 10.99
C LYS A 136 19.15 6.60 10.23
N LYS A 137 18.03 7.11 10.75
CA LYS A 137 16.74 6.89 10.11
C LYS A 137 15.80 8.05 10.39
N GLU A 138 14.78 8.20 9.55
CA GLU A 138 13.82 9.29 9.72
C GLU A 138 12.40 8.73 9.78
N VAL A 139 11.64 9.13 10.79
CA VAL A 139 10.28 8.65 10.94
C VAL A 139 9.35 9.79 11.35
N ILE A 140 8.13 9.78 10.82
CA ILE A 140 7.16 10.81 11.14
C ILE A 140 6.01 10.23 11.97
N MET A 1 -6.10 -30.69 23.53
CA MET A 1 -5.57 -29.69 24.49
C MET A 1 -6.33 -28.37 24.32
N ALA A 2 -7.02 -27.94 25.37
CA ALA A 2 -7.77 -26.70 25.33
C ALA A 2 -6.84 -25.52 25.07
N TYR A 3 -5.67 -25.54 25.69
CA TYR A 3 -4.70 -24.47 25.52
C TYR A 3 -4.21 -24.41 24.07
N GLY A 4 -4.02 -25.58 23.48
CA GLY A 4 -3.56 -25.65 22.09
C GLY A 4 -4.55 -24.98 21.15
N LYS A 5 -5.84 -25.19 21.39
CA LYS A 5 -6.86 -24.59 20.56
C LYS A 5 -6.78 -23.07 20.60
N SER A 6 -6.60 -22.53 21.80
CA SER A 6 -6.50 -21.08 21.96
C SER A 6 -5.27 -20.54 21.22
N ARG A 7 -4.18 -21.29 21.28
CA ARG A 7 -2.96 -20.87 20.62
C ARG A 7 -3.18 -20.76 19.11
N TYR A 8 -3.92 -21.73 18.58
CA TYR A 8 -4.23 -21.72 17.15
C TYR A 8 -5.73 -21.67 16.97
N ASN A 9 -6.23 -20.51 16.54
CA ASN A 9 -7.66 -20.34 16.34
C ASN A 9 -8.03 -20.58 14.89
N SER A 10 -9.07 -21.37 14.66
CA SER A 10 -9.51 -21.67 13.30
C SER A 10 -9.97 -20.40 12.60
N TYR A 11 -10.67 -19.54 13.33
CA TYR A 11 -11.15 -18.28 12.77
C TYR A 11 -9.99 -17.40 12.31
N ARG A 12 -10.08 -16.90 11.08
CA ARG A 12 -9.04 -16.05 10.54
C ARG A 12 -9.39 -15.59 9.12
N LYS A 13 -9.72 -16.55 8.26
CA LYS A 13 -10.09 -16.24 6.88
C LYS A 13 -11.60 -16.25 6.70
N ARG A 14 -12.32 -16.47 7.80
CA ARG A 14 -13.78 -16.51 7.76
C ARG A 14 -14.34 -15.18 7.30
N SER A 15 -13.73 -14.09 7.76
CA SER A 15 -14.18 -12.75 7.39
C SER A 15 -13.99 -12.53 5.88
N PHE A 16 -14.88 -11.73 5.30
CA PHE A 16 -14.80 -11.45 3.87
C PHE A 16 -14.21 -10.05 3.63
N ASN A 17 -13.32 -9.96 2.65
CA ASN A 17 -12.68 -8.69 2.32
C ASN A 17 -13.33 -8.06 1.09
N ARG A 18 -14.52 -8.52 0.75
CA ARG A 18 -15.23 -7.99 -0.42
C ARG A 18 -16.73 -8.14 -0.25
N SER A 19 -17.48 -7.36 -1.02
CA SER A 19 -18.94 -7.41 -0.95
C SER A 19 -19.41 -7.37 0.50
N ASN A 20 -18.85 -6.44 1.26
CA ASN A 20 -19.22 -6.30 2.67
C ASN A 20 -20.70 -5.96 2.80
N LYS A 21 -21.18 -5.07 1.94
CA LYS A 21 -22.59 -4.67 2.00
C LYS A 21 -23.31 -5.08 0.71
N GLN A 22 -22.91 -4.49 -0.41
CA GLN A 22 -23.54 -4.81 -1.68
C GLN A 22 -22.49 -4.99 -2.78
N ARG A 23 -22.74 -5.95 -3.68
CA ARG A 23 -21.82 -6.20 -4.78
C ARG A 23 -21.73 -5.00 -5.70
N ARG A 24 -22.87 -4.34 -5.93
CA ARG A 24 -22.92 -3.18 -6.81
C ARG A 24 -22.05 -2.05 -6.26
N GLU A 25 -22.05 -1.88 -4.94
CA GLU A 25 -21.25 -0.82 -4.32
C GLU A 25 -19.78 -1.01 -4.65
N TYR A 26 -19.31 -2.25 -4.54
CA TYR A 26 -17.91 -2.55 -4.83
C TYR A 26 -17.63 -2.38 -6.32
N ALA A 27 -18.61 -2.73 -7.14
CA ALA A 27 -18.46 -2.60 -8.59
C ALA A 27 -18.23 -1.14 -8.97
N GLN A 28 -18.94 -0.24 -8.30
CA GLN A 28 -18.80 1.19 -8.57
C GLN A 28 -17.38 1.65 -8.24
N GLU A 29 -16.85 1.13 -7.14
CA GLU A 29 -15.50 1.49 -6.72
C GLU A 29 -14.49 1.08 -7.78
N MET A 30 -14.70 -0.10 -8.36
CA MET A 30 -13.80 -0.60 -9.39
C MET A 30 -13.77 0.34 -10.58
N ASP A 31 -14.95 0.80 -11.00
CA ASP A 31 -15.05 1.71 -12.13
C ASP A 31 -14.29 3.00 -11.83
N ARG A 32 -14.41 3.47 -10.59
CA ARG A 32 -13.73 4.69 -10.19
C ARG A 32 -12.22 4.52 -10.28
N LEU A 33 -11.74 3.34 -9.91
CA LEU A 33 -10.31 3.05 -9.97
C LEU A 33 -9.80 3.15 -11.40
N GLU A 34 -10.61 2.67 -12.34
CA GLU A 34 -10.24 2.72 -13.74
C GLU A 34 -10.08 4.16 -14.20
N LYS A 35 -10.97 5.03 -13.74
CA LYS A 35 -10.92 6.44 -14.11
C LYS A 35 -9.62 7.06 -13.60
N ALA A 36 -9.21 6.68 -12.40
CA ALA A 36 -7.99 7.20 -11.81
C ALA A 36 -6.79 6.82 -12.68
N PHE A 37 -6.81 5.60 -13.19
CA PHE A 37 -5.71 5.11 -14.04
C PHE A 37 -5.53 5.99 -15.26
N GLU A 38 -6.63 6.29 -15.95
CA GLU A 38 -6.57 7.11 -17.14
C GLU A 38 -6.04 8.52 -16.83
N ASN A 39 -6.44 9.05 -15.68
CA ASN A 39 -6.01 10.40 -15.29
C ASN A 39 -4.77 10.37 -14.40
N LEU A 40 -4.19 9.18 -14.21
CA LEU A 40 -3.00 9.09 -13.37
C LEU A 40 -1.79 8.66 -14.20
N ASP A 41 -0.92 9.61 -14.50
CA ASP A 41 0.28 9.33 -15.29
C ASP A 41 1.25 8.46 -14.49
N GLY A 42 1.69 7.37 -15.09
CA GLY A 42 2.64 6.47 -14.42
C GLY A 42 1.95 5.54 -13.43
N TRP A 43 0.64 5.42 -13.53
CA TRP A 43 -0.11 4.55 -12.62
C TRP A 43 -0.80 3.43 -13.39
N TYR A 44 -0.76 2.22 -12.84
CA TYR A 44 -1.39 1.08 -13.48
C TYR A 44 -2.13 0.23 -12.45
N LEU A 45 -3.27 -0.34 -12.85
CA LEU A 45 -4.05 -1.17 -11.94
C LEU A 45 -4.22 -2.57 -12.50
N SER A 46 -4.04 -3.57 -11.64
CA SER A 46 -4.19 -4.95 -12.06
C SER A 46 -5.28 -5.65 -11.26
N SER A 47 -6.11 -6.42 -11.95
CA SER A 47 -7.20 -7.14 -11.30
C SER A 47 -6.65 -8.26 -10.41
N MET A 48 -5.59 -8.91 -10.87
CA MET A 48 -4.99 -10.01 -10.11
C MET A 48 -4.49 -9.52 -8.76
N LYS A 49 -3.81 -8.38 -8.76
CA LYS A 49 -3.28 -7.82 -7.51
C LYS A 49 -3.94 -6.48 -7.21
N ASP A 50 -5.24 -6.39 -7.48
CA ASP A 50 -6.00 -5.17 -7.24
C ASP A 50 -5.14 -4.12 -6.55
N SER A 51 -4.24 -3.50 -7.30
CA SER A 51 -3.35 -2.49 -6.75
C SER A 51 -2.87 -1.53 -7.83
N ALA A 52 -2.27 -0.42 -7.41
CA ALA A 52 -1.77 0.57 -8.35
C ALA A 52 -0.25 0.56 -8.38
N TYR A 53 0.31 0.60 -9.59
CA TYR A 53 1.75 0.58 -9.76
C TYR A 53 2.26 1.93 -10.25
N LYS A 54 3.36 2.41 -9.67
CA LYS A 54 3.93 3.69 -10.08
C LYS A 54 5.43 3.57 -10.29
N ASP A 55 5.87 3.86 -11.51
CA ASP A 55 7.29 3.77 -11.84
C ASP A 55 7.91 5.16 -11.92
N PHE A 56 8.94 5.40 -11.11
CA PHE A 56 9.62 6.69 -11.10
C PHE A 56 11.04 6.54 -11.63
N GLY A 57 11.50 5.29 -11.72
CA GLY A 57 12.84 5.01 -12.19
C GLY A 57 13.82 4.99 -11.02
N LYS A 58 13.35 5.44 -9.87
CA LYS A 58 14.17 5.46 -8.67
C LYS A 58 13.63 4.46 -7.64
N TYR A 59 12.30 4.43 -7.52
CA TYR A 59 11.64 3.52 -6.58
C TYR A 59 10.23 3.20 -7.07
N GLU A 60 9.68 2.11 -6.55
CA GLU A 60 8.33 1.70 -6.94
C GLU A 60 7.36 1.76 -5.75
N ILE A 61 6.21 2.37 -5.98
CA ILE A 61 5.20 2.50 -4.93
C ILE A 61 3.86 1.97 -5.43
N ARG A 62 3.17 1.22 -4.58
CA ARG A 62 1.88 0.66 -4.96
C ARG A 62 0.90 0.72 -3.80
N LEU A 63 -0.40 0.66 -4.11
CA LEU A 63 -1.43 0.70 -3.09
C LEU A 63 -2.15 -0.64 -2.97
N SER A 64 -2.58 -0.96 -1.76
CA SER A 64 -3.29 -2.21 -1.52
C SER A 64 -4.33 -2.02 -0.42
N ASN A 65 -5.43 -2.75 -0.52
CA ASN A 65 -6.49 -2.65 0.49
C ASN A 65 -5.91 -2.93 1.87
N HIS A 66 -6.73 -3.48 2.75
CA HIS A 66 -6.28 -3.79 4.10
C HIS A 66 -5.12 -4.77 4.05
N SER A 67 -5.27 -5.82 3.24
CA SER A 67 -4.22 -6.82 3.10
C SER A 67 -3.09 -6.29 2.20
N ALA A 68 -1.85 -6.43 2.68
CA ALA A 68 -0.70 -5.96 1.91
C ALA A 68 0.16 -7.15 1.48
N ASP A 69 -0.45 -8.31 1.41
CA ASP A 69 0.26 -9.53 1.01
C ASP A 69 0.72 -9.44 -0.44
N ASN A 70 0.04 -8.59 -1.21
CA ASN A 70 0.36 -8.43 -2.62
C ASN A 70 1.59 -7.54 -2.80
N LYS A 71 2.15 -7.06 -1.70
CA LYS A 71 3.33 -6.21 -1.78
C LYS A 71 4.61 -7.00 -1.52
N TYR A 72 4.49 -8.32 -1.45
CA TYR A 72 5.65 -9.16 -1.20
C TYR A 72 6.62 -9.08 -2.38
N HIS A 73 7.92 -9.07 -2.08
CA HIS A 73 8.92 -8.99 -3.13
C HIS A 73 9.95 -10.10 -2.98
N ASP A 74 10.16 -10.87 -4.04
CA ASP A 74 11.13 -11.95 -4.01
C ASP A 74 12.30 -11.66 -4.95
N LEU A 75 12.30 -10.45 -5.51
CA LEU A 75 13.35 -10.04 -6.42
C LEU A 75 13.76 -8.60 -6.16
N GLU A 76 15.05 -8.37 -5.96
CA GLU A 76 15.55 -7.03 -5.70
C GLU A 76 15.75 -6.28 -7.01
N ASN A 77 15.23 -5.06 -7.09
CA ASN A 77 15.36 -4.26 -8.30
C ASN A 77 16.47 -3.23 -8.14
N GLY A 78 17.17 -3.28 -7.01
CA GLY A 78 18.27 -2.35 -6.75
C GLY A 78 17.72 -0.97 -6.37
N ARG A 79 16.43 -0.93 -6.06
CA ARG A 79 15.79 0.32 -5.67
C ARG A 79 14.90 0.12 -4.45
N LEU A 80 14.58 1.23 -3.77
CA LEU A 80 13.75 1.17 -2.58
C LEU A 80 12.28 0.98 -2.96
N ILE A 81 11.56 0.26 -2.11
CA ILE A 81 10.14 0.00 -2.35
C ILE A 81 9.27 0.57 -1.23
N VAL A 82 8.25 1.33 -1.61
CA VAL A 82 7.36 1.92 -0.62
C VAL A 82 5.99 1.26 -0.67
N ASN A 83 5.54 0.72 0.47
CA ASN A 83 4.25 0.06 0.53
C ASN A 83 3.23 0.92 1.26
N ILE A 84 2.15 1.27 0.57
CA ILE A 84 1.10 2.10 1.17
C ILE A 84 -0.22 1.35 1.17
N LYS A 85 -0.83 1.23 2.35
CA LYS A 85 -2.10 0.54 2.47
C LYS A 85 -3.26 1.52 2.58
N ALA A 86 -4.28 1.32 1.76
CA ALA A 86 -5.45 2.21 1.77
C ALA A 86 -6.65 1.52 1.16
N SER A 87 -7.85 1.92 1.58
CA SER A 87 -9.08 1.34 1.06
C SER A 87 -9.23 1.68 -0.42
N LYS A 88 -9.69 0.70 -1.20
CA LYS A 88 -9.87 0.92 -2.64
C LYS A 88 -10.89 2.02 -2.89
N LEU A 89 -11.82 2.18 -1.96
CA LEU A 89 -12.85 3.21 -2.08
C LEU A 89 -12.22 4.60 -2.07
N ASN A 90 -11.21 4.78 -1.21
CA ASN A 90 -10.53 6.06 -1.09
C ASN A 90 -9.18 6.00 -1.80
N PHE A 91 -9.04 5.09 -2.74
CA PHE A 91 -7.78 4.94 -3.48
C PHE A 91 -7.41 6.24 -4.19
N VAL A 92 -8.36 6.82 -4.91
CA VAL A 92 -8.11 8.06 -5.64
C VAL A 92 -7.75 9.18 -4.66
N ASP A 93 -8.53 9.29 -3.61
CA ASP A 93 -8.32 10.33 -2.61
C ASP A 93 -6.97 10.18 -1.92
N ILE A 94 -6.59 8.93 -1.63
CA ILE A 94 -5.32 8.66 -0.96
C ILE A 94 -4.14 9.09 -1.83
N ILE A 95 -4.31 9.03 -3.14
CA ILE A 95 -3.22 9.38 -4.04
C ILE A 95 -2.83 10.86 -3.87
N GLU A 96 -3.81 11.72 -3.64
CA GLU A 96 -3.50 13.14 -3.48
C GLU A 96 -2.67 13.38 -2.21
N ASN A 97 -3.06 12.74 -1.12
CA ASN A 97 -2.33 12.90 0.14
C ASN A 97 -1.01 12.14 0.13
N LYS A 98 -1.05 10.91 -0.36
CA LYS A 98 0.14 10.07 -0.41
C LYS A 98 1.19 10.67 -1.34
N LEU A 99 0.75 11.14 -2.50
CA LEU A 99 1.67 11.73 -3.45
C LEU A 99 2.44 12.87 -2.80
N ASP A 100 1.73 13.65 -1.99
CA ASP A 100 2.35 14.77 -1.30
C ASP A 100 3.43 14.28 -0.33
N LYS A 101 3.16 13.15 0.31
CA LYS A 101 4.08 12.58 1.28
C LYS A 101 5.41 12.23 0.63
N ILE A 102 5.33 11.61 -0.54
CA ILE A 102 6.53 11.20 -1.24
C ILE A 102 7.22 12.39 -1.87
N ILE A 103 6.44 13.29 -2.45
CA ILE A 103 7.00 14.47 -3.08
C ILE A 103 7.74 15.33 -2.06
N GLU A 104 7.12 15.53 -0.89
CA GLU A 104 7.75 16.33 0.16
C GLU A 104 9.01 15.67 0.66
N LYS A 105 8.95 14.36 0.89
CA LYS A 105 10.10 13.62 1.37
C LYS A 105 11.25 13.65 0.36
N ILE A 106 10.90 13.50 -0.91
CA ILE A 106 11.91 13.49 -1.97
C ILE A 106 12.49 14.89 -2.15
N ASP A 107 11.68 15.90 -1.94
CA ASP A 107 12.13 17.28 -2.09
C ASP A 107 13.25 17.61 -1.11
N LYS A 108 13.13 17.12 0.12
CA LYS A 108 14.16 17.38 1.12
C LYS A 108 15.26 16.33 1.04
N LEU A 109 14.87 15.10 0.76
CA LEU A 109 15.82 14.00 0.65
C LEU A 109 15.26 12.88 -0.20
N ASP A 110 16.14 12.22 -0.96
CA ASP A 110 15.72 11.12 -1.82
C ASP A 110 15.29 9.91 -1.01
N LEU A 111 14.34 9.15 -1.55
CA LEU A 111 13.85 7.95 -0.88
C LEU A 111 14.90 6.86 -0.89
N ASP A 112 15.94 7.08 -1.69
CA ASP A 112 17.04 6.12 -1.80
C ASP A 112 17.71 5.89 -0.45
N LYS A 113 17.76 6.95 0.36
CA LYS A 113 18.40 6.87 1.67
C LYS A 113 17.62 5.93 2.58
N TYR A 114 16.35 5.72 2.25
CA TYR A 114 15.52 4.83 3.06
C TYR A 114 15.46 3.44 2.44
N ARG A 115 16.06 2.47 3.12
CA ARG A 115 16.07 1.10 2.62
C ARG A 115 14.64 0.55 2.56
N PHE A 116 13.86 0.83 3.60
CA PHE A 116 12.48 0.36 3.65
C PHE A 116 11.53 1.51 3.98
N ILE A 117 10.52 1.68 3.14
CA ILE A 117 9.53 2.73 3.34
C ILE A 117 8.14 2.14 3.30
N ASN A 118 7.31 2.49 4.26
CA ASN A 118 5.97 1.95 4.31
C ASN A 118 4.97 2.96 4.85
N ALA A 119 4.08 3.41 3.98
CA ALA A 119 3.05 4.37 4.36
C ALA A 119 1.88 3.67 5.03
N THR A 120 1.18 4.40 5.90
CA THR A 120 0.04 3.82 6.62
C THR A 120 -1.21 4.65 6.35
N ASN A 121 -2.37 4.06 6.61
CA ASN A 121 -3.63 4.75 6.40
C ASN A 121 -3.52 6.20 6.84
N LEU A 122 -4.54 7.00 6.53
CA LEU A 122 -4.52 8.40 6.91
C LEU A 122 -4.43 8.54 8.43
N GLU A 123 -5.16 7.69 9.14
CA GLU A 123 -5.14 7.72 10.60
C GLU A 123 -3.76 7.31 11.11
N HIS A 124 -3.12 6.38 10.40
CA HIS A 124 -1.80 5.89 10.78
C HIS A 124 -0.70 6.76 10.17
N ASP A 125 0.48 6.71 10.78
CA ASP A 125 1.61 7.49 10.29
C ASP A 125 2.54 6.63 9.43
N ILE A 126 3.48 7.27 8.75
CA ILE A 126 4.41 6.54 7.89
C ILE A 126 5.80 6.52 8.52
N LYS A 127 6.41 5.34 8.54
CA LYS A 127 7.72 5.18 9.12
C LYS A 127 8.66 4.48 8.15
N CYS A 128 9.94 4.87 8.17
CA CYS A 128 10.92 4.27 7.28
C CYS A 128 12.22 3.97 8.03
N TYR A 129 13.07 3.15 7.44
CA TYR A 129 14.34 2.80 8.06
C TYR A 129 15.50 3.27 7.17
N TYR A 130 16.55 3.77 7.80
CA TYR A 130 17.72 4.26 7.06
C TYR A 130 18.34 3.13 6.24
N LYS A 131 18.56 1.99 6.88
CA LYS A 131 19.15 0.84 6.20
C LYS A 131 18.19 -0.34 6.21
N GLY A 132 16.94 -0.07 6.59
CA GLY A 132 15.92 -1.11 6.65
C GLY A 132 15.85 -1.68 8.06
N PHE A 133 16.87 -1.39 8.86
CA PHE A 133 16.91 -1.86 10.23
C PHE A 133 17.93 -1.04 11.02
N LYS A 134 17.45 -0.30 12.01
CA LYS A 134 18.33 0.52 12.83
C LYS A 134 17.52 1.37 13.80
N THR A 135 18.17 1.82 14.86
CA THR A 135 17.49 2.65 15.86
C THR A 135 17.14 4.02 15.27
N LYS A 136 17.62 4.28 14.06
CA LYS A 136 17.33 5.56 13.41
C LYS A 136 16.23 5.39 12.36
N LYS A 137 15.15 6.13 12.53
CA LYS A 137 14.03 6.08 11.60
C LYS A 137 13.30 7.41 11.56
N GLU A 138 12.56 7.66 10.48
CA GLU A 138 11.82 8.90 10.34
C GLU A 138 10.34 8.62 10.11
N VAL A 139 9.49 9.46 10.68
CA VAL A 139 8.05 9.30 10.52
C VAL A 139 7.36 10.65 10.36
N ILE A 140 6.35 10.70 9.49
CA ILE A 140 5.62 11.93 9.25
C ILE A 140 4.13 11.66 9.19
N MET A 1 -21.38 -21.96 14.82
CA MET A 1 -20.70 -21.86 13.50
C MET A 1 -19.22 -22.17 13.66
N ALA A 2 -18.46 -21.20 14.16
CA ALA A 2 -17.03 -21.38 14.35
C ALA A 2 -16.77 -22.51 15.35
N TYR A 3 -17.59 -22.57 16.39
CA TYR A 3 -17.43 -23.60 17.41
C TYR A 3 -17.65 -24.99 16.81
N GLY A 4 -16.73 -25.90 17.10
CA GLY A 4 -16.82 -27.26 16.58
C GLY A 4 -16.10 -27.38 15.24
N LYS A 5 -15.66 -26.24 14.71
CA LYS A 5 -14.96 -26.23 13.43
C LYS A 5 -13.76 -25.28 13.49
N SER A 6 -13.51 -24.73 14.67
CA SER A 6 -12.40 -23.80 14.84
C SER A 6 -11.07 -24.50 14.54
N ARG A 7 -10.91 -25.71 15.05
CA ARG A 7 -9.68 -26.47 14.82
C ARG A 7 -9.51 -26.75 13.34
N TYR A 8 -10.61 -27.10 12.67
CA TYR A 8 -10.56 -27.40 11.24
C TYR A 8 -10.23 -26.13 10.46
N ASN A 9 -10.76 -25.00 10.93
CA ASN A 9 -10.52 -23.72 10.28
C ASN A 9 -10.16 -23.92 8.81
N SER A 10 -10.90 -24.81 8.14
CA SER A 10 -10.65 -25.09 6.73
C SER A 10 -10.96 -23.87 5.87
N TYR A 11 -10.11 -23.62 4.87
CA TYR A 11 -10.29 -22.48 3.98
C TYR A 11 -10.37 -21.18 4.78
N ARG A 12 -9.67 -21.13 5.90
CA ARG A 12 -9.67 -19.93 6.73
C ARG A 12 -8.81 -18.86 6.09
N LYS A 13 -9.36 -17.66 5.93
CA LYS A 13 -8.61 -16.57 5.31
C LYS A 13 -8.25 -15.50 6.34
N ARG A 14 -6.97 -15.43 6.67
CA ARG A 14 -6.47 -14.44 7.64
C ARG A 14 -7.51 -14.18 8.73
N SER A 15 -7.31 -13.08 9.46
CA SER A 15 -8.23 -12.71 10.53
C SER A 15 -9.62 -12.40 9.96
N PHE A 16 -9.64 -11.73 8.82
CA PHE A 16 -10.90 -11.38 8.17
C PHE A 16 -10.71 -11.30 6.65
N ASN A 17 -11.82 -11.39 5.92
CA ASN A 17 -11.75 -11.33 4.46
C ASN A 17 -11.66 -9.89 3.98
N ARG A 18 -11.37 -9.71 2.69
CA ARG A 18 -11.24 -8.37 2.12
C ARG A 18 -12.58 -7.64 2.17
N SER A 19 -13.66 -8.35 1.87
CA SER A 19 -14.99 -7.74 1.87
C SER A 19 -16.07 -8.80 1.99
N ASN A 20 -17.28 -8.38 2.34
CA ASN A 20 -18.39 -9.31 2.48
C ASN A 20 -19.65 -8.59 2.98
N LYS A 21 -19.51 -7.32 3.35
CA LYS A 21 -20.64 -6.55 3.85
C LYS A 21 -21.73 -6.47 2.80
N GLN A 22 -21.33 -6.16 1.56
CA GLN A 22 -22.29 -6.05 0.47
C GLN A 22 -21.62 -6.40 -0.86
N ARG A 23 -22.24 -7.33 -1.59
CA ARG A 23 -21.69 -7.74 -2.88
C ARG A 23 -21.65 -6.56 -3.85
N ARG A 24 -22.72 -5.79 -3.89
CA ARG A 24 -22.81 -4.64 -4.77
C ARG A 24 -21.71 -3.62 -4.46
N GLU A 25 -21.51 -3.36 -3.17
CA GLU A 25 -20.50 -2.39 -2.74
C GLU A 25 -19.12 -2.86 -3.17
N TYR A 26 -18.85 -4.15 -3.05
CA TYR A 26 -17.55 -4.69 -3.43
C TYR A 26 -17.28 -4.43 -4.91
N ALA A 27 -18.25 -4.77 -5.75
CA ALA A 27 -18.12 -4.56 -7.19
C ALA A 27 -17.94 -3.08 -7.51
N GLN A 28 -18.71 -2.23 -6.82
CA GLN A 28 -18.64 -0.80 -7.04
C GLN A 28 -17.27 -0.26 -6.70
N GLU A 29 -16.69 -0.74 -5.60
CA GLU A 29 -15.37 -0.30 -5.18
C GLU A 29 -14.32 -0.68 -6.22
N MET A 30 -14.45 -1.88 -6.78
CA MET A 30 -13.50 -2.34 -7.78
C MET A 30 -13.56 -1.45 -9.03
N ASP A 31 -14.77 -1.08 -9.42
CA ASP A 31 -14.95 -0.23 -10.59
C ASP A 31 -14.28 1.13 -10.37
N ARG A 32 -14.42 1.67 -9.18
CA ARG A 32 -13.82 2.96 -8.84
C ARG A 32 -12.30 2.89 -8.95
N LEU A 33 -11.74 1.80 -8.43
CA LEU A 33 -10.30 1.61 -8.46
C LEU A 33 -9.80 1.52 -9.91
N GLU A 34 -10.55 0.79 -10.74
CA GLU A 34 -10.18 0.64 -12.13
C GLU A 34 -10.17 1.97 -12.85
N LYS A 35 -11.14 2.83 -12.54
CA LYS A 35 -11.22 4.15 -13.15
C LYS A 35 -9.96 4.95 -12.86
N ALA A 36 -9.55 4.94 -11.60
CA ALA A 36 -8.34 5.67 -11.19
C ALA A 36 -7.12 5.09 -11.90
N PHE A 37 -7.09 3.77 -12.01
CA PHE A 37 -5.98 3.08 -12.65
C PHE A 37 -5.81 3.52 -14.10
N GLU A 38 -6.91 3.58 -14.83
CA GLU A 38 -6.87 3.98 -16.23
C GLU A 38 -6.34 5.41 -16.35
N ASN A 39 -6.76 6.25 -15.41
CA ASN A 39 -6.34 7.64 -15.40
C ASN A 39 -5.16 7.84 -14.46
N LEU A 40 -4.56 6.72 -14.04
CA LEU A 40 -3.41 6.78 -13.14
C LEU A 40 -2.14 6.38 -13.87
N ASP A 41 -1.51 7.33 -14.56
CA ASP A 41 -0.29 7.05 -15.30
C ASP A 41 0.83 6.65 -14.35
N GLY A 42 1.63 5.67 -14.76
CA GLY A 42 2.74 5.20 -13.94
C GLY A 42 2.25 4.33 -12.79
N TRP A 43 1.04 3.81 -12.91
CA TRP A 43 0.46 2.96 -11.87
C TRP A 43 0.19 1.56 -12.40
N TYR A 44 0.61 0.54 -11.65
CA TYR A 44 0.41 -0.84 -12.06
C TYR A 44 -0.02 -1.69 -10.86
N LEU A 45 -1.11 -2.42 -11.01
CA LEU A 45 -1.59 -3.29 -9.93
C LEU A 45 -2.06 -4.63 -10.45
N SER A 46 -2.02 -5.63 -9.58
CA SER A 46 -2.45 -6.98 -9.96
C SER A 46 -3.61 -7.43 -9.08
N SER A 47 -4.66 -7.96 -9.70
CA SER A 47 -5.82 -8.42 -8.97
C SER A 47 -5.45 -9.55 -8.01
N MET A 48 -4.62 -10.48 -8.50
CA MET A 48 -4.20 -11.61 -7.68
C MET A 48 -3.44 -11.14 -6.44
N LYS A 49 -2.55 -10.18 -6.63
CA LYS A 49 -1.76 -9.65 -5.51
C LYS A 49 -2.23 -8.25 -5.14
N ASP A 50 -3.55 -8.03 -5.19
CA ASP A 50 -4.14 -6.74 -4.86
C ASP A 50 -3.10 -5.75 -4.36
N SER A 51 -2.26 -5.26 -5.27
CA SER A 51 -1.22 -4.30 -4.92
C SER A 51 -0.92 -3.39 -6.11
N ALA A 52 -0.67 -2.12 -5.83
CA ALA A 52 -0.36 -1.16 -6.89
C ALA A 52 1.01 -0.53 -6.65
N TYR A 53 1.72 -0.23 -7.74
CA TYR A 53 3.04 0.37 -7.63
C TYR A 53 3.29 1.29 -8.83
N LYS A 54 4.24 2.19 -8.69
CA LYS A 54 4.57 3.11 -9.78
C LYS A 54 6.06 3.05 -10.10
N ASP A 55 6.38 3.25 -11.37
CA ASP A 55 7.76 3.21 -11.81
C ASP A 55 8.21 4.58 -12.32
N PHE A 56 9.06 5.25 -11.54
CA PHE A 56 9.56 6.57 -11.92
C PHE A 56 10.92 6.44 -12.58
N GLY A 57 11.47 5.22 -12.57
CA GLY A 57 12.76 4.97 -13.16
C GLY A 57 13.89 5.23 -12.17
N LYS A 58 13.54 5.80 -11.02
CA LYS A 58 14.54 6.09 -10.00
C LYS A 58 14.26 5.28 -8.73
N TYR A 59 13.00 4.96 -8.51
CA TYR A 59 12.62 4.19 -7.32
C TYR A 59 11.28 3.48 -7.53
N GLU A 60 11.02 2.47 -6.72
CA GLU A 60 9.76 1.72 -6.82
C GLU A 60 8.91 1.92 -5.56
N ILE A 61 7.67 2.35 -5.75
CA ILE A 61 6.77 2.58 -4.63
C ILE A 61 5.42 1.91 -4.88
N ARG A 62 4.87 1.27 -3.86
CA ARG A 62 3.59 0.59 -4.01
C ARG A 62 2.72 0.79 -2.77
N LEU A 63 1.42 0.66 -2.95
CA LEU A 63 0.47 0.82 -1.85
C LEU A 63 -0.18 -0.53 -1.51
N SER A 64 -0.23 -0.85 -0.23
CA SER A 64 -0.83 -2.11 0.21
C SER A 64 -1.77 -1.88 1.38
N ASN A 65 -2.41 -2.95 1.83
CA ASN A 65 -3.36 -2.87 2.94
C ASN A 65 -2.62 -2.64 4.25
N HIS A 66 -3.33 -2.76 5.37
CA HIS A 66 -2.74 -2.55 6.68
C HIS A 66 -1.53 -3.47 6.86
N SER A 67 -1.52 -4.59 6.14
CA SER A 67 -0.42 -5.53 6.24
C SER A 67 0.21 -5.76 4.86
N ALA A 68 1.22 -4.96 4.54
CA ALA A 68 1.89 -5.07 3.26
C ALA A 68 2.59 -6.42 3.13
N ASP A 69 3.19 -6.88 4.22
CA ASP A 69 3.89 -8.16 4.22
C ASP A 69 2.97 -9.31 3.89
N ASN A 70 1.77 -9.32 4.48
CA ASN A 70 0.82 -10.40 4.23
C ASN A 70 0.43 -10.44 2.76
N LYS A 71 0.20 -9.27 2.16
CA LYS A 71 -0.18 -9.20 0.76
C LYS A 71 0.97 -9.66 -0.13
N TYR A 72 2.19 -9.26 0.23
CA TYR A 72 3.37 -9.64 -0.54
C TYR A 72 4.59 -9.79 0.37
N HIS A 73 5.61 -10.46 -0.15
CA HIS A 73 6.83 -10.68 0.63
C HIS A 73 7.93 -9.73 0.16
N ASP A 74 8.82 -9.37 1.06
CA ASP A 74 9.91 -8.46 0.73
C ASP A 74 10.82 -9.07 -0.33
N LEU A 75 11.04 -8.33 -1.42
CA LEU A 75 11.88 -8.81 -2.50
C LEU A 75 13.12 -7.92 -2.65
N GLU A 76 14.25 -8.54 -3.00
CA GLU A 76 15.48 -7.79 -3.16
C GLU A 76 15.50 -7.08 -4.51
N ASN A 77 14.68 -6.04 -4.62
CA ASN A 77 14.61 -5.27 -5.86
C ASN A 77 15.94 -4.59 -6.15
N GLY A 78 16.66 -4.23 -5.09
CA GLY A 78 17.94 -3.55 -5.25
C GLY A 78 17.72 -2.06 -5.47
N ARG A 79 16.45 -1.66 -5.38
CA ARG A 79 16.07 -0.27 -5.55
C ARG A 79 15.25 0.20 -4.35
N LEU A 80 15.34 1.49 -4.04
CA LEU A 80 14.60 2.03 -2.90
C LEU A 80 13.11 1.71 -3.03
N ILE A 81 12.55 1.14 -1.98
CA ILE A 81 11.13 0.77 -1.99
C ILE A 81 10.35 1.51 -0.90
N VAL A 82 9.23 2.09 -1.29
CA VAL A 82 8.39 2.82 -0.34
C VAL A 82 7.04 2.10 -0.19
N ASN A 83 6.71 1.73 1.04
CA ASN A 83 5.45 1.03 1.27
C ASN A 83 4.44 1.98 1.92
N ILE A 84 3.31 2.18 1.24
CA ILE A 84 2.28 3.06 1.75
C ILE A 84 0.94 2.33 1.87
N LYS A 85 0.33 2.40 3.05
CA LYS A 85 -0.95 1.73 3.26
C LYS A 85 -2.07 2.54 2.61
N ALA A 86 -2.97 1.84 1.92
CA ALA A 86 -4.08 2.51 1.25
C ALA A 86 -5.27 1.58 1.09
N SER A 87 -6.44 2.17 0.90
CA SER A 87 -7.67 1.40 0.73
C SER A 87 -8.28 1.69 -0.64
N LYS A 88 -8.94 0.70 -1.21
CA LYS A 88 -9.56 0.88 -2.52
C LYS A 88 -10.61 1.98 -2.48
N LEU A 89 -11.38 2.02 -1.41
CA LEU A 89 -12.41 3.04 -1.26
C LEU A 89 -11.78 4.43 -1.18
N ASN A 90 -10.66 4.51 -0.46
CA ASN A 90 -9.95 5.78 -0.31
C ASN A 90 -8.63 5.76 -1.07
N PHE A 91 -8.56 4.91 -2.09
CA PHE A 91 -7.34 4.79 -2.88
C PHE A 91 -6.95 6.13 -3.51
N VAL A 92 -7.93 6.78 -4.13
CA VAL A 92 -7.68 8.08 -4.76
C VAL A 92 -7.25 9.10 -3.70
N ASP A 93 -7.95 9.09 -2.58
CA ASP A 93 -7.66 10.02 -1.49
C ASP A 93 -6.26 9.81 -0.92
N ILE A 94 -5.87 8.55 -0.72
CA ILE A 94 -4.56 8.25 -0.17
C ILE A 94 -3.44 8.70 -1.11
N ILE A 95 -3.67 8.56 -2.41
CA ILE A 95 -2.68 8.96 -3.39
C ILE A 95 -2.59 10.48 -3.48
N GLU A 96 -3.68 11.16 -3.14
CA GLU A 96 -3.71 12.62 -3.18
C GLU A 96 -2.72 13.19 -2.16
N ASN A 97 -2.71 12.63 -0.96
CA ASN A 97 -1.82 13.10 0.10
C ASN A 97 -0.46 12.40 0.03
N LYS A 98 -0.49 11.08 -0.12
CA LYS A 98 0.74 10.30 -0.17
C LYS A 98 1.58 10.67 -1.40
N LEU A 99 0.92 10.86 -2.52
CA LEU A 99 1.63 11.21 -3.74
C LEU A 99 2.23 12.61 -3.63
N ASP A 100 1.46 13.53 -3.06
CA ASP A 100 1.90 14.92 -2.90
C ASP A 100 3.10 15.02 -1.98
N LYS A 101 3.07 14.25 -0.90
CA LYS A 101 4.16 14.27 0.07
C LYS A 101 5.46 13.83 -0.58
N ILE A 102 5.36 12.91 -1.53
CA ILE A 102 6.53 12.38 -2.21
C ILE A 102 7.20 13.45 -3.07
N ILE A 103 6.39 14.19 -3.82
CA ILE A 103 6.92 15.23 -4.68
C ILE A 103 7.63 16.31 -3.87
N GLU A 104 6.99 16.77 -2.81
CA GLU A 104 7.58 17.79 -1.95
C GLU A 104 8.86 17.28 -1.29
N LYS A 105 8.80 16.06 -0.78
CA LYS A 105 9.96 15.46 -0.13
C LYS A 105 11.11 15.30 -1.11
N ILE A 106 10.78 14.82 -2.31
CA ILE A 106 11.78 14.63 -3.36
C ILE A 106 12.42 15.94 -3.77
N ASP A 107 11.59 16.96 -3.91
CA ASP A 107 12.08 18.25 -4.34
C ASP A 107 13.13 18.82 -3.38
N LYS A 108 12.93 18.61 -2.08
CA LYS A 108 13.87 19.12 -1.10
C LYS A 108 14.88 18.04 -0.75
N LEU A 109 14.46 16.79 -0.88
CA LEU A 109 15.32 15.66 -0.58
C LEU A 109 14.87 14.43 -1.36
N ASP A 110 15.82 13.79 -2.05
CA ASP A 110 15.51 12.60 -2.83
C ASP A 110 14.98 11.49 -1.92
N LEU A 111 13.99 10.75 -2.42
CA LEU A 111 13.40 9.67 -1.64
C LEU A 111 14.32 8.45 -1.66
N ASP A 112 15.26 8.44 -2.60
CA ASP A 112 16.20 7.35 -2.72
C ASP A 112 17.18 7.34 -1.54
N LYS A 113 17.22 8.46 -0.82
CA LYS A 113 18.10 8.58 0.33
C LYS A 113 17.67 7.61 1.43
N TYR A 114 16.37 7.45 1.58
CA TYR A 114 15.83 6.55 2.59
C TYR A 114 15.91 5.11 2.11
N ARG A 115 16.67 4.29 2.82
CA ARG A 115 16.80 2.88 2.44
C ARG A 115 15.45 2.18 2.53
N PHE A 116 14.69 2.50 3.57
CA PHE A 116 13.37 1.88 3.75
C PHE A 116 12.39 2.87 4.38
N ILE A 117 11.31 3.15 3.66
CA ILE A 117 10.30 4.05 4.18
C ILE A 117 8.91 3.44 4.06
N ASN A 118 8.04 3.78 4.99
CA ASN A 118 6.69 3.23 4.97
C ASN A 118 5.69 4.22 5.56
N ALA A 119 4.75 4.68 4.74
CA ALA A 119 3.74 5.63 5.19
C ALA A 119 2.43 4.91 5.52
N THR A 120 1.95 5.14 6.74
CA THR A 120 0.71 4.54 7.19
C THR A 120 -0.49 5.34 6.71
N ASN A 121 -1.67 4.73 6.75
CA ASN A 121 -2.88 5.39 6.31
C ASN A 121 -2.92 6.84 6.80
N LEU A 122 -3.94 7.57 6.37
CA LEU A 122 -4.07 8.98 6.76
C LEU A 122 -4.22 9.11 8.27
N GLU A 123 -4.98 8.22 8.89
CA GLU A 123 -5.16 8.25 10.33
C GLU A 123 -3.85 7.96 11.03
N HIS A 124 -3.06 7.08 10.42
CA HIS A 124 -1.76 6.71 10.97
C HIS A 124 -0.69 7.71 10.53
N ASP A 125 0.46 7.67 11.20
CA ASP A 125 1.54 8.60 10.87
C ASP A 125 2.57 7.94 9.94
N ILE A 126 3.34 8.77 9.23
CA ILE A 126 4.34 8.25 8.30
C ILE A 126 5.75 8.51 8.84
N LYS A 127 6.56 7.45 8.84
CA LYS A 127 7.93 7.55 9.33
C LYS A 127 8.91 7.18 8.21
N CYS A 128 10.11 7.74 8.28
CA CYS A 128 11.12 7.47 7.27
C CYS A 128 12.47 7.14 7.93
N TYR A 129 13.06 6.03 7.51
CA TYR A 129 14.34 5.61 8.05
C TYR A 129 15.44 5.82 7.01
N TYR A 130 16.54 6.46 7.42
CA TYR A 130 17.63 6.71 6.50
C TYR A 130 18.17 5.41 5.93
N LYS A 131 18.46 4.46 6.81
CA LYS A 131 18.96 3.15 6.39
C LYS A 131 18.01 2.07 6.85
N GLY A 132 16.78 2.47 7.17
CA GLY A 132 15.77 1.54 7.65
C GLY A 132 15.78 1.49 9.17
N PHE A 133 16.83 2.04 9.76
CA PHE A 133 16.96 2.08 11.21
C PHE A 133 18.00 3.12 11.62
N LYS A 134 17.56 4.15 12.35
CA LYS A 134 18.47 5.19 12.80
C LYS A 134 17.72 6.29 13.53
N THR A 135 18.46 7.12 14.26
CA THR A 135 17.85 8.21 15.01
C THR A 135 17.30 9.27 14.06
N LYS A 136 17.85 9.34 12.85
CA LYS A 136 17.39 10.32 11.88
C LYS A 136 16.27 9.75 11.03
N LYS A 137 15.09 10.34 11.16
CA LYS A 137 13.93 9.89 10.40
C LYS A 137 13.07 11.07 9.98
N GLU A 138 12.32 10.90 8.89
CA GLU A 138 11.46 11.96 8.40
C GLU A 138 9.99 11.55 8.51
N VAL A 139 9.14 12.49 8.86
CA VAL A 139 7.71 12.20 9.00
C VAL A 139 6.88 13.23 8.25
N ILE A 140 5.81 12.76 7.60
CA ILE A 140 4.93 13.64 6.85
C ILE A 140 3.47 13.25 7.05
N MET A 1 -28.50 -22.12 23.76
CA MET A 1 -29.12 -21.24 22.74
C MET A 1 -28.05 -20.43 22.03
N ALA A 2 -26.79 -20.79 22.26
CA ALA A 2 -25.67 -20.10 21.65
C ALA A 2 -25.60 -18.65 22.14
N TYR A 3 -26.40 -18.32 23.15
CA TYR A 3 -26.41 -16.98 23.70
C TYR A 3 -25.05 -16.59 24.26
N GLY A 4 -24.47 -17.49 25.05
CA GLY A 4 -23.16 -17.23 25.66
C GLY A 4 -22.03 -17.31 24.64
N LYS A 5 -22.25 -16.74 23.45
CA LYS A 5 -21.23 -16.76 22.41
C LYS A 5 -20.69 -18.18 22.20
N SER A 6 -21.59 -19.11 21.92
CA SER A 6 -21.18 -20.49 21.69
C SER A 6 -20.36 -20.61 20.41
N ARG A 7 -19.63 -21.70 20.28
CA ARG A 7 -18.79 -21.91 19.11
C ARG A 7 -19.52 -21.54 17.83
N TYR A 8 -19.39 -20.26 17.44
CA TYR A 8 -20.02 -19.78 16.23
C TYR A 8 -21.51 -20.14 16.19
N ASN A 9 -22.08 -20.37 17.37
CA ASN A 9 -23.49 -20.73 17.46
C ASN A 9 -23.84 -21.77 16.40
N SER A 10 -24.95 -21.53 15.69
CA SER A 10 -25.39 -22.44 14.65
C SER A 10 -25.22 -23.90 15.09
N TYR A 11 -24.84 -24.75 14.14
CA TYR A 11 -24.64 -26.16 14.44
C TYR A 11 -23.16 -26.51 14.48
N ARG A 12 -22.31 -25.48 14.45
CA ARG A 12 -20.87 -25.69 14.49
C ARG A 12 -20.38 -26.32 13.18
N LYS A 13 -21.03 -25.97 12.08
CA LYS A 13 -20.64 -26.51 10.78
C LYS A 13 -21.06 -25.54 9.67
N ARG A 14 -20.37 -25.63 8.53
CA ARG A 14 -20.69 -24.75 7.41
C ARG A 14 -20.74 -23.29 7.86
N SER A 15 -19.76 -22.91 8.67
CA SER A 15 -19.70 -21.54 9.18
C SER A 15 -19.56 -20.52 8.04
N PHE A 16 -18.76 -20.86 7.04
CA PHE A 16 -18.55 -19.95 5.91
C PHE A 16 -18.09 -18.58 6.40
N ASN A 17 -17.08 -18.57 7.27
CA ASN A 17 -16.56 -17.32 7.80
C ASN A 17 -16.02 -16.44 6.67
N ARG A 18 -16.26 -15.14 6.78
CA ARG A 18 -15.81 -14.19 5.77
C ARG A 18 -15.07 -13.02 6.42
N SER A 19 -14.11 -12.46 5.70
CA SER A 19 -13.34 -11.34 6.21
C SER A 19 -14.23 -10.13 6.46
N ASN A 20 -15.23 -9.96 5.60
CA ASN A 20 -16.16 -8.84 5.73
C ASN A 20 -17.58 -9.34 5.97
N LYS A 21 -18.21 -9.82 4.90
CA LYS A 21 -19.57 -10.35 5.00
C LYS A 21 -20.00 -11.00 3.70
N GLN A 22 -19.76 -10.30 2.58
CA GLN A 22 -20.13 -10.83 1.28
C GLN A 22 -18.98 -10.64 0.28
N ARG A 23 -18.83 -11.61 -0.62
CA ARG A 23 -17.78 -11.54 -1.64
C ARG A 23 -18.06 -10.39 -2.60
N ARG A 24 -19.31 -9.96 -2.66
CA ARG A 24 -19.71 -8.89 -3.56
C ARG A 24 -18.95 -7.61 -3.23
N GLU A 25 -18.82 -7.32 -1.94
CA GLU A 25 -18.11 -6.11 -1.52
C GLU A 25 -16.67 -6.13 -2.01
N TYR A 26 -16.02 -7.27 -1.87
CA TYR A 26 -14.63 -7.40 -2.31
C TYR A 26 -14.55 -7.35 -3.84
N ALA A 27 -15.51 -8.01 -4.50
CA ALA A 27 -15.53 -8.03 -5.96
C ALA A 27 -15.69 -6.63 -6.54
N GLN A 28 -16.59 -5.85 -5.96
CA GLN A 28 -16.82 -4.49 -6.43
C GLN A 28 -15.67 -3.58 -6.03
N GLU A 29 -14.98 -3.95 -4.95
CA GLU A 29 -13.86 -3.17 -4.47
C GLU A 29 -12.75 -3.11 -5.52
N MET A 30 -12.48 -4.26 -6.14
CA MET A 30 -11.45 -4.32 -7.17
C MET A 30 -11.81 -3.43 -8.35
N ASP A 31 -13.08 -3.44 -8.72
CA ASP A 31 -13.53 -2.62 -9.84
C ASP A 31 -13.31 -1.15 -9.55
N ARG A 32 -13.59 -0.75 -8.31
CA ARG A 32 -13.41 0.65 -7.91
C ARG A 32 -11.95 1.05 -8.04
N LEU A 33 -11.05 0.18 -7.59
CA LEU A 33 -9.62 0.46 -7.66
C LEU A 33 -9.18 0.62 -9.11
N GLU A 34 -9.65 -0.28 -9.98
CA GLU A 34 -9.29 -0.23 -11.39
C GLU A 34 -9.81 1.06 -12.03
N LYS A 35 -11.01 1.47 -11.64
CA LYS A 35 -11.60 2.69 -12.18
C LYS A 35 -10.73 3.90 -11.85
N ALA A 36 -10.25 3.97 -10.61
CA ALA A 36 -9.41 5.08 -10.19
C ALA A 36 -8.14 5.13 -11.03
N PHE A 37 -7.58 3.96 -11.31
CA PHE A 37 -6.35 3.87 -12.09
C PHE A 37 -6.59 4.34 -13.53
N GLU A 38 -7.77 4.06 -14.05
CA GLU A 38 -8.10 4.46 -15.41
C GLU A 38 -8.01 5.98 -15.55
N ASN A 39 -8.47 6.69 -14.52
CA ASN A 39 -8.44 8.15 -14.53
C ASN A 39 -7.21 8.66 -13.77
N LEU A 40 -6.33 7.74 -13.38
CA LEU A 40 -5.12 8.12 -12.64
C LEU A 40 -3.90 8.08 -13.56
N ASP A 41 -3.69 9.15 -14.30
CA ASP A 41 -2.55 9.24 -15.20
C ASP A 41 -1.25 9.21 -14.41
N GLY A 42 -0.24 8.53 -14.94
CA GLY A 42 1.06 8.45 -14.28
C GLY A 42 1.14 7.23 -13.37
N TRP A 43 0.04 6.48 -13.24
CA TRP A 43 0.02 5.29 -12.41
C TRP A 43 -0.23 4.06 -13.26
N TYR A 44 0.49 2.98 -12.95
CA TYR A 44 0.35 1.74 -13.71
C TYR A 44 0.30 0.54 -12.77
N LEU A 45 -0.45 -0.49 -13.17
CA LEU A 45 -0.57 -1.68 -12.35
C LEU A 45 -0.07 -2.91 -13.11
N SER A 46 0.57 -3.83 -12.40
CA SER A 46 1.08 -5.04 -13.03
C SER A 46 0.46 -6.28 -12.40
N SER A 47 0.14 -7.26 -13.24
CA SER A 47 -0.47 -8.51 -12.80
C SER A 47 0.51 -9.35 -11.96
N MET A 48 1.77 -9.35 -12.37
CA MET A 48 2.78 -10.14 -11.66
C MET A 48 2.90 -9.71 -10.21
N LYS A 49 2.95 -8.41 -9.99
CA LYS A 49 3.06 -7.89 -8.62
C LYS A 49 1.88 -6.98 -8.31
N ASP A 50 0.67 -7.50 -8.51
CA ASP A 50 -0.54 -6.73 -8.25
C ASP A 50 -0.25 -5.49 -7.41
N SER A 51 0.21 -4.44 -8.08
CA SER A 51 0.55 -3.20 -7.39
C SER A 51 0.45 -2.02 -8.35
N ALA A 52 0.41 -0.81 -7.79
CA ALA A 52 0.33 0.39 -8.60
C ALA A 52 1.44 1.36 -8.25
N TYR A 53 2.00 2.03 -9.26
CA TYR A 53 3.08 2.98 -9.02
C TYR A 53 3.08 4.08 -10.08
N LYS A 54 3.74 5.19 -9.76
CA LYS A 54 3.83 6.32 -10.69
C LYS A 54 5.25 6.83 -10.79
N ASP A 55 5.69 7.09 -12.01
CA ASP A 55 7.05 7.58 -12.24
C ASP A 55 7.06 9.09 -12.41
N PHE A 56 7.94 9.76 -11.67
CA PHE A 56 8.05 11.21 -11.74
C PHE A 56 9.25 11.59 -12.59
N GLY A 57 10.01 10.59 -13.01
CA GLY A 57 11.20 10.82 -13.83
C GLY A 57 12.44 11.01 -12.96
N LYS A 58 12.22 11.16 -11.65
CA LYS A 58 13.32 11.33 -10.72
C LYS A 58 13.40 10.16 -9.74
N TYR A 59 12.24 9.59 -9.43
CA TYR A 59 12.18 8.46 -8.51
C TYR A 59 10.93 7.64 -8.77
N GLU A 60 10.92 6.40 -8.28
CA GLU A 60 9.79 5.51 -8.48
C GLU A 60 9.10 5.20 -7.16
N ILE A 61 7.79 5.38 -7.11
CA ILE A 61 7.00 5.11 -5.91
C ILE A 61 5.84 4.19 -6.24
N ARG A 62 5.58 3.22 -5.36
CA ARG A 62 4.49 2.28 -5.59
C ARG A 62 3.72 2.00 -4.30
N LEU A 63 2.50 1.52 -4.46
CA LEU A 63 1.65 1.21 -3.31
C LEU A 63 1.49 -0.31 -3.19
N SER A 64 1.42 -0.79 -1.95
CA SER A 64 1.27 -2.22 -1.70
C SER A 64 0.45 -2.45 -0.43
N ASN A 65 -0.04 -3.68 -0.28
CA ASN A 65 -0.83 -4.05 0.88
C ASN A 65 -0.07 -3.77 2.17
N HIS A 66 -0.78 -3.85 3.29
CA HIS A 66 -0.16 -3.61 4.59
C HIS A 66 0.95 -4.64 4.82
N SER A 67 0.70 -5.87 4.40
CA SER A 67 1.68 -6.94 4.56
C SER A 67 2.88 -6.68 3.66
N ALA A 68 4.03 -7.25 4.03
CA ALA A 68 5.25 -7.07 3.27
C ALA A 68 5.34 -8.08 2.12
N ASP A 69 4.22 -8.72 1.82
CA ASP A 69 4.19 -9.71 0.75
C ASP A 69 4.59 -9.08 -0.58
N ASN A 70 4.05 -7.90 -0.86
CA ASN A 70 4.37 -7.20 -2.10
C ASN A 70 5.47 -6.16 -1.87
N LYS A 71 5.91 -6.04 -0.62
CA LYS A 71 6.94 -5.08 -0.29
C LYS A 71 8.24 -5.38 -1.03
N TYR A 72 8.60 -6.66 -1.09
CA TYR A 72 9.82 -7.07 -1.77
C TYR A 72 9.63 -7.07 -3.29
N HIS A 73 10.68 -6.68 -4.00
CA HIS A 73 10.61 -6.64 -5.47
C HIS A 73 11.65 -7.60 -6.05
N ASP A 74 11.17 -8.56 -6.83
CA ASP A 74 12.06 -9.55 -7.44
C ASP A 74 13.05 -8.89 -8.40
N LEU A 75 12.60 -7.83 -9.06
CA LEU A 75 13.45 -7.12 -10.01
C LEU A 75 13.74 -5.70 -9.52
N GLU A 76 14.96 -5.23 -9.80
CA GLU A 76 15.35 -3.88 -9.38
C GLU A 76 15.23 -2.91 -10.55
N ASN A 77 14.65 -1.74 -10.29
CA ASN A 77 14.47 -0.73 -11.32
C ASN A 77 15.75 0.08 -11.51
N GLY A 78 16.69 -0.08 -10.59
CA GLY A 78 17.94 0.66 -10.67
C GLY A 78 17.78 2.07 -10.12
N ARG A 79 16.57 2.36 -9.62
CA ARG A 79 16.27 3.67 -9.07
C ARG A 79 15.63 3.52 -7.69
N LEU A 80 15.75 4.55 -6.86
CA LEU A 80 15.19 4.51 -5.53
C LEU A 80 13.69 4.24 -5.59
N ILE A 81 13.21 3.44 -4.65
CA ILE A 81 11.79 3.09 -4.63
C ILE A 81 11.21 3.28 -3.23
N VAL A 82 9.97 3.76 -3.18
CA VAL A 82 9.30 3.99 -1.91
C VAL A 82 8.05 3.10 -1.82
N ASN A 83 7.96 2.31 -0.75
CA ASN A 83 6.82 1.43 -0.56
C ASN A 83 5.85 2.02 0.45
N ILE A 84 4.59 2.14 0.06
CA ILE A 84 3.57 2.68 0.94
C ILE A 84 2.43 1.68 1.13
N LYS A 85 2.11 1.40 2.40
CA LYS A 85 1.05 0.46 2.70
C LYS A 85 -0.31 1.16 2.71
N ALA A 86 -1.27 0.57 2.02
CA ALA A 86 -2.61 1.15 1.95
C ALA A 86 -3.64 0.08 1.59
N SER A 87 -4.80 0.14 2.23
CA SER A 87 -5.86 -0.82 1.95
C SER A 87 -6.51 -0.52 0.61
N LYS A 88 -7.18 -1.52 0.04
CA LYS A 88 -7.85 -1.33 -1.25
C LYS A 88 -8.96 -0.29 -1.14
N LEU A 89 -9.71 -0.34 -0.03
CA LEU A 89 -10.80 0.60 0.19
C LEU A 89 -10.27 2.03 0.28
N ASN A 90 -9.19 2.21 1.03
CA ASN A 90 -8.59 3.52 1.20
C ASN A 90 -7.31 3.64 0.37
N PHE A 91 -7.15 2.73 -0.59
CA PHE A 91 -5.96 2.74 -1.44
C PHE A 91 -5.85 4.07 -2.18
N VAL A 92 -6.93 4.50 -2.81
CA VAL A 92 -6.92 5.76 -3.54
C VAL A 92 -6.92 6.94 -2.57
N ASP A 93 -7.62 6.78 -1.46
CA ASP A 93 -7.70 7.85 -0.46
C ASP A 93 -6.31 8.17 0.09
N ILE A 94 -5.51 7.13 0.31
CA ILE A 94 -4.17 7.32 0.84
C ILE A 94 -3.31 8.06 -0.17
N ILE A 95 -3.62 7.88 -1.45
CA ILE A 95 -2.84 8.52 -2.50
C ILE A 95 -2.83 10.04 -2.31
N GLU A 96 -3.96 10.60 -1.91
CA GLU A 96 -4.05 12.03 -1.69
C GLU A 96 -3.11 12.49 -0.57
N ASN A 97 -3.19 11.82 0.57
CA ASN A 97 -2.35 12.17 1.71
C ASN A 97 -0.89 11.81 1.47
N LYS A 98 -0.66 10.67 0.84
CA LYS A 98 0.70 10.21 0.56
C LYS A 98 1.38 11.12 -0.45
N LEU A 99 0.63 11.62 -1.42
CA LEU A 99 1.22 12.49 -2.42
C LEU A 99 1.86 13.68 -1.72
N ASP A 100 1.14 14.24 -0.74
CA ASP A 100 1.65 15.36 0.03
C ASP A 100 2.90 14.96 0.80
N LYS A 101 2.88 13.73 1.32
CA LYS A 101 4.01 13.22 2.09
C LYS A 101 5.25 13.10 1.21
N ILE A 102 5.04 12.66 -0.02
CA ILE A 102 6.15 12.50 -0.96
C ILE A 102 6.60 13.84 -1.52
N ILE A 103 5.64 14.74 -1.74
CA ILE A 103 5.96 16.05 -2.28
C ILE A 103 6.86 16.83 -1.32
N GLU A 104 6.50 16.80 -0.04
CA GLU A 104 7.29 17.50 0.98
C GLU A 104 8.69 16.90 1.05
N LYS A 105 8.75 15.57 1.00
CA LYS A 105 10.03 14.88 1.05
C LYS A 105 10.89 15.22 -0.16
N ILE A 106 10.26 15.31 -1.32
CA ILE A 106 10.98 15.60 -2.55
C ILE A 106 11.40 17.07 -2.63
N ASP A 107 10.50 17.98 -2.26
CA ASP A 107 10.81 19.40 -2.31
C ASP A 107 11.68 19.80 -1.12
N LYS A 108 11.91 18.85 -0.21
CA LYS A 108 12.74 19.10 0.95
C LYS A 108 14.04 18.29 0.88
N LEU A 109 13.94 17.11 0.27
CA LEU A 109 15.10 16.23 0.14
C LEU A 109 14.91 15.27 -1.03
N ASP A 110 15.92 15.15 -1.87
CA ASP A 110 15.85 14.24 -3.02
C ASP A 110 15.88 12.79 -2.54
N LEU A 111 15.17 11.92 -3.24
CA LEU A 111 15.13 10.51 -2.89
C LEU A 111 16.38 9.80 -3.38
N ASP A 112 17.13 10.49 -4.25
CA ASP A 112 18.36 9.94 -4.80
C ASP A 112 19.35 9.64 -3.68
N LYS A 113 19.39 10.51 -2.67
CA LYS A 113 20.29 10.35 -1.55
C LYS A 113 19.94 9.09 -0.77
N TYR A 114 18.66 8.85 -0.62
CA TYR A 114 18.18 7.68 0.10
C TYR A 114 18.28 6.43 -0.75
N ARG A 115 18.49 5.29 -0.12
CA ARG A 115 18.59 4.04 -0.84
C ARG A 115 17.31 3.22 -0.67
N PHE A 116 16.65 3.40 0.47
CA PHE A 116 15.41 2.67 0.75
C PHE A 116 14.45 3.51 1.59
N ILE A 117 13.22 3.64 1.11
CA ILE A 117 12.20 4.39 1.84
C ILE A 117 10.97 3.53 2.04
N ASN A 118 10.41 3.61 3.23
CA ASN A 118 9.24 2.83 3.54
C ASN A 118 8.22 3.66 4.31
N ALA A 119 7.10 3.96 3.66
CA ALA A 119 6.05 4.76 4.28
C ALA A 119 4.92 3.87 4.79
N THR A 120 4.51 4.12 6.02
CA THR A 120 3.44 3.35 6.64
C THR A 120 2.12 4.10 6.50
N ASN A 121 1.01 3.38 6.69
CA ASN A 121 -0.33 3.96 6.56
C ASN A 121 -0.37 5.39 7.12
N LEU A 122 -1.51 6.05 6.92
CA LEU A 122 -1.68 7.42 7.39
C LEU A 122 -1.51 7.53 8.90
N GLU A 123 -2.03 6.56 9.63
CA GLU A 123 -1.91 6.58 11.08
C GLU A 123 -0.45 6.45 11.48
N HIS A 124 0.30 5.70 10.68
CA HIS A 124 1.71 5.49 10.92
C HIS A 124 2.55 6.56 10.22
N ASP A 125 3.81 6.66 10.61
CA ASP A 125 4.71 7.65 10.02
C ASP A 125 5.57 7.03 8.93
N ILE A 126 6.30 7.87 8.20
CA ILE A 126 7.16 7.39 7.11
C ILE A 126 8.62 7.50 7.52
N LYS A 127 9.40 6.47 7.21
CA LYS A 127 10.81 6.45 7.56
C LYS A 127 11.67 6.19 6.34
N CYS A 128 12.90 6.71 6.35
CA CYS A 128 13.80 6.52 5.22
C CYS A 128 15.21 6.18 5.72
N TYR A 129 15.97 5.52 4.86
CA TYR A 129 17.34 5.14 5.20
C TYR A 129 18.32 5.82 4.25
N TYR A 130 19.38 6.41 4.80
CA TYR A 130 20.38 7.09 3.97
C TYR A 130 21.01 6.12 2.98
N LYS A 131 21.45 4.97 3.48
CA LYS A 131 22.06 3.95 2.62
C LYS A 131 21.09 2.80 2.40
N GLY A 132 19.87 2.98 2.88
CA GLY A 132 18.85 1.94 2.75
C GLY A 132 18.81 1.11 4.02
N PHE A 133 19.87 1.24 4.81
CA PHE A 133 19.97 0.53 6.08
C PHE A 133 21.00 1.21 6.96
N LYS A 134 20.57 1.77 8.08
CA LYS A 134 21.48 2.46 8.98
C LYS A 134 20.71 3.14 10.10
N THR A 135 21.43 3.53 11.16
CA THR A 135 20.80 4.20 12.28
C THR A 135 20.27 5.56 11.85
N LYS A 136 21.04 6.27 11.03
CA LYS A 136 20.63 7.59 10.57
C LYS A 136 19.46 7.48 9.59
N LYS A 137 18.35 8.14 9.95
CA LYS A 137 17.16 8.12 9.11
C LYS A 137 16.36 9.41 9.30
N GLU A 138 15.52 9.72 8.32
CA GLU A 138 14.70 10.91 8.40
C GLU A 138 13.23 10.53 8.41
N VAL A 139 12.50 11.03 9.40
CA VAL A 139 11.08 10.72 9.52
C VAL A 139 10.24 11.99 9.45
N ILE A 140 9.25 11.99 8.57
CA ILE A 140 8.37 13.15 8.41
C ILE A 140 6.92 12.74 8.59
N MET A 1 -11.08 -38.60 5.37
CA MET A 1 -11.74 -39.53 6.32
C MET A 1 -12.10 -38.79 7.61
N ALA A 2 -12.28 -37.47 7.49
CA ALA A 2 -12.62 -36.66 8.65
C ALA A 2 -14.00 -37.02 9.18
N TYR A 3 -14.18 -36.94 10.49
CA TYR A 3 -15.47 -37.27 11.10
C TYR A 3 -15.95 -36.11 11.95
N GLY A 4 -17.25 -35.86 11.91
CA GLY A 4 -17.82 -34.77 12.69
C GLY A 4 -17.91 -35.16 14.16
N LYS A 5 -18.23 -34.20 15.00
CA LYS A 5 -18.35 -34.45 16.43
C LYS A 5 -17.01 -34.94 16.99
N SER A 6 -15.92 -34.42 16.44
CA SER A 6 -14.59 -34.80 16.91
C SER A 6 -13.84 -33.59 17.44
N ARG A 7 -12.81 -33.16 16.73
CA ARG A 7 -12.04 -32.00 17.16
C ARG A 7 -12.93 -30.78 17.23
N TYR A 8 -13.78 -30.64 16.22
CA TYR A 8 -14.72 -29.53 16.16
C TYR A 8 -16.07 -30.03 15.68
N ASN A 9 -17.09 -29.82 16.50
CA ASN A 9 -18.43 -30.27 16.13
C ASN A 9 -19.12 -29.23 15.26
N SER A 10 -20.35 -29.53 14.85
CA SER A 10 -21.11 -28.60 14.01
C SER A 10 -21.91 -27.64 14.87
N TYR A 11 -21.88 -27.87 16.18
CA TYR A 11 -22.60 -27.02 17.12
C TYR A 11 -22.11 -25.57 17.03
N ARG A 12 -20.80 -25.39 17.04
CA ARG A 12 -20.22 -24.06 16.97
C ARG A 12 -20.61 -23.37 15.66
N LYS A 13 -20.61 -24.13 14.57
CA LYS A 13 -20.97 -23.58 13.27
C LYS A 13 -20.02 -22.45 12.89
N ARG A 14 -20.45 -21.21 13.14
CA ARG A 14 -19.63 -20.05 12.82
C ARG A 14 -19.35 -19.99 11.32
N SER A 15 -20.34 -20.40 10.52
CA SER A 15 -20.18 -20.39 9.07
C SER A 15 -20.06 -18.96 8.55
N PHE A 16 -20.55 -18.01 9.35
CA PHE A 16 -20.50 -16.60 8.97
C PHE A 16 -19.10 -16.05 9.16
N ASN A 17 -18.70 -15.14 8.26
CA ASN A 17 -17.38 -14.53 8.34
C ASN A 17 -17.44 -13.24 9.14
N ARG A 18 -18.57 -12.99 9.76
CA ARG A 18 -18.75 -11.78 10.56
C ARG A 18 -18.52 -10.53 9.72
N SER A 19 -19.05 -10.53 8.50
CA SER A 19 -18.88 -9.39 7.62
C SER A 19 -20.13 -8.52 7.62
N ASN A 20 -20.01 -7.32 8.19
CA ASN A 20 -21.14 -6.40 8.27
C ASN A 20 -21.60 -5.96 6.89
N LYS A 21 -20.65 -5.74 5.99
CA LYS A 21 -20.97 -5.30 4.64
C LYS A 21 -20.95 -6.48 3.66
N GLN A 22 -21.78 -6.37 2.61
CA GLN A 22 -21.86 -7.41 1.60
C GLN A 22 -20.72 -7.28 0.60
N ARG A 23 -20.50 -8.35 -0.17
CA ARG A 23 -19.43 -8.35 -1.16
C ARG A 23 -19.69 -7.30 -2.23
N ARG A 24 -20.94 -6.87 -2.34
CA ARG A 24 -21.31 -5.87 -3.33
C ARG A 24 -20.52 -4.57 -3.11
N GLU A 25 -20.40 -4.15 -1.87
CA GLU A 25 -19.66 -2.94 -1.55
C GLU A 25 -18.20 -3.08 -1.98
N TYR A 26 -17.63 -4.24 -1.72
CA TYR A 26 -16.23 -4.49 -2.10
C TYR A 26 -16.07 -4.46 -3.61
N ALA A 27 -17.06 -5.00 -4.31
CA ALA A 27 -17.02 -5.03 -5.78
C ALA A 27 -16.95 -3.61 -6.34
N GLN A 28 -17.70 -2.70 -5.74
CA GLN A 28 -17.72 -1.31 -6.20
C GLN A 28 -16.34 -0.69 -6.03
N GLU A 29 -15.68 -1.01 -4.91
CA GLU A 29 -14.35 -0.47 -4.64
C GLU A 29 -13.37 -0.93 -5.71
N MET A 30 -13.46 -2.19 -6.09
CA MET A 30 -12.56 -2.74 -7.10
C MET A 30 -12.76 -2.03 -8.44
N ASP A 31 -14.01 -1.73 -8.78
CA ASP A 31 -14.31 -1.04 -10.02
C ASP A 31 -13.67 0.33 -10.03
N ARG A 32 -13.70 1.01 -8.89
CA ARG A 32 -13.11 2.34 -8.78
C ARG A 32 -11.61 2.28 -9.06
N LEU A 33 -10.95 1.28 -8.49
CA LEU A 33 -9.51 1.12 -8.68
C LEU A 33 -9.19 0.87 -10.15
N GLU A 34 -10.02 0.08 -10.81
CA GLU A 34 -9.81 -0.22 -12.22
C GLU A 34 -9.90 1.06 -13.06
N LYS A 35 -10.84 1.93 -12.72
CA LYS A 35 -11.00 3.18 -13.43
C LYS A 35 -9.73 4.02 -13.29
N ALA A 36 -9.22 4.08 -12.07
CA ALA A 36 -8.00 4.82 -11.79
C ALA A 36 -6.84 4.26 -12.58
N PHE A 37 -6.80 2.93 -12.71
CA PHE A 37 -5.74 2.24 -13.43
C PHE A 37 -5.66 2.72 -14.88
N GLU A 38 -6.81 2.79 -15.54
CA GLU A 38 -6.84 3.22 -16.94
C GLU A 38 -6.29 4.63 -17.10
N ASN A 39 -6.62 5.50 -16.15
CA ASN A 39 -6.14 6.88 -16.19
C ASN A 39 -4.94 7.05 -15.27
N LEU A 40 -4.39 5.93 -14.81
CA LEU A 40 -3.25 5.96 -13.90
C LEU A 40 -1.93 5.84 -14.66
N ASP A 41 -1.51 6.94 -15.28
CA ASP A 41 -0.27 6.96 -16.04
C ASP A 41 0.94 6.80 -15.11
N GLY A 42 1.81 5.87 -15.43
CA GLY A 42 3.02 5.64 -14.63
C GLY A 42 2.72 4.73 -13.43
N TRP A 43 1.48 4.27 -13.33
CA TRP A 43 1.10 3.39 -12.23
C TRP A 43 0.62 2.04 -12.75
N TYR A 44 0.93 0.98 -12.01
CA TYR A 44 0.53 -0.36 -12.43
C TYR A 44 -0.11 -1.11 -11.27
N LEU A 45 -1.12 -1.92 -11.58
CA LEU A 45 -1.81 -2.68 -10.55
C LEU A 45 -1.60 -4.18 -10.76
N SER A 46 -1.30 -4.89 -9.69
CA SER A 46 -1.10 -6.33 -9.77
C SER A 46 -2.10 -7.06 -8.88
N SER A 47 -2.80 -8.03 -9.46
CA SER A 47 -3.80 -8.81 -8.72
C SER A 47 -3.13 -9.59 -7.60
N MET A 48 -2.02 -10.23 -7.91
CA MET A 48 -1.30 -11.03 -6.93
C MET A 48 -0.84 -10.14 -5.77
N LYS A 49 -0.31 -8.97 -6.10
CA LYS A 49 0.18 -8.04 -5.10
C LYS A 49 -0.70 -6.78 -5.09
N ASP A 50 -2.01 -6.98 -5.26
CA ASP A 50 -2.96 -5.87 -5.28
C ASP A 50 -2.31 -4.59 -4.75
N SER A 51 -1.54 -3.93 -5.60
CA SER A 51 -0.86 -2.70 -5.20
C SER A 51 -0.52 -1.84 -6.42
N ALA A 52 -0.54 -0.53 -6.24
CA ALA A 52 -0.22 0.40 -7.31
C ALA A 52 1.07 1.14 -6.99
N TYR A 53 1.92 1.34 -8.00
CA TYR A 53 3.18 2.03 -7.77
C TYR A 53 3.61 2.82 -9.01
N LYS A 54 4.48 3.80 -8.79
CA LYS A 54 4.98 4.63 -9.89
C LYS A 54 6.49 4.44 -10.03
N ASP A 55 6.93 4.11 -11.24
CA ASP A 55 8.35 3.88 -11.48
C ASP A 55 9.02 5.09 -12.15
N PHE A 56 9.78 5.86 -11.38
CA PHE A 56 10.50 7.01 -11.92
C PHE A 56 11.84 6.57 -12.48
N GLY A 57 12.21 5.34 -12.18
CA GLY A 57 13.49 4.80 -12.65
C GLY A 57 14.59 5.05 -11.62
N LYS A 58 14.27 5.87 -10.62
CA LYS A 58 15.22 6.19 -9.56
C LYS A 58 14.77 5.60 -8.23
N TYR A 59 13.46 5.49 -8.07
CA TYR A 59 12.89 4.94 -6.84
C TYR A 59 11.52 4.34 -7.11
N GLU A 60 11.05 3.48 -6.20
CA GLU A 60 9.75 2.85 -6.36
C GLU A 60 8.80 3.24 -5.24
N ILE A 61 7.60 3.69 -5.62
CA ILE A 61 6.60 4.09 -4.63
C ILE A 61 5.30 3.33 -4.90
N ARG A 62 4.66 2.84 -3.85
CA ARG A 62 3.42 2.09 -4.01
C ARG A 62 2.42 2.42 -2.90
N LEU A 63 1.14 2.21 -3.21
CA LEU A 63 0.07 2.47 -2.25
C LEU A 63 -0.59 1.16 -1.84
N SER A 64 -0.68 0.93 -0.54
CA SER A 64 -1.30 -0.29 -0.03
C SER A 64 -2.20 0.02 1.16
N ASN A 65 -3.12 -0.89 1.46
CA ASN A 65 -4.04 -0.70 2.58
C ASN A 65 -3.27 -0.46 3.87
N HIS A 66 -3.81 -0.95 4.98
CA HIS A 66 -3.17 -0.78 6.27
C HIS A 66 -1.79 -1.39 6.29
N SER A 67 -1.57 -2.37 5.42
CA SER A 67 -0.27 -3.03 5.35
C SER A 67 0.17 -3.17 3.89
N ALA A 68 1.49 -3.15 3.67
CA ALA A 68 2.03 -3.27 2.33
C ALA A 68 2.83 -4.56 2.20
N ASP A 69 3.49 -4.96 3.28
CA ASP A 69 4.29 -6.17 3.29
C ASP A 69 3.43 -7.40 3.02
N ASN A 70 2.23 -7.42 3.60
CA ASN A 70 1.33 -8.55 3.40
C ASN A 70 1.00 -8.73 1.93
N LYS A 71 0.65 -7.64 1.26
CA LYS A 71 0.31 -7.70 -0.16
C LYS A 71 1.53 -8.13 -0.97
N TYR A 72 2.69 -7.61 -0.61
CA TYR A 72 3.91 -7.92 -1.32
C TYR A 72 5.11 -7.95 -0.36
N HIS A 73 5.94 -8.97 -0.49
CA HIS A 73 7.12 -9.09 0.36
C HIS A 73 8.12 -7.98 0.03
N ASP A 74 9.08 -7.78 0.92
CA ASP A 74 10.09 -6.73 0.72
C ASP A 74 11.26 -7.27 -0.08
N LEU A 75 11.30 -6.94 -1.37
CA LEU A 75 12.39 -7.39 -2.24
C LEU A 75 13.14 -6.19 -2.80
N GLU A 76 14.45 -6.16 -2.57
CA GLU A 76 15.27 -5.06 -3.07
C GLU A 76 15.33 -5.08 -4.59
N ASN A 77 14.96 -3.96 -5.20
CA ASN A 77 14.98 -3.85 -6.65
C ASN A 77 16.22 -3.09 -7.12
N GLY A 78 17.15 -2.85 -6.20
CA GLY A 78 18.37 -2.13 -6.53
C GLY A 78 18.12 -0.62 -6.49
N ARG A 79 16.90 -0.26 -6.13
CA ARG A 79 16.51 1.14 -6.03
C ARG A 79 15.80 1.41 -4.72
N LEU A 80 15.76 2.67 -4.31
CA LEU A 80 15.10 3.02 -3.05
C LEU A 80 13.65 2.56 -3.07
N ILE A 81 13.18 2.08 -1.92
CA ILE A 81 11.82 1.59 -1.81
C ILE A 81 11.01 2.43 -0.83
N VAL A 82 9.86 2.90 -1.28
CA VAL A 82 8.99 3.72 -0.43
C VAL A 82 7.66 3.02 -0.20
N ASN A 83 7.29 2.82 1.05
CA ASN A 83 6.04 2.18 1.39
C ASN A 83 5.00 3.21 1.80
N ILE A 84 3.87 3.22 1.10
CA ILE A 84 2.82 4.19 1.40
C ILE A 84 1.53 3.47 1.82
N LYS A 85 0.99 3.87 2.97
CA LYS A 85 -0.25 3.26 3.45
C LYS A 85 -1.43 4.19 3.20
N ALA A 86 -2.49 3.64 2.63
CA ALA A 86 -3.68 4.43 2.34
C ALA A 86 -4.91 3.52 2.22
N SER A 87 -6.08 4.09 2.49
CA SER A 87 -7.32 3.32 2.40
C SER A 87 -7.64 2.98 0.95
N LYS A 88 -8.32 1.87 0.73
CA LYS A 88 -8.67 1.46 -0.62
C LYS A 88 -9.59 2.49 -1.28
N LEU A 89 -10.51 3.05 -0.50
CA LEU A 89 -11.42 4.06 -1.01
C LEU A 89 -10.71 5.39 -1.17
N ASN A 90 -9.59 5.54 -0.46
CA ASN A 90 -8.82 6.78 -0.52
C ASN A 90 -7.62 6.60 -1.45
N PHE A 91 -7.60 5.51 -2.20
CA PHE A 91 -6.50 5.24 -3.12
C PHE A 91 -6.35 6.37 -4.13
N VAL A 92 -7.46 6.76 -4.74
CA VAL A 92 -7.42 7.84 -5.73
C VAL A 92 -6.96 9.14 -5.10
N ASP A 93 -7.51 9.45 -3.92
CA ASP A 93 -7.15 10.68 -3.22
C ASP A 93 -5.67 10.68 -2.84
N ILE A 94 -5.19 9.55 -2.32
CA ILE A 94 -3.79 9.45 -1.91
C ILE A 94 -2.86 9.53 -3.11
N ILE A 95 -3.33 9.08 -4.26
CA ILE A 95 -2.50 9.09 -5.47
C ILE A 95 -2.11 10.52 -5.86
N GLU A 96 -2.96 11.49 -5.55
CA GLU A 96 -2.68 12.86 -5.89
C GLU A 96 -1.89 13.57 -4.80
N ASN A 97 -2.39 13.54 -3.57
CA ASN A 97 -1.73 14.20 -2.46
C ASN A 97 -0.38 13.54 -2.15
N LYS A 98 -0.35 12.21 -2.16
CA LYS A 98 0.88 11.48 -1.88
C LYS A 98 1.92 11.75 -2.95
N LEU A 99 1.49 11.72 -4.19
CA LEU A 99 2.40 11.96 -5.30
C LEU A 99 3.00 13.36 -5.20
N ASP A 100 2.17 14.33 -4.84
CA ASP A 100 2.63 15.70 -4.68
C ASP A 100 3.67 15.79 -3.58
N LYS A 101 3.44 15.04 -2.50
CA LYS A 101 4.35 15.04 -1.36
C LYS A 101 5.71 14.50 -1.76
N ILE A 102 5.72 13.47 -2.60
CA ILE A 102 6.99 12.87 -3.03
C ILE A 102 7.66 13.74 -4.09
N ILE A 103 6.87 14.26 -5.01
CA ILE A 103 7.42 15.11 -6.08
C ILE A 103 8.06 16.36 -5.49
N GLU A 104 7.36 16.99 -4.55
CA GLU A 104 7.89 18.20 -3.92
C GLU A 104 9.18 17.92 -3.17
N LYS A 105 9.20 16.84 -2.40
CA LYS A 105 10.39 16.50 -1.62
C LYS A 105 11.56 16.13 -2.53
N ILE A 106 11.25 15.52 -3.67
CA ILE A 106 12.30 15.11 -4.59
C ILE A 106 12.94 16.33 -5.25
N ASP A 107 12.16 17.40 -5.38
CA ASP A 107 12.66 18.63 -5.99
C ASP A 107 13.80 19.21 -5.16
N LYS A 108 13.68 19.15 -3.85
CA LYS A 108 14.72 19.69 -2.97
C LYS A 108 15.78 18.64 -2.64
N LEU A 109 15.47 17.38 -2.93
CA LEU A 109 16.42 16.30 -2.65
C LEU A 109 16.12 15.09 -3.53
N ASP A 110 17.10 14.18 -3.62
CA ASP A 110 16.93 12.98 -4.42
C ASP A 110 16.66 11.76 -3.54
N LEU A 111 15.75 10.91 -3.99
CA LEU A 111 15.41 9.70 -3.23
C LEU A 111 16.62 8.77 -3.15
N ASP A 112 17.51 8.90 -4.12
CA ASP A 112 18.71 8.07 -4.15
C ASP A 112 19.53 8.26 -2.89
N LYS A 113 19.57 9.48 -2.39
CA LYS A 113 20.33 9.78 -1.17
C LYS A 113 19.73 9.03 0.00
N TYR A 114 18.40 8.97 0.03
CA TYR A 114 17.70 8.29 1.10
C TYR A 114 17.76 6.78 0.89
N ARG A 115 17.97 6.04 1.97
CA ARG A 115 18.02 4.58 1.87
C ARG A 115 16.67 3.96 2.20
N PHE A 116 15.97 4.55 3.17
CA PHE A 116 14.66 4.05 3.56
C PHE A 116 13.64 5.18 3.60
N ILE A 117 12.51 4.97 2.92
CA ILE A 117 11.45 5.97 2.90
C ILE A 117 10.11 5.29 3.10
N ASN A 118 9.29 5.86 3.97
CA ASN A 118 8.01 5.25 4.25
C ASN A 118 6.95 6.31 4.58
N ALA A 119 5.99 6.47 3.68
CA ALA A 119 4.92 7.45 3.88
C ALA A 119 3.83 6.88 4.77
N THR A 120 3.16 7.76 5.50
CA THR A 120 2.09 7.36 6.40
C THR A 120 0.78 8.02 5.98
N ASN A 121 -0.34 7.48 6.44
CA ASN A 121 -1.64 8.04 6.10
C ASN A 121 -1.57 9.55 6.05
N LEU A 122 -2.41 10.15 5.19
CA LEU A 122 -2.42 11.60 5.04
C LEU A 122 -2.42 12.28 6.42
N GLU A 123 -3.12 11.67 7.37
CA GLU A 123 -3.17 12.22 8.72
C GLU A 123 -1.78 12.17 9.35
N HIS A 124 -1.05 11.11 9.02
CA HIS A 124 0.30 10.93 9.55
C HIS A 124 1.33 11.65 8.68
N ASP A 125 2.53 11.83 9.22
CA ASP A 125 3.61 12.50 8.50
C ASP A 125 4.53 11.48 7.85
N ILE A 126 5.49 11.96 7.05
CA ILE A 126 6.41 11.06 6.38
C ILE A 126 7.79 11.13 7.02
N LYS A 127 8.40 9.97 7.21
CA LYS A 127 9.71 9.89 7.84
C LYS A 127 10.73 9.27 6.88
N CYS A 128 11.91 9.87 6.82
CA CYS A 128 12.96 9.37 5.94
C CYS A 128 14.31 9.35 6.66
N TYR A 129 15.01 8.22 6.56
CA TYR A 129 16.31 8.09 7.20
C TYR A 129 17.42 8.10 6.16
N TYR A 130 18.44 8.91 6.39
CA TYR A 130 19.56 9.01 5.46
C TYR A 130 20.23 7.65 5.28
N LYS A 131 20.55 7.00 6.41
CA LYS A 131 21.20 5.69 6.35
C LYS A 131 20.21 4.59 6.72
N GLY A 132 18.99 4.98 7.07
CA GLY A 132 17.95 4.03 7.46
C GLY A 132 17.83 3.96 8.97
N PHE A 133 18.85 4.47 9.65
CA PHE A 133 18.86 4.51 11.11
C PHE A 133 19.89 5.52 11.58
N LYS A 134 19.43 6.58 12.24
CA LYS A 134 20.33 7.61 12.73
C LYS A 134 19.54 8.81 13.25
N THR A 135 20.23 9.69 13.97
CA THR A 135 19.58 10.87 14.52
C THR A 135 19.20 11.84 13.40
N LYS A 136 19.84 11.69 12.24
CA LYS A 136 19.56 12.56 11.10
C LYS A 136 18.48 11.96 10.21
N LYS A 137 17.36 12.66 10.08
CA LYS A 137 16.25 12.20 9.25
C LYS A 137 15.47 13.38 8.70
N GLU A 138 14.74 13.16 7.62
CA GLU A 138 13.95 14.21 7.00
C GLU A 138 12.46 13.90 7.09
N VAL A 139 11.66 14.93 7.35
CA VAL A 139 10.22 14.74 7.45
C VAL A 139 9.48 15.88 6.76
N ILE A 140 8.36 15.54 6.11
CA ILE A 140 7.56 16.55 5.42
C ILE A 140 6.08 16.36 5.71
N MET A 1 -11.01 -41.30 14.97
CA MET A 1 -12.08 -42.32 15.19
C MET A 1 -13.36 -41.87 14.49
N ALA A 2 -13.91 -42.75 13.66
CA ALA A 2 -15.14 -42.43 12.93
C ALA A 2 -16.28 -42.15 13.91
N TYR A 3 -16.34 -42.93 14.98
CA TYR A 3 -17.39 -42.76 15.98
C TYR A 3 -17.29 -41.37 16.63
N GLY A 4 -18.42 -40.69 16.71
CA GLY A 4 -18.47 -39.36 17.30
C GLY A 4 -18.24 -38.28 16.25
N LYS A 5 -17.85 -38.70 15.05
CA LYS A 5 -17.60 -37.76 13.97
C LYS A 5 -18.71 -37.85 12.92
N SER A 6 -19.40 -38.98 12.88
CA SER A 6 -20.48 -39.18 11.93
C SER A 6 -20.01 -38.85 10.52
N ARG A 7 -18.80 -39.26 10.18
CA ARG A 7 -18.25 -39.00 8.86
C ARG A 7 -18.28 -37.49 8.57
N TYR A 8 -17.81 -36.69 9.52
CA TYR A 8 -17.80 -35.25 9.35
C TYR A 8 -19.22 -34.70 9.43
N ASN A 9 -19.60 -34.18 10.60
CA ASN A 9 -20.93 -33.63 10.79
C ASN A 9 -21.18 -32.49 9.81
N SER A 10 -22.39 -32.47 9.25
CA SER A 10 -22.76 -31.43 8.29
C SER A 10 -22.80 -30.06 8.97
N TYR A 11 -22.99 -30.06 10.28
CA TYR A 11 -23.05 -28.80 11.03
C TYR A 11 -21.88 -28.68 12.00
N ARG A 12 -21.26 -27.50 12.02
CA ARG A 12 -20.13 -27.25 12.91
C ARG A 12 -19.94 -25.76 13.10
N LYS A 13 -19.14 -25.38 14.10
CA LYS A 13 -18.89 -23.97 14.37
C LYS A 13 -18.32 -23.29 13.14
N ARG A 14 -18.92 -22.15 12.77
CA ARG A 14 -18.45 -21.42 11.60
C ARG A 14 -17.60 -20.22 12.00
N SER A 15 -16.34 -20.22 11.55
CA SER A 15 -15.43 -19.13 11.86
C SER A 15 -15.94 -17.82 11.29
N PHE A 16 -16.40 -17.86 10.05
CA PHE A 16 -16.90 -16.66 9.38
C PHE A 16 -18.21 -16.21 10.01
N ASN A 17 -18.29 -14.94 10.41
CA ASN A 17 -19.50 -14.40 11.02
C ASN A 17 -19.27 -12.97 11.48
N ARG A 18 -18.25 -12.32 10.91
CA ARG A 18 -17.93 -10.94 11.29
C ARG A 18 -17.94 -10.03 10.08
N SER A 19 -18.91 -10.24 9.19
CA SER A 19 -19.02 -9.42 7.99
C SER A 19 -19.26 -7.96 8.34
N ASN A 20 -18.64 -7.05 7.60
CA ASN A 20 -18.80 -5.63 7.86
C ASN A 20 -19.24 -4.90 6.59
N LYS A 21 -19.99 -3.81 6.77
CA LYS A 21 -20.47 -3.02 5.66
C LYS A 21 -21.34 -3.88 4.73
N GLN A 22 -21.26 -3.60 3.42
CA GLN A 22 -22.05 -4.35 2.45
C GLN A 22 -21.17 -4.84 1.30
N ARG A 23 -21.52 -5.98 0.73
CA ARG A 23 -20.76 -6.55 -0.37
C ARG A 23 -20.74 -5.59 -1.56
N ARG A 24 -21.88 -4.98 -1.85
CA ARG A 24 -21.98 -4.04 -2.96
C ARG A 24 -21.01 -2.88 -2.77
N GLU A 25 -20.90 -2.39 -1.54
CA GLU A 25 -20.00 -1.28 -1.25
C GLU A 25 -18.56 -1.66 -1.59
N TYR A 26 -18.15 -2.87 -1.22
CA TYR A 26 -16.80 -3.33 -1.51
C TYR A 26 -16.58 -3.46 -3.01
N ALA A 27 -17.60 -3.93 -3.71
CA ALA A 27 -17.51 -4.10 -5.16
C ALA A 27 -17.26 -2.76 -5.84
N GLN A 28 -17.93 -1.72 -5.36
CA GLN A 28 -17.77 -0.37 -5.93
C GLN A 28 -16.33 0.10 -5.75
N GLU A 29 -15.77 -0.18 -4.58
CA GLU A 29 -14.40 0.24 -4.30
C GLU A 29 -13.43 -0.43 -5.26
N MET A 30 -13.65 -1.71 -5.53
CA MET A 30 -12.78 -2.46 -6.43
C MET A 30 -12.81 -1.84 -7.82
N ASP A 31 -14.00 -1.51 -8.30
CA ASP A 31 -14.15 -0.91 -9.63
C ASP A 31 -13.41 0.43 -9.68
N ARG A 32 -13.51 1.20 -8.61
CA ARG A 32 -12.84 2.49 -8.54
C ARG A 32 -11.32 2.32 -8.67
N LEU A 33 -10.79 1.33 -7.96
CA LEU A 33 -9.36 1.06 -8.01
C LEU A 33 -8.92 0.70 -9.42
N GLU A 34 -9.71 -0.14 -10.08
CA GLU A 34 -9.40 -0.55 -11.44
C GLU A 34 -9.37 0.65 -12.38
N LYS A 35 -10.34 1.54 -12.21
CA LYS A 35 -10.43 2.73 -13.05
C LYS A 35 -9.19 3.60 -12.85
N ALA A 36 -8.74 3.70 -11.61
CA ALA A 36 -7.56 4.49 -11.30
C ALA A 36 -6.34 3.94 -12.03
N PHE A 37 -6.25 2.62 -12.09
CA PHE A 37 -5.14 1.96 -12.76
C PHE A 37 -5.04 2.38 -14.23
N GLU A 38 -6.18 2.36 -14.92
CA GLU A 38 -6.22 2.73 -16.32
C GLU A 38 -5.73 4.17 -16.51
N ASN A 39 -6.12 5.04 -15.59
CA ASN A 39 -5.71 6.44 -15.68
C ASN A 39 -4.41 6.66 -14.91
N LEU A 40 -3.74 5.58 -14.53
CA LEU A 40 -2.49 5.68 -13.80
C LEU A 40 -1.35 5.05 -14.58
N ASP A 41 -0.81 5.78 -15.54
CA ASP A 41 0.30 5.27 -16.34
C ASP A 41 1.56 5.13 -15.49
N GLY A 42 2.32 4.06 -15.73
CA GLY A 42 3.53 3.82 -14.98
C GLY A 42 3.23 3.17 -13.63
N TRP A 43 1.97 2.80 -13.42
CA TRP A 43 1.56 2.17 -12.16
C TRP A 43 1.07 0.76 -12.41
N TYR A 44 1.38 -0.14 -11.48
CA TYR A 44 0.98 -1.53 -11.61
C TYR A 44 0.31 -2.04 -10.34
N LEU A 45 -0.65 -2.94 -10.50
CA LEU A 45 -1.37 -3.50 -9.35
C LEU A 45 -1.07 -4.98 -9.21
N SER A 46 -0.94 -5.44 -7.96
CA SER A 46 -0.67 -6.85 -7.72
C SER A 46 -1.78 -7.46 -6.87
N SER A 47 -2.25 -8.64 -7.29
CA SER A 47 -3.31 -9.33 -6.57
C SER A 47 -2.84 -9.83 -5.21
N MET A 48 -1.57 -10.25 -5.16
CA MET A 48 -1.02 -10.77 -3.91
C MET A 48 -1.03 -9.70 -2.81
N LYS A 49 -0.70 -8.47 -3.18
CA LYS A 49 -0.69 -7.38 -2.21
C LYS A 49 -1.46 -6.18 -2.74
N ASP A 50 -2.58 -6.45 -3.42
CA ASP A 50 -3.43 -5.38 -3.98
C ASP A 50 -2.83 -4.00 -3.72
N SER A 51 -1.68 -3.74 -4.34
CA SER A 51 -1.00 -2.46 -4.18
C SER A 51 -0.61 -1.87 -5.52
N ALA A 52 -0.57 -0.54 -5.60
CA ALA A 52 -0.20 0.14 -6.83
C ALA A 52 1.12 0.86 -6.65
N TYR A 53 2.00 0.74 -7.65
CA TYR A 53 3.31 1.38 -7.58
C TYR A 53 3.78 1.78 -8.97
N LYS A 54 4.70 2.75 -9.01
CA LYS A 54 5.23 3.21 -10.29
C LYS A 54 6.74 3.34 -10.23
N ASP A 55 7.40 2.90 -11.29
CA ASP A 55 8.85 2.96 -11.35
C ASP A 55 9.30 4.21 -12.11
N PHE A 56 10.37 4.82 -11.61
CA PHE A 56 10.92 6.02 -12.24
C PHE A 56 12.29 5.73 -12.84
N GLY A 57 12.79 4.54 -12.55
CA GLY A 57 14.10 4.14 -13.06
C GLY A 57 15.20 4.53 -12.08
N LYS A 58 14.85 5.34 -11.10
CA LYS A 58 15.82 5.78 -10.09
C LYS A 58 15.42 5.26 -8.71
N TYR A 59 14.11 5.10 -8.50
CA TYR A 59 13.60 4.62 -7.23
C TYR A 59 12.24 3.96 -7.42
N GLU A 60 11.84 3.15 -6.44
CA GLU A 60 10.56 2.46 -6.51
C GLU A 60 9.63 2.93 -5.39
N ILE A 61 8.42 3.33 -5.77
CA ILE A 61 7.44 3.80 -4.79
C ILE A 61 6.12 3.04 -4.97
N ARG A 62 5.52 2.63 -3.85
CA ARG A 62 4.27 1.89 -3.92
C ARG A 62 3.31 2.36 -2.83
N LEU A 63 2.02 2.15 -3.07
CA LEU A 63 0.99 2.53 -2.11
C LEU A 63 0.23 1.30 -1.65
N SER A 64 0.17 1.10 -0.33
CA SER A 64 -0.53 -0.05 0.23
C SER A 64 -1.52 0.39 1.30
N ASN A 65 -2.56 -0.41 1.49
CA ASN A 65 -3.58 -0.09 2.49
C ASN A 65 -2.94 0.08 3.86
N HIS A 66 -3.74 -0.07 4.91
CA HIS A 66 -3.25 0.09 6.27
C HIS A 66 -2.18 -0.96 6.56
N SER A 67 -2.40 -2.18 6.07
CA SER A 67 -1.44 -3.25 6.29
C SER A 67 -0.37 -3.24 5.21
N ALA A 68 0.75 -2.57 5.51
CA ALA A 68 1.85 -2.48 4.57
C ALA A 68 3.00 -3.39 5.02
N ASP A 69 2.67 -4.35 5.88
CA ASP A 69 3.66 -5.27 6.41
C ASP A 69 4.30 -6.10 5.30
N ASN A 70 3.50 -6.48 4.30
CA ASN A 70 4.00 -7.29 3.19
C ASN A 70 4.71 -6.43 2.14
N LYS A 71 4.79 -5.13 2.41
CA LYS A 71 5.43 -4.22 1.48
C LYS A 71 6.89 -4.61 1.24
N TYR A 72 7.45 -5.37 2.19
CA TYR A 72 8.84 -5.79 2.09
C TYR A 72 9.04 -6.73 0.90
N HIS A 73 10.24 -6.69 0.33
CA HIS A 73 10.57 -7.54 -0.81
C HIS A 73 11.97 -8.14 -0.63
N ASP A 74 12.19 -9.32 -1.21
CA ASP A 74 13.48 -9.97 -1.10
C ASP A 74 14.46 -9.39 -2.11
N LEU A 75 15.70 -9.89 -2.09
CA LEU A 75 16.73 -9.41 -3.00
C LEU A 75 16.86 -7.89 -2.92
N GLU A 76 18.09 -7.40 -3.05
CA GLU A 76 18.32 -5.96 -2.97
C GLU A 76 17.78 -5.27 -4.22
N ASN A 77 16.87 -4.32 -4.01
CA ASN A 77 16.28 -3.58 -5.12
C ASN A 77 17.34 -2.72 -5.81
N GLY A 78 18.29 -2.22 -5.02
CA GLY A 78 19.36 -1.39 -5.55
C GLY A 78 18.90 0.07 -5.69
N ARG A 79 17.64 0.31 -5.35
CA ARG A 79 17.09 1.66 -5.42
C ARG A 79 16.28 1.97 -4.16
N LEU A 80 16.05 3.26 -3.91
CA LEU A 80 15.27 3.66 -2.75
C LEU A 80 13.82 3.26 -2.90
N ILE A 81 13.20 2.84 -1.79
CA ILE A 81 11.81 2.42 -1.81
C ILE A 81 10.95 3.32 -0.91
N VAL A 82 9.86 3.83 -1.46
CA VAL A 82 8.96 4.69 -0.70
C VAL A 82 7.64 3.98 -0.47
N ASN A 83 7.26 3.83 0.79
CA ASN A 83 6.00 3.17 1.13
C ASN A 83 4.98 4.17 1.65
N ILE A 84 3.78 4.13 1.09
CA ILE A 84 2.72 5.04 1.50
C ILE A 84 1.50 4.26 1.99
N LYS A 85 1.03 4.61 3.19
CA LYS A 85 -0.14 3.92 3.75
C LYS A 85 -1.39 4.78 3.60
N ALA A 86 -2.45 4.19 3.07
CA ALA A 86 -3.70 4.91 2.88
C ALA A 86 -4.87 3.93 2.78
N SER A 87 -6.06 4.39 3.13
CA SER A 87 -7.25 3.53 3.07
C SER A 87 -7.55 3.18 1.62
N LYS A 88 -8.05 1.96 1.41
CA LYS A 88 -8.37 1.51 0.05
C LYS A 88 -9.44 2.42 -0.55
N LEU A 89 -10.33 2.92 0.29
CA LEU A 89 -11.38 3.82 -0.17
C LEU A 89 -10.79 5.11 -0.71
N ASN A 90 -9.80 5.63 0.02
CA ASN A 90 -9.13 6.87 -0.37
C ASN A 90 -7.78 6.56 -1.02
N PHE A 91 -7.60 5.31 -1.43
CA PHE A 91 -6.35 4.90 -2.05
C PHE A 91 -6.05 5.76 -3.29
N VAL A 92 -7.05 5.91 -4.15
CA VAL A 92 -6.89 6.72 -5.35
C VAL A 92 -6.60 8.17 -4.99
N ASP A 93 -7.35 8.69 -4.02
CA ASP A 93 -7.18 10.07 -3.58
C ASP A 93 -5.77 10.28 -3.03
N ILE A 94 -5.29 9.32 -2.24
CA ILE A 94 -3.96 9.43 -1.64
C ILE A 94 -2.92 9.55 -2.73
N ILE A 95 -3.19 8.97 -3.90
CA ILE A 95 -2.26 9.02 -5.00
C ILE A 95 -1.97 10.44 -5.43
N GLU A 96 -3.02 11.25 -5.55
CA GLU A 96 -2.85 12.64 -5.97
C GLU A 96 -2.02 13.43 -4.97
N ASN A 97 -2.34 13.30 -3.68
CA ASN A 97 -1.62 14.03 -2.64
C ASN A 97 -0.22 13.47 -2.43
N LYS A 98 -0.10 12.15 -2.43
CA LYS A 98 1.19 11.51 -2.23
C LYS A 98 2.11 11.76 -3.42
N LEU A 99 1.54 11.66 -4.62
CA LEU A 99 2.32 11.89 -5.83
C LEU A 99 2.83 13.33 -5.85
N ASP A 100 1.97 14.26 -5.46
CA ASP A 100 2.34 15.67 -5.43
C ASP A 100 3.45 15.92 -4.42
N LYS A 101 3.37 15.23 -3.28
CA LYS A 101 4.37 15.38 -2.24
C LYS A 101 5.73 14.89 -2.72
N ILE A 102 5.71 13.80 -3.47
CA ILE A 102 6.94 13.23 -3.99
C ILE A 102 7.47 14.05 -5.16
N ILE A 103 6.57 14.56 -6.00
CA ILE A 103 6.98 15.37 -7.14
C ILE A 103 7.70 16.63 -6.68
N GLU A 104 7.11 17.32 -5.70
CA GLU A 104 7.73 18.53 -5.17
C GLU A 104 9.02 18.22 -4.43
N LYS A 105 9.01 17.11 -3.70
CA LYS A 105 10.19 16.71 -2.94
C LYS A 105 11.38 16.48 -3.87
N ILE A 106 11.13 15.79 -4.97
CA ILE A 106 12.18 15.51 -5.95
C ILE A 106 12.75 16.78 -6.53
N ASP A 107 11.87 17.72 -6.84
CA ASP A 107 12.29 18.97 -7.43
C ASP A 107 13.26 19.74 -6.52
N LYS A 108 12.98 19.76 -5.22
CA LYS A 108 13.85 20.46 -4.28
C LYS A 108 15.13 19.68 -4.09
N LEU A 109 14.99 18.36 -4.05
CA LEU A 109 16.13 17.48 -3.88
C LEU A 109 15.80 16.09 -4.42
N ASP A 110 16.77 15.19 -4.36
CA ASP A 110 16.55 13.83 -4.86
C ASP A 110 16.02 12.94 -3.75
N LEU A 111 14.93 12.23 -4.03
CA LEU A 111 14.34 11.33 -3.05
C LEU A 111 15.21 10.09 -2.89
N ASP A 112 16.08 9.87 -3.86
CA ASP A 112 16.98 8.73 -3.83
C ASP A 112 17.94 8.84 -2.65
N LYS A 113 18.12 10.06 -2.17
CA LYS A 113 19.00 10.31 -1.03
C LYS A 113 18.45 9.63 0.21
N TYR A 114 17.14 9.66 0.36
CA TYR A 114 16.49 9.05 1.50
C TYR A 114 16.41 7.54 1.32
N ARG A 115 17.18 6.81 2.13
CA ARG A 115 17.18 5.36 2.06
C ARG A 115 15.80 4.79 2.40
N PHE A 116 15.18 5.34 3.44
CA PHE A 116 13.87 4.87 3.86
C PHE A 116 12.85 6.00 3.82
N ILE A 117 11.79 5.80 3.05
CA ILE A 117 10.73 6.80 2.93
C ILE A 117 9.39 6.16 3.21
N ASN A 118 8.60 6.80 4.05
CA ASN A 118 7.31 6.24 4.42
C ASN A 118 6.30 7.33 4.71
N ALA A 119 5.29 7.43 3.85
CA ALA A 119 4.23 8.43 4.02
C ALA A 119 3.18 7.93 5.01
N THR A 120 2.46 8.86 5.62
CA THR A 120 1.44 8.52 6.58
C THR A 120 0.10 9.14 6.18
N ASN A 121 -0.99 8.61 6.72
CA ASN A 121 -2.32 9.13 6.40
C ASN A 121 -2.29 10.65 6.30
N LEU A 122 -3.38 11.22 5.80
CA LEU A 122 -3.46 12.67 5.64
C LEU A 122 -3.32 13.35 7.00
N GLU A 123 -3.94 12.76 8.02
CA GLU A 123 -3.87 13.32 9.36
C GLU A 123 -2.44 13.21 9.89
N HIS A 124 -1.63 12.40 9.21
CA HIS A 124 -0.24 12.21 9.61
C HIS A 124 0.71 12.80 8.57
N ASP A 125 1.94 13.08 9.00
CA ASP A 125 2.94 13.65 8.10
C ASP A 125 3.87 12.57 7.58
N ILE A 126 4.70 12.92 6.60
CA ILE A 126 5.63 11.96 6.01
C ILE A 126 7.06 12.27 6.45
N LYS A 127 7.78 11.22 6.87
CA LYS A 127 9.15 11.38 7.33
C LYS A 127 10.10 10.56 6.47
N CYS A 128 11.25 11.14 6.17
CA CYS A 128 12.24 10.45 5.34
C CYS A 128 13.60 10.41 6.05
N TYR A 129 14.37 9.36 5.79
CA TYR A 129 15.68 9.21 6.40
C TYR A 129 16.76 9.20 5.33
N TYR A 130 17.85 9.93 5.59
CA TYR A 130 18.94 10.01 4.62
C TYR A 130 19.53 8.62 4.36
N LYS A 131 19.82 7.89 5.44
CA LYS A 131 20.35 6.54 5.33
C LYS A 131 19.38 5.52 5.92
N GLY A 132 18.16 5.96 6.18
CA GLY A 132 17.14 5.09 6.76
C GLY A 132 17.17 5.23 8.27
N PHE A 133 18.23 5.85 8.76
CA PHE A 133 18.38 6.08 10.19
C PHE A 133 19.45 7.16 10.41
N LYS A 134 19.04 8.28 10.99
CA LYS A 134 19.97 9.37 11.22
C LYS A 134 19.24 10.62 11.70
N THR A 135 19.99 11.59 12.22
CA THR A 135 19.39 12.82 12.71
C THR A 135 18.80 13.62 11.57
N LYS A 136 19.31 13.42 10.36
CA LYS A 136 18.80 14.13 9.19
C LYS A 136 17.53 13.46 8.68
N LYS A 137 16.47 14.23 8.54
CA LYS A 137 15.20 13.68 8.05
C LYS A 137 14.39 14.75 7.33
N GLU A 138 13.47 14.32 6.47
CA GLU A 138 12.63 15.26 5.74
C GLU A 138 11.17 15.06 6.13
N VAL A 139 10.50 16.15 6.46
CA VAL A 139 9.10 16.09 6.85
C VAL A 139 8.30 17.22 6.19
N ILE A 140 7.08 16.90 5.77
CA ILE A 140 6.22 17.90 5.13
C ILE A 140 4.82 17.83 5.69
N MET A 1 -20.90 -11.47 16.65
CA MET A 1 -19.49 -11.11 16.36
C MET A 1 -19.25 -9.65 16.73
N ALA A 2 -18.66 -9.42 17.91
CA ALA A 2 -18.39 -8.07 18.37
C ALA A 2 -16.99 -7.97 18.93
N TYR A 3 -16.31 -6.87 18.61
CA TYR A 3 -14.94 -6.65 19.08
C TYR A 3 -14.05 -7.83 18.71
N GLY A 4 -14.40 -8.54 17.64
CA GLY A 4 -13.61 -9.68 17.22
C GLY A 4 -12.18 -9.25 16.87
N LYS A 5 -12.07 -8.17 16.09
CA LYS A 5 -10.77 -7.65 15.72
C LYS A 5 -10.04 -7.11 16.94
N SER A 6 -10.79 -6.43 17.81
CA SER A 6 -10.20 -5.87 19.02
C SER A 6 -8.94 -5.10 18.69
N ARG A 7 -8.96 -4.39 17.56
CA ARG A 7 -7.79 -3.63 17.13
C ARG A 7 -6.61 -4.57 16.92
N TYR A 8 -6.05 -5.06 18.02
CA TYR A 8 -4.92 -5.97 17.94
C TYR A 8 -5.19 -7.21 18.80
N ASN A 9 -5.82 -8.21 18.21
CA ASN A 9 -6.14 -9.44 18.94
C ASN A 9 -4.87 -10.13 19.39
N SER A 10 -3.88 -10.22 18.50
CA SER A 10 -2.62 -10.87 18.82
C SER A 10 -1.95 -11.39 17.56
N TYR A 11 -0.88 -10.74 17.14
CA TYR A 11 -0.16 -11.15 15.94
C TYR A 11 -1.07 -11.16 14.73
N ARG A 12 -2.08 -10.28 14.75
CA ARG A 12 -3.01 -10.19 13.63
C ARG A 12 -3.67 -11.53 13.32
N LYS A 13 -4.41 -12.06 14.29
CA LYS A 13 -5.09 -13.34 14.10
C LYS A 13 -6.08 -13.25 12.94
N ARG A 14 -6.24 -14.37 12.23
CA ARG A 14 -7.15 -14.41 11.09
C ARG A 14 -8.58 -14.11 11.53
N SER A 15 -9.25 -13.24 10.80
CA SER A 15 -10.63 -12.87 11.12
C SER A 15 -11.60 -13.63 10.22
N PHE A 16 -12.44 -12.90 9.49
CA PHE A 16 -13.40 -13.53 8.60
C PHE A 16 -13.68 -12.65 7.38
N ASN A 17 -14.21 -13.27 6.33
CA ASN A 17 -14.52 -12.55 5.10
C ASN A 17 -15.87 -11.85 5.20
N ARG A 18 -16.09 -10.86 4.33
CA ARG A 18 -17.34 -10.12 4.34
C ARG A 18 -17.73 -9.72 2.92
N SER A 19 -19.01 -9.41 2.73
CA SER A 19 -19.51 -9.03 1.42
C SER A 19 -19.23 -10.12 0.40
N ASN A 20 -19.25 -11.36 0.86
CA ASN A 20 -19.00 -12.50 -0.02
C ASN A 20 -20.06 -12.57 -1.12
N LYS A 21 -21.31 -12.33 -0.74
CA LYS A 21 -22.41 -12.39 -1.69
C LYS A 21 -22.46 -11.12 -2.54
N GLN A 22 -21.70 -10.10 -2.13
CA GLN A 22 -21.67 -8.84 -2.86
C GLN A 22 -20.71 -8.94 -4.03
N ARG A 23 -20.99 -9.87 -4.94
CA ARG A 23 -20.15 -10.05 -6.12
C ARG A 23 -20.12 -8.79 -6.98
N ARG A 24 -21.30 -8.18 -7.16
CA ARG A 24 -21.41 -6.97 -7.96
C ARG A 24 -20.55 -5.86 -7.38
N GLU A 25 -20.29 -5.92 -6.08
CA GLU A 25 -19.48 -4.91 -5.43
C GLU A 25 -18.07 -4.91 -6.01
N TYR A 26 -17.53 -6.10 -6.25
CA TYR A 26 -16.20 -6.23 -6.80
C TYR A 26 -16.14 -5.71 -8.23
N ALA A 27 -17.19 -5.96 -9.00
CA ALA A 27 -17.24 -5.51 -10.39
C ALA A 27 -17.17 -3.98 -10.46
N GLN A 28 -17.92 -3.32 -9.59
CA GLN A 28 -17.92 -1.86 -9.58
C GLN A 28 -16.62 -1.34 -8.98
N GLU A 29 -16.00 -2.16 -8.13
CA GLU A 29 -14.75 -1.77 -7.49
C GLU A 29 -13.67 -1.55 -8.54
N MET A 30 -13.60 -2.44 -9.52
CA MET A 30 -12.62 -2.33 -10.59
C MET A 30 -12.82 -1.04 -11.38
N ASP A 31 -14.08 -0.70 -11.64
CA ASP A 31 -14.39 0.50 -12.39
C ASP A 31 -13.89 1.74 -11.64
N ARG A 32 -14.06 1.73 -10.31
CA ARG A 32 -13.61 2.84 -9.49
C ARG A 32 -12.10 3.01 -9.60
N LEU A 33 -11.38 1.90 -9.55
CA LEU A 33 -9.93 1.93 -9.66
C LEU A 33 -9.50 2.48 -11.01
N GLU A 34 -10.22 2.10 -12.05
CA GLU A 34 -9.90 2.56 -13.40
C GLU A 34 -10.02 4.08 -13.48
N LYS A 35 -11.04 4.63 -12.82
CA LYS A 35 -11.25 6.07 -12.82
C LYS A 35 -10.05 6.76 -12.19
N ALA A 36 -9.60 6.22 -11.07
CA ALA A 36 -8.44 6.79 -10.37
C ALA A 36 -7.21 6.75 -11.26
N PHE A 37 -7.06 5.66 -12.00
CA PHE A 37 -5.93 5.49 -12.91
C PHE A 37 -5.85 6.62 -13.92
N GLU A 38 -6.99 6.92 -14.54
CA GLU A 38 -7.05 7.98 -15.54
C GLU A 38 -6.64 9.32 -14.95
N ASN A 39 -7.05 9.55 -13.71
CA ASN A 39 -6.73 10.81 -13.03
C ASN A 39 -5.48 10.69 -12.16
N LEU A 40 -4.80 9.55 -12.26
CA LEU A 40 -3.59 9.33 -11.47
C LEU A 40 -2.35 9.31 -12.35
N ASP A 41 -1.71 10.46 -12.50
CA ASP A 41 -0.51 10.55 -13.33
C ASP A 41 0.65 9.78 -12.68
N GLY A 42 1.31 8.94 -13.48
CA GLY A 42 2.44 8.17 -12.98
C GLY A 42 1.98 6.93 -12.21
N TRP A 43 0.74 6.52 -12.42
CA TRP A 43 0.21 5.34 -11.74
C TRP A 43 -0.20 4.28 -12.76
N TYR A 44 0.05 3.01 -12.41
CA TYR A 44 -0.29 1.91 -13.30
C TYR A 44 -0.98 0.78 -12.53
N LEU A 45 -1.92 0.12 -13.20
CA LEU A 45 -2.65 -0.98 -12.57
C LEU A 45 -2.42 -2.28 -13.33
N SER A 46 -2.25 -3.38 -12.59
CA SER A 46 -2.03 -4.67 -13.21
C SER A 46 -3.13 -5.65 -12.82
N SER A 47 -3.73 -6.29 -13.82
CA SER A 47 -4.80 -7.25 -13.58
C SER A 47 -4.26 -8.48 -12.86
N MET A 48 -3.05 -8.90 -13.21
CA MET A 48 -2.44 -10.07 -12.60
C MET A 48 -2.23 -9.84 -11.11
N LYS A 49 -1.79 -8.63 -10.76
CA LYS A 49 -1.55 -8.30 -9.37
C LYS A 49 -2.39 -7.10 -8.95
N ASP A 50 -3.63 -7.05 -9.43
CA ASP A 50 -4.55 -5.96 -9.12
C ASP A 50 -3.94 -5.01 -8.09
N SER A 51 -3.01 -4.18 -8.55
CA SER A 51 -2.34 -3.24 -7.66
C SER A 51 -1.93 -1.98 -8.41
N ALA A 52 -1.89 -0.86 -7.69
CA ALA A 52 -1.51 0.41 -8.30
C ALA A 52 -0.13 0.84 -7.81
N TYR A 53 0.69 1.36 -8.71
CA TYR A 53 2.03 1.79 -8.35
C TYR A 53 2.47 2.94 -9.25
N LYS A 54 3.51 3.64 -8.83
CA LYS A 54 4.02 4.77 -9.61
C LYS A 54 5.54 4.69 -9.75
N ASP A 55 6.05 5.16 -10.88
CA ASP A 55 7.49 5.14 -11.13
C ASP A 55 8.06 6.55 -11.22
N PHE A 56 8.78 6.96 -10.18
CA PHE A 56 9.39 8.29 -10.16
C PHE A 56 10.81 8.22 -10.71
N GLY A 57 11.31 7.00 -10.89
CA GLY A 57 12.66 6.80 -11.41
C GLY A 57 13.67 6.71 -10.27
N LYS A 58 13.21 7.03 -9.06
CA LYS A 58 14.09 6.98 -7.89
C LYS A 58 13.64 5.88 -6.94
N TYR A 59 12.33 5.62 -6.92
CA TYR A 59 11.77 4.60 -6.05
C TYR A 59 10.46 4.06 -6.62
N GLU A 60 10.05 2.88 -6.15
CA GLU A 60 8.81 2.28 -6.62
C GLU A 60 7.86 2.03 -5.45
N ILE A 61 6.62 2.50 -5.57
CA ILE A 61 5.64 2.31 -4.52
C ILE A 61 4.33 1.78 -5.10
N ARG A 62 3.74 0.81 -4.42
CA ARG A 62 2.49 0.22 -4.88
C ARG A 62 1.54 -0.03 -3.72
N LEU A 63 0.25 -0.10 -4.04
CA LEU A 63 -0.77 -0.33 -3.03
C LEU A 63 -1.41 -1.71 -3.24
N SER A 64 -1.80 -2.35 -2.16
CA SER A 64 -2.40 -3.67 -2.23
C SER A 64 -3.52 -3.83 -1.21
N ASN A 65 -4.36 -4.84 -1.41
CA ASN A 65 -5.47 -5.09 -0.49
C ASN A 65 -4.96 -5.28 0.93
N HIS A 66 -5.77 -5.92 1.76
CA HIS A 66 -5.38 -6.16 3.14
C HIS A 66 -4.09 -6.96 3.20
N SER A 67 -4.02 -8.03 2.41
CA SER A 67 -2.82 -8.86 2.38
C SER A 67 -2.11 -8.70 1.04
N ALA A 68 -0.78 -8.58 1.10
CA ALA A 68 0.01 -8.41 -0.11
C ALA A 68 0.93 -9.61 -0.32
N ASP A 69 0.57 -10.74 0.27
CA ASP A 69 1.39 -11.95 0.15
C ASP A 69 1.54 -12.36 -1.31
N ASN A 70 0.44 -12.28 -2.06
CA ASN A 70 0.47 -12.65 -3.47
C ASN A 70 0.51 -11.40 -4.33
N LYS A 71 0.57 -10.23 -3.68
CA LYS A 71 0.59 -8.96 -4.40
C LYS A 71 1.99 -8.37 -4.45
N TYR A 72 2.97 -9.11 -3.92
CA TYR A 72 4.35 -8.63 -3.92
C TYR A 72 4.92 -8.64 -5.32
N HIS A 73 5.77 -7.66 -5.62
CA HIS A 73 6.38 -7.57 -6.94
C HIS A 73 7.84 -8.00 -6.88
N ASP A 74 8.17 -9.06 -7.60
CA ASP A 74 9.53 -9.58 -7.63
C ASP A 74 10.38 -8.81 -8.63
N LEU A 75 11.63 -9.24 -8.79
CA LEU A 75 12.55 -8.58 -9.72
C LEU A 75 13.02 -7.24 -9.17
N GLU A 76 14.20 -6.82 -9.60
CA GLU A 76 14.76 -5.55 -9.14
C GLU A 76 14.73 -4.51 -10.26
N ASN A 77 14.14 -3.36 -9.97
CA ASN A 77 14.03 -2.29 -10.96
C ASN A 77 15.12 -1.24 -10.74
N GLY A 78 16.00 -1.48 -9.77
CA GLY A 78 17.07 -0.55 -9.47
C GLY A 78 16.58 0.59 -8.59
N ARG A 79 15.30 0.52 -8.21
CA ARG A 79 14.71 1.54 -7.36
C ARG A 79 14.24 0.94 -6.04
N LEU A 80 14.20 1.76 -4.99
CA LEU A 80 13.77 1.29 -3.68
C LEU A 80 12.37 0.69 -3.77
N ILE A 81 12.10 -0.28 -2.91
CA ILE A 81 10.79 -0.94 -2.91
C ILE A 81 9.97 -0.52 -1.71
N VAL A 82 8.77 0.01 -1.98
CA VAL A 82 7.89 0.45 -0.91
C VAL A 82 6.54 -0.25 -1.04
N ASN A 83 6.12 -0.91 0.04
CA ASN A 83 4.84 -1.62 0.01
C ASN A 83 3.79 -0.86 0.82
N ILE A 84 2.67 -0.54 0.18
CA ILE A 84 1.59 0.18 0.85
C ILE A 84 0.32 -0.65 0.87
N LYS A 85 -0.27 -0.83 2.04
CA LYS A 85 -1.50 -1.61 2.16
C LYS A 85 -2.70 -0.70 2.29
N ALA A 86 -3.70 -0.92 1.43
CA ALA A 86 -4.91 -0.12 1.44
C ALA A 86 -6.03 -0.82 0.68
N SER A 87 -7.27 -0.57 1.08
CA SER A 87 -8.42 -1.18 0.42
C SER A 87 -8.67 -0.54 -0.94
N LYS A 88 -9.17 -1.32 -1.89
CA LYS A 88 -9.45 -0.81 -3.22
C LYS A 88 -10.49 0.31 -3.15
N LEU A 89 -11.49 0.12 -2.31
CA LEU A 89 -12.55 1.11 -2.15
C LEU A 89 -11.95 2.42 -1.63
N ASN A 90 -10.99 2.29 -0.72
CA ASN A 90 -10.33 3.45 -0.14
C ASN A 90 -9.00 3.71 -0.82
N PHE A 91 -8.80 3.09 -1.98
CA PHE A 91 -7.55 3.27 -2.73
C PHE A 91 -7.30 4.74 -3.05
N VAL A 92 -8.33 5.41 -3.57
CA VAL A 92 -8.19 6.82 -3.91
C VAL A 92 -7.89 7.64 -2.67
N ASP A 93 -8.62 7.38 -1.60
CA ASP A 93 -8.43 8.10 -0.35
C ASP A 93 -7.05 7.85 0.25
N ILE A 94 -6.59 6.60 0.18
CA ILE A 94 -5.29 6.25 0.75
C ILE A 94 -4.15 6.84 -0.05
N ILE A 95 -4.28 6.85 -1.37
CA ILE A 95 -3.23 7.38 -2.23
C ILE A 95 -3.09 8.88 -2.03
N GLU A 96 -4.20 9.54 -1.72
CA GLU A 96 -4.19 10.98 -1.51
C GLU A 96 -3.36 11.34 -0.28
N ASN A 97 -3.50 10.56 0.79
CA ASN A 97 -2.78 10.82 2.03
C ASN A 97 -1.38 10.21 1.98
N LYS A 98 -1.30 8.96 1.55
CA LYS A 98 -0.02 8.26 1.48
C LYS A 98 0.90 8.92 0.46
N LEU A 99 0.33 9.33 -0.67
CA LEU A 99 1.13 9.96 -1.71
C LEU A 99 1.77 11.23 -1.17
N ASP A 100 0.99 12.01 -0.43
CA ASP A 100 1.50 13.25 0.17
C ASP A 100 2.62 12.95 1.15
N LYS A 101 2.46 11.86 1.90
CA LYS A 101 3.44 11.46 2.89
C LYS A 101 4.78 11.12 2.23
N ILE A 102 4.72 10.49 1.08
CA ILE A 102 5.94 10.10 0.38
C ILE A 102 6.57 11.31 -0.30
N ILE A 103 5.75 12.10 -0.97
CA ILE A 103 6.25 13.29 -1.66
C ILE A 103 6.86 14.28 -0.68
N GLU A 104 6.14 14.56 0.41
CA GLU A 104 6.63 15.50 1.41
C GLU A 104 7.87 14.95 2.11
N LYS A 105 7.81 13.67 2.47
CA LYS A 105 8.91 13.03 3.16
C LYS A 105 10.15 12.96 2.28
N ILE A 106 9.95 12.67 1.00
CA ILE A 106 11.06 12.57 0.07
C ILE A 106 11.77 13.91 -0.06
N ASP A 107 11.02 15.00 0.08
CA ASP A 107 11.60 16.33 -0.02
C ASP A 107 12.64 16.56 1.09
N LYS A 108 12.30 16.17 2.31
CA LYS A 108 13.20 16.34 3.44
C LYS A 108 14.33 15.33 3.36
N LEU A 109 14.00 14.12 2.91
CA LEU A 109 14.98 13.06 2.79
C LEU A 109 14.62 12.13 1.64
N ASP A 110 15.60 11.84 0.80
CA ASP A 110 15.37 10.97 -0.36
C ASP A 110 14.95 9.57 0.10
N LEU A 111 13.99 8.99 -0.62
CA LEU A 111 13.50 7.65 -0.30
C LEU A 111 14.62 6.62 -0.47
N ASP A 112 15.45 6.82 -1.50
CA ASP A 112 16.55 5.91 -1.76
C ASP A 112 17.38 5.72 -0.50
N LYS A 113 17.23 6.64 0.45
CA LYS A 113 17.96 6.56 1.70
C LYS A 113 17.55 5.32 2.48
N TYR A 114 16.26 5.01 2.41
CA TYR A 114 15.72 3.85 3.10
C TYR A 114 15.86 2.61 2.21
N ARG A 115 16.54 1.59 2.72
CA ARG A 115 16.70 0.36 1.96
C ARG A 115 15.34 -0.28 1.73
N PHE A 116 14.49 -0.23 2.76
CA PHE A 116 13.16 -0.81 2.66
C PHE A 116 12.17 -0.07 3.55
N ILE A 117 11.10 0.44 2.95
CA ILE A 117 10.06 1.13 3.69
C ILE A 117 8.72 0.49 3.38
N ASN A 118 7.81 0.52 4.35
CA ASN A 118 6.51 -0.09 4.14
C ASN A 118 5.41 0.69 4.85
N ALA A 119 4.54 1.30 4.07
CA ALA A 119 3.43 2.07 4.62
C ALA A 119 2.28 1.13 4.97
N THR A 120 1.47 1.53 5.93
CA THR A 120 0.33 0.72 6.35
C THR A 120 -0.95 1.53 6.34
N ASN A 121 -2.08 0.84 6.34
CA ASN A 121 -3.38 1.50 6.31
C ASN A 121 -3.37 2.76 7.20
N LEU A 122 -4.44 3.54 7.13
CA LEU A 122 -4.53 4.75 7.92
C LEU A 122 -4.45 4.43 9.41
N GLU A 123 -5.11 3.35 9.81
CA GLU A 123 -5.09 2.94 11.21
C GLU A 123 -3.68 2.49 11.60
N HIS A 124 -2.99 1.86 10.66
CA HIS A 124 -1.64 1.38 10.90
C HIS A 124 -0.62 2.51 10.72
N ASP A 125 0.55 2.35 11.33
CA ASP A 125 1.61 3.34 11.25
C ASP A 125 2.63 2.98 10.18
N ILE A 126 3.56 3.89 9.93
CA ILE A 126 4.61 3.66 8.94
C ILE A 126 5.95 3.40 9.60
N LYS A 127 6.60 2.32 9.19
CA LYS A 127 7.90 1.98 9.73
C LYS A 127 8.80 1.41 8.65
N CYS A 128 10.04 1.85 8.62
CA CYS A 128 10.99 1.39 7.62
C CYS A 128 12.35 1.12 8.23
N TYR A 129 13.25 0.52 7.43
CA TYR A 129 14.58 0.22 7.90
C TYR A 129 15.61 1.11 7.19
N TYR A 130 16.56 1.64 7.96
CA TYR A 130 17.59 2.51 7.39
C TYR A 130 18.39 1.76 6.34
N LYS A 131 18.83 0.56 6.68
CA LYS A 131 19.61 -0.26 5.76
C LYS A 131 18.82 -1.51 5.37
N GLY A 132 17.54 -1.53 5.72
CA GLY A 132 16.69 -2.67 5.42
C GLY A 132 16.64 -3.60 6.62
N PHE A 133 17.60 -3.44 7.53
CA PHE A 133 17.64 -4.26 8.72
C PHE A 133 18.54 -3.59 9.77
N LYS A 134 17.96 -3.21 10.89
CA LYS A 134 18.72 -2.56 11.95
C LYS A 134 17.80 -2.09 13.07
N THR A 135 18.37 -1.87 14.25
CA THR A 135 17.58 -1.42 15.39
C THR A 135 17.08 0.00 15.15
N LYS A 136 17.59 0.64 14.10
CA LYS A 136 17.19 2.00 13.78
C LYS A 136 16.12 1.99 12.68
N LYS A 137 15.04 2.75 12.91
CA LYS A 137 13.96 2.83 11.94
C LYS A 137 13.27 4.19 12.03
N GLU A 138 12.59 4.58 10.96
CA GLU A 138 11.88 5.86 10.95
C GLU A 138 10.38 5.63 10.81
N VAL A 139 9.62 6.18 11.74
CA VAL A 139 8.17 6.04 11.71
C VAL A 139 7.49 7.40 11.72
N ILE A 140 6.58 7.60 10.79
CA ILE A 140 5.87 8.87 10.69
C ILE A 140 4.44 8.64 10.20
N MET A 1 2.57 -13.16 27.76
CA MET A 1 2.30 -11.73 27.40
C MET A 1 1.78 -11.66 25.98
N ALA A 2 0.65 -12.31 25.73
CA ALA A 2 0.04 -12.30 24.41
C ALA A 2 -0.37 -10.88 24.01
N TYR A 3 -0.21 -10.56 22.73
CA TYR A 3 -0.56 -9.23 22.25
C TYR A 3 -1.63 -9.33 21.16
N GLY A 4 -2.72 -8.61 21.36
CA GLY A 4 -3.81 -8.62 20.39
C GLY A 4 -4.72 -9.83 20.58
N LYS A 5 -4.39 -10.65 21.58
CA LYS A 5 -5.17 -11.84 21.87
C LYS A 5 -5.10 -12.19 23.35
N SER A 6 -5.04 -11.17 24.18
CA SER A 6 -4.96 -11.38 25.63
C SER A 6 -6.20 -12.11 26.15
N ARG A 7 -7.37 -11.75 25.63
CA ARG A 7 -8.61 -12.37 26.06
C ARG A 7 -8.82 -13.72 25.37
N TYR A 8 -9.66 -13.72 24.33
CA TYR A 8 -9.94 -14.96 23.60
C TYR A 8 -9.32 -14.91 22.20
N ASN A 9 -8.45 -13.94 21.97
CA ASN A 9 -7.80 -13.79 20.67
C ASN A 9 -8.85 -13.64 19.58
N SER A 10 -9.90 -12.89 19.87
CA SER A 10 -10.97 -12.68 18.90
C SER A 10 -10.49 -11.79 17.76
N TYR A 11 -9.40 -11.06 18.00
CA TYR A 11 -8.85 -10.18 16.98
C TYR A 11 -8.45 -10.97 15.74
N ARG A 12 -7.74 -12.06 15.95
CA ARG A 12 -7.30 -12.89 14.84
C ARG A 12 -8.46 -13.74 14.30
N LYS A 13 -8.32 -15.06 14.39
CA LYS A 13 -9.36 -15.96 13.90
C LYS A 13 -9.69 -15.64 12.44
N ARG A 14 -8.66 -15.37 11.66
CA ARG A 14 -8.84 -15.06 10.25
C ARG A 14 -10.07 -14.18 10.04
N SER A 15 -10.45 -13.98 8.78
CA SER A 15 -11.60 -13.16 8.46
C SER A 15 -12.17 -13.55 7.09
N PHE A 16 -13.41 -13.15 6.83
CA PHE A 16 -14.04 -13.47 5.55
C PHE A 16 -14.74 -12.24 4.98
N ASN A 17 -14.40 -11.90 3.74
CA ASN A 17 -15.00 -10.75 3.08
C ASN A 17 -15.15 -11.01 1.58
N ARG A 18 -16.37 -11.29 1.15
CA ARG A 18 -16.63 -11.56 -0.26
C ARG A 18 -17.90 -10.86 -0.71
N SER A 19 -17.80 -10.13 -1.82
CA SER A 19 -18.94 -9.42 -2.36
C SER A 19 -19.36 -8.27 -1.43
N ASN A 20 -18.73 -7.13 -1.61
CA ASN A 20 -19.04 -5.96 -0.78
C ASN A 20 -20.25 -5.21 -1.34
N LYS A 21 -21.35 -5.25 -0.61
CA LYS A 21 -22.56 -4.57 -1.05
C LYS A 21 -23.02 -5.10 -2.41
N GLN A 22 -23.03 -6.42 -2.55
CA GLN A 22 -23.44 -7.05 -3.79
C GLN A 22 -22.40 -6.82 -4.89
N ARG A 23 -22.48 -7.61 -5.95
CA ARG A 23 -21.54 -7.48 -7.06
C ARG A 23 -21.69 -6.13 -7.73
N ARG A 24 -22.87 -5.54 -7.64
CA ARG A 24 -23.11 -4.24 -8.26
C ARG A 24 -22.17 -3.19 -7.67
N GLU A 25 -22.06 -3.17 -6.35
CA GLU A 25 -21.18 -2.22 -5.68
C GLU A 25 -19.72 -2.49 -6.06
N TYR A 26 -19.37 -3.77 -6.10
CA TYR A 26 -18.01 -4.18 -6.45
C TYR A 26 -17.65 -3.69 -7.85
N ALA A 27 -18.54 -3.94 -8.80
CA ALA A 27 -18.30 -3.52 -10.18
C ALA A 27 -18.19 -2.00 -10.27
N GLN A 28 -19.04 -1.31 -9.53
CA GLN A 28 -19.01 0.15 -9.53
C GLN A 28 -17.68 0.67 -9.02
N GLU A 29 -17.15 0.02 -7.98
CA GLU A 29 -15.88 0.42 -7.40
C GLU A 29 -14.76 0.27 -8.43
N MET A 30 -14.82 -0.81 -9.21
CA MET A 30 -13.80 -1.04 -10.22
C MET A 30 -13.77 0.11 -11.23
N ASP A 31 -14.94 0.50 -11.70
CA ASP A 31 -15.03 1.60 -12.65
C ASP A 31 -14.50 2.88 -12.03
N ARG A 32 -14.84 3.09 -10.75
CA ARG A 32 -14.39 4.28 -10.04
C ARG A 32 -12.86 4.31 -9.97
N LEU A 33 -12.27 3.16 -9.65
CA LEU A 33 -10.82 3.06 -9.55
C LEU A 33 -10.18 3.39 -10.89
N GLU A 34 -10.75 2.85 -11.97
CA GLU A 34 -10.22 3.09 -13.31
C GLU A 34 -10.34 4.57 -13.64
N LYS A 35 -11.43 5.19 -13.23
CA LYS A 35 -11.64 6.62 -13.48
C LYS A 35 -10.51 7.43 -12.86
N ALA A 36 -10.12 7.06 -11.65
CA ALA A 36 -9.05 7.76 -10.94
C ALA A 36 -7.76 7.65 -11.74
N PHE A 37 -7.52 6.48 -12.33
CA PHE A 37 -6.32 6.25 -13.13
C PHE A 37 -6.20 7.26 -14.26
N GLU A 38 -7.31 7.47 -14.98
CA GLU A 38 -7.31 8.40 -16.10
C GLU A 38 -6.95 9.80 -15.64
N ASN A 39 -7.45 10.20 -14.47
CA ASN A 39 -7.17 11.54 -13.95
C ASN A 39 -6.03 11.53 -12.92
N LEU A 40 -5.33 10.40 -12.80
CA LEU A 40 -4.23 10.31 -11.85
C LEU A 40 -2.89 10.16 -12.57
N ASP A 41 -2.32 11.29 -12.97
CA ASP A 41 -1.04 11.27 -13.66
C ASP A 41 0.08 10.81 -12.73
N GLY A 42 0.91 9.89 -13.22
CA GLY A 42 2.02 9.38 -12.42
C GLY A 42 1.62 8.12 -11.65
N TRP A 43 0.35 7.75 -11.73
CA TRP A 43 -0.13 6.55 -11.05
C TRP A 43 -0.68 5.55 -12.06
N TYR A 44 -0.55 4.26 -11.76
CA TYR A 44 -1.01 3.23 -12.68
C TYR A 44 -1.80 2.15 -11.95
N LEU A 45 -2.78 1.57 -12.63
CA LEU A 45 -3.60 0.52 -12.04
C LEU A 45 -3.82 -0.61 -13.03
N SER A 46 -3.61 -1.86 -12.59
CA SER A 46 -3.81 -3.00 -13.48
C SER A 46 -5.00 -3.83 -13.01
N SER A 47 -5.93 -4.10 -13.92
CA SER A 47 -7.12 -4.88 -13.61
C SER A 47 -6.75 -6.32 -13.28
N MET A 48 -5.88 -6.91 -14.09
CA MET A 48 -5.48 -8.30 -13.89
C MET A 48 -4.64 -8.46 -12.62
N LYS A 49 -3.91 -7.42 -12.26
CA LYS A 49 -3.07 -7.46 -11.08
C LYS A 49 -3.51 -6.41 -10.06
N ASP A 50 -4.82 -6.23 -9.92
CA ASP A 50 -5.39 -5.25 -8.99
C ASP A 50 -4.30 -4.66 -8.10
N SER A 51 -3.52 -3.75 -8.67
CA SER A 51 -2.43 -3.12 -7.93
C SER A 51 -2.11 -1.75 -8.53
N ALA A 52 -1.56 -0.86 -7.72
CA ALA A 52 -1.22 0.47 -8.18
C ALA A 52 0.29 0.63 -8.32
N TYR A 53 0.72 1.12 -9.47
CA TYR A 53 2.13 1.32 -9.74
C TYR A 53 2.48 2.80 -9.71
N LYS A 54 3.61 3.13 -9.09
CA LYS A 54 4.02 4.52 -9.01
C LYS A 54 5.45 4.69 -9.54
N ASP A 55 5.63 5.62 -10.47
CA ASP A 55 6.95 5.86 -11.03
C ASP A 55 7.44 7.26 -10.66
N PHE A 56 8.58 7.33 -10.00
CA PHE A 56 9.16 8.61 -9.60
C PHE A 56 10.46 8.86 -10.36
N GLY A 57 11.01 7.81 -10.95
CA GLY A 57 12.24 7.92 -11.71
C GLY A 57 13.45 7.71 -10.81
N LYS A 58 13.21 7.70 -9.50
CA LYS A 58 14.28 7.49 -8.54
C LYS A 58 14.06 6.19 -7.77
N TYR A 59 12.79 5.82 -7.62
CA TYR A 59 12.44 4.60 -6.90
C TYR A 59 11.09 4.09 -7.37
N GLU A 60 10.81 2.81 -7.10
CA GLU A 60 9.54 2.23 -7.50
C GLU A 60 8.74 1.77 -6.28
N ILE A 61 7.53 2.29 -6.16
CA ILE A 61 6.66 1.93 -5.04
C ILE A 61 5.26 1.58 -5.56
N ARG A 62 4.68 0.52 -4.99
CA ARG A 62 3.35 0.10 -5.41
C ARG A 62 2.50 -0.25 -4.19
N LEU A 63 1.19 -0.23 -4.38
CA LEU A 63 0.28 -0.54 -3.28
C LEU A 63 -0.61 -1.72 -3.65
N SER A 64 -0.85 -2.59 -2.66
CA SER A 64 -1.67 -3.76 -2.87
C SER A 64 -2.78 -3.82 -1.83
N ASN A 65 -3.74 -4.71 -2.05
CA ASN A 65 -4.85 -4.85 -1.11
C ASN A 65 -4.32 -5.12 0.29
N HIS A 66 -5.22 -5.40 1.22
CA HIS A 66 -4.82 -5.68 2.59
C HIS A 66 -3.90 -6.88 2.62
N SER A 67 -4.23 -7.88 1.81
CA SER A 67 -3.42 -9.08 1.73
C SER A 67 -2.09 -8.79 1.02
N ALA A 68 -1.03 -9.47 1.45
CA ALA A 68 0.28 -9.28 0.85
C ALA A 68 0.65 -10.46 -0.03
N ASP A 69 -0.37 -11.16 -0.51
CA ASP A 69 -0.17 -12.33 -1.36
C ASP A 69 0.57 -11.95 -2.64
N ASN A 70 0.25 -10.79 -3.19
CA ASN A 70 0.89 -10.35 -4.42
C ASN A 70 2.17 -9.57 -4.12
N LYS A 71 2.51 -9.46 -2.84
CA LYS A 71 3.71 -8.74 -2.44
C LYS A 71 4.96 -9.54 -2.78
N TYR A 72 4.97 -10.12 -3.98
CA TYR A 72 6.12 -10.90 -4.42
C TYR A 72 6.55 -10.48 -5.82
N HIS A 73 7.86 -10.49 -6.07
CA HIS A 73 8.38 -10.10 -7.38
C HIS A 73 9.30 -11.18 -7.92
N ASP A 74 9.02 -11.63 -9.14
CA ASP A 74 9.84 -12.66 -9.77
C ASP A 74 11.27 -12.17 -9.97
N LEU A 75 11.40 -10.95 -10.47
CA LEU A 75 12.72 -10.38 -10.70
C LEU A 75 12.80 -8.95 -10.18
N GLU A 76 13.83 -8.66 -9.40
CA GLU A 76 14.00 -7.32 -8.83
C GLU A 76 14.33 -6.33 -9.95
N ASN A 77 13.82 -5.11 -9.81
CA ASN A 77 14.06 -4.08 -10.81
C ASN A 77 15.30 -3.26 -10.47
N GLY A 78 15.96 -3.62 -9.37
CA GLY A 78 17.15 -2.91 -8.95
C GLY A 78 16.79 -1.54 -8.37
N ARG A 79 15.53 -1.39 -7.99
CA ARG A 79 15.05 -0.14 -7.42
C ARG A 79 14.32 -0.39 -6.11
N LEU A 80 14.27 0.63 -5.27
CA LEU A 80 13.60 0.50 -3.98
C LEU A 80 12.15 0.07 -4.18
N ILE A 81 11.70 -0.86 -3.36
CA ILE A 81 10.33 -1.36 -3.46
C ILE A 81 9.56 -1.05 -2.19
N VAL A 82 8.40 -0.43 -2.34
CA VAL A 82 7.57 -0.08 -1.20
C VAL A 82 6.16 -0.63 -1.37
N ASN A 83 5.71 -1.42 -0.40
CA ASN A 83 4.37 -1.99 -0.46
C ASN A 83 3.40 -1.20 0.41
N ILE A 84 2.46 -0.51 -0.23
CA ILE A 84 1.48 0.28 0.51
C ILE A 84 0.09 -0.33 0.36
N LYS A 85 -0.54 -0.65 1.48
CA LYS A 85 -1.87 -1.23 1.44
C LYS A 85 -2.91 -0.14 1.17
N ALA A 86 -3.85 -0.45 0.29
CA ALA A 86 -4.90 0.51 -0.06
C ALA A 86 -6.16 -0.19 -0.54
N SER A 87 -7.27 0.52 -0.49
CA SER A 87 -8.55 -0.04 -0.93
C SER A 87 -9.10 0.78 -2.09
N LYS A 88 -9.72 0.10 -3.05
CA LYS A 88 -10.28 0.80 -4.20
C LYS A 88 -11.29 1.84 -3.75
N LEU A 89 -11.92 1.59 -2.61
CA LEU A 89 -12.90 2.52 -2.07
C LEU A 89 -12.22 3.84 -1.71
N ASN A 90 -11.03 3.74 -1.16
CA ASN A 90 -10.27 4.92 -0.75
C ASN A 90 -8.93 4.98 -1.50
N PHE A 91 -8.90 4.45 -2.70
CA PHE A 91 -7.68 4.45 -3.50
C PHE A 91 -7.17 5.87 -3.72
N VAL A 92 -8.06 6.75 -4.17
CA VAL A 92 -7.69 8.14 -4.40
C VAL A 92 -7.30 8.84 -3.10
N ASP A 93 -8.10 8.59 -2.06
CA ASP A 93 -7.86 9.20 -0.75
C ASP A 93 -6.52 8.77 -0.15
N ILE A 94 -6.19 7.48 -0.26
CA ILE A 94 -4.96 6.98 0.32
C ILE A 94 -3.74 7.62 -0.32
N ILE A 95 -3.79 7.85 -1.62
CA ILE A 95 -2.66 8.45 -2.31
C ILE A 95 -2.57 9.95 -1.99
N GLU A 96 -3.69 10.55 -1.63
CA GLU A 96 -3.69 11.97 -1.31
C GLU A 96 -2.79 12.24 -0.11
N ASN A 97 -2.91 11.43 0.94
CA ASN A 97 -2.10 11.60 2.13
C ASN A 97 -0.79 10.81 2.02
N LYS A 98 -0.86 9.63 1.42
CA LYS A 98 0.33 8.80 1.27
C LYS A 98 1.32 9.48 0.35
N LEU A 99 0.82 10.10 -0.70
CA LEU A 99 1.67 10.80 -1.65
C LEU A 99 2.37 11.95 -0.95
N ASP A 100 1.62 12.65 -0.10
CA ASP A 100 2.18 13.78 0.65
C ASP A 100 3.31 13.31 1.55
N LYS A 101 3.13 12.15 2.16
CA LYS A 101 4.12 11.59 3.07
C LYS A 101 5.42 11.30 2.32
N ILE A 102 5.30 10.82 1.09
CA ILE A 102 6.47 10.50 0.30
C ILE A 102 7.11 11.77 -0.26
N ILE A 103 6.28 12.67 -0.76
CA ILE A 103 6.78 13.92 -1.32
C ILE A 103 7.51 14.74 -0.26
N GLU A 104 6.92 14.85 0.93
CA GLU A 104 7.53 15.61 2.01
C GLU A 104 8.83 14.95 2.44
N LYS A 105 8.81 13.62 2.55
CA LYS A 105 9.98 12.86 2.95
C LYS A 105 11.11 13.02 1.94
N ILE A 106 10.76 13.03 0.66
CA ILE A 106 11.76 13.15 -0.39
C ILE A 106 12.47 14.50 -0.29
N ASP A 107 11.80 15.49 0.27
CA ASP A 107 12.39 16.83 0.42
C ASP A 107 13.55 16.80 1.40
N LYS A 108 13.37 16.09 2.50
CA LYS A 108 14.40 16.00 3.52
C LYS A 108 15.33 14.82 3.23
N LEU A 109 14.76 13.75 2.70
CA LEU A 109 15.54 12.55 2.39
C LEU A 109 14.85 11.74 1.31
N ASP A 110 15.64 11.08 0.47
CA ASP A 110 15.08 10.26 -0.60
C ASP A 110 14.72 8.87 -0.08
N LEU A 111 13.42 8.61 -0.01
CA LEU A 111 12.94 7.32 0.48
C LEU A 111 13.72 6.17 -0.14
N ASP A 112 14.46 6.47 -1.21
CA ASP A 112 15.25 5.44 -1.89
C ASP A 112 16.35 4.93 -0.97
N LYS A 113 16.59 5.65 0.11
CA LYS A 113 17.62 5.27 1.08
C LYS A 113 17.23 3.96 1.75
N TYR A 114 15.94 3.82 2.02
CA TYR A 114 15.44 2.62 2.69
C TYR A 114 15.39 1.46 1.70
N ARG A 115 16.06 0.37 2.03
CA ARG A 115 16.05 -0.79 1.16
C ARG A 115 14.64 -1.34 1.01
N PHE A 116 13.90 -1.35 2.13
CA PHE A 116 12.54 -1.86 2.11
C PHE A 116 11.64 -1.10 3.09
N ILE A 117 10.60 -0.48 2.56
CA ILE A 117 9.66 0.25 3.40
C ILE A 117 8.24 -0.17 3.03
N ASN A 118 7.33 -0.11 3.99
CA ASN A 118 5.97 -0.52 3.74
C ASN A 118 4.95 0.34 4.49
N ALA A 119 4.18 1.13 3.74
CA ALA A 119 3.18 2.00 4.32
C ALA A 119 1.89 1.22 4.56
N THR A 120 1.08 1.70 5.50
CA THR A 120 -0.18 1.02 5.83
C THR A 120 -1.35 1.98 5.65
N ASN A 121 -2.56 1.43 5.53
CA ASN A 121 -3.75 2.24 5.35
C ASN A 121 -3.69 3.51 6.19
N LEU A 122 -4.59 4.44 5.90
CA LEU A 122 -4.62 5.72 6.62
C LEU A 122 -4.85 5.50 8.11
N GLU A 123 -5.74 4.58 8.45
CA GLU A 123 -6.02 4.29 9.84
C GLU A 123 -4.78 3.69 10.50
N HIS A 124 -4.05 2.91 9.72
CA HIS A 124 -2.82 2.28 10.20
C HIS A 124 -1.65 3.25 10.12
N ASP A 125 -0.55 2.90 10.77
CA ASP A 125 0.63 3.75 10.78
C ASP A 125 1.62 3.29 9.71
N ILE A 126 2.63 4.12 9.45
CA ILE A 126 3.62 3.79 8.44
C ILE A 126 4.97 3.43 9.07
N LYS A 127 5.60 2.38 8.55
CA LYS A 127 6.88 1.93 9.06
C LYS A 127 7.93 1.95 7.96
N CYS A 128 9.18 2.22 8.33
CA CYS A 128 10.27 2.28 7.37
C CYS A 128 11.48 1.52 7.90
N TYR A 129 11.99 0.60 7.10
CA TYR A 129 13.16 -0.19 7.50
C TYR A 129 14.37 0.19 6.65
N TYR A 130 15.50 0.43 7.31
CA TYR A 130 16.72 0.81 6.61
C TYR A 130 17.13 -0.29 5.63
N LYS A 131 17.17 -1.52 6.11
CA LYS A 131 17.54 -2.65 5.26
C LYS A 131 16.38 -3.63 5.17
N GLY A 132 15.23 -3.22 5.69
CA GLY A 132 14.04 -4.07 5.68
C GLY A 132 13.90 -4.77 7.02
N PHE A 133 15.03 -4.88 7.73
CA PHE A 133 15.06 -5.50 9.04
C PHE A 133 16.15 -4.85 9.88
N LYS A 134 15.77 -4.18 10.97
CA LYS A 134 16.74 -3.53 11.83
C LYS A 134 16.04 -2.73 12.92
N THR A 135 16.78 -2.44 13.99
CA THR A 135 16.21 -1.67 15.09
C THR A 135 15.98 -0.22 14.66
N LYS A 136 16.67 0.18 13.59
CA LYS A 136 16.52 1.54 13.08
C LYS A 136 15.42 1.60 12.03
N LYS A 137 14.40 2.39 12.31
CA LYS A 137 13.28 2.53 11.38
C LYS A 137 12.64 3.91 11.53
N GLU A 138 11.91 4.33 10.49
CA GLU A 138 11.25 5.63 10.52
C GLU A 138 9.73 5.44 10.50
N VAL A 139 9.02 6.26 11.27
CA VAL A 139 7.57 6.16 11.32
C VAL A 139 6.93 7.54 11.26
N ILE A 140 5.80 7.63 10.56
CA ILE A 140 5.10 8.90 10.43
C ILE A 140 3.59 8.69 10.58
N MET A 1 -14.71 -13.75 -13.78
CA MET A 1 -16.10 -13.96 -13.30
C MET A 1 -16.53 -15.39 -13.58
N ALA A 2 -15.58 -16.21 -14.04
CA ALA A 2 -15.86 -17.60 -14.35
C ALA A 2 -16.31 -18.35 -13.10
N TYR A 3 -15.66 -18.05 -11.98
CA TYR A 3 -15.98 -18.71 -10.71
C TYR A 3 -16.08 -20.23 -10.92
N GLY A 4 -16.90 -20.88 -10.10
CA GLY A 4 -17.07 -22.32 -10.19
C GLY A 4 -16.08 -23.05 -9.30
N LYS A 5 -15.12 -22.29 -8.77
CA LYS A 5 -14.11 -22.88 -7.89
C LYS A 5 -14.38 -22.47 -6.44
N SER A 6 -15.05 -21.33 -6.26
CA SER A 6 -15.36 -20.84 -4.93
C SER A 6 -14.12 -20.83 -4.04
N ARG A 7 -12.99 -20.40 -4.61
CA ARG A 7 -11.76 -20.36 -3.84
C ARG A 7 -11.49 -21.72 -3.19
N TYR A 8 -11.61 -22.76 -3.99
CA TYR A 8 -11.40 -24.13 -3.51
C TYR A 8 -12.73 -24.75 -3.11
N ASN A 9 -13.14 -24.54 -1.86
CA ASN A 9 -14.42 -25.06 -1.39
C ASN A 9 -15.02 -24.15 -0.33
N SER A 10 -16.04 -23.40 -0.73
CA SER A 10 -16.70 -22.47 0.19
C SER A 10 -17.32 -23.22 1.36
N TYR A 11 -17.94 -24.35 1.08
CA TYR A 11 -18.57 -25.16 2.11
C TYR A 11 -17.53 -25.75 3.05
N ARG A 12 -17.93 -26.01 4.29
CA ARG A 12 -17.04 -26.58 5.29
C ARG A 12 -16.10 -25.52 5.86
N LYS A 13 -16.64 -24.64 6.69
CA LYS A 13 -15.84 -23.58 7.30
C LYS A 13 -16.01 -23.60 8.81
N ARG A 14 -14.94 -23.25 9.52
CA ARG A 14 -14.99 -23.24 10.99
C ARG A 14 -16.02 -22.24 11.49
N SER A 15 -16.10 -21.08 10.84
CA SER A 15 -17.06 -20.05 11.23
C SER A 15 -17.26 -19.05 10.10
N PHE A 16 -16.47 -17.98 10.13
CA PHE A 16 -16.58 -16.94 9.11
C PHE A 16 -17.99 -16.37 9.07
N ASN A 17 -18.66 -16.36 10.22
CA ASN A 17 -20.02 -15.84 10.29
C ASN A 17 -20.00 -14.35 10.63
N ARG A 18 -18.81 -13.78 10.68
CA ARG A 18 -18.67 -12.36 11.00
C ARG A 18 -19.34 -11.51 9.93
N SER A 19 -19.19 -11.92 8.68
CA SER A 19 -19.78 -11.19 7.56
C SER A 19 -21.30 -11.20 7.65
N ASN A 20 -21.92 -10.05 7.36
CA ASN A 20 -23.38 -9.95 7.40
C ASN A 20 -23.87 -8.98 6.34
N LYS A 21 -23.73 -7.69 6.61
CA LYS A 21 -24.16 -6.67 5.66
C LYS A 21 -22.97 -5.83 5.19
N GLN A 22 -21.92 -5.80 6.01
CA GLN A 22 -20.73 -5.03 5.67
C GLN A 22 -20.03 -5.64 4.47
N ARG A 23 -20.34 -6.90 4.18
CA ARG A 23 -19.72 -7.59 3.05
C ARG A 23 -20.05 -6.87 1.75
N ARG A 24 -21.29 -6.43 1.61
CA ARG A 24 -21.73 -5.72 0.41
C ARG A 24 -20.90 -4.46 0.21
N GLU A 25 -20.66 -3.74 1.30
CA GLU A 25 -19.88 -2.50 1.24
C GLU A 25 -18.48 -2.78 0.72
N TYR A 26 -17.89 -3.88 1.19
CA TYR A 26 -16.54 -4.24 0.77
C TYR A 26 -16.53 -4.63 -0.70
N ALA A 27 -17.65 -5.15 -1.18
CA ALA A 27 -17.74 -5.57 -2.58
C ALA A 27 -17.48 -4.38 -3.51
N GLN A 28 -18.02 -3.22 -3.16
CA GLN A 28 -17.82 -2.03 -3.99
C GLN A 28 -16.34 -1.66 -4.03
N GLU A 29 -15.68 -1.79 -2.89
CA GLU A 29 -14.26 -1.47 -2.80
C GLU A 29 -13.45 -2.39 -3.71
N MET A 30 -13.83 -3.67 -3.74
CA MET A 30 -13.12 -4.64 -4.57
C MET A 30 -13.24 -4.28 -6.05
N ASP A 31 -14.42 -3.84 -6.47
CA ASP A 31 -14.63 -3.47 -7.87
C ASP A 31 -13.71 -2.31 -8.26
N ARG A 32 -13.59 -1.34 -7.37
CA ARG A 32 -12.72 -0.20 -7.63
C ARG A 32 -11.26 -0.62 -7.65
N LEU A 33 -10.90 -1.52 -6.74
CA LEU A 33 -9.53 -2.00 -6.65
C LEU A 33 -9.10 -2.72 -7.92
N GLU A 34 -9.99 -3.55 -8.46
CA GLU A 34 -9.65 -4.29 -9.68
C GLU A 34 -9.56 -3.33 -10.86
N LYS A 35 -10.45 -2.33 -10.88
CA LYS A 35 -10.42 -1.34 -11.95
C LYS A 35 -9.11 -0.58 -11.91
N ALA A 36 -8.71 -0.18 -10.70
CA ALA A 36 -7.46 0.55 -10.52
C ALA A 36 -6.27 -0.31 -10.93
N PHE A 37 -6.36 -1.60 -10.60
CA PHE A 37 -5.29 -2.54 -10.91
C PHE A 37 -5.00 -2.59 -12.41
N GLU A 38 -6.04 -2.67 -13.22
CA GLU A 38 -5.87 -2.73 -14.66
C GLU A 38 -5.17 -1.47 -15.16
N ASN A 39 -5.57 -0.34 -14.61
CA ASN A 39 -4.99 0.93 -14.99
C ASN A 39 -3.86 1.32 -14.04
N LEU A 40 -3.43 0.36 -13.21
CA LEU A 40 -2.36 0.59 -12.25
C LEU A 40 -1.06 -0.04 -12.70
N ASP A 41 -0.47 0.49 -13.76
CA ASP A 41 0.79 -0.04 -14.26
C ASP A 41 1.89 0.17 -13.22
N GLY A 42 2.72 -0.86 -13.01
CA GLY A 42 3.81 -0.77 -12.06
C GLY A 42 3.32 -1.00 -10.63
N TRP A 43 2.01 -1.22 -10.48
CA TRP A 43 1.45 -1.47 -9.15
C TRP A 43 0.79 -2.85 -9.10
N TYR A 44 0.97 -3.55 -7.99
CA TYR A 44 0.38 -4.87 -7.85
C TYR A 44 -0.29 -5.01 -6.48
N LEU A 45 -1.48 -5.62 -6.47
CA LEU A 45 -2.21 -5.80 -5.22
C LEU A 45 -2.50 -7.28 -4.96
N SER A 46 -2.48 -7.67 -3.69
CA SER A 46 -2.75 -9.06 -3.34
C SER A 46 -3.97 -9.14 -2.42
N SER A 47 -4.88 -10.06 -2.74
CA SER A 47 -6.09 -10.25 -1.95
C SER A 47 -5.76 -10.77 -0.55
N MET A 48 -4.80 -11.68 -0.47
CA MET A 48 -4.42 -12.27 0.80
C MET A 48 -3.93 -11.20 1.78
N LYS A 49 -3.08 -10.30 1.30
CA LYS A 49 -2.56 -9.24 2.16
C LYS A 49 -2.86 -7.86 1.58
N ASP A 50 -4.07 -7.72 1.01
CA ASP A 50 -4.50 -6.45 0.40
C ASP A 50 -3.41 -5.39 0.50
N SER A 51 -2.32 -5.59 -0.22
CA SER A 51 -1.21 -4.64 -0.20
C SER A 51 -0.78 -4.28 -1.62
N ALA A 52 -0.30 -3.05 -1.79
CA ALA A 52 0.14 -2.59 -3.11
C ALA A 52 1.58 -2.09 -3.05
N TYR A 53 2.31 -2.27 -4.14
CA TYR A 53 3.71 -1.83 -4.18
C TYR A 53 4.10 -1.40 -5.60
N LYS A 54 5.16 -0.62 -5.68
CA LYS A 54 5.65 -0.12 -6.97
C LYS A 54 7.12 -0.50 -7.16
N ASP A 55 7.41 -1.16 -8.28
CA ASP A 55 8.78 -1.56 -8.58
C ASP A 55 9.42 -0.61 -9.58
N PHE A 56 10.25 0.30 -9.08
CA PHE A 56 10.93 1.25 -9.94
C PHE A 56 12.35 0.79 -10.25
N GLY A 57 12.84 -0.16 -9.46
CA GLY A 57 14.19 -0.68 -9.64
C GLY A 57 15.18 0.12 -8.81
N LYS A 58 14.72 1.23 -8.26
CA LYS A 58 15.57 2.08 -7.44
C LYS A 58 15.07 2.10 -6.00
N TYR A 59 13.75 2.04 -5.85
CA TYR A 59 13.14 2.05 -4.53
C TYR A 59 11.80 1.31 -4.55
N GLU A 60 11.32 0.91 -3.38
CA GLU A 60 10.06 0.20 -3.29
C GLU A 60 9.08 0.94 -2.39
N ILE A 61 7.87 1.18 -2.89
CA ILE A 61 6.84 1.87 -2.13
C ILE A 61 5.56 1.06 -2.12
N ARG A 62 4.91 0.96 -0.96
CA ARG A 62 3.68 0.19 -0.85
C ARG A 62 2.65 0.89 0.03
N LEU A 63 1.38 0.51 -0.15
CA LEU A 63 0.29 1.10 0.62
C LEU A 63 -0.26 0.08 1.62
N SER A 64 -0.71 0.56 2.76
CA SER A 64 -1.26 -0.32 3.78
C SER A 64 -2.36 0.38 4.58
N ASN A 65 -3.16 -0.41 5.27
CA ASN A 65 -4.26 0.14 6.06
C ASN A 65 -3.72 1.00 7.20
N HIS A 66 -4.62 1.51 8.03
CA HIS A 66 -4.21 2.33 9.15
C HIS A 66 -3.30 1.53 10.06
N SER A 67 -3.70 0.30 10.36
CA SER A 67 -2.91 -0.57 11.21
C SER A 67 -1.57 -0.89 10.53
N ALA A 68 -0.50 -0.88 11.31
CA ALA A 68 0.83 -1.15 10.76
C ALA A 68 1.24 -2.60 11.03
N ASP A 69 0.25 -3.46 11.24
CA ASP A 69 0.54 -4.87 11.51
C ASP A 69 1.29 -5.50 10.34
N ASN A 70 0.93 -5.10 9.12
CA ASN A 70 1.59 -5.64 7.93
C ASN A 70 2.57 -4.62 7.37
N LYS A 71 2.70 -3.48 8.05
CA LYS A 71 3.60 -2.42 7.61
C LYS A 71 5.04 -2.92 7.56
N TYR A 72 5.44 -3.65 8.60
CA TYR A 72 6.80 -4.16 8.67
C TYR A 72 6.91 -5.55 8.04
N HIS A 73 8.08 -5.86 7.52
CA HIS A 73 8.31 -7.15 6.88
C HIS A 73 9.71 -7.67 7.19
N ASP A 74 9.92 -8.97 7.05
CA ASP A 74 11.22 -9.57 7.31
C ASP A 74 11.99 -9.80 6.02
N LEU A 75 11.40 -9.40 4.90
CA LEU A 75 12.05 -9.59 3.60
C LEU A 75 12.62 -8.27 3.09
N GLU A 76 13.87 -8.30 2.64
CA GLU A 76 14.51 -7.09 2.12
C GLU A 76 14.85 -7.28 0.64
N ASN A 77 14.63 -6.23 -0.14
CA ASN A 77 14.93 -6.29 -1.58
C ASN A 77 16.26 -5.62 -1.89
N GLY A 78 16.92 -5.10 -0.86
CA GLY A 78 18.20 -4.44 -1.03
C GLY A 78 18.00 -3.00 -1.50
N ARG A 79 16.74 -2.60 -1.59
CA ARG A 79 16.40 -1.25 -2.03
C ARG A 79 15.63 -0.51 -0.94
N LEU A 80 15.60 0.81 -1.04
CA LEU A 80 14.91 1.63 -0.05
C LEU A 80 13.45 1.18 0.06
N ILE A 81 12.93 1.21 1.29
CA ILE A 81 11.55 0.80 1.52
C ILE A 81 10.73 1.97 2.07
N VAL A 82 9.58 2.21 1.43
CA VAL A 82 8.70 3.30 1.85
C VAL A 82 7.36 2.72 2.27
N ASN A 83 6.96 2.97 3.52
CA ASN A 83 5.69 2.47 4.01
C ASN A 83 4.69 3.62 4.11
N ILE A 84 3.57 3.49 3.40
CA ILE A 84 2.54 4.53 3.40
C ILE A 84 1.20 3.97 3.84
N LYS A 85 0.59 4.62 4.83
CA LYS A 85 -0.72 4.19 5.32
C LYS A 85 -1.83 5.02 4.68
N ALA A 86 -2.86 4.34 4.18
CA ALA A 86 -3.96 5.03 3.53
C ALA A 86 -5.24 4.19 3.61
N SER A 87 -6.38 4.87 3.62
CA SER A 87 -7.67 4.19 3.68
C SER A 87 -7.92 3.40 2.41
N LYS A 88 -8.57 2.25 2.54
CA LYS A 88 -8.88 1.41 1.39
C LYS A 88 -9.77 2.16 0.41
N LEU A 89 -10.72 2.91 0.95
CA LEU A 89 -11.64 3.69 0.12
C LEU A 89 -10.89 4.73 -0.69
N ASN A 90 -9.89 5.35 -0.08
CA ASN A 90 -9.10 6.38 -0.76
C ASN A 90 -7.79 5.78 -1.28
N PHE A 91 -7.77 4.47 -1.49
CA PHE A 91 -6.57 3.80 -1.96
C PHE A 91 -6.14 4.38 -3.31
N VAL A 92 -7.07 4.51 -4.23
CA VAL A 92 -6.76 5.07 -5.54
C VAL A 92 -6.29 6.51 -5.41
N ASP A 93 -6.99 7.27 -4.57
CA ASP A 93 -6.65 8.67 -4.34
C ASP A 93 -5.25 8.81 -3.78
N ILE A 94 -4.87 7.92 -2.87
CA ILE A 94 -3.55 7.98 -2.26
C ILE A 94 -2.47 7.88 -3.33
N ILE A 95 -2.78 7.20 -4.42
CA ILE A 95 -1.81 7.03 -5.50
C ILE A 95 -1.45 8.39 -6.10
N GLU A 96 -2.47 9.21 -6.36
CA GLU A 96 -2.23 10.53 -6.95
C GLU A 96 -1.45 11.45 -6.01
N ASN A 97 -1.81 11.44 -4.72
CA ASN A 97 -1.13 12.28 -3.75
C ASN A 97 0.25 11.75 -3.39
N LYS A 98 0.32 10.47 -3.04
CA LYS A 98 1.58 9.84 -2.66
C LYS A 98 2.54 9.82 -3.83
N LEU A 99 2.01 9.47 -5.00
CA LEU A 99 2.84 9.39 -6.19
C LEU A 99 3.49 10.73 -6.47
N ASP A 100 2.72 11.80 -6.33
CA ASP A 100 3.24 13.15 -6.54
C ASP A 100 4.36 13.46 -5.56
N LYS A 101 4.19 13.00 -4.33
CA LYS A 101 5.18 13.25 -3.28
C LYS A 101 6.52 12.61 -3.63
N ILE A 102 6.46 11.41 -4.20
CA ILE A 102 7.68 10.70 -4.54
C ILE A 102 8.38 11.36 -5.73
N ILE A 103 7.61 11.81 -6.70
CA ILE A 103 8.18 12.45 -7.87
C ILE A 103 8.95 13.70 -7.48
N GLU A 104 8.36 14.52 -6.63
CA GLU A 104 9.01 15.76 -6.18
C GLU A 104 10.26 15.43 -5.37
N LYS A 105 10.14 14.45 -4.49
CA LYS A 105 11.26 14.04 -3.65
C LYS A 105 12.41 13.50 -4.49
N ILE A 106 12.07 12.71 -5.51
CA ILE A 106 13.09 12.14 -6.37
C ILE A 106 13.73 13.21 -7.24
N ASP A 107 12.95 14.24 -7.55
CA ASP A 107 13.45 15.33 -8.39
C ASP A 107 14.62 16.05 -7.74
N LYS A 108 14.52 16.32 -6.44
CA LYS A 108 15.61 17.01 -5.74
C LYS A 108 16.59 16.02 -5.12
N LEU A 109 16.09 14.83 -4.76
CA LEU A 109 16.95 13.83 -4.16
C LEU A 109 16.37 12.43 -4.35
N ASP A 110 17.26 11.45 -4.55
CA ASP A 110 16.84 10.07 -4.74
C ASP A 110 16.30 9.48 -3.44
N LEU A 111 15.29 8.63 -3.56
CA LEU A 111 14.69 7.98 -2.40
C LEU A 111 15.70 7.06 -1.72
N ASP A 112 16.54 6.42 -2.52
CA ASP A 112 17.55 5.51 -2.01
C ASP A 112 18.51 6.22 -1.06
N LYS A 113 18.52 7.55 -1.13
CA LYS A 113 19.40 8.34 -0.27
C LYS A 113 19.01 8.13 1.19
N TYR A 114 17.71 8.06 1.43
CA TYR A 114 17.22 7.87 2.78
C TYR A 114 17.30 6.41 3.18
N ARG A 115 17.86 6.13 4.35
CA ARG A 115 17.96 4.76 4.82
C ARG A 115 16.55 4.18 5.02
N PHE A 116 15.69 4.99 5.62
CA PHE A 116 14.31 4.57 5.87
C PHE A 116 13.36 5.76 5.81
N ILE A 117 12.35 5.65 4.96
CA ILE A 117 11.36 6.71 4.84
C ILE A 117 9.97 6.10 5.01
N ASN A 118 9.04 6.90 5.52
CA ASN A 118 7.70 6.41 5.76
C ASN A 118 6.65 7.48 5.49
N ALA A 119 5.83 7.26 4.49
CA ALA A 119 4.76 8.19 4.15
C ALA A 119 3.55 7.93 5.03
N THR A 120 2.76 8.98 5.26
CA THR A 120 1.58 8.85 6.11
C THR A 120 0.34 9.38 5.40
N ASN A 121 -0.83 9.01 5.89
CA ASN A 121 -2.08 9.43 5.29
C ASN A 121 -2.18 10.96 5.28
N LEU A 122 -3.24 11.47 4.65
CA LEU A 122 -3.44 12.91 4.56
C LEU A 122 -3.60 13.55 5.93
N GLU A 123 -4.32 12.88 6.82
CA GLU A 123 -4.53 13.40 8.16
C GLU A 123 -3.23 13.44 8.94
N HIS A 124 -2.37 12.45 8.69
CA HIS A 124 -1.09 12.35 9.37
C HIS A 124 0.01 13.03 8.55
N ASP A 125 1.14 13.30 9.19
CA ASP A 125 2.26 13.95 8.52
C ASP A 125 3.29 12.92 8.08
N ILE A 126 4.10 13.30 7.08
CA ILE A 126 5.13 12.39 6.56
C ILE A 126 6.52 12.86 6.95
N LYS A 127 7.37 11.91 7.33
CA LYS A 127 8.74 12.22 7.74
C LYS A 127 9.74 11.37 6.96
N CYS A 128 10.93 11.91 6.76
CA CYS A 128 11.98 11.21 6.03
C CYS A 128 13.30 11.28 6.78
N TYR A 129 13.89 10.12 7.05
CA TYR A 129 15.16 10.08 7.77
C TYR A 129 16.29 9.66 6.84
N TYR A 130 17.37 10.44 6.84
CA TYR A 130 18.52 10.14 5.99
C TYR A 130 19.09 8.77 6.33
N LYS A 131 19.31 8.53 7.61
CA LYS A 131 19.85 7.25 8.07
C LYS A 131 18.84 6.55 8.96
N GLY A 132 17.65 7.12 9.06
CA GLY A 132 16.59 6.58 9.90
C GLY A 132 16.58 7.29 11.23
N PHE A 133 17.72 7.90 11.57
CA PHE A 133 17.85 8.65 12.80
C PHE A 133 18.88 9.76 12.61
N LYS A 134 18.44 11.01 12.71
CA LYS A 134 19.34 12.14 12.54
C LYS A 134 18.56 13.46 12.54
N THR A 135 19.27 14.55 12.78
CA THR A 135 18.64 15.87 12.80
C THR A 135 18.17 16.26 11.41
N LYS A 136 18.74 15.62 10.38
CA LYS A 136 18.37 15.93 9.01
C LYS A 136 17.25 15.01 8.52
N LYS A 137 16.11 15.61 8.20
CA LYS A 137 14.96 14.84 7.73
C LYS A 137 14.09 15.69 6.80
N GLU A 138 13.30 15.04 5.96
CA GLU A 138 12.42 15.75 5.04
C GLU A 138 10.96 15.49 5.40
N VAL A 139 10.19 16.57 5.54
CA VAL A 139 8.78 16.43 5.88
C VAL A 139 7.91 17.31 5.00
N ILE A 140 6.74 16.81 4.63
CA ILE A 140 5.83 17.56 3.78
C ILE A 140 4.39 17.41 4.27
N MET A 1 -22.66 -25.54 -0.04
CA MET A 1 -22.58 -24.24 0.69
C MET A 1 -22.03 -24.47 2.09
N ALA A 2 -21.24 -23.52 2.59
CA ALA A 2 -20.66 -23.64 3.91
C ALA A 2 -19.87 -24.94 4.04
N TYR A 3 -18.98 -25.18 3.09
CA TYR A 3 -18.17 -26.39 3.12
C TYR A 3 -17.05 -26.28 4.15
N GLY A 4 -16.79 -25.06 4.60
CA GLY A 4 -15.75 -24.82 5.59
C GLY A 4 -16.03 -25.59 6.88
N LYS A 5 -17.30 -25.60 7.30
CA LYS A 5 -17.68 -26.29 8.52
C LYS A 5 -17.39 -27.79 8.41
N SER A 6 -17.28 -28.28 7.19
CA SER A 6 -17.00 -29.69 6.95
C SER A 6 -15.65 -30.07 7.55
N ARG A 7 -15.60 -31.26 8.15
CA ARG A 7 -14.36 -31.74 8.76
C ARG A 7 -14.04 -30.96 10.03
N TYR A 8 -14.20 -29.64 9.96
CA TYR A 8 -13.93 -28.79 11.12
C TYR A 8 -14.91 -29.08 12.24
N ASN A 9 -16.16 -29.33 11.88
CA ASN A 9 -17.20 -29.64 12.87
C ASN A 9 -17.31 -28.50 13.88
N SER A 10 -17.20 -27.28 13.38
CA SER A 10 -17.30 -26.10 14.24
C SER A 10 -17.82 -24.92 13.43
N TYR A 11 -18.54 -24.02 14.09
CA TYR A 11 -19.09 -22.86 13.40
C TYR A 11 -17.95 -21.96 12.92
N ARG A 12 -18.06 -21.47 11.69
CA ARG A 12 -17.03 -20.61 11.13
C ARG A 12 -17.66 -19.33 10.59
N LYS A 13 -17.23 -18.19 11.13
CA LYS A 13 -17.75 -16.91 10.69
C LYS A 13 -16.77 -16.21 9.75
N ARG A 14 -15.64 -16.86 9.48
CA ARG A 14 -14.63 -16.26 8.60
C ARG A 14 -15.01 -16.47 7.14
N SER A 15 -16.10 -15.85 6.72
CA SER A 15 -16.55 -15.97 5.34
C SER A 15 -15.95 -14.85 4.49
N PHE A 16 -15.22 -13.94 5.13
CA PHE A 16 -14.60 -12.84 4.42
C PHE A 16 -13.27 -13.26 3.82
N ASN A 17 -12.97 -12.75 2.63
CA ASN A 17 -11.73 -13.10 1.96
C ASN A 17 -10.68 -12.00 2.17
N ARG A 18 -10.99 -11.04 3.04
CA ARG A 18 -10.06 -9.96 3.32
C ARG A 18 -10.80 -8.76 3.92
N SER A 19 -12.02 -8.53 3.46
CA SER A 19 -12.81 -7.40 3.97
C SER A 19 -13.26 -7.67 5.40
N ASN A 20 -13.61 -6.61 6.12
CA ASN A 20 -14.05 -6.74 7.50
C ASN A 20 -15.34 -5.96 7.74
N LYS A 21 -16.09 -5.71 6.66
CA LYS A 21 -17.33 -4.96 6.79
C LYS A 21 -18.48 -5.69 6.10
N GLN A 22 -18.58 -5.55 4.79
CA GLN A 22 -19.64 -6.20 4.03
C GLN A 22 -19.09 -6.90 2.79
N ARG A 23 -19.67 -8.05 2.45
CA ARG A 23 -19.23 -8.80 1.28
C ARG A 23 -19.43 -7.96 0.01
N ARG A 24 -20.57 -7.30 -0.09
CA ARG A 24 -20.87 -6.48 -1.25
C ARG A 24 -19.85 -5.37 -1.41
N GLU A 25 -19.50 -4.74 -0.30
CA GLU A 25 -18.53 -3.64 -0.32
C GLU A 25 -17.18 -4.15 -0.84
N TYR A 26 -16.79 -5.34 -0.39
CA TYR A 26 -15.52 -5.92 -0.81
C TYR A 26 -15.51 -6.11 -2.33
N ALA A 27 -16.57 -6.70 -2.85
CA ALA A 27 -16.67 -6.94 -4.29
C ALA A 27 -16.65 -5.61 -5.04
N GLN A 28 -17.34 -4.62 -4.51
CA GLN A 28 -17.39 -3.30 -5.14
C GLN A 28 -16.00 -2.68 -5.18
N GLU A 29 -15.24 -2.87 -4.11
CA GLU A 29 -13.90 -2.32 -4.03
C GLU A 29 -13.00 -2.93 -5.11
N MET A 30 -13.13 -4.23 -5.33
CA MET A 30 -12.32 -4.92 -6.33
C MET A 30 -12.54 -4.32 -7.72
N ASP A 31 -13.80 -4.15 -8.11
CA ASP A 31 -14.11 -3.58 -9.41
C ASP A 31 -13.73 -2.11 -9.46
N ARG A 32 -13.96 -1.40 -8.36
CA ARG A 32 -13.64 0.02 -8.28
C ARG A 32 -12.14 0.23 -8.46
N LEU A 33 -11.35 -0.66 -7.87
CA LEU A 33 -9.90 -0.58 -7.95
C LEU A 33 -9.45 -0.66 -9.41
N GLU A 34 -10.09 -1.53 -10.18
CA GLU A 34 -9.74 -1.69 -11.59
C GLU A 34 -9.92 -0.38 -12.35
N LYS A 35 -10.98 0.35 -12.03
CA LYS A 35 -11.23 1.63 -12.69
C LYS A 35 -10.09 2.60 -12.41
N ALA A 36 -9.59 2.58 -11.18
CA ALA A 36 -8.49 3.46 -10.79
C ALA A 36 -7.26 3.18 -11.64
N PHE A 37 -7.01 1.89 -11.90
CA PHE A 37 -5.86 1.48 -12.69
C PHE A 37 -5.90 2.13 -14.08
N GLU A 38 -7.06 2.08 -14.72
CA GLU A 38 -7.21 2.66 -16.04
C GLU A 38 -6.89 4.15 -16.02
N ASN A 39 -7.33 4.83 -14.96
CA ASN A 39 -7.09 6.26 -14.84
C ASN A 39 -5.86 6.50 -13.96
N LEU A 40 -5.08 5.45 -13.75
CA LEU A 40 -3.88 5.53 -12.93
C LEU A 40 -2.62 5.43 -13.79
N ASP A 41 -2.33 6.49 -14.53
CA ASP A 41 -1.15 6.51 -15.39
C ASP A 41 0.13 6.50 -14.56
N GLY A 42 1.03 5.58 -14.90
CA GLY A 42 2.30 5.48 -14.20
C GLY A 42 2.17 4.68 -12.91
N TRP A 43 0.96 4.17 -12.65
CA TRP A 43 0.72 3.39 -11.45
C TRP A 43 0.17 2.01 -11.83
N TYR A 44 0.51 1.00 -11.03
CA TYR A 44 0.05 -0.36 -11.32
C TYR A 44 -0.46 -1.06 -10.06
N LEU A 45 -1.47 -1.89 -10.24
CA LEU A 45 -2.05 -2.63 -9.12
C LEU A 45 -2.16 -4.12 -9.47
N SER A 46 -1.95 -4.98 -8.47
CA SER A 46 -2.04 -6.42 -8.71
C SER A 46 -3.16 -7.04 -7.87
N SER A 47 -4.03 -7.80 -8.54
CA SER A 47 -5.13 -8.46 -7.85
C SER A 47 -4.68 -9.74 -7.16
N MET A 48 -3.64 -10.37 -7.72
CA MET A 48 -3.13 -11.61 -7.16
C MET A 48 -2.88 -11.49 -5.66
N LYS A 49 -2.56 -10.29 -5.20
CA LYS A 49 -2.31 -10.06 -3.79
C LYS A 49 -2.71 -8.66 -3.39
N ASP A 50 -4.03 -8.38 -3.43
CA ASP A 50 -4.56 -7.06 -3.08
C ASP A 50 -3.45 -6.09 -2.70
N SER A 51 -2.62 -5.73 -3.67
CA SER A 51 -1.52 -4.81 -3.44
C SER A 51 -1.22 -4.02 -4.71
N ALA A 52 -0.75 -2.78 -4.53
CA ALA A 52 -0.43 -1.93 -5.66
C ALA A 52 0.99 -1.39 -5.56
N TYR A 53 1.60 -1.11 -6.70
CA TYR A 53 2.96 -0.58 -6.73
C TYR A 53 3.10 0.42 -7.86
N LYS A 54 4.08 1.31 -7.75
CA LYS A 54 4.31 2.33 -8.76
C LYS A 54 5.70 2.20 -9.34
N ASP A 55 5.84 2.50 -10.63
CA ASP A 55 7.14 2.42 -11.29
C ASP A 55 7.62 3.81 -11.73
N PHE A 56 8.58 4.36 -10.99
CA PHE A 56 9.13 5.66 -11.32
C PHE A 56 10.41 5.50 -12.12
N GLY A 57 10.96 4.30 -12.12
CA GLY A 57 12.19 4.01 -12.84
C GLY A 57 13.42 4.29 -11.98
N LYS A 58 13.20 4.95 -10.84
CA LYS A 58 14.30 5.26 -9.94
C LYS A 58 14.10 4.56 -8.60
N TYR A 59 12.84 4.30 -8.25
CA TYR A 59 12.53 3.63 -7.00
C TYR A 59 11.19 2.90 -7.10
N GLU A 60 10.97 1.95 -6.19
CA GLU A 60 9.74 1.18 -6.17
C GLU A 60 8.93 1.47 -4.91
N ILE A 61 7.67 1.83 -5.08
CA ILE A 61 6.79 2.13 -3.96
C ILE A 61 5.50 1.35 -4.08
N ARG A 62 5.01 0.81 -2.97
CA ARG A 62 3.77 0.03 -3.01
C ARG A 62 2.85 0.42 -1.87
N LEU A 63 1.56 0.15 -2.07
CA LEU A 63 0.55 0.46 -1.07
C LEU A 63 0.06 -0.81 -0.40
N SER A 64 -0.27 -0.72 0.89
CA SER A 64 -0.74 -1.89 1.63
C SER A 64 -1.75 -1.48 2.70
N ASN A 65 -2.50 -2.46 3.19
CA ASN A 65 -3.50 -2.22 4.21
C ASN A 65 -2.88 -1.56 5.43
N HIS A 66 -3.64 -1.51 6.53
CA HIS A 66 -3.14 -0.92 7.75
C HIS A 66 -1.92 -1.69 8.24
N SER A 67 -1.99 -3.02 8.12
CA SER A 67 -0.88 -3.87 8.53
C SER A 67 0.34 -3.56 7.67
N ALA A 68 1.50 -3.50 8.30
CA ALA A 68 2.74 -3.21 7.57
C ALA A 68 3.67 -4.40 7.56
N ASP A 69 3.12 -5.59 7.75
CA ASP A 69 3.92 -6.80 7.77
C ASP A 69 4.41 -7.14 6.36
N ASN A 70 3.88 -6.42 5.36
CA ASN A 70 4.27 -6.65 3.98
C ASN A 70 5.33 -5.66 3.55
N LYS A 71 5.78 -4.83 4.49
CA LYS A 71 6.81 -3.84 4.20
C LYS A 71 8.10 -4.51 3.77
N TYR A 72 8.43 -5.59 4.46
CA TYR A 72 9.65 -6.33 4.16
C TYR A 72 9.52 -7.11 2.86
N HIS A 73 10.52 -6.99 2.00
CA HIS A 73 10.52 -7.68 0.72
C HIS A 73 11.53 -8.83 0.72
N ASP A 74 11.05 -10.03 0.42
CA ASP A 74 11.90 -11.21 0.38
C ASP A 74 12.98 -11.06 -0.68
N LEU A 75 12.61 -10.49 -1.83
CA LEU A 75 13.55 -10.30 -2.92
C LEU A 75 14.20 -8.92 -2.86
N GLU A 76 15.48 -8.86 -3.20
CA GLU A 76 16.22 -7.60 -3.18
C GLU A 76 16.12 -6.92 -4.55
N ASN A 77 15.64 -5.68 -4.56
CA ASN A 77 15.49 -4.93 -5.80
C ASN A 77 16.64 -3.95 -6.01
N GLY A 78 17.32 -3.59 -4.94
CA GLY A 78 18.43 -2.65 -5.03
C GLY A 78 17.93 -1.23 -5.23
N ARG A 79 16.66 -1.02 -4.94
CA ARG A 79 16.05 0.31 -5.10
C ARG A 79 15.31 0.71 -3.83
N LEU A 80 15.19 2.01 -3.60
CA LEU A 80 14.49 2.50 -2.41
C LEU A 80 13.09 1.93 -2.35
N ILE A 81 12.67 1.55 -1.15
CA ILE A 81 11.34 0.98 -0.96
C ILE A 81 10.48 1.90 -0.09
N VAL A 82 9.30 2.24 -0.60
CA VAL A 82 8.39 3.10 0.14
C VAL A 82 7.12 2.34 0.48
N ASN A 83 6.79 2.27 1.76
CA ASN A 83 5.58 1.57 2.20
C ASN A 83 4.49 2.58 2.56
N ILE A 84 3.34 2.45 1.89
CA ILE A 84 2.23 3.36 2.15
C ILE A 84 1.01 2.58 2.65
N LYS A 85 0.48 3.00 3.79
CA LYS A 85 -0.70 2.33 4.35
C LYS A 85 -1.95 3.14 4.07
N ALA A 86 -2.93 2.50 3.43
CA ALA A 86 -4.18 3.18 3.11
C ALA A 86 -5.27 2.15 2.80
N SER A 87 -6.52 2.52 3.06
CA SER A 87 -7.63 1.63 2.79
C SER A 87 -7.86 1.50 1.29
N LYS A 88 -8.54 0.43 0.88
CA LYS A 88 -8.82 0.21 -0.53
C LYS A 88 -9.69 1.33 -1.08
N LEU A 89 -10.66 1.75 -0.29
CA LEU A 89 -11.57 2.83 -0.69
C LEU A 89 -10.80 4.14 -0.87
N ASN A 90 -9.83 4.36 0.01
CA ASN A 90 -9.02 5.57 -0.03
C ASN A 90 -7.68 5.28 -0.71
N PHE A 91 -7.62 4.17 -1.43
CA PHE A 91 -6.38 3.79 -2.13
C PHE A 91 -5.94 4.90 -3.08
N VAL A 92 -6.87 5.37 -3.91
CA VAL A 92 -6.55 6.43 -4.85
C VAL A 92 -6.35 7.76 -4.12
N ASP A 93 -7.09 7.94 -3.04
CA ASP A 93 -7.01 9.16 -2.25
C ASP A 93 -5.62 9.32 -1.64
N ILE A 94 -5.04 8.21 -1.18
CA ILE A 94 -3.73 8.25 -0.55
C ILE A 94 -2.64 8.65 -1.55
N ILE A 95 -2.77 8.19 -2.79
CA ILE A 95 -1.77 8.50 -3.81
C ILE A 95 -1.92 9.94 -4.29
N GLU A 96 -3.12 10.50 -4.16
CA GLU A 96 -3.36 11.87 -4.60
C GLU A 96 -2.48 12.84 -3.81
N ASN A 97 -2.45 12.65 -2.48
CA ASN A 97 -1.64 13.52 -1.63
C ASN A 97 -0.24 12.94 -1.44
N LYS A 98 -0.15 11.62 -1.37
CA LYS A 98 1.14 10.96 -1.20
C LYS A 98 2.01 11.19 -2.41
N LEU A 99 1.42 11.08 -3.58
CA LEU A 99 2.16 11.28 -4.82
C LEU A 99 2.68 12.71 -4.86
N ASP A 100 1.83 13.65 -4.44
CA ASP A 100 2.21 15.05 -4.41
C ASP A 100 3.38 15.27 -3.45
N LYS A 101 3.33 14.58 -2.31
CA LYS A 101 4.37 14.71 -1.30
C LYS A 101 5.71 14.19 -1.82
N ILE A 102 5.64 13.08 -2.54
CA ILE A 102 6.85 12.47 -3.08
C ILE A 102 7.40 13.30 -4.23
N ILE A 103 6.52 13.82 -5.06
CA ILE A 103 6.94 14.64 -6.19
C ILE A 103 7.67 15.89 -5.71
N GLU A 104 7.08 16.55 -4.70
CA GLU A 104 7.67 17.76 -4.15
C GLU A 104 9.02 17.45 -3.50
N LYS A 105 9.07 16.37 -2.74
CA LYS A 105 10.30 15.97 -2.07
C LYS A 105 11.37 15.63 -3.08
N ILE A 106 10.98 14.94 -4.16
CA ILE A 106 11.92 14.54 -5.20
C ILE A 106 12.56 15.75 -5.86
N ASP A 107 11.73 16.74 -6.18
CA ASP A 107 12.24 17.92 -6.86
C ASP A 107 13.30 18.63 -6.02
N LYS A 108 13.08 18.69 -4.71
CA LYS A 108 14.03 19.36 -3.82
C LYS A 108 15.11 18.37 -3.37
N LEU A 109 14.74 17.11 -3.27
CA LEU A 109 15.68 16.07 -2.85
C LEU A 109 15.22 14.69 -3.32
N ASP A 110 16.16 13.89 -3.79
CA ASP A 110 15.82 12.55 -4.25
C ASP A 110 15.33 11.69 -3.09
N LEU A 111 14.29 10.91 -3.35
CA LEU A 111 13.74 10.03 -2.32
C LEU A 111 14.58 8.77 -2.18
N ASP A 112 15.34 8.47 -3.24
CA ASP A 112 16.20 7.29 -3.25
C ASP A 112 17.39 7.50 -2.32
N LYS A 113 17.60 8.72 -1.88
CA LYS A 113 18.70 9.04 -0.98
C LYS A 113 18.52 8.33 0.34
N TYR A 114 17.28 8.28 0.80
CA TYR A 114 16.99 7.63 2.07
C TYR A 114 17.03 6.11 1.91
N ARG A 115 17.69 5.44 2.84
CA ARG A 115 17.79 3.99 2.78
C ARG A 115 16.40 3.38 2.91
N PHE A 116 15.59 3.96 3.80
CA PHE A 116 14.23 3.46 4.02
C PHE A 116 13.27 4.60 4.33
N ILE A 117 12.18 4.67 3.57
CA ILE A 117 11.17 5.69 3.78
C ILE A 117 9.82 5.02 3.91
N ASN A 118 8.92 5.66 4.66
CA ASN A 118 7.60 5.08 4.88
C ASN A 118 6.53 6.15 5.02
N ALA A 119 5.38 5.89 4.41
CA ALA A 119 4.25 6.83 4.48
C ALA A 119 3.12 6.21 5.28
N THR A 120 2.28 7.07 5.87
CA THR A 120 1.16 6.59 6.67
C THR A 120 -0.14 7.22 6.19
N ASN A 121 -1.26 6.61 6.56
CA ASN A 121 -2.58 7.12 6.17
C ASN A 121 -2.59 8.64 6.23
N LEU A 122 -3.65 9.24 5.70
CA LEU A 122 -3.77 10.70 5.70
C LEU A 122 -3.78 11.23 7.13
N GLU A 123 -4.49 10.52 8.01
CA GLU A 123 -4.55 10.93 9.41
C GLU A 123 -3.18 10.79 10.07
N HIS A 124 -2.44 9.78 9.62
CA HIS A 124 -1.11 9.53 10.16
C HIS A 124 -0.09 10.49 9.55
N ASP A 125 1.08 10.60 10.18
CA ASP A 125 2.13 11.48 9.70
C ASP A 125 3.16 10.70 8.89
N ILE A 126 3.96 11.41 8.10
CA ILE A 126 4.96 10.78 7.27
C ILE A 126 6.36 11.05 7.80
N LYS A 127 7.19 10.00 7.83
CA LYS A 127 8.56 10.14 8.33
C LYS A 127 9.50 9.22 7.56
N CYS A 128 10.71 9.71 7.30
CA CYS A 128 11.70 8.92 6.57
C CYS A 128 13.05 8.95 7.28
N TYR A 129 13.82 7.88 7.12
CA TYR A 129 15.13 7.80 7.75
C TYR A 129 16.22 7.69 6.69
N TYR A 130 17.36 8.35 6.94
CA TYR A 130 18.46 8.32 5.97
C TYR A 130 18.99 6.90 5.83
N LYS A 131 19.09 6.18 6.95
CA LYS A 131 19.59 4.81 6.93
C LYS A 131 18.51 3.84 7.41
N GLY A 132 17.30 4.36 7.55
CA GLY A 132 16.19 3.54 8.02
C GLY A 132 16.06 3.63 9.52
N PHE A 133 17.10 4.17 10.15
CA PHE A 133 17.12 4.33 11.60
C PHE A 133 18.17 5.38 11.99
N LYS A 134 17.72 6.48 12.57
CA LYS A 134 18.64 7.53 12.98
C LYS A 134 17.86 8.75 13.50
N THR A 135 18.54 9.60 14.25
CA THR A 135 17.91 10.80 14.79
C THR A 135 17.55 11.76 13.67
N LYS A 136 18.04 11.47 12.46
CA LYS A 136 17.76 12.32 11.31
C LYS A 136 16.68 11.69 10.44
N LYS A 137 15.57 12.40 10.28
CA LYS A 137 14.46 11.91 9.47
C LYS A 137 13.70 13.08 8.85
N GLU A 138 12.97 12.79 7.77
CA GLU A 138 12.19 13.82 7.09
C GLU A 138 10.70 13.60 7.32
N VAL A 139 10.00 14.65 7.75
CA VAL A 139 8.58 14.56 8.01
C VAL A 139 7.83 15.73 7.38
N ILE A 140 6.67 15.45 6.81
CA ILE A 140 5.86 16.48 6.17
C ILE A 140 4.38 16.18 6.34
#